data_6RUQ
#
_entry.id   6RUQ
#
_cell.length_a   91.773
_cell.length_b   306.596
_cell.length_c   107.728
_cell.angle_alpha   90.000
_cell.angle_beta   94.264
_cell.angle_gamma   90.000
#
_symmetry.space_group_name_H-M   'P 1 21 1'
#
loop_
_entity.id
_entity.type
_entity.pdbx_description
1 polymer 'Glutamate receptor 2'
2 branched beta-D-mannopyranose-(1-4)-2-acetamido-2-deoxy-beta-D-glucopyranose-(1-4)-2-acetamido-2-deoxy-beta-D-glucopyranose
3 branched beta-D-mannopyranose-(1-3)-beta-D-mannopyranose-(1-4)-2-acetamido-2-deoxy-beta-D-glucopyranose-(1-4)-2-acetamido-2-deoxy-beta-D-glucopyranose
4 non-polymer (8R)-5-(4-aminophenyl)-N,8-dimethyl-8,9-dihydro-2H,7H-[1,3]dioxolo[4,5-h][2,3]benzodiazepine-7-carboxamide
5 non-polymer '{[7-morpholin-4-yl-2,3-dioxo-6-(trifluoromethyl)-3,4-dihydroquinoxalin-1(2H)-yl]methyl}phosphonic acid'
#
_entity_poly.entity_id   1
_entity_poly.type   'polypeptide(L)'
_entity_poly.pdbx_seq_one_letter_code
;NSIQIGGLFPRGADQEYSAFRVGMVQFSTSEFRLTPHIDNLEVANSFAVTNAFCSQFSRGVYAIFGFYDKKSVNTITSFC
GTLHVSFITPSFPTDGTHPFVIQMRPDLKGALLSLIEYYQWDKFAYLYDSDRGLSTLQAVLDSAAEKKWQVTAINVGNIN
NDKKDETYRSLFQDLELKKERRVILDCERDKVNDIVDQVITIGKHVKGYHYIIANLGFTDGDLLKIQFGGAEVSGFQIVD
YDDSLVSKFIERWSTLEEKEYPGAHTATIKYTSALTYDAVQVMTEAFRNLRKQRIEISRRGNAGDCLANPAVPWGQGVEI
ERALKQVQVEGLSGNIKFDQNGKRINYTINIMELKTNGPRKIGYWSEVDKMVLTEDDTSGLEQKTVVVTTILESPYVMMK
ANHAALAGNERYEGYCVDLAAEIAKHCGFKYKLTIVGDGKYGARDADTKIWNGMVGELVYGKADIAIAPLTITLVREEVI
DFSKPFMSLGISIMIKKPQKSKPGVFSFLDPLAYEIWMCIVFAYIGVSVVLFLVSRFSPYEWHTEEFEDGRETQSSESTN
EFAIFQSAWFSLGAFMQQGADISPRSLSGRIVGGVWWFFTLIIISSYTANLAAFLTVERMVSPIESAEDLSKQTEIAYGT
LDSGSTKEFFRRSKIAVFDKMWTYMRSAEPSVFVRTTAEGVARVRKSKGKYAYLLESTMNEYIEQRKPCDTMKVGGNLDS
KGYGIATPKGSSLGTPVNLAVLKLSEQGLLDKLKNKWWYDKGECGAKDSGSKEKTSALSLSNVAGVFYILVGGLGLAMLV
ALIEFCYKSRAEAKRMKGLVPRG
;
_entity_poly.pdbx_strand_id   A,B,C,D
#
# COMPACT_ATOMS: atom_id res chain seq x y z
N ASN A 1 33.54 -81.34 -7.76
CA ASN A 1 33.53 -80.69 -9.06
C ASN A 1 32.15 -80.15 -9.40
N SER A 2 31.17 -81.05 -9.46
CA SER A 2 29.79 -80.65 -9.79
C SER A 2 29.20 -79.85 -8.65
N ILE A 3 29.02 -78.55 -8.87
CA ILE A 3 28.47 -77.65 -7.86
C ILE A 3 27.00 -77.43 -8.18
N GLN A 4 26.12 -77.96 -7.35
CA GLN A 4 24.68 -77.82 -7.55
C GLN A 4 24.24 -76.39 -7.25
N ILE A 5 23.69 -75.71 -8.25
CA ILE A 5 23.19 -74.35 -8.07
C ILE A 5 21.76 -74.26 -8.59
N GLY A 6 20.96 -73.43 -7.93
CA GLY A 6 19.57 -73.26 -8.30
C GLY A 6 19.36 -72.23 -9.39
N GLY A 7 18.32 -72.46 -10.21
CA GLY A 7 18.00 -71.56 -11.30
C GLY A 7 16.51 -71.32 -11.46
N LEU A 8 15.97 -70.39 -10.67
CA LEU A 8 14.55 -70.08 -10.72
C LEU A 8 14.32 -69.02 -11.80
N PHE A 9 13.51 -69.35 -12.79
CA PHE A 9 13.24 -68.44 -13.90
C PHE A 9 11.74 -68.24 -14.08
N PRO A 10 11.33 -67.06 -14.55
CA PRO A 10 9.92 -66.86 -14.92
C PRO A 10 9.60 -67.61 -16.20
N ARG A 11 8.32 -67.98 -16.34
CA ARG A 11 7.89 -68.74 -17.50
C ARG A 11 8.04 -67.94 -18.79
N GLY A 12 8.01 -66.62 -18.71
CA GLY A 12 8.19 -65.75 -19.85
C GLY A 12 9.62 -65.35 -20.13
N ALA A 13 10.58 -65.91 -19.39
CA ALA A 13 11.99 -65.57 -19.55
C ALA A 13 12.61 -66.49 -20.61
N ASP A 14 13.02 -65.91 -21.74
CA ASP A 14 13.62 -66.67 -22.83
C ASP A 14 15.06 -66.25 -23.08
N GLN A 15 15.29 -64.98 -23.45
CA GLN A 15 16.66 -64.51 -23.69
C GLN A 15 17.49 -64.55 -22.43
N GLU A 16 16.86 -64.41 -21.26
CA GLU A 16 17.61 -64.51 -20.01
C GLU A 16 18.14 -65.92 -19.80
N TYR A 17 17.31 -66.94 -20.04
CA TYR A 17 17.78 -68.31 -19.94
C TYR A 17 18.80 -68.64 -21.03
N SER A 18 18.64 -68.05 -22.22
CA SER A 18 19.62 -68.25 -23.28
C SER A 18 20.98 -67.69 -22.88
N ALA A 19 21.01 -66.47 -22.34
CA ALA A 19 22.25 -65.90 -21.86
C ALA A 19 22.81 -66.66 -20.67
N PHE A 20 21.94 -67.25 -19.84
CA PHE A 20 22.43 -68.09 -18.75
C PHE A 20 23.14 -69.32 -19.30
N ARG A 21 22.62 -69.88 -20.39
CA ARG A 21 23.27 -71.04 -20.98
C ARG A 21 24.59 -70.64 -21.65
N VAL A 22 24.60 -69.48 -22.32
CA VAL A 22 25.82 -69.01 -22.97
C VAL A 22 26.90 -68.74 -21.93
N GLY A 23 26.54 -68.14 -20.80
CA GLY A 23 27.52 -67.96 -19.73
C GLY A 23 27.96 -69.26 -19.10
N MET A 24 27.04 -70.23 -18.99
CA MET A 24 27.40 -71.54 -18.47
C MET A 24 28.42 -72.22 -19.38
N VAL A 25 28.30 -72.02 -20.69
CA VAL A 25 29.25 -72.61 -21.62
C VAL A 25 30.56 -71.84 -21.60
N GLN A 26 30.49 -70.51 -21.50
CA GLN A 26 31.70 -69.69 -21.55
C GLN A 26 32.56 -69.89 -20.30
N PHE A 27 31.94 -70.14 -19.16
CA PHE A 27 32.71 -70.28 -17.91
C PHE A 27 32.54 -71.67 -17.31
N SER A 28 32.82 -72.70 -18.10
CA SER A 28 32.77 -74.09 -17.65
C SER A 28 34.21 -74.61 -17.63
N THR A 29 34.96 -74.21 -16.60
CA THR A 29 36.35 -74.59 -16.50
C THR A 29 36.49 -76.07 -16.13
N SER A 30 37.67 -76.61 -16.39
CA SER A 30 37.94 -78.00 -16.05
C SER A 30 38.12 -78.22 -14.56
N GLU A 31 38.40 -77.16 -13.80
CA GLU A 31 38.56 -77.30 -12.35
C GLU A 31 37.25 -77.72 -11.70
N PHE A 32 36.12 -77.17 -12.15
CA PHE A 32 34.83 -77.48 -11.58
C PHE A 32 33.74 -77.05 -12.55
N ARG A 33 32.63 -77.80 -12.54
CA ARG A 33 31.48 -77.52 -13.39
C ARG A 33 30.27 -77.22 -12.53
N LEU A 34 29.51 -76.21 -12.92
CA LEU A 34 28.30 -75.80 -12.21
C LEU A 34 27.10 -76.52 -12.81
N THR A 35 26.44 -77.35 -12.01
CA THR A 35 25.25 -78.06 -12.46
C THR A 35 24.03 -77.29 -12.03
N PRO A 36 23.23 -76.77 -12.95
CA PRO A 36 22.05 -75.99 -12.57
C PRO A 36 20.77 -76.80 -12.52
N HIS A 37 19.96 -76.56 -11.49
CA HIS A 37 18.63 -77.12 -11.38
C HIS A 37 17.64 -76.04 -11.78
N ILE A 38 17.07 -76.17 -12.96
CA ILE A 38 16.21 -75.14 -13.55
C ILE A 38 14.77 -75.36 -13.12
N ASP A 39 14.13 -74.30 -12.64
CA ASP A 39 12.72 -74.32 -12.26
C ASP A 39 12.03 -73.11 -12.90
N ASN A 40 11.19 -73.37 -13.90
CA ASN A 40 10.42 -72.33 -14.56
C ASN A 40 9.08 -72.21 -13.84
N LEU A 41 8.83 -71.06 -13.22
CA LEU A 41 7.62 -70.88 -12.43
C LEU A 41 7.15 -69.44 -12.54
N GLU A 42 5.97 -69.17 -11.98
CA GLU A 42 5.40 -67.83 -12.00
C GLU A 42 6.10 -66.95 -10.98
N VAL A 43 6.71 -65.86 -11.44
CA VAL A 43 7.49 -64.98 -10.58
C VAL A 43 6.61 -64.15 -9.66
N ALA A 44 5.34 -63.90 -10.04
CA ALA A 44 4.49 -63.03 -9.25
C ALA A 44 3.98 -63.71 -7.98
N ASN A 45 3.52 -64.95 -8.10
CA ASN A 45 2.95 -65.67 -6.95
C ASN A 45 4.05 -65.96 -5.93
N SER A 46 3.96 -65.33 -4.76
CA SER A 46 4.97 -65.53 -3.72
C SER A 46 4.84 -66.88 -3.01
N PHE A 47 3.65 -67.50 -3.05
CA PHE A 47 3.51 -68.83 -2.47
C PHE A 47 4.27 -69.86 -3.28
N ALA A 48 4.14 -69.82 -4.60
CA ALA A 48 4.94 -70.69 -5.45
C ALA A 48 6.42 -70.37 -5.35
N VAL A 49 6.77 -69.09 -5.14
CA VAL A 49 8.16 -68.72 -4.94
C VAL A 49 8.70 -69.36 -3.67
N THR A 50 7.90 -69.36 -2.60
CA THR A 50 8.30 -70.00 -1.37
C THR A 50 8.45 -71.50 -1.56
N ASN A 51 7.52 -72.11 -2.30
CA ASN A 51 7.59 -73.55 -2.55
C ASN A 51 8.84 -73.92 -3.33
N ALA A 52 9.16 -73.15 -4.37
CA ALA A 52 10.36 -73.45 -5.16
C ALA A 52 11.63 -73.18 -4.37
N PHE A 53 11.65 -72.11 -3.57
CA PHE A 53 12.84 -71.83 -2.76
C PHE A 53 13.09 -72.94 -1.76
N CYS A 54 12.04 -73.40 -1.07
CA CYS A 54 12.23 -74.48 -0.11
C CYS A 54 12.48 -75.83 -0.79
N SER A 55 12.03 -76.02 -2.02
CA SER A 55 12.37 -77.23 -2.75
C SER A 55 13.86 -77.23 -3.10
N GLN A 56 14.38 -76.09 -3.55
CA GLN A 56 15.81 -76.00 -3.83
C GLN A 56 16.63 -76.13 -2.55
N PHE A 57 16.13 -75.56 -1.45
CA PHE A 57 16.83 -75.68 -0.17
C PHE A 57 16.86 -77.13 0.31
N SER A 58 15.78 -77.87 0.10
CA SER A 58 15.75 -79.29 0.46
C SER A 58 16.60 -80.11 -0.48
N ARG A 59 16.78 -79.66 -1.73
CA ARG A 59 17.65 -80.37 -2.66
C ARG A 59 19.11 -80.22 -2.29
N GLY A 60 19.50 -79.06 -1.75
CA GLY A 60 20.86 -78.85 -1.30
C GLY A 60 21.68 -77.95 -2.19
N VAL A 61 21.07 -76.88 -2.68
CA VAL A 61 21.78 -75.92 -3.53
C VAL A 61 22.66 -75.04 -2.66
N TYR A 62 23.75 -74.54 -3.24
CA TYR A 62 24.67 -73.66 -2.53
C TYR A 62 24.32 -72.19 -2.73
N ALA A 63 23.93 -71.82 -3.95
CA ALA A 63 23.55 -70.44 -4.26
C ALA A 63 22.47 -70.47 -5.31
N ILE A 64 21.36 -69.78 -5.05
CA ILE A 64 20.23 -69.72 -5.96
C ILE A 64 20.33 -68.45 -6.80
N PHE A 65 20.21 -68.60 -8.11
CA PHE A 65 20.17 -67.48 -9.03
C PHE A 65 18.77 -67.39 -9.62
N GLY A 66 18.09 -66.27 -9.38
CA GLY A 66 16.73 -66.14 -9.84
C GLY A 66 16.28 -64.70 -10.05
N PHE A 67 14.97 -64.51 -10.14
CA PHE A 67 14.36 -63.20 -10.30
C PHE A 67 13.23 -63.07 -9.30
N TYR A 68 12.71 -61.85 -9.17
CA TYR A 68 11.59 -61.62 -8.26
C TYR A 68 10.75 -60.46 -8.77
N ASP A 69 9.51 -60.41 -8.29
CA ASP A 69 8.57 -59.36 -8.59
C ASP A 69 8.29 -58.57 -7.31
N LYS A 70 7.49 -57.50 -7.45
CA LYS A 70 7.14 -56.66 -6.32
C LYS A 70 6.53 -57.45 -5.17
N LYS A 71 5.92 -58.59 -5.45
CA LYS A 71 5.29 -59.40 -4.41
C LYS A 71 6.25 -60.36 -3.72
N SER A 72 7.14 -61.01 -4.46
CA SER A 72 7.94 -62.09 -3.91
C SER A 72 9.25 -61.63 -3.27
N VAL A 73 9.65 -60.37 -3.49
CA VAL A 73 10.95 -59.91 -2.99
C VAL A 73 11.05 -60.10 -1.47
N ASN A 74 9.99 -59.70 -0.75
CA ASN A 74 10.03 -59.79 0.70
C ASN A 74 10.16 -61.23 1.16
N THR A 75 9.60 -62.17 0.39
CA THR A 75 9.72 -63.57 0.75
C THR A 75 11.15 -64.07 0.54
N ILE A 76 11.82 -63.60 -0.52
CA ILE A 76 13.17 -64.10 -0.80
C ILE A 76 14.16 -63.54 0.21
N THR A 77 14.14 -62.22 0.44
CA THR A 77 15.11 -61.61 1.32
C THR A 77 15.01 -62.15 2.74
N SER A 78 13.78 -62.35 3.23
CA SER A 78 13.61 -62.87 4.58
C SER A 78 13.92 -64.36 4.66
N PHE A 79 13.91 -65.07 3.55
CA PHE A 79 14.25 -66.49 3.59
C PHE A 79 15.76 -66.73 3.49
N CYS A 80 16.44 -65.99 2.61
CA CYS A 80 17.89 -66.13 2.50
C CYS A 80 18.61 -65.54 3.70
N GLY A 81 18.02 -64.53 4.34
CA GLY A 81 18.67 -63.91 5.48
C GLY A 81 18.70 -64.81 6.70
N THR A 82 17.64 -65.59 6.92
CA THR A 82 17.58 -66.46 8.08
C THR A 82 18.29 -67.79 7.82
N LEU A 83 18.13 -68.35 6.62
CA LEU A 83 18.75 -69.61 6.28
C LEU A 83 20.16 -69.46 5.72
N HIS A 84 20.67 -68.24 5.61
CA HIS A 84 22.06 -67.97 5.23
C HIS A 84 22.39 -68.58 3.86
N VAL A 85 21.44 -68.50 2.93
CA VAL A 85 21.63 -69.00 1.57
C VAL A 85 21.93 -67.82 0.66
N SER A 86 22.94 -67.98 -0.20
CA SER A 86 23.32 -66.91 -1.11
C SER A 86 22.33 -66.79 -2.24
N PHE A 87 21.97 -65.55 -2.58
CA PHE A 87 21.03 -65.25 -3.64
C PHE A 87 21.63 -64.21 -4.58
N ILE A 88 21.49 -64.44 -5.88
CA ILE A 88 21.97 -63.53 -6.92
C ILE A 88 20.81 -63.22 -7.86
N THR A 89 20.59 -61.94 -8.13
CA THR A 89 19.46 -61.54 -8.97
C THR A 89 19.82 -60.32 -9.79
N PRO A 90 19.46 -60.30 -11.08
CA PRO A 90 19.65 -59.10 -11.91
C PRO A 90 18.53 -58.09 -11.86
N SER A 91 17.51 -58.31 -11.03
CA SER A 91 16.35 -57.43 -10.99
C SER A 91 16.72 -56.12 -10.29
N PHE A 92 15.71 -55.30 -9.99
CA PHE A 92 15.95 -53.99 -9.39
C PHE A 92 16.49 -54.16 -7.97
N PRO A 93 17.39 -53.29 -7.54
CA PRO A 93 17.97 -53.42 -6.19
C PRO A 93 16.97 -53.09 -5.11
N THR A 94 17.12 -53.76 -3.97
CA THR A 94 16.24 -53.54 -2.83
C THR A 94 16.50 -52.19 -2.19
N ASP A 95 15.44 -51.58 -1.66
CA ASP A 95 15.54 -50.29 -0.99
C ASP A 95 16.18 -50.48 0.38
N GLY A 96 17.39 -49.96 0.54
CA GLY A 96 18.09 -50.05 1.81
C GLY A 96 19.23 -51.05 1.83
N THR A 97 19.46 -51.67 2.98
CA THR A 97 20.54 -52.65 3.16
C THR A 97 19.93 -54.02 3.44
N HIS A 98 20.29 -55.00 2.61
CA HIS A 98 19.79 -56.36 2.74
C HIS A 98 20.96 -57.31 2.52
N PRO A 99 21.19 -58.25 3.42
CA PRO A 99 22.32 -59.17 3.28
C PRO A 99 21.93 -60.42 2.51
N PHE A 100 22.96 -61.18 2.11
CA PHE A 100 22.81 -62.43 1.37
C PHE A 100 22.08 -62.24 0.04
N VAL A 101 22.09 -61.01 -0.50
CA VAL A 101 21.45 -60.71 -1.76
C VAL A 101 22.44 -59.92 -2.62
N ILE A 102 22.64 -60.36 -3.86
CA ILE A 102 23.56 -59.73 -4.79
C ILE A 102 22.75 -59.22 -5.97
N GLN A 103 22.50 -57.92 -6.01
CA GLN A 103 21.74 -57.30 -7.08
C GLN A 103 22.69 -56.89 -8.20
N MET A 104 22.60 -57.57 -9.35
CA MET A 104 23.48 -57.27 -10.47
C MET A 104 23.17 -55.92 -11.10
N ARG A 105 21.92 -55.47 -11.00
CA ARG A 105 21.53 -54.19 -11.58
C ARG A 105 22.05 -53.04 -10.72
N PRO A 106 22.65 -52.02 -11.31
CA PRO A 106 23.11 -50.86 -10.54
C PRO A 106 21.95 -49.92 -10.22
N ASP A 107 22.25 -48.90 -9.44
CA ASP A 107 21.25 -47.92 -9.01
C ASP A 107 21.11 -46.83 -10.07
N LEU A 108 19.89 -46.63 -10.56
CA LEU A 108 19.62 -45.70 -11.64
C LEU A 108 19.01 -44.39 -11.16
N LYS A 109 18.64 -44.29 -9.88
CA LYS A 109 18.01 -43.07 -9.38
C LYS A 109 18.93 -41.86 -9.53
N GLY A 110 20.19 -42.01 -9.11
CA GLY A 110 21.13 -40.91 -9.24
C GLY A 110 21.43 -40.54 -10.68
N ALA A 111 21.33 -41.51 -11.59
CA ALA A 111 21.54 -41.22 -13.00
C ALA A 111 20.42 -40.33 -13.55
N LEU A 112 19.17 -40.70 -13.26
CA LEU A 112 18.04 -39.87 -13.71
C LEU A 112 18.08 -38.49 -13.05
N LEU A 113 18.44 -38.44 -11.77
CA LEU A 113 18.50 -37.16 -11.07
C LEU A 113 19.58 -36.26 -11.68
N SER A 114 20.77 -36.80 -11.91
CA SER A 114 21.85 -36.02 -12.52
C SER A 114 21.52 -35.63 -13.95
N LEU A 115 20.73 -36.45 -14.67
CA LEU A 115 20.34 -36.08 -16.02
C LEU A 115 19.31 -34.96 -16.00
N ILE A 116 18.38 -34.98 -15.04
CA ILE A 116 17.45 -33.87 -14.88
C ILE A 116 18.22 -32.59 -14.52
N GLU A 117 19.25 -32.72 -13.69
CA GLU A 117 20.10 -31.56 -13.41
C GLU A 117 20.81 -31.08 -14.67
N TYR A 118 21.24 -32.02 -15.52
CA TYR A 118 21.97 -31.66 -16.73
C TYR A 118 21.03 -31.01 -17.76
N TYR A 119 19.82 -31.54 -17.92
CA TYR A 119 18.87 -30.96 -18.85
C TYR A 119 18.20 -29.71 -18.31
N GLN A 120 18.33 -29.44 -17.00
CA GLN A 120 17.74 -28.27 -16.35
C GLN A 120 16.23 -28.23 -16.58
N TRP A 121 15.55 -29.23 -16.03
CA TRP A 121 14.10 -29.31 -16.09
C TRP A 121 13.50 -28.82 -14.79
N ASP A 122 12.44 -28.02 -14.89
CA ASP A 122 11.74 -27.50 -13.74
C ASP A 122 10.30 -27.96 -13.64
N LYS A 123 9.66 -28.32 -14.75
CA LYS A 123 8.30 -28.79 -14.76
C LYS A 123 8.16 -29.85 -15.84
N PHE A 124 7.82 -31.07 -15.45
CA PHE A 124 7.74 -32.18 -16.40
C PHE A 124 6.76 -33.20 -15.86
N ALA A 125 6.53 -34.25 -16.64
CA ALA A 125 5.62 -35.33 -16.30
C ALA A 125 6.42 -36.62 -16.05
N TYR A 126 5.86 -37.49 -15.23
CA TYR A 126 6.55 -38.72 -14.83
C TYR A 126 5.53 -39.86 -14.88
N LEU A 127 5.55 -40.64 -15.96
CA LEU A 127 4.67 -41.80 -16.10
C LEU A 127 5.41 -43.02 -15.58
N TYR A 128 4.99 -43.50 -14.41
CA TYR A 128 5.70 -44.55 -13.69
C TYR A 128 4.89 -45.86 -13.70
N ASP A 129 5.61 -46.95 -13.46
CA ASP A 129 5.04 -48.29 -13.39
C ASP A 129 4.98 -48.74 -11.94
N SER A 130 3.89 -49.42 -11.57
CA SER A 130 3.72 -49.87 -10.20
C SER A 130 4.52 -51.14 -9.92
N ASP A 131 4.62 -52.04 -10.90
CA ASP A 131 5.32 -53.30 -10.68
C ASP A 131 6.83 -53.10 -10.63
N ARG A 132 7.35 -52.06 -11.28
CA ARG A 132 8.79 -51.82 -11.32
C ARG A 132 9.34 -51.21 -10.05
N GLY A 133 8.49 -50.93 -9.06
CA GLY A 133 8.96 -50.35 -7.82
C GLY A 133 8.93 -48.84 -7.81
N LEU A 134 8.42 -48.26 -6.71
CA LEU A 134 8.30 -46.82 -6.57
C LEU A 134 9.57 -46.17 -6.03
N SER A 135 10.71 -46.85 -6.12
CA SER A 135 11.95 -46.29 -5.60
C SER A 135 12.35 -45.02 -6.34
N THR A 136 12.36 -45.08 -7.67
CA THR A 136 12.72 -43.90 -8.46
C THR A 136 11.69 -42.78 -8.27
N LEU A 137 10.41 -43.14 -8.18
CA LEU A 137 9.38 -42.13 -7.96
C LEU A 137 9.54 -41.45 -6.62
N GLN A 138 9.88 -42.22 -5.58
CA GLN A 138 10.12 -41.61 -4.28
C GLN A 138 11.36 -40.74 -4.29
N ALA A 139 12.41 -41.17 -5.01
CA ALA A 139 13.62 -40.36 -5.08
C ALA A 139 13.36 -39.03 -5.77
N VAL A 140 12.60 -39.05 -6.86
CA VAL A 140 12.34 -37.79 -7.56
C VAL A 140 11.35 -36.94 -6.79
N LEU A 141 10.44 -37.56 -6.02
CA LEU A 141 9.53 -36.77 -5.18
C LEU A 141 10.29 -36.09 -4.05
N ASP A 142 11.25 -36.80 -3.44
CA ASP A 142 12.06 -36.18 -2.39
C ASP A 142 12.98 -35.10 -2.95
N SER A 143 13.49 -35.28 -4.17
CA SER A 143 14.29 -34.22 -4.78
C SER A 143 13.44 -33.06 -5.27
N ALA A 144 12.14 -33.27 -5.46
CA ALA A 144 11.24 -32.21 -5.89
C ALA A 144 11.06 -31.12 -4.84
N ALA A 145 11.61 -31.30 -3.65
CA ALA A 145 11.64 -30.25 -2.62
C ALA A 145 13.03 -29.69 -2.38
N GLU A 146 14.07 -30.53 -2.49
CA GLU A 146 15.43 -30.04 -2.36
C GLU A 146 15.80 -29.14 -3.53
N LYS A 147 15.40 -29.51 -4.75
CA LYS A 147 15.68 -28.70 -5.93
C LYS A 147 14.43 -28.07 -6.52
N LYS A 148 13.27 -28.29 -5.91
CA LYS A 148 12.02 -27.63 -6.27
C LYS A 148 11.62 -27.88 -7.73
N TRP A 149 10.96 -29.01 -7.98
CA TRP A 149 10.41 -29.32 -9.28
C TRP A 149 8.89 -29.51 -9.17
N GLN A 150 8.20 -29.27 -10.27
CA GLN A 150 6.75 -29.53 -10.38
C GLN A 150 6.58 -30.77 -11.25
N VAL A 151 6.48 -31.93 -10.59
CA VAL A 151 6.36 -33.22 -11.28
C VAL A 151 4.92 -33.69 -11.19
N THR A 152 4.41 -34.20 -12.31
CA THR A 152 3.04 -34.74 -12.41
C THR A 152 3.16 -36.24 -12.62
N ALA A 153 3.08 -37.00 -11.53
CA ALA A 153 3.25 -38.45 -11.56
C ALA A 153 1.92 -39.14 -11.82
N ILE A 154 1.88 -40.00 -12.83
CA ILE A 154 0.70 -40.79 -13.18
C ILE A 154 1.07 -42.25 -13.15
N ASN A 155 0.22 -43.08 -12.55
CA ASN A 155 0.46 -44.52 -12.45
C ASN A 155 -0.12 -45.18 -13.70
N VAL A 156 0.70 -45.26 -14.75
CA VAL A 156 0.30 -45.94 -15.99
C VAL A 156 0.44 -47.44 -15.91
N GLY A 157 0.98 -47.97 -14.80
CA GLY A 157 1.25 -49.40 -14.74
C GLY A 157 0.00 -50.25 -14.70
N ASN A 158 -1.03 -49.79 -13.98
CA ASN A 158 -2.28 -50.56 -13.82
C ASN A 158 -3.26 -50.13 -14.90
N ILE A 159 -3.05 -50.67 -16.10
CA ILE A 159 -3.92 -50.46 -17.24
C ILE A 159 -4.18 -51.79 -17.92
N ASN A 160 -5.37 -51.93 -18.49
CA ASN A 160 -5.77 -53.14 -19.18
C ASN A 160 -5.48 -53.02 -20.67
N ASN A 161 -5.12 -54.15 -21.29
CA ASN A 161 -4.75 -54.15 -22.70
C ASN A 161 -5.95 -53.85 -23.61
N ASP A 162 -7.16 -54.06 -23.13
CA ASP A 162 -8.34 -53.78 -23.95
C ASP A 162 -8.60 -52.29 -24.05
N LYS A 163 -8.57 -51.58 -22.92
CA LYS A 163 -8.76 -50.13 -22.87
C LYS A 163 -7.42 -49.38 -22.93
N LYS A 164 -6.39 -49.99 -23.52
CA LYS A 164 -5.07 -49.38 -23.54
C LYS A 164 -5.05 -48.07 -24.33
N ASP A 165 -5.52 -48.11 -25.57
CA ASP A 165 -5.46 -46.92 -26.42
C ASP A 165 -6.29 -45.78 -25.85
N GLU A 166 -7.39 -46.10 -25.17
CA GLU A 166 -8.22 -45.05 -24.60
C GLU A 166 -7.59 -44.46 -23.35
N THR A 167 -7.03 -45.31 -22.50
CA THR A 167 -6.42 -44.79 -21.27
C THR A 167 -5.20 -43.95 -21.60
N TYR A 168 -4.40 -44.38 -22.59
CA TYR A 168 -3.23 -43.60 -22.99
C TYR A 168 -3.63 -42.27 -23.63
N ARG A 169 -4.60 -42.29 -24.54
CA ARG A 169 -5.03 -41.03 -25.16
C ARG A 169 -5.63 -40.08 -24.14
N SER A 170 -6.41 -40.60 -23.18
CA SER A 170 -6.94 -39.74 -22.12
C SER A 170 -5.84 -39.21 -21.22
N LEU A 171 -4.79 -40.01 -20.98
CA LEU A 171 -3.68 -39.53 -20.16
C LEU A 171 -2.94 -38.39 -20.84
N PHE A 172 -2.68 -38.53 -22.14
CA PHE A 172 -1.96 -37.47 -22.84
C PHE A 172 -2.83 -36.24 -23.07
N GLN A 173 -4.15 -36.42 -23.24
CA GLN A 173 -5.05 -35.28 -23.26
C GLN A 173 -5.11 -34.57 -21.91
N ASP A 174 -4.98 -35.33 -20.82
CA ASP A 174 -4.92 -34.73 -19.49
C ASP A 174 -3.58 -34.03 -19.24
N LEU A 175 -2.52 -34.49 -19.90
CA LEU A 175 -1.22 -33.86 -19.75
C LEU A 175 -1.07 -32.60 -20.58
N GLU A 176 -1.97 -32.37 -21.54
CA GLU A 176 -1.96 -31.13 -22.31
C GLU A 176 -2.60 -29.96 -21.57
N LEU A 177 -3.20 -30.20 -20.41
CA LEU A 177 -3.71 -29.10 -19.59
C LEU A 177 -2.59 -28.18 -19.15
N LYS A 178 -1.48 -28.76 -18.68
CA LYS A 178 -0.28 -28.01 -18.35
C LYS A 178 0.61 -27.77 -19.56
N LYS A 179 0.22 -28.29 -20.74
CA LYS A 179 1.03 -28.20 -21.96
C LYS A 179 2.42 -28.78 -21.74
N GLU A 180 2.48 -29.93 -21.09
CA GLU A 180 3.75 -30.57 -20.78
C GLU A 180 4.41 -31.08 -22.05
N ARG A 181 5.68 -30.72 -22.24
CA ARG A 181 6.48 -31.21 -23.35
C ARG A 181 7.59 -32.16 -22.91
N ARG A 182 7.96 -32.13 -21.63
CA ARG A 182 9.01 -32.98 -21.09
C ARG A 182 8.37 -34.09 -20.27
N VAL A 183 8.56 -35.33 -20.71
CA VAL A 183 7.97 -36.50 -20.06
C VAL A 183 9.08 -37.52 -19.81
N ILE A 184 9.01 -38.17 -18.64
CA ILE A 184 9.92 -39.26 -18.30
C ILE A 184 9.09 -40.52 -18.12
N LEU A 185 9.51 -41.60 -18.77
CA LEU A 185 8.80 -42.87 -18.77
C LEU A 185 9.59 -43.88 -17.95
N ASP A 186 9.09 -44.23 -16.77
CA ASP A 186 9.72 -45.22 -15.89
C ASP A 186 8.95 -46.52 -16.04
N CYS A 187 9.24 -47.25 -17.12
CA CYS A 187 8.56 -48.50 -17.42
C CYS A 187 9.54 -49.47 -18.05
N GLU A 188 9.13 -50.73 -18.12
CA GLU A 188 9.92 -51.76 -18.78
C GLU A 188 9.82 -51.61 -20.30
N ARG A 189 10.86 -52.10 -20.99
CA ARG A 189 10.95 -51.94 -22.44
C ARG A 189 9.70 -52.42 -23.15
N ASP A 190 9.11 -53.51 -22.67
CA ASP A 190 7.90 -54.04 -23.31
C ASP A 190 6.76 -53.04 -23.24
N LYS A 191 6.65 -52.33 -22.11
CA LYS A 191 5.63 -51.28 -21.97
C LYS A 191 6.07 -49.97 -22.60
N VAL A 192 7.38 -49.67 -22.57
CA VAL A 192 7.88 -48.47 -23.21
C VAL A 192 7.59 -48.49 -24.70
N ASN A 193 7.64 -49.68 -25.32
CA ASN A 193 7.29 -49.78 -26.74
C ASN A 193 5.83 -49.39 -26.96
N ASP A 194 4.94 -49.80 -26.06
CA ASP A 194 3.54 -49.42 -26.17
C ASP A 194 3.35 -47.92 -26.00
N ILE A 195 4.01 -47.33 -25.00
CA ILE A 195 3.93 -45.89 -24.80
C ILE A 195 4.42 -45.14 -26.03
N VAL A 196 5.52 -45.60 -26.63
CA VAL A 196 6.05 -44.96 -27.83
C VAL A 196 5.07 -45.10 -28.99
N ASP A 197 4.46 -46.28 -29.13
CA ASP A 197 3.45 -46.45 -30.17
C ASP A 197 2.29 -45.49 -29.98
N GLN A 198 1.85 -45.30 -28.74
CA GLN A 198 0.73 -44.39 -28.47
C GLN A 198 1.12 -42.95 -28.75
N VAL A 199 2.35 -42.56 -28.38
CA VAL A 199 2.84 -41.21 -28.67
C VAL A 199 2.88 -40.99 -30.18
N ILE A 200 3.28 -42.01 -30.94
CA ILE A 200 3.28 -41.90 -32.39
C ILE A 200 1.86 -41.75 -32.92
N THR A 201 0.92 -42.53 -32.36
CA THR A 201 -0.46 -42.49 -32.83
C THR A 201 -1.09 -41.12 -32.58
N ILE A 202 -0.80 -40.50 -31.44
CA ILE A 202 -1.38 -39.19 -31.13
C ILE A 202 -0.58 -38.03 -31.71
N GLY A 203 0.59 -38.30 -32.29
CA GLY A 203 1.37 -37.24 -32.91
C GLY A 203 2.04 -36.30 -31.94
N LYS A 204 2.32 -36.76 -30.71
CA LYS A 204 3.03 -35.97 -29.73
C LYS A 204 4.53 -36.25 -29.73
N HIS A 205 5.06 -36.79 -30.83
CA HIS A 205 6.49 -37.06 -30.96
C HIS A 205 7.17 -36.11 -31.94
N VAL A 206 6.60 -34.93 -32.16
CA VAL A 206 7.14 -33.97 -33.10
C VAL A 206 8.16 -33.07 -32.39
N LYS A 207 8.55 -31.98 -33.04
CA LYS A 207 9.51 -31.06 -32.44
C LYS A 207 8.92 -30.39 -31.20
N GLY A 208 9.74 -30.25 -30.18
CA GLY A 208 9.31 -29.62 -28.95
C GLY A 208 9.26 -30.58 -27.77
N TYR A 209 8.72 -31.77 -28.00
CA TYR A 209 8.62 -32.77 -26.94
C TYR A 209 9.98 -33.34 -26.59
N HIS A 210 10.13 -33.73 -25.33
CA HIS A 210 11.37 -34.31 -24.82
C HIS A 210 11.01 -35.51 -23.96
N TYR A 211 11.46 -36.69 -24.37
CA TYR A 211 11.11 -37.94 -23.69
C TYR A 211 12.37 -38.59 -23.14
N ILE A 212 12.34 -38.94 -21.85
CA ILE A 212 13.45 -39.61 -21.18
C ILE A 212 12.97 -40.98 -20.74
N ILE A 213 13.64 -42.02 -21.22
CA ILE A 213 13.31 -43.40 -20.87
C ILE A 213 14.09 -43.78 -19.61
N ALA A 214 13.37 -44.02 -18.52
CA ALA A 214 13.98 -44.26 -17.21
C ALA A 214 14.18 -45.76 -16.98
N ASN A 215 15.05 -46.35 -17.80
CA ASN A 215 15.43 -47.74 -17.63
C ASN A 215 16.75 -47.99 -18.36
N LEU A 216 17.42 -49.07 -17.98
CA LEU A 216 18.69 -49.44 -18.59
C LEU A 216 18.54 -50.19 -19.90
N GLY A 217 17.36 -50.15 -20.52
CA GLY A 217 17.14 -50.81 -21.79
C GLY A 217 16.75 -49.83 -22.88
N PHE A 218 17.62 -48.87 -23.17
CA PHE A 218 17.30 -47.85 -24.17
C PHE A 218 17.41 -48.42 -25.58
N THR A 219 18.54 -49.05 -25.90
CA THR A 219 18.75 -49.58 -27.25
C THR A 219 18.04 -50.92 -27.47
N ASP A 220 17.55 -51.56 -26.40
CA ASP A 220 16.88 -52.84 -26.56
C ASP A 220 15.52 -52.67 -27.25
N GLY A 221 14.82 -51.58 -26.95
CA GLY A 221 13.56 -51.28 -27.60
C GLY A 221 13.74 -50.53 -28.91
N ASP A 222 12.82 -50.78 -29.83
CA ASP A 222 12.90 -50.14 -31.14
C ASP A 222 12.73 -48.64 -31.02
N LEU A 223 13.78 -47.90 -31.42
CA LEU A 223 13.75 -46.44 -31.38
C LEU A 223 13.65 -45.80 -32.76
N LEU A 224 13.71 -46.60 -33.84
CA LEU A 224 13.70 -46.04 -35.18
C LEU A 224 12.35 -45.42 -35.54
N LYS A 225 11.27 -45.85 -34.88
CA LYS A 225 9.96 -45.29 -35.18
C LYS A 225 9.82 -43.85 -34.71
N ILE A 226 10.48 -43.50 -33.60
CA ILE A 226 10.52 -42.13 -33.13
C ILE A 226 11.84 -41.45 -33.45
N GLN A 227 12.70 -42.10 -34.25
CA GLN A 227 13.99 -41.53 -34.59
C GLN A 227 13.85 -40.29 -35.46
N PHE A 228 12.78 -40.21 -36.26
CA PHE A 228 12.58 -39.10 -37.18
C PHE A 228 11.36 -38.26 -36.82
N GLY A 229 10.72 -38.53 -35.68
CA GLY A 229 9.54 -37.76 -35.31
C GLY A 229 9.86 -36.31 -34.99
N GLY A 230 10.94 -36.07 -34.25
CA GLY A 230 11.33 -34.72 -33.91
C GLY A 230 11.53 -34.54 -32.42
N ALA A 231 10.88 -35.36 -31.62
CA ALA A 231 11.03 -35.28 -30.16
C ALA A 231 12.39 -35.82 -29.75
N GLU A 232 13.09 -35.06 -28.91
CA GLU A 232 14.41 -35.44 -28.45
C GLU A 232 14.27 -36.53 -27.40
N VAL A 233 14.70 -37.75 -27.73
CA VAL A 233 14.61 -38.90 -26.85
C VAL A 233 15.96 -39.14 -26.19
N SER A 234 15.95 -39.46 -24.90
CA SER A 234 17.15 -39.76 -24.15
C SER A 234 16.90 -40.95 -23.23
N GLY A 235 17.92 -41.75 -23.01
CA GLY A 235 17.79 -42.92 -22.17
C GLY A 235 19.12 -43.36 -21.59
N PHE A 236 19.12 -44.56 -21.03
CA PHE A 236 20.28 -45.12 -20.34
C PHE A 236 20.58 -46.52 -20.87
N GLN A 237 21.87 -46.85 -20.95
CA GLN A 237 22.30 -48.15 -21.43
C GLN A 237 23.51 -48.60 -20.62
N ILE A 238 23.43 -49.80 -20.07
CA ILE A 238 24.56 -50.35 -19.33
C ILE A 238 25.45 -51.23 -20.22
N VAL A 239 24.86 -51.93 -21.19
CA VAL A 239 25.61 -52.81 -22.09
C VAL A 239 26.08 -51.96 -23.26
N ASP A 240 27.28 -51.40 -23.13
CA ASP A 240 27.87 -50.61 -24.21
C ASP A 240 28.39 -51.55 -25.29
N TYR A 241 27.78 -51.51 -26.47
CA TYR A 241 28.18 -52.41 -27.55
C TYR A 241 29.51 -52.02 -28.17
N ASP A 242 30.01 -50.81 -27.92
CA ASP A 242 31.30 -50.40 -28.46
C ASP A 242 32.47 -51.04 -27.74
N ASP A 243 32.26 -51.65 -26.57
CA ASP A 243 33.34 -52.30 -25.86
C ASP A 243 33.88 -53.48 -26.66
N SER A 244 35.20 -53.69 -26.59
CA SER A 244 35.80 -54.83 -27.26
C SER A 244 35.29 -56.15 -26.68
N LEU A 245 35.11 -56.20 -25.36
CA LEU A 245 34.52 -57.39 -24.74
C LEU A 245 33.10 -57.62 -25.22
N VAL A 246 32.28 -56.56 -25.23
CA VAL A 246 30.90 -56.71 -25.66
C VAL A 246 30.82 -57.04 -27.15
N SER A 247 31.73 -56.47 -27.95
CA SER A 247 31.77 -56.79 -29.37
C SER A 247 32.14 -58.25 -29.59
N LYS A 248 33.16 -58.73 -28.90
CA LYS A 248 33.56 -60.13 -29.00
C LYS A 248 32.45 -61.06 -28.53
N PHE A 249 31.64 -60.63 -27.55
CA PHE A 249 30.52 -61.45 -27.11
C PHE A 249 29.39 -61.44 -28.14
N ILE A 250 29.12 -60.28 -28.75
CA ILE A 250 28.03 -60.19 -29.72
C ILE A 250 28.37 -60.94 -31.00
N GLU A 251 29.67 -61.04 -31.33
CA GLU A 251 30.07 -61.82 -32.50
C GLU A 251 29.61 -63.26 -32.38
N ARG A 252 29.78 -63.86 -31.21
CA ARG A 252 29.28 -65.22 -30.97
C ARG A 252 27.77 -65.24 -30.73
N TRP A 253 27.23 -64.18 -30.13
CA TRP A 253 25.79 -64.14 -29.84
C TRP A 253 24.96 -64.17 -31.11
N SER A 254 25.34 -63.37 -32.10
CA SER A 254 24.57 -63.30 -33.34
C SER A 254 24.64 -64.60 -34.14
N THR A 255 25.77 -65.30 -34.09
CA THR A 255 25.95 -66.53 -34.86
C THR A 255 25.24 -67.72 -34.25
N LEU A 256 24.76 -67.62 -33.02
CA LEU A 256 24.10 -68.74 -32.37
C LEU A 256 22.75 -69.04 -33.05
N GLU A 257 22.39 -70.32 -33.06
CA GLU A 257 21.15 -70.75 -33.69
C GLU A 257 19.94 -70.29 -32.89
N GLU A 258 18.91 -69.81 -33.58
CA GLU A 258 17.70 -69.34 -32.93
C GLU A 258 16.80 -70.48 -32.47
N LYS A 259 17.01 -71.70 -32.97
CA LYS A 259 16.17 -72.82 -32.58
C LYS A 259 16.54 -73.33 -31.18
N GLU A 260 17.83 -73.53 -30.92
CA GLU A 260 18.25 -74.03 -29.62
C GLU A 260 18.17 -72.95 -28.55
N TYR A 261 18.64 -71.75 -28.85
CA TYR A 261 18.62 -70.64 -27.91
C TYR A 261 17.62 -69.60 -28.38
N PRO A 262 16.47 -69.45 -27.73
CA PRO A 262 15.46 -68.51 -28.23
C PRO A 262 15.91 -67.06 -28.09
N GLY A 263 15.66 -66.28 -29.15
CA GLY A 263 15.97 -64.86 -29.13
C GLY A 263 17.43 -64.54 -29.00
N ALA A 264 18.29 -65.35 -29.62
CA ALA A 264 19.74 -65.16 -29.54
C ALA A 264 20.35 -64.61 -30.82
N HIS A 265 19.75 -64.88 -31.98
CA HIS A 265 20.33 -64.48 -33.27
C HIS A 265 20.40 -62.97 -33.45
N THR A 266 19.72 -62.19 -32.63
CA THR A 266 19.75 -60.74 -32.78
C THR A 266 21.13 -60.19 -32.40
N ALA A 267 21.39 -58.96 -32.85
CA ALA A 267 22.66 -58.30 -32.55
C ALA A 267 22.64 -57.56 -31.22
N THR A 268 21.48 -57.06 -30.81
CA THR A 268 21.35 -56.36 -29.53
C THR A 268 20.81 -57.32 -28.47
N ILE A 269 21.38 -57.23 -27.27
CA ILE A 269 21.01 -58.10 -26.16
C ILE A 269 20.40 -57.25 -25.05
N LYS A 270 19.39 -57.80 -24.38
CA LYS A 270 18.77 -57.10 -23.27
C LYS A 270 19.73 -57.01 -22.09
N TYR A 271 19.59 -55.93 -21.33
CA TYR A 271 20.51 -55.71 -20.21
C TYR A 271 20.31 -56.75 -19.12
N THR A 272 19.09 -57.29 -18.98
CA THR A 272 18.86 -58.35 -18.01
C THR A 272 19.62 -59.61 -18.39
N SER A 273 19.63 -59.96 -19.68
CA SER A 273 20.36 -61.14 -20.13
C SER A 273 21.85 -60.96 -19.95
N ALA A 274 22.38 -59.79 -20.32
CA ALA A 274 23.80 -59.52 -20.10
C ALA A 274 24.15 -59.59 -18.62
N LEU A 275 23.24 -59.11 -17.75
CA LEU A 275 23.50 -59.21 -16.32
C LEU A 275 23.42 -60.64 -15.82
N THR A 276 22.62 -61.49 -16.46
CA THR A 276 22.64 -62.91 -16.11
C THR A 276 23.96 -63.55 -16.51
N TYR A 277 24.44 -63.24 -17.72
CA TYR A 277 25.76 -63.72 -18.15
C TYR A 277 26.85 -63.30 -17.16
N ASP A 278 26.90 -62.00 -16.84
CA ASP A 278 27.88 -61.51 -15.89
C ASP A 278 27.69 -62.12 -14.50
N ALA A 279 26.45 -62.46 -14.13
CA ALA A 279 26.23 -63.12 -12.84
C ALA A 279 26.79 -64.53 -12.84
N VAL A 280 26.64 -65.24 -13.97
CA VAL A 280 27.28 -66.55 -14.10
C VAL A 280 28.79 -66.42 -13.98
N GLN A 281 29.35 -65.39 -14.62
CA GLN A 281 30.79 -65.13 -14.49
C GLN A 281 31.18 -64.89 -13.04
N VAL A 282 30.41 -64.07 -12.32
CA VAL A 282 30.73 -63.73 -10.94
C VAL A 282 30.62 -64.97 -10.05
N MET A 283 29.61 -65.81 -10.29
CA MET A 283 29.48 -67.05 -9.51
C MET A 283 30.65 -67.98 -9.76
N THR A 284 31.04 -68.15 -11.02
CA THR A 284 32.17 -69.00 -11.34
C THR A 284 33.44 -68.49 -10.67
N GLU A 285 33.68 -67.18 -10.75
CA GLU A 285 34.87 -66.62 -10.09
C GLU A 285 34.80 -66.72 -8.58
N ALA A 286 33.59 -66.66 -8.01
CA ALA A 286 33.44 -66.78 -6.57
C ALA A 286 33.80 -68.19 -6.10
N PHE A 287 33.24 -69.20 -6.76
CA PHE A 287 33.61 -70.57 -6.40
C PHE A 287 35.07 -70.86 -6.71
N ARG A 288 35.63 -70.20 -7.74
CA ARG A 288 37.05 -70.35 -8.02
C ARG A 288 37.89 -69.78 -6.88
N ASN A 289 37.49 -68.62 -6.34
CA ASN A 289 38.21 -68.06 -5.18
C ASN A 289 38.01 -68.93 -3.95
N LEU A 290 36.83 -69.52 -3.79
CA LEU A 290 36.61 -70.46 -2.70
C LEU A 290 37.50 -71.68 -2.82
N ARG A 291 37.79 -72.12 -4.04
CA ARG A 291 38.74 -73.21 -4.24
C ARG A 291 40.18 -72.76 -4.05
N LYS A 292 40.45 -71.48 -4.33
CA LYS A 292 41.82 -70.97 -4.21
C LYS A 292 42.20 -70.77 -2.74
N GLN A 293 41.26 -70.31 -1.92
CA GLN A 293 41.50 -70.15 -0.49
C GLN A 293 41.33 -71.45 0.29
N ARG A 294 41.18 -72.58 -0.41
CA ARG A 294 41.07 -73.90 0.21
C ARG A 294 39.91 -73.99 1.20
N ILE A 295 38.89 -73.15 1.02
CA ILE A 295 37.69 -73.20 1.85
C ILE A 295 36.77 -74.25 1.23
N GLU A 296 36.73 -75.43 1.83
CA GLU A 296 35.91 -76.52 1.32
C GLU A 296 34.44 -76.31 1.67
N ILE A 297 33.60 -76.31 0.65
CA ILE A 297 32.14 -76.30 0.82
C ILE A 297 31.60 -77.70 0.56
N SER A 298 30.67 -78.14 1.40
CA SER A 298 30.13 -79.49 1.28
C SER A 298 28.79 -79.57 2.00
N ARG A 299 27.95 -80.48 1.52
CA ARG A 299 26.64 -80.74 2.12
C ARG A 299 26.82 -81.72 3.27
N ARG A 300 26.75 -81.21 4.51
CA ARG A 300 27.00 -82.04 5.68
C ARG A 300 26.01 -83.19 5.78
N GLY A 301 24.76 -82.96 5.38
CA GLY A 301 23.76 -84.01 5.49
C GLY A 301 22.51 -83.78 4.68
N ASN A 302 21.42 -83.42 5.36
CA ASN A 302 20.17 -83.07 4.71
C ASN A 302 19.61 -81.80 5.31
N ALA A 303 19.10 -80.92 4.45
CA ALA A 303 18.49 -79.69 4.93
C ALA A 303 17.07 -79.91 5.45
N GLY A 304 16.28 -80.69 4.72
CA GLY A 304 14.92 -80.96 5.14
C GLY A 304 13.98 -79.79 4.86
N ASP A 305 13.03 -79.57 5.76
CA ASP A 305 12.06 -78.50 5.56
C ASP A 305 12.68 -77.15 5.92
N CYS A 306 12.41 -76.15 5.08
CA CYS A 306 12.88 -74.80 5.37
C CYS A 306 12.22 -74.25 6.62
N LEU A 307 10.91 -74.50 6.79
CA LEU A 307 10.18 -74.04 7.96
C LEU A 307 10.43 -74.93 9.16
N ALA A 308 11.69 -75.22 9.46
CA ALA A 308 12.03 -76.01 10.64
C ALA A 308 11.76 -75.22 11.91
N ASN A 309 11.50 -75.93 12.99
CA ASN A 309 11.21 -75.29 14.26
C ASN A 309 12.50 -74.75 14.88
N PRO A 310 13.56 -75.56 15.01
CA PRO A 310 14.87 -74.96 15.32
C PRO A 310 15.48 -74.36 14.06
N ALA A 311 15.66 -73.04 14.06
CA ALA A 311 16.21 -72.35 12.89
C ALA A 311 17.67 -72.73 12.73
N VAL A 312 17.98 -73.42 11.64
CA VAL A 312 19.33 -73.92 11.39
C VAL A 312 19.98 -73.15 10.25
N PRO A 313 20.85 -72.19 10.55
CA PRO A 313 21.55 -71.46 9.49
C PRO A 313 22.92 -72.05 9.21
N TRP A 314 23.19 -72.36 7.94
CA TRP A 314 24.47 -72.95 7.59
C TRP A 314 25.59 -71.94 7.72
N GLY A 315 26.70 -72.37 8.33
CA GLY A 315 27.79 -71.44 8.58
C GLY A 315 28.54 -71.08 7.32
N GLN A 316 28.74 -72.06 6.43
CA GLN A 316 29.53 -71.84 5.23
C GLN A 316 28.88 -70.85 4.27
N GLY A 317 27.56 -70.68 4.35
CA GLY A 317 26.89 -69.71 3.50
C GLY A 317 27.43 -68.30 3.68
N VAL A 318 27.78 -67.93 4.93
CA VAL A 318 28.41 -66.64 5.18
C VAL A 318 29.70 -66.52 4.38
N GLU A 319 30.54 -67.57 4.42
CA GLU A 319 31.77 -67.56 3.66
C GLU A 319 31.52 -67.46 2.16
N ILE A 320 30.51 -68.18 1.66
CA ILE A 320 30.16 -68.10 0.24
C ILE A 320 29.76 -66.68 -0.14
N GLU A 321 28.92 -66.05 0.67
CA GLU A 321 28.53 -64.66 0.43
C GLU A 321 29.73 -63.73 0.43
N ARG A 322 30.62 -63.88 1.42
CA ARG A 322 31.82 -63.06 1.48
C ARG A 322 32.70 -63.23 0.25
N ALA A 323 32.83 -64.47 -0.23
CA ALA A 323 33.63 -64.72 -1.43
C ALA A 323 32.95 -64.18 -2.68
N LEU A 324 31.62 -64.19 -2.70
CA LEU A 324 30.90 -63.71 -3.88
C LEU A 324 31.01 -62.19 -3.98
N LYS A 325 30.76 -61.49 -2.87
CA LYS A 325 30.77 -60.02 -2.89
C LYS A 325 32.15 -59.45 -3.18
N GLN A 326 33.22 -60.21 -2.92
CA GLN A 326 34.56 -59.72 -3.13
C GLN A 326 35.00 -59.76 -4.58
N VAL A 327 34.30 -60.52 -5.43
CA VAL A 327 34.71 -60.69 -6.82
C VAL A 327 34.56 -59.36 -7.56
N GLN A 328 35.62 -58.97 -8.28
CA GLN A 328 35.63 -57.78 -9.11
C GLN A 328 36.07 -58.18 -10.51
N VAL A 329 35.13 -58.20 -11.46
CA VAL A 329 35.40 -58.71 -12.81
C VAL A 329 34.92 -57.71 -13.86
N GLU A 330 35.27 -58.02 -15.10
CA GLU A 330 34.87 -57.23 -16.26
C GLU A 330 33.88 -58.06 -17.08
N GLY A 331 32.74 -57.46 -17.40
CA GLY A 331 31.72 -58.17 -18.16
C GLY A 331 30.99 -57.29 -19.15
N LEU A 332 29.83 -57.76 -19.62
CA LEU A 332 29.06 -56.99 -20.59
C LEU A 332 28.56 -55.68 -19.99
N SER A 333 28.24 -55.67 -18.70
CA SER A 333 27.80 -54.46 -18.02
C SER A 333 28.95 -53.56 -17.62
N GLY A 334 30.18 -53.90 -17.99
CA GLY A 334 31.34 -53.10 -17.66
C GLY A 334 32.04 -53.63 -16.42
N ASN A 335 32.40 -52.73 -15.51
CA ASN A 335 33.07 -53.11 -14.27
C ASN A 335 32.04 -53.61 -13.27
N ILE A 336 32.23 -54.83 -12.76
CA ILE A 336 31.31 -55.46 -11.82
C ILE A 336 32.07 -55.64 -10.51
N LYS A 337 31.63 -54.95 -9.47
CA LYS A 337 32.20 -55.09 -8.13
C LYS A 337 31.13 -54.75 -7.11
N PHE A 338 31.15 -55.46 -5.99
CA PHE A 338 30.13 -55.34 -4.96
C PHE A 338 30.76 -54.89 -3.65
N ASP A 339 29.94 -54.30 -2.79
CA ASP A 339 30.36 -53.80 -1.50
C ASP A 339 29.94 -54.78 -0.39
N GLN A 340 29.89 -54.30 0.85
CA GLN A 340 29.56 -55.17 1.97
C GLN A 340 28.10 -55.60 1.95
N ASN A 341 27.22 -54.78 1.38
CA ASN A 341 25.79 -55.09 1.35
C ASN A 341 25.40 -55.95 0.15
N GLY A 342 26.15 -55.87 -0.94
CA GLY A 342 25.83 -56.61 -2.16
C GLY A 342 25.41 -55.77 -3.34
N LYS A 343 25.28 -54.45 -3.17
CA LYS A 343 24.90 -53.59 -4.28
C LYS A 343 26.08 -53.42 -5.24
N ARG A 344 25.77 -52.91 -6.43
CA ARG A 344 26.80 -52.70 -7.44
C ARG A 344 27.50 -51.37 -7.20
N ILE A 345 28.80 -51.40 -6.99
CA ILE A 345 29.63 -50.22 -6.79
C ILE A 345 30.63 -50.14 -7.93
N ASN A 346 31.01 -48.91 -8.28
CA ASN A 346 31.91 -48.67 -9.41
C ASN A 346 31.32 -49.25 -10.69
N TYR A 347 30.31 -48.59 -11.25
CA TYR A 347 29.71 -49.00 -12.51
C TYR A 347 29.74 -47.84 -13.50
N THR A 348 29.41 -48.16 -14.75
CA THR A 348 29.49 -47.22 -15.86
C THR A 348 28.18 -47.29 -16.64
N ILE A 349 27.29 -46.32 -16.44
CA ILE A 349 26.00 -46.29 -17.13
C ILE A 349 26.04 -45.19 -18.17
N ASN A 350 25.91 -45.54 -19.44
CA ASN A 350 26.04 -44.58 -20.52
C ASN A 350 24.70 -43.92 -20.80
N ILE A 351 24.70 -42.59 -20.87
CA ILE A 351 23.51 -41.83 -21.20
C ILE A 351 23.49 -41.64 -22.71
N MET A 352 22.46 -42.16 -23.36
CA MET A 352 22.32 -42.15 -24.80
C MET A 352 21.26 -41.14 -25.21
N GLU A 353 21.48 -40.49 -26.35
CA GLU A 353 20.55 -39.52 -26.90
C GLU A 353 20.25 -39.90 -28.34
N LEU A 354 18.98 -40.17 -28.63
CA LEU A 354 18.57 -40.62 -29.95
C LEU A 354 18.48 -39.43 -30.89
N LYS A 355 19.41 -39.35 -31.84
CA LYS A 355 19.42 -38.33 -32.87
C LYS A 355 18.79 -38.91 -34.15
N THR A 356 19.09 -38.29 -35.29
CA THR A 356 18.55 -38.79 -36.55
C THR A 356 19.28 -40.03 -37.02
N ASN A 357 20.59 -40.11 -36.79
CA ASN A 357 21.37 -41.26 -37.23
C ASN A 357 21.05 -42.51 -36.41
N GLY A 358 20.69 -42.34 -35.14
CA GLY A 358 20.37 -43.48 -34.30
C GLY A 358 20.75 -43.25 -32.85
N PRO A 359 21.11 -44.32 -32.14
CA PRO A 359 21.51 -44.20 -30.74
C PRO A 359 22.93 -43.64 -30.64
N ARG A 360 23.07 -42.50 -29.96
CA ARG A 360 24.34 -41.81 -29.84
C ARG A 360 24.72 -41.72 -28.37
N LYS A 361 25.94 -42.15 -28.05
CA LYS A 361 26.45 -42.11 -26.69
C LYS A 361 26.76 -40.67 -26.30
N ILE A 362 25.77 -39.94 -25.78
CA ILE A 362 25.99 -38.54 -25.45
C ILE A 362 26.78 -38.37 -24.17
N GLY A 363 26.87 -39.39 -23.33
CA GLY A 363 27.64 -39.25 -22.11
C GLY A 363 27.67 -40.54 -21.33
N TYR A 364 28.17 -40.45 -20.10
CA TYR A 364 28.20 -41.58 -19.19
C TYR A 364 28.26 -41.06 -17.76
N TRP A 365 27.73 -41.86 -16.85
CA TRP A 365 27.69 -41.54 -15.43
C TRP A 365 28.26 -42.70 -14.62
N SER A 366 28.72 -42.35 -13.42
CA SER A 366 29.22 -43.30 -12.43
C SER A 366 28.73 -42.88 -11.06
N GLU A 367 29.05 -43.69 -10.05
CA GLU A 367 28.61 -43.39 -8.69
C GLU A 367 29.33 -42.17 -8.11
N VAL A 368 30.55 -41.88 -8.58
CA VAL A 368 31.33 -40.79 -8.01
C VAL A 368 31.29 -39.56 -8.91
N ASP A 369 31.26 -39.78 -10.22
CA ASP A 369 31.31 -38.70 -11.20
C ASP A 369 29.95 -38.53 -11.87
N LYS A 370 29.49 -37.29 -11.97
CA LYS A 370 28.20 -36.97 -12.57
C LYS A 370 28.42 -36.31 -13.93
N MET A 371 27.93 -36.96 -14.99
CA MET A 371 27.95 -36.42 -16.34
C MET A 371 29.36 -36.05 -16.79
N VAL A 372 30.11 -37.04 -17.28
CA VAL A 372 31.51 -36.83 -17.62
C VAL A 372 31.66 -36.60 -19.12
N LEU A 373 31.30 -37.60 -19.92
CA LEU A 373 31.57 -37.59 -21.35
C LEU A 373 30.78 -36.46 -22.03
N THR A 374 31.51 -35.50 -22.59
CA THR A 374 30.90 -34.35 -23.26
C THR A 374 30.38 -34.73 -24.64
N GLU A 375 30.33 -33.75 -25.56
CA GLU A 375 29.81 -34.01 -26.89
C GLU A 375 30.74 -34.92 -27.70
N ASP A 376 30.13 -35.83 -28.46
CA ASP A 376 30.88 -36.75 -29.28
C ASP A 376 31.60 -36.05 -30.43
N ASP A 377 30.95 -35.06 -31.04
CA ASP A 377 31.43 -34.36 -32.23
C ASP A 377 31.47 -35.28 -33.45
N THR A 378 30.66 -36.34 -33.42
CA THR A 378 30.52 -37.28 -34.52
C THR A 378 29.67 -36.68 -35.62
N SER A 379 29.87 -37.16 -36.85
CA SER A 379 29.19 -36.59 -38.01
C SER A 379 27.69 -36.72 -37.87
N GLY A 380 27.00 -35.58 -37.88
CA GLY A 380 25.56 -35.49 -37.83
C GLY A 380 25.00 -34.89 -39.11
N LEU A 381 25.87 -34.73 -40.11
CA LEU A 381 25.63 -34.13 -41.41
C LEU A 381 25.54 -32.61 -41.30
N GLU A 382 25.73 -32.04 -40.11
CA GLU A 382 25.74 -30.60 -39.89
C GLU A 382 24.48 -29.96 -40.48
N GLN A 383 23.34 -30.59 -40.22
CA GLN A 383 22.05 -30.11 -40.70
C GLN A 383 21.30 -29.46 -39.54
N LYS A 384 20.66 -28.33 -39.83
CA LYS A 384 19.94 -27.57 -38.82
C LYS A 384 19.03 -26.54 -39.49
N THR A 385 17.73 -26.76 -39.38
CA THR A 385 16.73 -25.84 -39.93
C THR A 385 16.12 -25.06 -38.78
N VAL A 386 16.21 -23.73 -38.86
CA VAL A 386 15.71 -22.86 -37.79
C VAL A 386 14.28 -22.48 -38.12
N VAL A 387 13.37 -22.81 -37.21
CA VAL A 387 11.97 -22.45 -37.39
C VAL A 387 11.80 -21.01 -36.96
N VAL A 388 11.34 -20.16 -37.88
CA VAL A 388 11.15 -18.74 -37.63
C VAL A 388 9.65 -18.50 -37.61
N THR A 389 9.07 -18.46 -36.41
CA THR A 389 7.65 -18.21 -36.27
C THR A 389 7.39 -16.70 -36.28
N THR A 390 6.40 -16.29 -37.06
CA THR A 390 6.08 -14.86 -37.16
C THR A 390 4.62 -14.70 -37.52
N ILE A 391 4.08 -13.54 -37.19
CA ILE A 391 2.69 -13.21 -37.46
C ILE A 391 2.60 -12.51 -38.81
N LEU A 392 1.50 -12.76 -39.51
CA LEU A 392 1.26 -12.12 -40.81
C LEU A 392 0.62 -10.77 -40.52
N GLU A 393 1.46 -9.73 -40.46
CA GLU A 393 1.00 -8.39 -40.19
C GLU A 393 1.73 -7.41 -41.10
N SER A 394 1.01 -6.37 -41.51
CA SER A 394 1.57 -5.38 -42.42
C SER A 394 2.50 -4.43 -41.66
N PRO A 395 3.67 -4.11 -42.23
CA PRO A 395 4.20 -4.73 -43.45
C PRO A 395 5.35 -5.69 -43.18
N TYR A 396 5.53 -6.09 -41.92
CA TYR A 396 6.67 -6.92 -41.55
C TYR A 396 6.65 -8.26 -42.30
N VAL A 397 5.51 -8.95 -42.27
CA VAL A 397 5.36 -10.23 -42.95
C VAL A 397 4.02 -10.22 -43.68
N MET A 398 4.07 -10.22 -45.01
CA MET A 398 2.87 -10.21 -45.84
C MET A 398 2.99 -11.30 -46.89
N MET A 399 1.85 -11.87 -47.25
CA MET A 399 1.82 -12.87 -48.31
C MET A 399 1.86 -12.20 -49.68
N LYS A 400 2.67 -12.75 -50.57
CA LYS A 400 2.88 -12.14 -51.88
C LYS A 400 1.61 -12.22 -52.72
N ALA A 401 1.67 -11.62 -53.90
CA ALA A 401 0.52 -11.65 -54.80
C ALA A 401 0.26 -13.06 -55.30
N ASN A 402 1.31 -13.83 -55.56
CA ASN A 402 1.17 -15.21 -55.99
C ASN A 402 1.59 -16.17 -54.88
N HIS A 403 0.98 -16.02 -53.70
CA HIS A 403 1.31 -16.88 -52.57
C HIS A 403 0.89 -18.33 -52.82
N ALA A 404 -0.19 -18.53 -53.57
CA ALA A 404 -0.64 -19.89 -53.88
C ALA A 404 0.31 -20.58 -54.86
N ALA A 405 0.86 -19.83 -55.80
CA ALA A 405 1.78 -20.42 -56.78
C ALA A 405 3.13 -20.74 -56.15
N LEU A 406 3.66 -19.83 -55.34
CA LEU A 406 4.94 -20.07 -54.71
C LEU A 406 4.79 -21.02 -53.52
N ALA A 407 5.93 -21.52 -53.04
CA ALA A 407 5.94 -22.45 -51.92
C ALA A 407 7.24 -22.29 -51.15
N GLY A 408 7.20 -22.59 -49.86
CA GLY A 408 8.38 -22.54 -49.03
C GLY A 408 8.48 -21.26 -48.24
N ASN A 409 9.56 -20.51 -48.46
CA ASN A 409 9.76 -19.22 -47.81
C ASN A 409 9.46 -18.05 -48.71
N GLU A 410 9.35 -18.26 -50.02
CA GLU A 410 9.05 -17.18 -50.96
C GLU A 410 7.60 -16.72 -50.89
N ARG A 411 6.74 -17.46 -50.18
CA ARG A 411 5.34 -17.07 -50.08
C ARG A 411 5.12 -15.80 -49.25
N TYR A 412 6.14 -15.32 -48.55
CA TYR A 412 6.02 -14.16 -47.68
C TYR A 412 7.01 -13.08 -48.09
N GLU A 413 6.61 -11.83 -47.90
CA GLU A 413 7.46 -10.68 -48.19
C GLU A 413 7.17 -9.59 -47.17
N GLY A 414 8.16 -8.75 -46.91
CA GLY A 414 7.98 -7.64 -46.02
C GLY A 414 9.27 -7.31 -45.30
N TYR A 415 9.13 -6.57 -44.20
CA TYR A 415 10.28 -6.13 -43.43
C TYR A 415 10.96 -7.29 -42.73
N CYS A 416 10.21 -8.08 -41.97
CA CYS A 416 10.82 -9.14 -41.17
C CYS A 416 11.35 -10.29 -42.03
N VAL A 417 10.90 -10.43 -43.27
CA VAL A 417 11.47 -11.48 -44.12
C VAL A 417 12.86 -11.06 -44.60
N ASP A 418 13.02 -9.79 -44.99
CA ASP A 418 14.34 -9.29 -45.33
C ASP A 418 15.25 -9.26 -44.12
N LEU A 419 14.70 -8.95 -42.95
CA LEU A 419 15.50 -8.99 -41.72
C LEU A 419 15.94 -10.40 -41.40
N ALA A 420 15.07 -11.40 -41.64
CA ALA A 420 15.46 -12.79 -41.41
C ALA A 420 16.53 -13.23 -42.40
N ALA A 421 16.41 -12.82 -43.67
CA ALA A 421 17.43 -13.15 -44.64
C ALA A 421 18.76 -12.50 -44.30
N GLU A 422 18.72 -11.27 -43.78
CA GLU A 422 19.95 -10.59 -43.40
C GLU A 422 20.57 -11.22 -42.15
N ILE A 423 19.73 -11.70 -41.23
CA ILE A 423 20.25 -12.41 -40.06
C ILE A 423 20.88 -13.73 -40.49
N ALA A 424 20.25 -14.43 -41.44
CA ALA A 424 20.82 -15.65 -41.98
C ALA A 424 22.09 -15.38 -42.79
N LYS A 425 22.27 -14.16 -43.29
CA LYS A 425 23.49 -13.83 -44.02
C LYS A 425 24.65 -13.52 -43.08
N HIS A 426 24.37 -12.92 -41.92
CA HIS A 426 25.41 -12.57 -40.96
C HIS A 426 25.59 -13.60 -39.86
N CYS A 427 24.85 -14.72 -39.91
CA CYS A 427 25.01 -15.77 -38.91
C CYS A 427 25.24 -17.12 -39.59
N GLY A 428 24.61 -17.34 -40.73
CA GLY A 428 24.81 -18.56 -41.49
C GLY A 428 24.02 -19.75 -40.98
N PHE A 429 22.79 -19.89 -41.44
CA PHE A 429 21.93 -21.01 -41.06
C PHE A 429 20.74 -21.07 -42.01
N LYS A 430 20.25 -22.28 -42.25
CA LYS A 430 19.04 -22.45 -43.03
C LYS A 430 17.81 -22.20 -42.15
N TYR A 431 16.94 -21.30 -42.61
CA TYR A 431 15.77 -20.90 -41.85
C TYR A 431 14.51 -21.13 -42.65
N LYS A 432 13.48 -21.63 -41.98
CA LYS A 432 12.17 -21.87 -42.58
C LYS A 432 11.16 -20.96 -41.89
N LEU A 433 10.44 -20.17 -42.69
CA LEU A 433 9.50 -19.19 -42.18
C LEU A 433 8.13 -19.84 -41.99
N THR A 434 7.63 -19.80 -40.76
CA THR A 434 6.33 -20.36 -40.42
C THR A 434 5.50 -19.30 -39.71
N ILE A 435 4.19 -19.39 -39.90
CA ILE A 435 3.27 -18.42 -39.33
C ILE A 435 2.81 -18.92 -37.96
N VAL A 436 2.70 -17.98 -37.01
CA VAL A 436 2.30 -18.34 -35.66
C VAL A 436 0.86 -18.86 -35.67
N GLY A 437 0.54 -19.67 -34.66
CA GLY A 437 -0.78 -20.27 -34.57
C GLY A 437 -1.89 -19.24 -34.44
N ASP A 438 -2.82 -19.27 -35.40
CA ASP A 438 -4.02 -18.43 -35.43
C ASP A 438 -3.71 -16.94 -35.19
N GLY A 439 -2.48 -16.52 -35.46
CA GLY A 439 -2.12 -15.12 -35.33
C GLY A 439 -2.10 -14.61 -33.90
N LYS A 440 -1.45 -15.35 -33.01
CA LYS A 440 -1.33 -14.98 -31.61
C LYS A 440 0.03 -14.35 -31.34
N TYR A 441 0.03 -13.28 -30.56
CA TYR A 441 1.27 -12.66 -30.11
C TYR A 441 1.72 -13.32 -28.80
N GLY A 442 2.94 -12.98 -28.38
CA GLY A 442 3.47 -13.53 -27.14
C GLY A 442 2.68 -13.08 -25.93
N ALA A 443 1.72 -13.90 -25.50
CA ALA A 443 0.86 -13.53 -24.37
C ALA A 443 0.59 -14.75 -23.51
N ARG A 444 0.66 -14.57 -22.19
CA ARG A 444 0.38 -15.62 -21.24
C ARG A 444 -1.05 -15.48 -20.74
N ASP A 445 -1.80 -16.59 -20.76
CA ASP A 445 -3.18 -16.58 -20.33
C ASP A 445 -3.27 -16.34 -18.81
N ALA A 446 -4.47 -15.98 -18.36
CA ALA A 446 -4.71 -15.70 -16.95
C ALA A 446 -5.34 -16.87 -16.21
N ASP A 447 -6.31 -17.56 -16.82
CA ASP A 447 -6.95 -18.69 -16.16
C ASP A 447 -6.07 -19.94 -16.24
N THR A 448 -5.88 -20.46 -17.46
CA THR A 448 -5.05 -21.65 -17.64
C THR A 448 -3.57 -21.35 -17.47
N LYS A 449 -3.16 -20.08 -17.56
CA LYS A 449 -1.77 -19.67 -17.41
C LYS A 449 -0.86 -20.38 -18.40
N ILE A 450 -1.29 -20.43 -19.66
CA ILE A 450 -0.56 -21.06 -20.75
C ILE A 450 -0.02 -19.96 -21.65
N TRP A 451 1.26 -20.07 -22.02
CA TRP A 451 1.88 -19.14 -22.95
C TRP A 451 1.42 -19.46 -24.37
N ASN A 452 0.83 -18.49 -25.05
CA ASN A 452 0.39 -18.64 -26.42
C ASN A 452 1.06 -17.59 -27.29
N GLY A 453 1.22 -17.92 -28.57
CA GLY A 453 1.87 -17.05 -29.52
C GLY A 453 3.28 -17.49 -29.84
N MET A 454 4.09 -16.52 -30.28
CA MET A 454 5.47 -16.80 -30.61
C MET A 454 6.27 -17.19 -29.36
N VAL A 455 6.06 -16.46 -28.26
CA VAL A 455 6.71 -16.81 -27.01
C VAL A 455 6.29 -18.22 -26.57
N GLY A 456 5.02 -18.57 -26.77
CA GLY A 456 4.57 -19.91 -26.46
C GLY A 456 5.25 -20.97 -27.30
N GLU A 457 5.36 -20.72 -28.61
CA GLU A 457 6.02 -21.67 -29.49
C GLU A 457 7.50 -21.81 -29.16
N LEU A 458 8.13 -20.75 -28.65
CA LEU A 458 9.52 -20.84 -28.24
C LEU A 458 9.68 -21.55 -26.91
N VAL A 459 8.70 -21.42 -26.01
CA VAL A 459 8.81 -22.04 -24.69
C VAL A 459 8.69 -23.55 -24.80
N TYR A 460 7.71 -24.04 -25.56
CA TYR A 460 7.47 -25.46 -25.70
C TYR A 460 8.31 -26.09 -26.81
N GLY A 461 9.31 -25.38 -27.32
CA GLY A 461 10.21 -25.93 -28.31
C GLY A 461 9.62 -26.16 -29.67
N LYS A 462 8.41 -25.66 -29.95
CA LYS A 462 7.81 -25.86 -31.26
C LYS A 462 8.54 -25.06 -32.33
N ALA A 463 9.16 -23.94 -31.96
CA ALA A 463 9.91 -23.10 -32.88
C ALA A 463 11.30 -22.85 -32.31
N ASP A 464 12.20 -22.43 -33.19
CA ASP A 464 13.58 -22.16 -32.81
C ASP A 464 13.89 -20.68 -32.61
N ILE A 465 13.22 -19.80 -33.36
CA ILE A 465 13.43 -18.36 -33.22
C ILE A 465 12.17 -17.67 -33.72
N ALA A 466 12.03 -16.38 -33.36
CA ALA A 466 10.85 -15.59 -33.72
C ALA A 466 11.34 -14.21 -34.18
N ILE A 467 11.73 -14.13 -35.45
CA ILE A 467 12.09 -12.84 -36.05
C ILE A 467 10.80 -12.15 -36.47
N ALA A 468 10.23 -11.38 -35.56
CA ALA A 468 8.94 -10.75 -35.75
C ALA A 468 8.90 -9.49 -34.90
N PRO A 469 8.00 -8.54 -35.21
CA PRO A 469 7.92 -7.33 -34.38
C PRO A 469 7.33 -7.63 -33.01
N LEU A 470 8.14 -8.23 -32.14
CA LEU A 470 7.71 -8.61 -30.80
C LEU A 470 8.32 -7.63 -29.80
N THR A 471 7.45 -6.99 -29.02
CA THR A 471 7.91 -6.00 -28.05
C THR A 471 8.62 -6.68 -26.88
N ILE A 472 9.74 -6.09 -26.48
CA ILE A 472 10.50 -6.62 -25.34
C ILE A 472 9.83 -6.16 -24.06
N THR A 473 9.33 -7.11 -23.27
CA THR A 473 8.69 -6.82 -22.00
C THR A 473 9.26 -7.71 -20.91
N LEU A 474 9.04 -7.30 -19.66
CA LEU A 474 9.54 -8.06 -18.52
C LEU A 474 8.85 -9.42 -18.44
N VAL A 475 7.56 -9.48 -18.74
CA VAL A 475 6.81 -10.73 -18.64
C VAL A 475 7.33 -11.76 -19.62
N ARG A 476 7.86 -11.32 -20.76
CA ARG A 476 8.39 -12.22 -21.77
C ARG A 476 9.89 -12.47 -21.63
N GLU A 477 10.62 -11.53 -21.05
CA GLU A 477 12.05 -11.74 -20.83
C GLU A 477 12.30 -12.86 -19.83
N GLU A 478 11.35 -13.13 -18.93
CA GLU A 478 11.54 -14.17 -17.94
C GLU A 478 11.52 -15.56 -18.56
N VAL A 479 10.70 -15.77 -19.59
CA VAL A 479 10.52 -17.09 -20.17
C VAL A 479 11.44 -17.31 -21.37
N ILE A 480 11.62 -16.29 -22.20
CA ILE A 480 12.45 -16.38 -23.38
C ILE A 480 13.35 -15.15 -23.45
N ASP A 481 14.55 -15.33 -24.01
CA ASP A 481 15.51 -14.24 -24.10
C ASP A 481 15.18 -13.33 -25.28
N PHE A 482 15.61 -12.08 -25.16
CA PHE A 482 15.38 -11.06 -26.19
C PHE A 482 16.71 -10.51 -26.69
N SER A 483 16.76 -10.22 -27.98
CA SER A 483 17.90 -9.53 -28.56
C SER A 483 17.73 -8.02 -28.39
N LYS A 484 18.80 -7.28 -28.70
CA LYS A 484 18.74 -5.83 -28.62
C LYS A 484 17.70 -5.31 -29.60
N PRO A 485 17.03 -4.21 -29.27
CA PRO A 485 15.94 -3.72 -30.12
C PRO A 485 16.46 -3.24 -31.47
N PHE A 486 15.84 -3.74 -32.54
CA PHE A 486 16.17 -3.30 -33.89
C PHE A 486 15.29 -2.15 -34.36
N MET A 487 14.27 -1.79 -33.60
CA MET A 487 13.39 -0.68 -33.96
C MET A 487 12.69 -0.18 -32.70
N SER A 488 12.82 1.13 -32.45
CA SER A 488 12.23 1.77 -31.28
C SER A 488 10.87 2.36 -31.61
N LEU A 489 10.02 2.47 -30.58
CA LEU A 489 8.65 2.93 -30.72
C LEU A 489 8.16 3.58 -29.44
N GLY A 490 6.93 4.06 -29.52
CA GLY A 490 6.25 4.71 -28.42
C GLY A 490 4.88 5.14 -28.88
N ILE A 491 3.99 5.31 -27.91
CA ILE A 491 2.60 5.63 -28.23
C ILE A 491 2.49 7.07 -28.70
N SER A 492 1.83 7.27 -29.84
CA SER A 492 1.64 8.58 -30.45
C SER A 492 0.17 8.78 -30.78
N ILE A 493 -0.17 10.02 -31.15
CA ILE A 493 -1.55 10.40 -31.43
C ILE A 493 -1.72 10.65 -32.93
N MET A 494 -2.86 10.20 -33.46
CA MET A 494 -3.21 10.31 -34.86
C MET A 494 -4.49 11.11 -35.04
N ILE A 495 -4.44 12.14 -35.88
CA ILE A 495 -5.61 12.95 -36.19
C ILE A 495 -5.72 13.11 -37.69
N LYS A 496 -6.92 13.45 -38.15
CA LYS A 496 -7.16 13.69 -39.56
C LYS A 496 -6.64 15.06 -40.00
N LYS A 497 -6.17 15.10 -41.24
CA LYS A 497 -5.68 16.34 -41.82
C LYS A 497 -6.84 17.33 -41.96
N PRO A 498 -6.69 18.59 -41.54
CA PRO A 498 -7.82 19.52 -41.57
C PRO A 498 -8.22 19.99 -42.96
N GLN A 499 -7.98 19.16 -43.97
CA GLN A 499 -8.41 19.39 -45.35
C GLN A 499 -7.78 20.64 -45.98
N LYS A 500 -8.21 20.96 -47.20
CA LYS A 500 -7.69 22.09 -47.96
C LYS A 500 -8.49 23.36 -47.75
N SER A 501 -9.82 23.24 -47.63
CA SER A 501 -10.73 24.36 -47.41
C SER A 501 -10.61 25.34 -48.58
N LYS A 502 -10.25 26.60 -48.36
CA LYS A 502 -10.13 27.66 -49.37
C LYS A 502 -11.35 27.74 -50.28
N PRO A 503 -12.52 28.17 -49.77
CA PRO A 503 -13.68 28.34 -50.64
C PRO A 503 -13.56 29.58 -51.51
N GLY A 504 -14.12 29.50 -52.71
CA GLY A 504 -14.08 30.62 -53.63
C GLY A 504 -15.43 31.18 -53.99
N VAL A 505 -15.59 32.50 -53.89
CA VAL A 505 -16.80 33.23 -54.24
C VAL A 505 -17.91 32.97 -53.21
N PHE A 506 -18.08 31.71 -52.82
CA PHE A 506 -19.14 31.34 -51.89
C PHE A 506 -18.95 31.98 -50.53
N SER A 507 -17.71 32.11 -50.07
CA SER A 507 -17.42 32.63 -48.75
C SER A 507 -17.39 34.15 -48.67
N PHE A 508 -17.59 34.86 -49.78
CA PHE A 508 -17.44 36.32 -49.76
C PHE A 508 -18.55 36.99 -48.97
N LEU A 509 -19.77 36.46 -49.05
CA LEU A 509 -20.89 37.00 -48.28
C LEU A 509 -20.97 36.43 -46.88
N ASP A 510 -20.23 35.36 -46.60
CA ASP A 510 -20.29 34.72 -45.29
C ASP A 510 -19.88 35.63 -44.13
N PRO A 511 -18.88 36.52 -44.25
CA PRO A 511 -18.54 37.38 -43.10
C PRO A 511 -19.71 38.19 -42.56
N LEU A 512 -20.71 38.52 -43.39
CA LEU A 512 -21.90 39.17 -42.87
C LEU A 512 -22.96 38.12 -42.59
N ALA A 513 -23.90 37.94 -43.53
CA ALA A 513 -24.95 36.95 -43.38
C ALA A 513 -25.61 36.73 -44.74
N TYR A 514 -26.32 35.61 -44.86
CA TYR A 514 -27.11 35.34 -46.05
C TYR A 514 -28.25 36.35 -46.21
N GLU A 515 -28.70 36.96 -45.12
CA GLU A 515 -29.84 37.87 -45.14
C GLU A 515 -29.46 39.33 -45.33
N ILE A 516 -28.35 39.77 -44.75
CA ILE A 516 -27.98 41.18 -44.81
C ILE A 516 -27.62 41.61 -46.24
N TRP A 517 -26.97 40.73 -47.00
CA TRP A 517 -26.59 41.09 -48.36
C TRP A 517 -27.80 41.29 -49.26
N MET A 518 -28.89 40.56 -49.05
CA MET A 518 -30.11 40.82 -49.81
C MET A 518 -30.93 41.96 -49.22
N CYS A 519 -30.56 42.46 -48.04
CA CYS A 519 -31.24 43.61 -47.46
C CYS A 519 -30.53 44.91 -47.78
N ILE A 520 -29.24 44.86 -48.11
CA ILE A 520 -28.52 46.08 -48.48
C ILE A 520 -29.05 46.61 -49.81
N VAL A 521 -29.45 45.71 -50.72
CA VAL A 521 -30.05 46.16 -51.97
C VAL A 521 -31.44 46.69 -51.74
N PHE A 522 -32.18 46.13 -50.79
CA PHE A 522 -33.49 46.71 -50.44
C PHE A 522 -33.32 48.09 -49.82
N ALA A 523 -32.25 48.32 -49.07
CA ALA A 523 -31.98 49.66 -48.57
C ALA A 523 -31.58 50.59 -49.72
N TYR A 524 -30.88 50.04 -50.71
CA TYR A 524 -30.52 50.82 -51.89
C TYR A 524 -31.76 51.27 -52.65
N ILE A 525 -32.71 50.36 -52.87
CA ILE A 525 -33.90 50.76 -53.61
C ILE A 525 -34.82 51.64 -52.75
N GLY A 526 -34.84 51.43 -51.44
CA GLY A 526 -35.60 52.31 -50.57
C GLY A 526 -35.04 53.71 -50.52
N VAL A 527 -33.73 53.87 -50.73
CA VAL A 527 -33.14 55.20 -50.81
C VAL A 527 -33.34 55.78 -52.21
N SER A 528 -33.22 54.95 -53.24
CA SER A 528 -33.39 55.41 -54.61
C SER A 528 -34.81 55.88 -54.87
N VAL A 529 -35.81 55.25 -54.26
CA VAL A 529 -37.19 55.66 -54.51
C VAL A 529 -37.49 56.98 -53.81
N VAL A 530 -36.84 57.25 -52.68
CA VAL A 530 -37.01 58.54 -52.03
C VAL A 530 -36.24 59.63 -52.76
N LEU A 531 -35.07 59.30 -53.29
CA LEU A 531 -34.32 60.26 -54.08
C LEU A 531 -34.99 60.56 -55.41
N PHE A 532 -35.78 59.60 -55.93
CA PHE A 532 -36.54 59.86 -57.15
C PHE A 532 -37.60 60.93 -56.91
N LEU A 533 -38.15 61.01 -55.70
CA LEU A 533 -39.20 61.97 -55.43
C LEU A 533 -38.66 63.30 -54.90
N VAL A 534 -37.58 63.28 -54.11
CA VAL A 534 -37.04 64.53 -53.58
C VAL A 534 -36.16 65.27 -54.58
N SER A 535 -35.91 64.67 -55.75
CA SER A 535 -35.08 65.27 -56.80
C SER A 535 -36.00 65.70 -57.93
N ARG A 536 -36.66 66.86 -57.74
CA ARG A 536 -37.56 67.45 -58.72
C ARG A 536 -38.87 66.66 -58.79
N PHE A 537 -39.89 67.11 -58.07
CA PHE A 537 -41.18 66.45 -58.04
C PHE A 537 -42.14 67.16 -58.98
N SER A 538 -42.64 66.43 -59.98
CA SER A 538 -43.55 66.97 -60.99
C SER A 538 -42.94 68.18 -61.70
N ALA A 563 -35.60 61.68 -67.17
CA ALA A 563 -36.56 61.84 -66.08
C ALA A 563 -36.83 60.51 -65.39
N ILE A 564 -36.79 59.43 -66.16
CA ILE A 564 -37.04 58.09 -65.64
C ILE A 564 -35.75 57.36 -65.33
N PHE A 565 -34.75 57.47 -66.20
CA PHE A 565 -33.44 56.87 -65.95
C PHE A 565 -32.46 57.82 -65.28
N GLN A 566 -32.66 59.13 -65.41
CA GLN A 566 -31.71 60.07 -64.82
C GLN A 566 -31.79 60.04 -63.31
N SER A 567 -32.99 60.08 -62.75
CA SER A 567 -33.17 60.05 -61.30
C SER A 567 -33.09 58.65 -60.71
N ALA A 568 -33.02 57.61 -61.54
CA ALA A 568 -32.86 56.24 -61.06
C ALA A 568 -31.42 55.76 -61.07
N TRP A 569 -30.56 56.32 -61.92
CA TRP A 569 -29.15 55.98 -61.92
C TRP A 569 -28.28 56.93 -61.10
N PHE A 570 -28.75 58.15 -60.81
CA PHE A 570 -27.98 59.02 -59.94
C PHE A 570 -27.91 58.46 -58.53
N SER A 571 -28.89 57.62 -58.15
CA SER A 571 -28.89 57.04 -56.82
C SER A 571 -27.76 56.03 -56.68
N LEU A 572 -27.41 55.32 -57.77
CA LEU A 572 -26.33 54.35 -57.70
C LEU A 572 -25.00 55.06 -57.56
N GLY A 573 -24.93 56.31 -58.04
CA GLY A 573 -23.77 57.14 -57.80
C GLY A 573 -23.57 57.50 -56.34
N ALA A 574 -24.62 57.33 -55.52
CA ALA A 574 -24.48 57.59 -54.10
C ALA A 574 -23.81 56.43 -53.38
N PHE A 575 -24.03 55.20 -53.87
CA PHE A 575 -23.25 54.07 -53.38
C PHE A 575 -21.77 54.23 -53.72
N MET A 576 -21.43 55.18 -54.60
CA MET A 576 -20.03 55.44 -55.00
C MET A 576 -19.35 56.39 -54.03
N GLN A 577 -19.84 57.63 -53.97
CA GLN A 577 -19.25 58.67 -53.13
C GLN A 577 -19.75 58.58 -51.69
N GLN A 578 -20.40 57.46 -51.35
CA GLN A 578 -20.94 57.06 -50.05
C GLN A 578 -22.33 57.63 -49.76
N GLY A 579 -22.97 58.33 -50.67
CA GLY A 579 -24.30 58.82 -50.38
C GLY A 579 -24.63 60.14 -51.05
N ALA A 580 -25.78 60.67 -50.65
CA ALA A 580 -26.38 61.93 -51.04
C ALA A 580 -26.82 62.04 -52.50
N ASP A 581 -27.29 63.24 -52.85
CA ASP A 581 -27.82 63.55 -54.17
C ASP A 581 -26.77 63.48 -55.27
N ILE A 582 -25.54 63.90 -54.98
CA ILE A 582 -24.44 63.99 -55.95
C ILE A 582 -24.89 64.96 -57.03
N SER A 583 -25.57 66.03 -56.63
CA SER A 583 -26.03 67.04 -57.57
C SER A 583 -26.14 68.36 -56.84
N PRO A 584 -26.05 69.48 -57.57
CA PRO A 584 -26.16 70.79 -56.93
C PRO A 584 -27.58 71.18 -56.54
N ARG A 585 -27.64 72.14 -55.63
CA ARG A 585 -28.87 72.79 -55.18
C ARG A 585 -29.97 71.84 -54.72
N SER A 586 -29.60 70.90 -53.85
CA SER A 586 -30.57 69.98 -53.28
C SER A 586 -30.41 70.06 -51.76
N LEU A 587 -31.51 70.25 -51.06
CA LEU A 587 -31.46 70.36 -49.61
C LEU A 587 -32.22 69.27 -48.85
N SER A 588 -33.32 68.76 -49.40
CA SER A 588 -34.06 67.70 -48.71
C SER A 588 -33.43 66.35 -48.93
N GLY A 589 -32.72 66.17 -50.05
CA GLY A 589 -31.96 64.97 -50.31
C GLY A 589 -30.75 64.80 -49.41
N ARG A 590 -30.25 65.91 -48.85
CA ARG A 590 -29.06 65.82 -48.00
C ARG A 590 -29.32 65.04 -46.72
N ILE A 591 -30.56 64.97 -46.24
CA ILE A 591 -30.82 64.14 -45.07
C ILE A 591 -31.03 62.69 -45.47
N VAL A 592 -31.53 62.45 -46.69
CA VAL A 592 -31.60 61.10 -47.22
C VAL A 592 -30.20 60.51 -47.30
N GLY A 593 -29.29 61.21 -47.98
CA GLY A 593 -27.92 60.77 -47.97
C GLY A 593 -27.24 60.85 -46.62
N GLY A 594 -27.78 61.65 -45.70
CA GLY A 594 -27.21 61.71 -44.36
C GLY A 594 -27.44 60.42 -43.60
N VAL A 595 -28.64 59.86 -43.71
CA VAL A 595 -28.87 58.59 -43.04
C VAL A 595 -28.27 57.44 -43.86
N TRP A 596 -28.24 57.58 -45.19
CA TRP A 596 -27.67 56.53 -46.04
C TRP A 596 -26.17 56.37 -45.78
N TRP A 597 -25.44 57.49 -45.69
CA TRP A 597 -23.99 57.43 -45.49
C TRP A 597 -23.66 56.77 -44.15
N PHE A 598 -24.38 57.14 -43.09
CA PHE A 598 -24.15 56.53 -41.80
C PHE A 598 -24.49 55.05 -41.82
N PHE A 599 -25.59 54.68 -42.50
CA PHE A 599 -25.99 53.28 -42.58
C PHE A 599 -24.93 52.45 -43.29
N THR A 600 -24.52 52.87 -44.49
CA THR A 600 -23.49 52.13 -45.21
C THR A 600 -22.14 52.17 -44.49
N LEU A 601 -21.88 53.22 -43.72
CA LEU A 601 -20.65 53.27 -42.91
C LEU A 601 -20.67 52.18 -41.84
N ILE A 602 -21.80 52.05 -41.13
CA ILE A 602 -21.91 50.99 -40.13
C ILE A 602 -21.80 49.63 -40.80
N ILE A 603 -22.39 49.47 -41.99
CA ILE A 603 -22.36 48.18 -42.68
C ILE A 603 -20.92 47.80 -43.04
N ILE A 604 -20.17 48.75 -43.61
CA ILE A 604 -18.79 48.44 -44.02
C ILE A 604 -17.90 48.24 -42.80
N SER A 605 -18.12 49.02 -41.74
CA SER A 605 -17.35 48.84 -40.52
C SER A 605 -17.57 47.47 -39.92
N SER A 606 -18.83 47.03 -39.85
CA SER A 606 -19.11 45.70 -39.32
C SER A 606 -18.57 44.61 -40.23
N TYR A 607 -18.58 44.82 -41.55
CA TYR A 607 -18.01 43.85 -42.47
C TYR A 607 -16.52 43.69 -42.22
N THR A 608 -15.79 44.80 -42.14
CA THR A 608 -14.34 44.72 -41.89
C THR A 608 -14.06 44.10 -40.53
N ALA A 609 -14.84 44.47 -39.51
CA ALA A 609 -14.62 43.92 -38.18
C ALA A 609 -14.83 42.40 -38.16
N ASN A 610 -15.90 41.92 -38.80
CA ASN A 610 -16.14 40.48 -38.83
C ASN A 610 -15.11 39.77 -39.70
N LEU A 611 -14.62 40.41 -40.76
CA LEU A 611 -13.57 39.79 -41.56
C LEU A 611 -12.31 39.60 -40.73
N ALA A 612 -11.98 40.60 -39.91
CA ALA A 612 -10.89 40.42 -38.96
C ALA A 612 -11.21 39.33 -37.95
N ALA A 613 -12.48 39.22 -37.56
CA ALA A 613 -12.89 38.21 -36.59
C ALA A 613 -12.69 36.80 -37.14
N PHE A 614 -12.81 36.62 -38.46
CA PHE A 614 -12.58 35.32 -39.06
C PHE A 614 -11.16 35.14 -39.60
N LEU A 615 -10.37 36.19 -39.67
CA LEU A 615 -8.94 36.04 -39.91
C LEU A 615 -8.13 35.93 -38.62
N THR A 616 -8.76 36.11 -37.47
CA THR A 616 -8.10 35.96 -36.18
C THR A 616 -8.28 34.58 -35.55
N VAL A 617 -9.42 33.91 -35.79
CA VAL A 617 -9.66 32.62 -35.16
C VAL A 617 -9.19 31.45 -36.01
N GLU A 618 -8.72 31.70 -37.24
CA GLU A 618 -8.13 30.67 -38.06
C GLU A 618 -6.62 30.66 -37.98
N ARG A 619 -6.03 31.58 -37.22
CA ARG A 619 -4.59 31.63 -37.05
C ARG A 619 -4.14 31.04 -35.72
N MET A 620 -4.98 31.18 -34.68
CA MET A 620 -4.71 30.64 -33.35
C MET A 620 -4.72 29.12 -33.38
N VAL A 621 -5.91 28.54 -33.56
CA VAL A 621 -6.07 27.08 -33.57
C VAL A 621 -5.05 26.44 -34.49
N SER A 622 -4.39 25.41 -33.96
CA SER A 622 -3.35 24.63 -34.61
C SER A 622 -3.64 23.17 -34.31
N PRO A 623 -3.16 22.24 -35.14
CA PRO A 623 -3.40 20.83 -34.83
C PRO A 623 -2.72 20.48 -33.52
N ILE A 624 -3.44 19.75 -32.67
CA ILE A 624 -2.95 19.43 -31.34
C ILE A 624 -1.98 18.24 -31.33
N GLU A 625 -0.73 18.51 -31.69
CA GLU A 625 0.31 17.50 -31.67
C GLU A 625 0.58 16.96 -30.27
N SER A 626 0.48 17.84 -29.26
CA SER A 626 0.82 17.45 -27.89
C SER A 626 -0.34 16.77 -27.18
N ALA A 627 0.00 15.85 -26.29
CA ALA A 627 -1.00 15.09 -25.54
C ALA A 627 -1.64 15.89 -24.41
N GLU A 628 -0.87 16.74 -23.73
CA GLU A 628 -1.40 17.44 -22.56
C GLU A 628 -2.52 18.41 -22.94
N ASP A 629 -2.32 19.19 -24.01
CA ASP A 629 -3.42 20.03 -24.47
C ASP A 629 -4.50 19.20 -25.15
N LEU A 630 -4.12 18.02 -25.68
CA LEU A 630 -5.12 17.10 -26.20
C LEU A 630 -6.03 16.61 -25.08
N SER A 631 -5.49 16.47 -23.88
CA SER A 631 -6.31 16.13 -22.73
C SER A 631 -7.06 17.36 -22.22
N LYS A 632 -6.50 18.55 -22.45
CA LYS A 632 -7.10 19.80 -22.00
C LYS A 632 -8.23 20.27 -22.90
N GLN A 633 -8.60 19.48 -23.92
CA GLN A 633 -9.72 19.78 -24.78
C GLN A 633 -10.56 18.52 -24.96
N THR A 634 -11.87 18.71 -25.06
CA THR A 634 -12.81 17.60 -25.19
C THR A 634 -13.56 17.58 -26.51
N GLU A 635 -13.31 18.53 -27.41
CA GLU A 635 -13.99 18.53 -28.70
C GLU A 635 -13.57 17.32 -29.53
N ILE A 636 -12.27 17.10 -29.64
CA ILE A 636 -11.73 15.97 -30.38
C ILE A 636 -11.52 14.84 -29.38
N ALA A 637 -12.37 13.83 -29.44
CA ALA A 637 -12.21 12.69 -28.55
C ALA A 637 -10.96 11.93 -28.91
N TYR A 638 -10.49 11.09 -28.00
CA TYR A 638 -9.32 10.27 -28.26
C TYR A 638 -9.47 8.95 -27.54
N GLY A 639 -9.11 7.87 -28.23
CA GLY A 639 -9.31 6.54 -27.68
C GLY A 639 -8.23 5.57 -28.10
N THR A 640 -8.34 4.36 -27.55
CA THR A 640 -7.36 3.30 -27.82
C THR A 640 -8.05 2.08 -28.43
N LEU A 641 -7.64 0.89 -28.00
CA LEU A 641 -8.15 -0.37 -28.54
C LEU A 641 -8.93 -1.18 -27.51
N ASP A 642 -9.61 -0.51 -26.57
CA ASP A 642 -10.43 -1.16 -25.56
C ASP A 642 -9.64 -2.10 -24.66
N SER A 643 -8.76 -2.91 -25.25
CA SER A 643 -7.92 -3.84 -24.51
C SER A 643 -6.55 -3.86 -25.16
N GLY A 644 -5.51 -3.80 -24.34
CA GLY A 644 -4.16 -3.81 -24.85
C GLY A 644 -3.23 -3.04 -23.92
N SER A 645 -1.95 -3.02 -24.29
CA SER A 645 -0.96 -2.34 -23.48
C SER A 645 -1.14 -0.82 -23.55
N THR A 646 -1.72 -0.32 -24.64
CA THR A 646 -1.93 1.12 -24.78
C THR A 646 -2.87 1.64 -23.68
N LYS A 647 -3.94 0.90 -23.41
CA LYS A 647 -4.87 1.31 -22.36
C LYS A 647 -4.26 1.14 -20.98
N GLU A 648 -3.54 0.03 -20.76
CA GLU A 648 -2.92 -0.20 -19.46
C GLU A 648 -1.87 0.86 -19.14
N PHE A 649 -1.20 1.40 -20.16
CA PHE A 649 -0.22 2.46 -19.92
C PHE A 649 -0.88 3.69 -19.34
N PHE A 650 -2.05 4.08 -19.85
CA PHE A 650 -2.78 5.19 -19.26
C PHE A 650 -3.40 4.80 -17.93
N ARG A 651 -3.69 3.51 -17.73
CA ARG A 651 -4.27 3.06 -16.47
C ARG A 651 -3.28 3.21 -15.32
N ARG A 652 -2.12 2.57 -15.43
CA ARG A 652 -1.15 2.58 -14.33
C ARG A 652 -0.11 3.68 -14.46
N SER A 653 -0.52 4.88 -14.88
CA SER A 653 0.40 6.00 -15.04
C SER A 653 0.38 6.88 -13.81
N LYS A 654 1.56 7.36 -13.41
CA LYS A 654 1.68 8.26 -12.27
C LYS A 654 1.72 9.73 -12.67
N ILE A 655 1.95 10.03 -13.93
CA ILE A 655 1.98 11.41 -14.41
C ILE A 655 0.55 11.91 -14.57
N ALA A 656 0.31 13.16 -14.15
CA ALA A 656 -1.04 13.70 -14.15
C ALA A 656 -1.61 13.85 -15.56
N VAL A 657 -0.76 13.98 -16.57
CA VAL A 657 -1.24 14.11 -17.94
C VAL A 657 -1.91 12.82 -18.41
N PHE A 658 -1.18 11.71 -18.32
CA PHE A 658 -1.74 10.43 -18.72
C PHE A 658 -2.88 10.01 -17.79
N ASP A 659 -2.87 10.48 -16.54
CA ASP A 659 -3.98 10.18 -15.64
C ASP A 659 -5.22 10.97 -16.04
N LYS A 660 -5.04 12.21 -16.50
CA LYS A 660 -6.17 12.99 -17.01
C LYS A 660 -6.74 12.34 -18.26
N MET A 661 -5.87 11.91 -19.18
CA MET A 661 -6.36 11.20 -20.37
C MET A 661 -7.08 9.90 -19.98
N TRP A 662 -6.58 9.20 -18.97
CA TRP A 662 -7.18 7.94 -18.58
C TRP A 662 -8.55 8.15 -17.93
N THR A 663 -8.67 9.20 -17.11
CA THR A 663 -9.97 9.52 -16.53
C THR A 663 -10.95 9.98 -17.61
N TYR A 664 -10.47 10.72 -18.61
CA TYR A 664 -11.33 11.11 -19.72
C TYR A 664 -11.83 9.90 -20.49
N MET A 665 -10.94 8.93 -20.75
CA MET A 665 -11.35 7.75 -21.50
C MET A 665 -12.22 6.82 -20.69
N ARG A 666 -12.01 6.76 -19.37
CA ARG A 666 -12.81 5.88 -18.53
C ARG A 666 -14.24 6.39 -18.39
N SER A 667 -14.40 7.70 -18.26
CA SER A 667 -15.72 8.32 -18.18
C SER A 667 -16.10 8.97 -19.51
N ALA A 668 -16.13 8.15 -20.55
CA ALA A 668 -16.39 8.62 -21.91
C ALA A 668 -17.78 8.17 -22.34
N GLU A 669 -18.59 9.13 -22.78
CA GLU A 669 -19.93 8.84 -23.30
C GLU A 669 -20.15 9.63 -24.58
N PRO A 670 -20.23 8.96 -25.75
CA PRO A 670 -20.17 7.51 -25.94
C PRO A 670 -18.79 6.92 -25.65
N SER A 671 -18.71 5.59 -25.56
CA SER A 671 -17.44 4.94 -25.24
C SER A 671 -16.43 5.22 -26.34
N VAL A 672 -15.27 5.77 -25.95
CA VAL A 672 -14.25 6.12 -26.93
C VAL A 672 -13.44 4.91 -27.37
N PHE A 673 -13.48 3.82 -26.61
CA PHE A 673 -12.75 2.61 -26.98
C PHE A 673 -13.42 1.93 -28.16
N VAL A 674 -12.60 1.32 -29.02
CA VAL A 674 -13.09 0.60 -30.19
C VAL A 674 -12.58 -0.83 -30.14
N ARG A 675 -13.20 -1.68 -30.94
CA ARG A 675 -12.86 -3.11 -30.95
C ARG A 675 -11.57 -3.36 -31.74
N THR A 676 -11.52 -2.91 -32.98
CA THR A 676 -10.37 -3.15 -33.85
C THR A 676 -9.71 -1.83 -34.23
N THR A 677 -8.50 -1.96 -34.82
CA THR A 677 -7.76 -0.78 -35.24
C THR A 677 -8.43 -0.11 -36.43
N ALA A 678 -9.02 -0.90 -37.32
CA ALA A 678 -9.72 -0.34 -38.47
C ALA A 678 -10.89 0.53 -38.03
N GLU A 679 -11.50 0.21 -36.88
CA GLU A 679 -12.59 1.05 -36.38
C GLU A 679 -12.06 2.41 -35.94
N GLY A 680 -10.86 2.43 -35.34
CA GLY A 680 -10.27 3.70 -34.96
C GLY A 680 -9.85 4.52 -36.16
N VAL A 681 -9.26 3.87 -37.17
CA VAL A 681 -8.88 4.58 -38.38
C VAL A 681 -10.11 5.15 -39.07
N ALA A 682 -11.19 4.37 -39.16
CA ALA A 682 -12.41 4.86 -39.78
C ALA A 682 -13.05 5.99 -38.98
N ARG A 683 -12.99 5.91 -37.65
CA ARG A 683 -13.54 6.98 -36.82
C ARG A 683 -12.73 8.27 -36.99
N VAL A 684 -11.42 8.15 -37.13
CA VAL A 684 -10.59 9.32 -37.39
C VAL A 684 -10.90 9.89 -38.77
N ARG A 685 -11.09 9.01 -39.77
CA ARG A 685 -11.33 9.46 -41.13
C ARG A 685 -12.74 9.97 -41.36
N LYS A 686 -13.70 9.63 -40.50
CA LYS A 686 -15.08 10.06 -40.70
C LYS A 686 -15.45 11.29 -39.88
N SER A 687 -14.76 11.53 -38.76
CA SER A 687 -15.05 12.68 -37.93
C SER A 687 -14.55 13.99 -38.53
N LYS A 688 -13.85 13.93 -39.66
CA LYS A 688 -13.32 15.13 -40.34
C LYS A 688 -12.40 15.92 -39.40
N GLY A 689 -11.54 15.21 -38.68
CA GLY A 689 -10.60 15.82 -37.78
C GLY A 689 -11.06 15.93 -36.34
N LYS A 690 -12.17 15.30 -35.99
CA LYS A 690 -12.73 15.41 -34.65
C LYS A 690 -12.51 14.15 -33.80
N TYR A 691 -11.67 13.21 -34.26
CA TYR A 691 -11.39 12.01 -33.49
C TYR A 691 -9.92 11.65 -33.58
N ALA A 692 -9.37 11.17 -32.47
CA ALA A 692 -7.97 10.78 -32.36
C ALA A 692 -7.84 9.36 -31.82
N TYR A 693 -6.85 8.64 -32.32
CA TYR A 693 -6.60 7.26 -31.97
C TYR A 693 -5.15 7.09 -31.54
N LEU A 694 -4.94 6.56 -30.34
CA LEU A 694 -3.60 6.37 -29.80
C LEU A 694 -3.11 4.97 -30.16
N LEU A 695 -1.97 4.90 -30.85
CA LEU A 695 -1.38 3.63 -31.24
C LEU A 695 0.10 3.81 -31.52
N GLU A 696 0.80 2.69 -31.64
CA GLU A 696 2.24 2.71 -31.91
C GLU A 696 2.54 3.40 -33.24
N SER A 697 3.72 4.03 -33.31
CA SER A 697 4.03 4.87 -34.47
C SER A 697 4.24 4.06 -35.75
N THR A 698 4.64 2.80 -35.66
CA THR A 698 4.84 2.03 -36.90
C THR A 698 3.55 1.90 -37.69
N MET A 699 2.44 1.62 -37.00
CA MET A 699 1.18 1.53 -37.72
C MET A 699 0.65 2.90 -38.05
N ASN A 700 0.91 3.89 -37.18
CA ASN A 700 0.51 5.26 -37.48
C ASN A 700 1.23 5.78 -38.71
N GLU A 701 2.55 5.54 -38.78
CA GLU A 701 3.33 5.99 -39.93
C GLU A 701 2.96 5.21 -41.19
N TYR A 702 2.69 3.91 -41.05
CA TYR A 702 2.36 3.13 -42.24
C TYR A 702 0.99 3.52 -42.79
N ILE A 703 0.02 3.78 -41.93
CA ILE A 703 -1.27 4.28 -42.39
C ILE A 703 -1.13 5.68 -42.98
N GLU A 704 -0.22 6.50 -42.42
CA GLU A 704 0.00 7.82 -43.00
C GLU A 704 0.66 7.73 -44.36
N GLN A 705 1.43 6.66 -44.62
CA GLN A 705 2.10 6.47 -45.89
C GLN A 705 1.29 5.59 -46.85
N ARG A 706 -0.02 5.48 -46.65
CA ARG A 706 -0.90 4.71 -47.51
C ARG A 706 -2.16 5.54 -47.83
N LYS A 707 -2.80 5.18 -48.93
CA LYS A 707 -3.99 5.89 -49.37
C LYS A 707 -5.08 5.82 -48.32
N PRO A 708 -5.94 6.85 -48.22
CA PRO A 708 -5.90 8.04 -49.07
C PRO A 708 -5.03 9.16 -48.50
N CYS A 709 -4.07 8.81 -47.65
CA CYS A 709 -3.12 9.76 -47.07
C CYS A 709 -3.82 10.91 -46.35
N ASP A 710 -5.02 10.66 -45.84
CA ASP A 710 -5.77 11.68 -45.10
C ASP A 710 -5.56 11.59 -43.59
N THR A 711 -4.81 10.59 -43.12
CA THR A 711 -4.47 10.47 -41.71
C THR A 711 -3.11 11.11 -41.46
N MET A 712 -2.91 11.58 -40.24
CA MET A 712 -1.68 12.29 -39.88
C MET A 712 -1.26 11.93 -38.46
N LYS A 713 0.02 11.63 -38.29
CA LYS A 713 0.59 11.37 -36.97
C LYS A 713 1.11 12.69 -36.41
N VAL A 714 0.48 13.18 -35.36
CA VAL A 714 0.83 14.47 -34.78
C VAL A 714 1.63 14.25 -33.50
N GLY A 715 2.63 15.09 -33.28
CA GLY A 715 3.44 15.03 -32.09
C GLY A 715 4.44 13.89 -32.12
N GLY A 716 4.99 13.61 -30.93
CA GLY A 716 5.97 12.56 -30.77
C GLY A 716 5.48 11.47 -29.83
N ASN A 717 6.34 10.48 -29.65
CA ASN A 717 6.02 9.33 -28.81
C ASN A 717 5.96 9.74 -27.34
N LEU A 718 5.36 8.86 -26.54
CA LEU A 718 5.22 9.08 -25.10
C LEU A 718 6.00 8.10 -24.24
N ASP A 719 6.26 6.90 -24.75
CA ASP A 719 7.02 5.88 -24.01
C ASP A 719 8.12 5.34 -24.90
N SER A 720 9.01 4.56 -24.29
CA SER A 720 10.20 4.01 -24.94
C SER A 720 10.13 2.49 -24.93
N LYS A 721 9.70 1.91 -26.05
CA LYS A 721 9.67 0.45 -26.20
C LYS A 721 10.32 0.09 -27.53
N GLY A 722 10.59 -1.20 -27.72
CA GLY A 722 11.27 -1.63 -28.93
C GLY A 722 10.94 -3.05 -29.30
N TYR A 723 11.07 -3.36 -30.59
CA TYR A 723 10.89 -4.72 -31.08
C TYR A 723 12.23 -5.45 -31.10
N GLY A 724 12.18 -6.73 -30.73
CA GLY A 724 13.40 -7.55 -30.74
C GLY A 724 13.09 -8.97 -31.13
N ILE A 725 14.12 -9.64 -31.64
CA ILE A 725 14.00 -11.05 -32.04
C ILE A 725 14.02 -11.90 -30.79
N ALA A 726 12.94 -12.65 -30.57
CA ALA A 726 12.81 -13.49 -29.38
C ALA A 726 13.47 -14.83 -29.59
N THR A 727 14.36 -15.21 -28.67
CA THR A 727 15.07 -16.46 -28.70
C THR A 727 14.78 -17.26 -27.43
N PRO A 728 14.75 -18.59 -27.51
CA PRO A 728 14.51 -19.39 -26.32
C PRO A 728 15.67 -19.30 -25.34
N LYS A 729 15.35 -19.43 -24.06
CA LYS A 729 16.36 -19.30 -23.02
C LYS A 729 17.34 -20.47 -23.10
N GLY A 730 18.61 -20.15 -23.27
CA GLY A 730 19.63 -21.18 -23.40
C GLY A 730 19.80 -21.72 -24.79
N SER A 731 19.41 -20.96 -25.82
CA SER A 731 19.51 -21.40 -27.19
C SER A 731 20.81 -20.89 -27.82
N SER A 732 21.28 -21.62 -28.83
CA SER A 732 22.55 -21.28 -29.48
C SER A 732 22.44 -19.99 -30.30
N LEU A 733 21.24 -19.62 -30.74
CA LEU A 733 21.06 -18.48 -31.61
C LEU A 733 20.94 -17.15 -30.87
N GLY A 734 20.84 -17.17 -29.54
CA GLY A 734 20.65 -15.97 -28.76
C GLY A 734 21.72 -14.91 -28.98
N THR A 735 22.96 -15.23 -28.61
CA THR A 735 24.05 -14.27 -28.75
C THR A 735 24.36 -13.90 -30.20
N PRO A 736 24.41 -14.83 -31.17
CA PRO A 736 24.68 -14.39 -32.55
C PRO A 736 23.64 -13.44 -33.10
N VAL A 737 22.37 -13.64 -32.79
CA VAL A 737 21.33 -12.71 -33.23
C VAL A 737 21.43 -11.39 -32.47
N ASN A 738 21.72 -11.47 -31.17
CA ASN A 738 21.91 -10.26 -30.36
C ASN A 738 23.02 -9.38 -30.94
N LEU A 739 24.08 -10.00 -31.47
CA LEU A 739 25.15 -9.21 -32.08
C LEU A 739 24.79 -8.79 -33.50
N ALA A 740 24.10 -9.66 -34.26
CA ALA A 740 23.75 -9.34 -35.63
C ALA A 740 22.79 -8.16 -35.72
N VAL A 741 21.89 -8.03 -34.75
CA VAL A 741 20.98 -6.87 -34.74
C VAL A 741 21.77 -5.58 -34.65
N LEU A 742 22.72 -5.51 -33.72
CA LEU A 742 23.57 -4.33 -33.59
C LEU A 742 24.41 -4.14 -34.85
N LYS A 743 24.88 -5.23 -35.46
CA LYS A 743 25.67 -5.11 -36.68
C LYS A 743 24.84 -4.51 -37.81
N LEU A 744 23.57 -4.91 -37.92
CA LEU A 744 22.72 -4.36 -38.97
C LEU A 744 22.31 -2.92 -38.68
N SER A 745 22.16 -2.57 -37.40
CA SER A 745 21.78 -1.21 -37.07
C SER A 745 22.95 -0.24 -37.28
N GLU A 746 24.17 -0.66 -36.93
CA GLU A 746 25.32 0.20 -37.12
C GLU A 746 25.72 0.32 -38.58
N GLN A 747 25.48 -0.73 -39.37
CA GLN A 747 25.75 -0.64 -40.80
C GLN A 747 24.75 0.25 -41.51
N GLY A 748 23.54 0.37 -40.97
CA GLY A 748 22.48 1.12 -41.60
C GLY A 748 21.49 0.28 -42.38
N LEU A 749 21.61 -1.04 -42.34
CA LEU A 749 20.72 -1.89 -43.10
C LEU A 749 19.31 -1.91 -42.52
N LEU A 750 19.19 -1.76 -41.20
CA LEU A 750 17.86 -1.74 -40.59
C LEU A 750 17.08 -0.50 -40.99
N ASP A 751 17.71 0.68 -40.90
CA ASP A 751 17.07 1.90 -41.34
C ASP A 751 16.83 1.88 -42.85
N LYS A 752 17.75 1.27 -43.61
CA LYS A 752 17.54 1.15 -45.05
C LYS A 752 16.33 0.29 -45.37
N LEU A 753 16.13 -0.80 -44.62
CA LEU A 753 14.94 -1.63 -44.84
C LEU A 753 13.68 -0.90 -44.40
N LYS A 754 13.78 -0.13 -43.32
CA LYS A 754 12.64 0.68 -42.88
C LYS A 754 12.20 1.64 -43.96
N ASN A 755 13.16 2.42 -44.50
CA ASN A 755 12.85 3.33 -45.59
C ASN A 755 12.40 2.58 -46.85
N LYS A 756 12.88 1.36 -47.06
CA LYS A 756 12.53 0.61 -48.25
C LYS A 756 11.07 0.16 -48.21
N TRP A 757 10.63 -0.38 -47.08
CA TRP A 757 9.29 -0.96 -46.98
C TRP A 757 8.26 0.01 -46.43
N TRP A 758 8.66 1.18 -45.94
CA TRP A 758 7.73 2.19 -45.45
C TRP A 758 7.54 3.34 -46.42
N TYR A 759 8.63 3.92 -46.92
CA TYR A 759 8.56 5.12 -47.76
C TYR A 759 8.76 4.83 -49.25
N ASP A 760 9.65 3.91 -49.61
CA ASP A 760 9.88 3.62 -51.03
C ASP A 760 8.65 2.99 -51.66
N LYS A 761 8.05 2.00 -51.01
CA LYS A 761 6.84 1.38 -51.50
C LYS A 761 5.57 2.10 -51.06
N GLY A 762 5.70 3.22 -50.36
CA GLY A 762 4.52 3.97 -49.96
C GLY A 762 3.88 4.66 -51.16
N GLU A 763 2.55 4.66 -51.17
CA GLU A 763 1.83 5.25 -52.30
C GLU A 763 2.02 6.76 -52.33
N CYS A 764 2.05 7.40 -51.16
CA CYS A 764 2.29 8.84 -51.04
C CYS A 764 3.79 9.02 -50.84
N GLY A 765 4.53 9.12 -51.95
CA GLY A 765 5.98 9.12 -51.85
C GLY A 765 6.52 10.40 -51.24
N ALA A 766 6.02 11.54 -51.67
CA ALA A 766 6.50 12.82 -51.16
C ALA A 766 5.68 13.18 -49.92
N LYS A 767 5.83 14.41 -49.44
CA LYS A 767 5.05 14.84 -48.29
C LYS A 767 3.58 14.93 -48.66
N ASP A 768 2.71 14.62 -47.70
CA ASP A 768 1.27 14.57 -47.94
C ASP A 768 0.59 15.84 -47.42
N SER A 769 -0.08 16.56 -48.32
CA SER A 769 -0.86 17.75 -47.99
C SER A 769 -0.05 18.78 -47.20
N GLY A 770 1.24 18.89 -47.49
CA GLY A 770 2.05 19.84 -46.76
C GLY A 770 2.61 20.98 -47.59
N SER A 771 2.14 22.19 -47.29
CA SER A 771 2.57 23.41 -47.95
C SER A 771 3.84 23.95 -47.29
N LYS A 772 4.44 24.95 -47.93
CA LYS A 772 5.62 25.60 -47.35
C LYS A 772 5.28 26.22 -45.99
N GLU A 773 4.05 26.68 -45.82
CA GLU A 773 3.57 27.27 -44.58
C GLU A 773 2.06 27.39 -44.67
N LYS A 774 1.38 27.19 -43.55
CA LYS A 774 -0.09 27.13 -43.52
C LYS A 774 -0.70 28.52 -43.59
N THR A 775 -1.08 28.93 -44.81
CA THR A 775 -1.72 30.21 -45.10
C THR A 775 -1.04 31.40 -44.43
N SER A 776 0.10 31.84 -44.97
CA SER A 776 0.81 32.96 -44.38
C SER A 776 0.06 34.27 -44.60
N ALA A 777 -0.59 34.43 -45.76
CA ALA A 777 -1.33 35.64 -46.07
C ALA A 777 -2.74 35.32 -46.57
N LEU A 778 -3.05 35.72 -47.79
CA LEU A 778 -4.35 35.49 -48.42
C LEU A 778 -4.15 34.77 -49.75
N SER A 779 -5.11 33.92 -50.08
CA SER A 779 -5.06 33.12 -51.29
C SER A 779 -5.64 33.88 -52.47
N LEU A 780 -5.30 33.42 -53.68
CA LEU A 780 -5.74 34.10 -54.89
C LEU A 780 -7.23 33.87 -55.14
N SER A 781 -7.68 32.62 -55.02
CA SER A 781 -9.10 32.32 -55.13
C SER A 781 -9.94 33.15 -54.17
N ASN A 782 -9.34 33.65 -53.08
CA ASN A 782 -10.08 34.45 -52.11
C ASN A 782 -10.46 35.82 -52.67
N VAL A 783 -9.60 36.42 -53.49
CA VAL A 783 -9.92 37.73 -54.08
C VAL A 783 -10.37 37.62 -55.54
N ALA A 784 -10.12 36.49 -56.21
CA ALA A 784 -10.49 36.33 -57.60
C ALA A 784 -11.97 36.53 -57.84
N GLY A 785 -12.81 36.23 -56.85
CA GLY A 785 -14.24 36.47 -57.01
C GLY A 785 -14.58 37.94 -57.10
N VAL A 786 -13.98 38.76 -56.22
CA VAL A 786 -14.16 40.21 -56.32
C VAL A 786 -13.64 40.72 -57.65
N PHE A 787 -12.49 40.18 -58.10
CA PHE A 787 -12.01 40.55 -59.42
C PHE A 787 -12.99 40.15 -60.52
N TYR A 788 -13.67 39.02 -60.35
CA TYR A 788 -14.63 38.56 -61.35
C TYR A 788 -15.87 39.46 -61.36
N ILE A 789 -16.31 39.90 -60.19
CA ILE A 789 -17.47 40.80 -60.15
C ILE A 789 -17.07 42.17 -60.70
N LEU A 790 -15.79 42.53 -60.60
CA LEU A 790 -15.33 43.77 -61.21
C LEU A 790 -15.35 43.65 -62.72
N VAL A 791 -14.81 42.55 -63.25
CA VAL A 791 -14.81 42.33 -64.70
C VAL A 791 -16.24 42.28 -65.22
N GLY A 792 -17.14 41.60 -64.51
CA GLY A 792 -18.53 41.56 -64.93
C GLY A 792 -19.20 42.92 -64.91
N GLY A 793 -18.88 43.74 -63.91
CA GLY A 793 -19.41 45.10 -63.89
C GLY A 793 -18.88 45.93 -65.05
N LEU A 794 -17.59 45.78 -65.36
CA LEU A 794 -17.00 46.49 -66.48
C LEU A 794 -17.64 46.05 -67.79
N GLY A 795 -17.90 44.76 -67.94
CA GLY A 795 -18.58 44.27 -69.13
C GLY A 795 -19.99 44.83 -69.26
N LEU A 796 -20.75 44.82 -68.17
CA LEU A 796 -22.09 45.41 -68.20
C LEU A 796 -22.03 46.90 -68.55
N ALA A 797 -21.03 47.60 -68.02
CA ALA A 797 -20.86 49.01 -68.35
C ALA A 797 -20.46 49.20 -69.81
N MET A 798 -19.72 48.25 -70.39
CA MET A 798 -19.41 48.30 -71.81
C MET A 798 -20.66 48.09 -72.63
N LEU A 799 -21.55 47.20 -72.19
CA LEU A 799 -22.83 47.01 -72.86
C LEU A 799 -23.65 48.29 -72.82
N VAL A 800 -23.71 48.92 -71.64
CA VAL A 800 -24.43 50.18 -71.50
C VAL A 800 -23.84 51.26 -72.40
N ALA A 801 -22.51 51.34 -72.47
CA ALA A 801 -21.88 52.29 -73.38
C ALA A 801 -22.20 51.98 -74.84
N LEU A 802 -22.31 50.69 -75.17
CA LEU A 802 -22.64 50.29 -76.54
C LEU A 802 -24.06 50.69 -76.90
N ILE A 803 -24.99 50.57 -75.97
CA ILE A 803 -26.35 51.02 -76.25
C ILE A 803 -26.48 52.54 -76.14
N GLU A 804 -25.52 53.20 -75.47
CA GLU A 804 -25.55 54.65 -75.35
C GLU A 804 -25.05 55.36 -76.61
N PHE A 805 -23.94 54.89 -77.19
CA PHE A 805 -23.44 55.59 -78.37
C PHE A 805 -24.32 55.35 -79.60
N CYS A 806 -25.07 54.25 -79.62
CA CYS A 806 -25.93 53.98 -80.76
C CYS A 806 -27.12 54.94 -80.82
N TYR A 807 -27.55 55.45 -79.66
CA TYR A 807 -28.62 56.44 -79.61
C TYR A 807 -28.19 57.75 -80.25
N LYS A 808 -27.86 57.71 -81.54
CA LYS A 808 -27.38 58.88 -82.29
C LYS A 808 -26.24 59.60 -81.57
N ASN B 1 -18.43 -77.65 18.42
CA ASN B 1 -18.61 -76.44 19.21
C ASN B 1 -17.33 -75.62 19.24
N SER B 2 -16.26 -76.21 19.77
CA SER B 2 -14.97 -75.52 19.86
C SER B 2 -14.39 -75.34 18.45
N ILE B 3 -14.37 -74.10 17.98
CA ILE B 3 -13.89 -73.77 16.64
C ILE B 3 -12.47 -73.22 16.79
N GLN B 4 -11.50 -73.99 16.33
CA GLN B 4 -10.09 -73.57 16.37
C GLN B 4 -9.84 -72.47 15.35
N ILE B 5 -9.43 -71.29 15.82
CA ILE B 5 -9.11 -70.18 14.93
C ILE B 5 -7.72 -69.66 15.27
N GLY B 6 -7.02 -69.19 14.23
CA GLY B 6 -5.67 -68.69 14.41
C GLY B 6 -5.65 -67.23 14.82
N GLY B 7 -4.63 -66.87 15.60
CA GLY B 7 -4.48 -65.51 16.09
C GLY B 7 -3.04 -65.02 16.03
N LEU B 8 -2.61 -64.54 14.86
CA LEU B 8 -1.24 -64.07 14.68
C LEU B 8 -1.16 -62.60 15.10
N PHE B 9 -0.33 -62.30 16.09
CA PHE B 9 -0.22 -60.93 16.57
C PHE B 9 1.23 -60.47 16.56
N PRO B 10 1.46 -59.19 16.33
CA PRO B 10 2.82 -58.64 16.49
C PRO B 10 3.20 -58.56 17.96
N ARG B 11 4.51 -58.62 18.22
CA ARG B 11 4.99 -58.58 19.60
C ARG B 11 4.69 -57.25 20.27
N GLY B 12 4.52 -56.18 19.51
CA GLY B 12 4.20 -54.87 20.05
C GLY B 12 2.72 -54.58 20.20
N ALA B 13 1.85 -55.55 19.97
CA ALA B 13 0.41 -55.37 20.06
C ALA B 13 -0.03 -55.63 21.49
N ASP B 14 -0.51 -54.60 22.17
CA ASP B 14 -0.99 -54.72 23.55
C ASP B 14 -2.47 -54.41 23.68
N GLN B 15 -2.89 -53.18 23.37
CA GLN B 15 -4.31 -52.85 23.44
C GLN B 15 -5.12 -53.63 22.41
N GLU B 16 -4.50 -53.98 21.29
CA GLU B 16 -5.18 -54.79 20.28
C GLU B 16 -5.49 -56.18 20.81
N TYR B 17 -4.52 -56.82 21.46
CA TYR B 17 -4.77 -58.13 22.05
C TYR B 17 -5.76 -58.03 23.21
N SER B 18 -5.71 -56.93 23.96
CA SER B 18 -6.67 -56.73 25.04
C SER B 18 -8.10 -56.66 24.49
N ALA B 19 -8.29 -55.88 23.42
CA ALA B 19 -9.60 -55.82 22.78
C ALA B 19 -9.97 -57.16 22.16
N PHE B 20 -8.99 -57.93 21.70
CA PHE B 20 -9.27 -59.28 21.20
C PHE B 20 -9.81 -60.17 22.31
N ARG B 21 -9.26 -60.01 23.52
CA ARG B 21 -9.76 -60.81 24.64
C ARG B 21 -11.14 -60.34 25.07
N VAL B 22 -11.36 -59.03 25.08
CA VAL B 22 -12.68 -58.50 25.45
C VAL B 22 -13.74 -58.96 24.45
N GLY B 23 -13.41 -58.97 23.16
CA GLY B 23 -14.32 -59.50 22.17
C GLY B 23 -14.51 -61.00 22.28
N MET B 24 -13.46 -61.73 22.67
CA MET B 24 -13.61 -63.16 22.90
C MET B 24 -14.56 -63.44 24.06
N VAL B 25 -14.53 -62.59 25.08
CA VAL B 25 -15.40 -62.78 26.23
C VAL B 25 -16.84 -62.34 25.91
N GLN B 26 -16.99 -61.24 25.18
CA GLN B 26 -18.33 -60.70 24.92
C GLN B 26 -19.15 -61.61 24.02
N PHE B 27 -18.51 -62.30 23.07
CA PHE B 27 -19.26 -63.12 22.13
C PHE B 27 -18.87 -64.59 22.24
N SER B 28 -18.91 -65.14 23.44
CA SER B 28 -18.63 -66.55 23.68
C SER B 28 -19.94 -67.22 24.10
N THR B 29 -20.81 -67.44 23.10
CA THR B 29 -22.10 -68.05 23.38
C THR B 29 -21.93 -69.53 23.72
N SER B 30 -22.96 -70.09 24.36
CA SER B 30 -22.94 -71.51 24.69
C SER B 30 -23.17 -72.39 23.47
N GLU B 31 -23.67 -71.81 22.37
CA GLU B 31 -23.90 -72.59 21.15
C GLU B 31 -22.57 -73.12 20.61
N PHE B 32 -21.55 -72.29 20.64
CA PHE B 32 -20.22 -72.64 20.14
C PHE B 32 -19.24 -71.63 20.71
N ARG B 33 -18.02 -72.10 20.97
CA ARG B 33 -16.97 -71.25 21.50
C ARG B 33 -15.79 -71.25 20.54
N LEU B 34 -15.23 -70.07 20.30
CA LEU B 34 -14.08 -69.93 19.42
C LEU B 34 -12.81 -70.04 20.26
N THR B 35 -12.02 -71.08 19.99
CA THR B 35 -10.76 -71.27 20.69
C THR B 35 -9.64 -70.69 19.86
N PRO B 36 -8.94 -69.66 20.34
CA PRO B 36 -7.88 -69.06 19.53
C PRO B 36 -6.51 -69.61 19.88
N HIS B 37 -5.71 -69.86 18.85
CA HIS B 37 -4.31 -70.22 19.02
C HIS B 37 -3.48 -68.98 18.73
N ILE B 38 -2.93 -68.38 19.77
CA ILE B 38 -2.23 -67.11 19.68
C ILE B 38 -0.77 -67.35 19.36
N ASP B 39 -0.25 -66.62 18.37
CA ASP B 39 1.16 -66.69 17.99
C ASP B 39 1.68 -65.26 17.91
N ASN B 40 2.50 -64.87 18.89
CA ASN B 40 3.13 -63.56 18.91
C ASN B 40 4.51 -63.68 18.26
N LEU B 41 4.68 -63.01 17.12
CA LEU B 41 5.93 -63.07 16.36
C LEU B 41 6.17 -61.73 15.71
N GLU B 42 7.32 -61.61 15.06
CA GLU B 42 7.71 -60.37 14.38
C GLU B 42 6.90 -60.24 13.09
N VAL B 43 6.12 -59.17 12.99
CA VAL B 43 5.23 -58.99 11.84
C VAL B 43 6.01 -58.63 10.58
N ALA B 44 7.21 -58.06 10.71
CA ALA B 44 7.96 -57.63 9.53
C ALA B 44 8.60 -58.80 8.80
N ASN B 45 9.19 -59.74 9.54
CA ASN B 45 9.88 -60.88 8.94
C ASN B 45 8.86 -61.79 8.26
N SER B 46 8.94 -61.86 6.92
CA SER B 46 8.01 -62.70 6.18
C SER B 46 8.33 -64.18 6.30
N PHE B 47 9.56 -64.54 6.65
CA PHE B 47 9.88 -65.94 6.88
C PHE B 47 9.21 -66.46 8.14
N ALA B 48 9.24 -65.67 9.22
CA ALA B 48 8.51 -66.05 10.43
C ALA B 48 7.01 -66.03 10.20
N VAL B 49 6.52 -65.10 9.35
CA VAL B 49 5.10 -65.08 9.02
C VAL B 49 4.71 -66.36 8.27
N THR B 50 5.55 -66.80 7.33
CA THR B 50 5.29 -68.04 6.62
C THR B 50 5.33 -69.24 7.56
N ASN B 51 6.29 -69.25 8.49
CA ASN B 51 6.40 -70.35 9.44
C ASN B 51 5.17 -70.42 10.33
N ALA B 52 4.71 -69.26 10.83
CA ALA B 52 3.53 -69.25 11.69
C ALA B 52 2.27 -69.63 10.92
N PHE B 53 2.15 -69.16 9.67
CA PHE B 53 1.00 -69.53 8.86
C PHE B 53 0.98 -71.03 8.60
N CYS B 54 2.14 -71.62 8.28
CA CYS B 54 2.16 -73.06 8.04
C CYS B 54 1.98 -73.85 9.33
N SER B 55 2.35 -73.27 10.47
CA SER B 55 2.08 -73.93 11.74
C SER B 55 0.58 -73.94 12.04
N GLN B 56 -0.10 -72.82 11.82
CA GLN B 56 -1.54 -72.78 12.01
C GLN B 56 -2.25 -73.69 11.01
N PHE B 57 -1.76 -73.72 9.76
CA PHE B 57 -2.35 -74.60 8.76
C PHE B 57 -2.16 -76.07 9.13
N SER B 58 -1.00 -76.40 9.72
CA SER B 58 -0.77 -77.77 10.16
C SER B 58 -1.59 -78.11 11.40
N ARG B 59 -1.95 -77.10 12.21
CA ARG B 59 -2.82 -77.37 13.36
C ARG B 59 -4.25 -77.62 12.92
N GLY B 60 -4.70 -76.92 11.86
CA GLY B 60 -6.04 -77.14 11.34
C GLY B 60 -7.01 -76.01 11.68
N VAL B 61 -6.54 -74.77 11.60
CA VAL B 61 -7.39 -73.62 11.90
C VAL B 61 -8.35 -73.37 10.75
N TYR B 62 -9.51 -72.80 11.09
CA TYR B 62 -10.54 -72.48 10.10
C TYR B 62 -10.40 -71.06 9.58
N ALA B 63 -10.04 -70.11 10.44
CA ALA B 63 -9.88 -68.72 10.04
C ALA B 63 -8.77 -68.08 10.87
N ILE B 64 -7.82 -67.47 10.18
CA ILE B 64 -6.69 -66.80 10.83
C ILE B 64 -6.98 -65.32 10.93
N PHE B 65 -6.82 -64.76 12.13
CA PHE B 65 -6.96 -63.33 12.38
C PHE B 65 -5.58 -62.78 12.73
N GLY B 66 -5.10 -61.83 11.94
CA GLY B 66 -3.78 -61.29 12.20
C GLY B 66 -3.59 -59.90 11.66
N PHE B 67 -2.32 -59.50 11.59
CA PHE B 67 -1.90 -58.22 11.06
C PHE B 67 -0.76 -58.47 10.07
N TYR B 68 -0.42 -57.43 9.31
CA TYR B 68 0.68 -57.55 8.36
C TYR B 68 1.33 -56.20 8.14
N ASP B 69 2.57 -56.24 7.69
CA ASP B 69 3.35 -55.08 7.29
C ASP B 69 3.63 -55.16 5.79
N LYS B 70 4.26 -54.11 5.26
CA LYS B 70 4.53 -54.01 3.83
C LYS B 70 5.26 -55.23 3.26
N LYS B 71 5.98 -55.97 4.10
CA LYS B 71 6.67 -57.16 3.61
C LYS B 71 5.75 -58.38 3.55
N SER B 72 4.87 -58.51 4.53
CA SER B 72 4.05 -59.71 4.69
C SER B 72 2.76 -59.70 3.89
N VAL B 73 2.37 -58.56 3.30
CA VAL B 73 1.09 -58.49 2.58
C VAL B 73 1.03 -59.53 1.49
N ASN B 74 2.09 -59.60 0.66
CA ASN B 74 2.07 -60.50 -0.49
C ASN B 74 2.12 -61.96 -0.05
N THR B 75 2.86 -62.27 1.02
CA THR B 75 2.94 -63.65 1.46
C THR B 75 1.61 -64.12 2.04
N ILE B 76 0.94 -63.25 2.80
CA ILE B 76 -0.33 -63.62 3.40
C ILE B 76 -1.40 -63.76 2.32
N THR B 77 -1.47 -62.79 1.40
CA THR B 77 -2.48 -62.86 0.35
C THR B 77 -2.25 -64.06 -0.56
N SER B 78 -1.00 -64.33 -0.95
CA SER B 78 -0.72 -65.42 -1.85
C SER B 78 -0.82 -66.79 -1.17
N PHE B 79 -0.73 -66.83 0.16
CA PHE B 79 -0.92 -68.10 0.85
C PHE B 79 -2.39 -68.37 1.10
N CYS B 80 -3.15 -67.35 1.49
CA CYS B 80 -4.58 -67.53 1.73
C CYS B 80 -5.36 -67.73 0.42
N GLY B 81 -4.90 -67.13 -0.68
CA GLY B 81 -5.59 -67.31 -1.94
C GLY B 81 -5.44 -68.71 -2.50
N THR B 82 -4.25 -69.31 -2.32
CA THR B 82 -3.99 -70.64 -2.84
C THR B 82 -4.44 -71.75 -1.91
N LEU B 83 -4.24 -71.59 -0.59
CA LEU B 83 -4.63 -72.61 0.37
C LEU B 83 -6.06 -72.47 0.87
N HIS B 84 -6.80 -71.47 0.39
CA HIS B 84 -8.22 -71.31 0.71
C HIS B 84 -8.46 -71.16 2.20
N VAL B 85 -7.58 -70.44 2.88
CA VAL B 85 -7.70 -70.17 4.30
C VAL B 85 -8.24 -68.76 4.49
N SER B 86 -9.24 -68.62 5.36
CA SER B 86 -9.83 -67.32 5.62
C SER B 86 -8.91 -66.47 6.49
N PHE B 87 -8.77 -65.21 6.13
CA PHE B 87 -7.92 -64.26 6.85
C PHE B 87 -8.71 -63.01 7.18
N ILE B 88 -8.57 -62.53 8.40
CA ILE B 88 -9.22 -61.31 8.86
C ILE B 88 -8.15 -60.39 9.44
N THR B 89 -8.14 -59.13 9.01
CA THR B 89 -7.12 -58.21 9.45
C THR B 89 -7.66 -56.79 9.59
N PRO B 90 -7.31 -56.08 10.66
CA PRO B 90 -7.69 -54.66 10.79
C PRO B 90 -6.70 -53.69 10.16
N SER B 91 -5.65 -54.18 9.51
CA SER B 91 -4.63 -53.32 8.94
C SER B 91 -5.16 -52.62 7.69
N PHE B 92 -4.26 -51.96 6.96
CA PHE B 92 -4.67 -51.22 5.78
C PHE B 92 -5.13 -52.17 4.68
N PRO B 93 -6.14 -51.79 3.89
CA PRO B 93 -6.64 -52.68 2.84
C PRO B 93 -5.64 -52.83 1.70
N THR B 94 -5.66 -53.99 1.08
CA THR B 94 -4.75 -54.27 -0.02
C THR B 94 -5.14 -53.47 -1.26
N ASP B 95 -4.13 -53.07 -2.03
CA ASP B 95 -4.33 -52.32 -3.26
C ASP B 95 -4.87 -53.24 -4.35
N GLY B 96 -6.12 -53.04 -4.75
CA GLY B 96 -6.70 -53.85 -5.80
C GLY B 96 -7.70 -54.87 -5.30
N THR B 97 -7.76 -56.02 -5.96
CA THR B 97 -8.68 -57.10 -5.59
C THR B 97 -7.86 -58.28 -5.09
N HIS B 98 -8.15 -58.71 -3.85
CA HIS B 98 -7.46 -59.82 -3.24
C HIS B 98 -8.49 -60.68 -2.52
N PRO B 99 -8.52 -61.98 -2.79
CA PRO B 99 -9.52 -62.85 -2.17
C PRO B 99 -9.03 -63.44 -0.85
N PHE B 100 -9.98 -64.03 -0.11
CA PHE B 100 -9.74 -64.70 1.16
C PHE B 100 -9.14 -63.76 2.21
N VAL B 101 -9.33 -62.46 2.06
CA VAL B 101 -8.85 -61.47 3.02
C VAL B 101 -9.99 -60.51 3.35
N ILE B 102 -10.23 -60.32 4.64
CA ILE B 102 -11.30 -59.43 5.12
C ILE B 102 -10.60 -58.30 5.87
N GLN B 103 -10.49 -57.15 5.21
CA GLN B 103 -9.84 -55.98 5.79
C GLN B 103 -10.86 -55.18 6.58
N MET B 104 -10.71 -55.17 7.91
CA MET B 104 -11.67 -54.46 8.76
C MET B 104 -11.54 -52.96 8.60
N ARG B 105 -10.36 -52.46 8.25
CA ARG B 105 -10.17 -51.02 8.13
C ARG B 105 -10.83 -50.52 6.85
N PRO B 106 -11.58 -49.43 6.90
CA PRO B 106 -12.23 -48.90 5.70
C PRO B 106 -11.24 -48.12 4.84
N ASP B 107 -11.72 -47.69 3.68
CA ASP B 107 -10.91 -46.95 2.73
C ASP B 107 -10.96 -45.45 3.09
N LEU B 108 -9.79 -44.87 3.34
CA LEU B 108 -9.70 -43.48 3.78
C LEU B 108 -9.27 -42.53 2.68
N LYS B 109 -8.85 -43.04 1.52
CA LYS B 109 -8.37 -42.15 0.45
C LYS B 109 -9.46 -41.19 0.01
N GLY B 110 -10.67 -41.71 -0.22
CA GLY B 110 -11.77 -40.85 -0.61
C GLY B 110 -12.16 -39.88 0.48
N ALA B 111 -11.94 -40.23 1.74
CA ALA B 111 -12.23 -39.31 2.83
C ALA B 111 -11.29 -38.11 2.79
N LEU B 112 -9.99 -38.37 2.66
CA LEU B 112 -9.02 -37.28 2.58
C LEU B 112 -9.25 -36.45 1.32
N LEU B 113 -9.59 -37.11 0.21
CA LEU B 113 -9.83 -36.37 -1.03
C LEU B 113 -11.04 -35.45 -0.90
N SER B 114 -12.14 -35.97 -0.34
CA SER B 114 -13.32 -35.14 -0.13
C SER B 114 -13.07 -34.03 0.88
N LEU B 115 -12.18 -34.26 1.85
CA LEU B 115 -11.87 -33.20 2.80
C LEU B 115 -11.02 -32.10 2.16
N ILE B 116 -10.10 -32.49 1.27
CA ILE B 116 -9.35 -31.49 0.49
C ILE B 116 -10.30 -30.72 -0.41
N GLU B 117 -11.30 -31.41 -0.98
CA GLU B 117 -12.31 -30.72 -1.78
C GLU B 117 -13.11 -29.74 -0.95
N TYR B 118 -13.43 -30.10 0.30
CA TYR B 118 -14.22 -29.22 1.15
C TYR B 118 -13.42 -28.00 1.59
N TYR B 119 -12.15 -28.20 1.94
CA TYR B 119 -11.29 -27.10 2.34
C TYR B 119 -10.78 -26.26 1.17
N GLN B 120 -10.91 -26.77 -0.07
CA GLN B 120 -10.48 -26.06 -1.27
C GLN B 120 -8.98 -25.72 -1.20
N TRP B 121 -8.18 -26.78 -1.18
CA TRP B 121 -6.74 -26.66 -1.15
C TRP B 121 -6.16 -26.87 -2.55
N ASP B 122 -5.21 -26.01 -2.93
CA ASP B 122 -4.56 -26.09 -4.23
C ASP B 122 -3.06 -26.37 -4.14
N LYS B 123 -2.41 -26.00 -3.04
CA LYS B 123 -0.98 -26.21 -2.88
C LYS B 123 -0.71 -26.51 -1.42
N PHE B 124 -0.18 -27.70 -1.14
CA PHE B 124 0.06 -28.14 0.23
C PHE B 124 1.21 -29.14 0.24
N ALA B 125 1.58 -29.59 1.43
CA ALA B 125 2.65 -30.54 1.63
C ALA B 125 2.08 -31.87 2.10
N TYR B 126 2.79 -32.95 1.80
CA TYR B 126 2.32 -34.31 2.11
C TYR B 126 3.51 -35.09 2.67
N LEU B 127 3.56 -35.20 3.99
CA LEU B 127 4.61 -35.98 4.65
C LEU B 127 4.09 -37.40 4.85
N TYR B 128 4.60 -38.34 4.06
CA TYR B 128 4.07 -39.69 4.02
C TYR B 128 5.06 -40.68 4.64
N ASP B 129 4.52 -41.82 5.07
CA ASP B 129 5.28 -42.91 5.64
C ASP B 129 5.34 -44.06 4.63
N SER B 130 6.50 -44.72 4.57
CA SER B 130 6.67 -45.82 3.62
C SER B 130 6.02 -47.11 4.10
N ASP B 131 6.02 -47.36 5.41
CA ASP B 131 5.45 -48.60 5.92
C ASP B 131 3.93 -48.61 5.86
N ARG B 132 3.29 -47.44 5.88
CA ARG B 132 1.84 -47.36 5.87
C ARG B 132 1.24 -47.57 4.49
N GLY B 133 2.07 -47.77 3.46
CA GLY B 133 1.56 -48.01 2.13
C GLY B 133 1.41 -46.73 1.32
N LEU B 134 1.88 -46.76 0.06
CA LEU B 134 1.82 -45.62 -0.84
C LEU B 134 0.52 -45.53 -1.60
N SER B 135 -0.53 -46.22 -1.15
CA SER B 135 -1.80 -46.20 -1.87
C SER B 135 -2.42 -44.80 -1.87
N THR B 136 -2.49 -44.18 -0.69
CA THR B 136 -3.05 -42.83 -0.60
C THR B 136 -2.19 -41.84 -1.36
N LEU B 137 -0.85 -42.01 -1.30
CA LEU B 137 0.03 -41.12 -2.03
C LEU B 137 -0.18 -41.24 -3.54
N GLN B 138 -0.40 -42.47 -4.02
CA GLN B 138 -0.68 -42.65 -5.45
C GLN B 138 -2.03 -42.04 -5.82
N ALA B 139 -3.03 -42.17 -4.93
CA ALA B 139 -4.34 -41.61 -5.22
C ALA B 139 -4.28 -40.08 -5.31
N VAL B 140 -3.55 -39.45 -4.39
CA VAL B 140 -3.48 -37.99 -4.44
C VAL B 140 -2.56 -37.53 -5.56
N LEU B 141 -1.56 -38.33 -5.94
CA LEU B 141 -0.74 -37.96 -7.10
C LEU B 141 -1.53 -38.05 -8.39
N ASP B 142 -2.38 -39.08 -8.52
CA ASP B 142 -3.23 -39.17 -9.70
C ASP B 142 -4.30 -38.08 -9.72
N SER B 143 -4.79 -37.67 -8.55
CA SER B 143 -5.74 -36.56 -8.52
C SER B 143 -5.05 -35.22 -8.75
N ALA B 144 -3.74 -35.15 -8.53
CA ALA B 144 -2.98 -33.93 -8.76
C ALA B 144 -2.86 -33.58 -10.25
N ALA B 145 -3.37 -34.45 -11.13
CA ALA B 145 -3.46 -34.14 -12.55
C ALA B 145 -4.91 -33.95 -13.00
N GLU B 146 -5.85 -34.67 -12.40
CA GLU B 146 -7.26 -34.45 -12.72
C GLU B 146 -7.72 -33.07 -12.26
N LYS B 147 -7.29 -32.66 -11.07
CA LYS B 147 -7.65 -31.34 -10.55
C LYS B 147 -6.47 -30.38 -10.47
N LYS B 148 -5.28 -30.83 -10.89
CA LYS B 148 -4.09 -29.98 -11.00
C LYS B 148 -3.73 -29.34 -9.66
N TRP B 149 -3.00 -30.07 -8.83
CA TRP B 149 -2.48 -29.55 -7.57
C TRP B 149 -0.96 -29.58 -7.58
N GLN B 150 -0.35 -28.69 -6.79
CA GLN B 150 1.09 -28.67 -6.59
C GLN B 150 1.36 -29.23 -5.20
N VAL B 151 1.62 -30.54 -5.14
CA VAL B 151 1.84 -31.25 -3.88
C VAL B 151 3.33 -31.52 -3.72
N THR B 152 3.82 -31.33 -2.50
CA THR B 152 5.22 -31.56 -2.15
C THR B 152 5.25 -32.77 -1.21
N ALA B 153 5.47 -33.94 -1.78
CA ALA B 153 5.47 -35.19 -1.02
C ALA B 153 6.87 -35.50 -0.52
N ILE B 154 7.01 -35.71 0.78
CA ILE B 154 8.29 -36.05 1.40
C ILE B 154 8.15 -37.36 2.17
N ASN B 155 9.14 -38.24 2.00
CA ASN B 155 9.19 -39.53 2.68
C ASN B 155 9.88 -39.34 4.02
N VAL B 156 9.09 -38.99 5.03
CA VAL B 156 9.63 -38.83 6.39
C VAL B 156 9.79 -40.16 7.11
N GLY B 157 9.37 -41.26 6.49
CA GLY B 157 9.41 -42.54 7.17
C GLY B 157 10.82 -43.05 7.42
N ASN B 158 11.73 -42.81 6.47
CA ASN B 158 13.09 -43.32 6.58
C ASN B 158 13.96 -42.27 7.26
N ILE B 159 13.85 -42.22 8.58
CA ILE B 159 14.66 -41.34 9.41
C ILE B 159 15.16 -42.14 10.61
N ASN B 160 16.36 -41.80 11.08
CA ASN B 160 16.96 -42.47 12.23
C ASN B 160 16.65 -41.68 13.50
N ASN B 161 16.45 -42.41 14.60
CA ASN B 161 16.10 -41.76 15.87
C ASN B 161 17.25 -40.96 16.45
N ASP B 162 18.49 -41.24 16.05
CA ASP B 162 19.61 -40.47 16.55
C ASP B 162 19.65 -39.08 15.91
N LYS B 163 19.50 -39.02 14.59
CA LYS B 163 19.43 -37.76 13.85
C LYS B 163 17.99 -37.27 13.69
N LYS B 164 17.11 -37.66 14.60
CA LYS B 164 15.68 -37.32 14.47
C LYS B 164 15.47 -35.81 14.54
N ASP B 165 16.00 -35.16 15.57
CA ASP B 165 15.80 -33.72 15.74
C ASP B 165 16.39 -32.92 14.60
N GLU B 166 17.45 -33.43 13.98
CA GLU B 166 18.08 -32.71 12.87
C GLU B 166 17.31 -32.87 11.57
N THR B 167 16.86 -34.10 11.27
CA THR B 167 16.18 -34.35 9.99
C THR B 167 14.85 -33.64 9.91
N TYR B 168 14.08 -33.60 11.01
CA TYR B 168 12.79 -32.94 10.99
C TYR B 168 12.92 -31.42 10.81
N ARG B 169 13.85 -30.81 11.55
CA ARG B 169 14.06 -29.37 11.41
C ARG B 169 14.54 -29.01 10.02
N SER B 170 15.43 -29.83 9.44
CA SER B 170 15.86 -29.60 8.06
C SER B 170 14.71 -29.79 7.08
N LEU B 171 13.81 -30.73 7.39
CA LEU B 171 12.65 -30.95 6.52
C LEU B 171 11.73 -29.74 6.53
N PHE B 172 11.46 -29.18 7.70
CA PHE B 172 10.57 -28.03 7.74
C PHE B 172 11.24 -26.77 7.22
N GLN B 173 12.56 -26.63 7.40
CA GLN B 173 13.27 -25.54 6.75
C GLN B 173 13.25 -25.67 5.24
N ASP B 174 13.26 -26.91 4.72
CA ASP B 174 13.10 -27.12 3.28
C ASP B 174 11.67 -26.88 2.83
N LEU B 175 10.69 -27.09 3.71
CA LEU B 175 9.30 -26.83 3.39
C LEU B 175 8.95 -25.36 3.49
N GLU B 176 9.79 -24.57 4.15
CA GLU B 176 9.59 -23.12 4.22
C GLU B 176 10.09 -22.41 2.97
N LEU B 177 10.71 -23.13 2.03
CA LEU B 177 11.09 -22.52 0.76
C LEU B 177 9.86 -22.07 -0.03
N LYS B 178 8.84 -22.91 -0.09
CA LYS B 178 7.56 -22.56 -0.71
C LYS B 178 6.61 -21.84 0.25
N LYS B 179 7.03 -21.62 1.51
CA LYS B 179 6.18 -21.03 2.53
C LYS B 179 4.90 -21.86 2.71
N GLU B 180 5.08 -23.18 2.79
CA GLU B 180 3.95 -24.08 2.91
C GLU B 180 3.31 -23.95 4.27
N ARG B 181 1.99 -23.73 4.29
CA ARG B 181 1.23 -23.67 5.52
C ARG B 181 0.26 -24.83 5.70
N ARG B 182 -0.08 -25.53 4.63
CA ARG B 182 -1.00 -26.66 4.68
C ARG B 182 -0.21 -27.96 4.54
N VAL B 183 -0.25 -28.79 5.58
CA VAL B 183 0.50 -30.03 5.63
C VAL B 183 -0.45 -31.17 5.99
N ILE B 184 -0.27 -32.31 5.32
CA ILE B 184 -1.00 -33.54 5.63
C ILE B 184 0.01 -34.59 6.04
N LEU B 185 -0.22 -35.23 7.18
CA LEU B 185 0.68 -36.22 7.75
C LEU B 185 0.05 -37.60 7.61
N ASP B 186 0.64 -38.43 6.74
CA ASP B 186 0.17 -39.79 6.54
C ASP B 186 1.11 -40.73 7.30
N CYS B 187 0.88 -40.81 8.62
CA CYS B 187 1.71 -41.63 9.48
C CYS B 187 0.84 -42.21 10.59
N GLU B 188 1.40 -43.19 11.29
CA GLU B 188 0.71 -43.77 12.43
C GLU B 188 0.77 -42.82 13.63
N ARG B 189 -0.21 -42.96 14.53
CA ARG B 189 -0.33 -42.05 15.66
C ARG B 189 0.97 -41.96 16.45
N ASP B 190 1.69 -43.08 16.58
CA ASP B 190 2.95 -43.09 17.32
C ASP B 190 3.97 -42.15 16.68
N LYS B 191 4.01 -42.13 15.34
CA LYS B 191 4.92 -41.22 14.65
C LYS B 191 4.33 -39.81 14.52
N VAL B 192 3.01 -39.71 14.40
CA VAL B 192 2.36 -38.40 14.34
C VAL B 192 2.63 -37.61 15.61
N ASN B 193 2.71 -38.30 16.76
CA ASN B 193 3.06 -37.60 17.99
C ASN B 193 4.45 -36.99 17.91
N ASP B 194 5.41 -37.70 17.32
CA ASP B 194 6.75 -37.14 17.16
C ASP B 194 6.74 -35.95 16.21
N ILE B 195 6.04 -36.09 15.07
CA ILE B 195 5.96 -34.97 14.14
C ILE B 195 5.34 -33.74 14.80
N VAL B 196 4.30 -33.95 15.61
CA VAL B 196 3.66 -32.84 16.31
C VAL B 196 4.62 -32.23 17.33
N ASP B 197 5.38 -33.06 18.04
CA ASP B 197 6.37 -32.54 18.98
C ASP B 197 7.39 -31.68 18.26
N GLN B 198 7.85 -32.12 17.08
CA GLN B 198 8.83 -31.33 16.33
C GLN B 198 8.22 -30.03 15.83
N VAL B 199 6.97 -30.07 15.37
CA VAL B 199 6.28 -28.84 14.95
C VAL B 199 6.17 -27.87 16.12
N ILE B 200 5.90 -28.39 17.32
CA ILE B 200 5.85 -27.54 18.50
C ILE B 200 7.21 -26.94 18.80
N THR B 201 8.26 -27.75 18.67
CA THR B 201 9.61 -27.27 18.96
C THR B 201 10.02 -26.16 17.99
N ILE B 202 9.65 -26.28 16.71
CA ILE B 202 10.02 -25.26 15.73
C ILE B 202 9.03 -24.11 15.69
N GLY B 203 7.92 -24.20 16.42
CA GLY B 203 6.97 -23.11 16.48
C GLY B 203 6.15 -22.90 15.22
N LYS B 204 5.94 -23.95 14.44
CA LYS B 204 5.10 -23.89 13.24
C LYS B 204 3.67 -24.32 13.51
N HIS B 205 3.22 -24.26 14.77
CA HIS B 205 1.85 -24.60 15.14
C HIS B 205 1.04 -23.37 15.53
N VAL B 206 1.44 -22.19 15.06
CA VAL B 206 0.77 -20.94 15.42
C VAL B 206 -0.38 -20.70 14.46
N LYS B 207 -0.92 -19.48 14.48
CA LYS B 207 -2.03 -19.13 13.60
C LYS B 207 -1.57 -19.12 12.14
N GLY B 208 -2.40 -19.66 11.26
CA GLY B 208 -2.07 -19.70 9.84
C GLY B 208 -1.85 -21.10 9.32
N TYR B 209 -1.12 -21.92 10.07
CA TYR B 209 -0.85 -23.29 9.65
C TYR B 209 -2.11 -24.16 9.77
N HIS B 210 -2.18 -25.16 8.90
CA HIS B 210 -3.30 -26.10 8.86
C HIS B 210 -2.74 -27.50 8.70
N TYR B 211 -2.98 -28.36 9.68
CA TYR B 211 -2.43 -29.72 9.70
C TYR B 211 -3.57 -30.72 9.63
N ILE B 212 -3.48 -31.67 8.71
CA ILE B 212 -4.47 -32.73 8.54
C ILE B 212 -3.80 -34.07 8.85
N ILE B 213 -4.35 -34.77 9.84
CA ILE B 213 -3.84 -36.08 10.23
C ILE B 213 -4.56 -37.13 9.39
N ALA B 214 -3.82 -37.83 8.55
CA ALA B 214 -4.40 -38.77 7.58
C ALA B 214 -4.40 -40.19 8.14
N ASN B 215 -5.18 -40.37 9.22
CA ASN B 215 -5.38 -41.68 9.79
C ASN B 215 -6.64 -41.67 10.65
N LEU B 216 -7.15 -42.87 10.93
CA LEU B 216 -8.35 -43.04 11.74
C LEU B 216 -8.06 -43.00 13.24
N GLY B 217 -6.90 -42.48 13.65
CA GLY B 217 -6.58 -42.37 15.06
C GLY B 217 -6.35 -40.93 15.48
N PHE B 218 -7.37 -40.09 15.31
CA PHE B 218 -7.24 -38.68 15.63
C PHE B 218 -7.25 -38.44 17.14
N THR B 219 -8.26 -38.97 17.83
CA THR B 219 -8.39 -38.78 19.26
C THR B 219 -7.47 -39.68 20.08
N ASP B 220 -6.85 -40.68 19.44
CA ASP B 220 -5.97 -41.58 20.17
C ASP B 220 -4.69 -40.87 20.61
N GLY B 221 -4.17 -39.97 19.77
CA GLY B 221 -3.01 -39.19 20.11
C GLY B 221 -3.35 -37.92 20.87
N ASP B 222 -2.42 -37.52 21.74
CA ASP B 222 -2.62 -36.32 22.55
C ASP B 222 -2.66 -35.10 21.65
N LEU B 223 -3.79 -34.39 21.66
CA LEU B 223 -3.96 -33.17 20.87
C LEU B 223 -3.96 -31.91 21.71
N LEU B 224 -3.92 -32.04 23.04
CA LEU B 224 -3.98 -30.88 23.90
C LEU B 224 -2.74 -29.99 23.79
N LYS B 225 -1.61 -30.54 23.35
CA LYS B 225 -0.40 -29.74 23.23
C LYS B 225 -0.49 -28.75 22.08
N ILE B 226 -1.20 -29.10 21.00
CA ILE B 226 -1.43 -28.19 19.90
C ILE B 226 -2.85 -27.62 19.93
N GLN B 227 -3.60 -27.89 21.00
CA GLN B 227 -4.99 -27.42 21.08
C GLN B 227 -5.07 -25.91 21.19
N PHE B 228 -4.05 -25.27 21.78
CA PHE B 228 -4.06 -23.84 22.00
C PHE B 228 -3.00 -23.10 21.19
N GLY B 229 -2.30 -23.79 20.31
CA GLY B 229 -1.27 -23.14 19.51
C GLY B 229 -1.85 -22.10 18.55
N GLY B 230 -2.95 -22.44 17.88
CA GLY B 230 -3.57 -21.54 16.94
C GLY B 230 -3.81 -22.18 15.59
N ALA B 231 -2.99 -23.18 15.26
CA ALA B 231 -3.13 -23.88 13.99
C ALA B 231 -4.35 -24.78 14.02
N GLU B 232 -5.17 -24.69 12.98
CA GLU B 232 -6.39 -25.49 12.90
C GLU B 232 -6.02 -26.93 12.51
N VAL B 233 -6.21 -27.86 13.44
CA VAL B 233 -5.90 -29.27 13.22
C VAL B 233 -7.19 -30.00 12.88
N SER B 234 -7.12 -30.90 11.89
CA SER B 234 -8.25 -31.70 11.48
C SER B 234 -7.78 -33.13 11.24
N GLY B 235 -8.68 -34.08 11.50
CA GLY B 235 -8.34 -35.48 11.31
C GLY B 235 -9.56 -36.33 11.10
N PHE B 236 -9.36 -37.64 11.22
CA PHE B 236 -10.42 -38.61 10.98
C PHE B 236 -10.48 -39.58 12.16
N GLN B 237 -11.69 -39.99 12.51
CA GLN B 237 -11.93 -40.91 13.62
C GLN B 237 -13.02 -41.89 13.22
N ILE B 238 -12.73 -43.18 13.31
CA ILE B 238 -13.73 -44.19 13.05
C ILE B 238 -14.45 -44.63 14.33
N VAL B 239 -13.76 -44.62 15.46
CA VAL B 239 -14.35 -45.01 16.74
C VAL B 239 -14.97 -43.74 17.33
N ASP B 240 -16.23 -43.51 16.99
CA ASP B 240 -16.96 -42.36 17.52
C ASP B 240 -17.39 -42.67 18.95
N TYR B 241 -16.81 -41.95 19.91
CA TYR B 241 -17.12 -42.18 21.32
C TYR B 241 -18.51 -41.69 21.70
N ASP B 242 -19.15 -40.88 20.86
CA ASP B 242 -20.50 -40.40 21.16
C ASP B 242 -21.55 -41.48 20.96
N ASP B 243 -21.21 -42.59 20.30
CA ASP B 243 -22.18 -43.66 20.09
C ASP B 243 -22.59 -44.28 21.42
N SER B 244 -23.87 -44.65 21.52
CA SER B 244 -24.35 -45.31 22.73
C SER B 244 -23.69 -46.67 22.92
N LEU B 245 -23.50 -47.41 21.82
CA LEU B 245 -22.78 -48.68 21.90
C LEU B 245 -21.35 -48.47 22.36
N VAL B 246 -20.66 -47.49 21.76
CA VAL B 246 -19.28 -47.21 22.13
C VAL B 246 -19.20 -46.71 23.57
N SER B 247 -20.19 -45.92 24.00
CA SER B 247 -20.21 -45.45 25.38
C SER B 247 -20.38 -46.61 26.36
N LYS B 248 -21.33 -47.50 26.09
CA LYS B 248 -21.52 -48.66 26.95
C LYS B 248 -20.31 -49.58 26.94
N PHE B 249 -19.58 -49.63 25.82
CA PHE B 249 -18.36 -50.43 25.79
C PHE B 249 -17.25 -49.77 26.59
N ILE B 250 -17.13 -48.45 26.52
CA ILE B 250 -16.09 -47.74 27.25
C ILE B 250 -16.37 -47.77 28.74
N GLU B 251 -17.65 -47.85 29.13
CA GLU B 251 -17.99 -47.94 30.55
C GLU B 251 -17.35 -49.17 31.19
N ARG B 252 -17.41 -50.32 30.51
CA ARG B 252 -16.72 -51.51 31.01
C ARG B 252 -15.23 -51.47 30.72
N TRP B 253 -14.83 -50.83 29.61
CA TRP B 253 -13.41 -50.78 29.24
C TRP B 253 -12.60 -50.07 30.31
N SER B 254 -13.08 -48.91 30.77
CA SER B 254 -12.34 -48.14 31.78
C SER B 254 -12.29 -48.87 33.12
N THR B 255 -13.34 -49.61 33.46
CA THR B 255 -13.39 -50.29 34.75
C THR B 255 -12.55 -51.57 34.79
N LEU B 256 -12.08 -52.04 33.64
CA LEU B 256 -11.27 -53.25 33.60
C LEU B 256 -9.92 -53.02 34.26
N GLU B 257 -9.38 -54.08 34.86
CA GLU B 257 -8.09 -53.97 35.54
C GLU B 257 -6.97 -53.80 34.52
N GLU B 258 -6.04 -52.90 34.84
CA GLU B 258 -4.91 -52.63 33.95
C GLU B 258 -3.81 -53.68 34.04
N LYS B 259 -3.81 -54.51 35.09
CA LYS B 259 -2.77 -55.52 35.22
C LYS B 259 -3.01 -56.71 34.29
N GLU B 260 -4.24 -57.23 34.28
CA GLU B 260 -4.53 -58.39 33.45
C GLU B 260 -4.66 -58.01 31.98
N TYR B 261 -5.36 -56.92 31.68
CA TYR B 261 -5.52 -56.47 30.31
C TYR B 261 -4.74 -55.18 30.10
N PRO B 262 -3.63 -55.21 29.38
CA PRO B 262 -2.79 -54.01 29.25
C PRO B 262 -3.47 -52.92 28.44
N GLY B 263 -3.34 -51.68 28.93
CA GLY B 263 -3.86 -50.53 28.22
C GLY B 263 -5.37 -50.50 28.07
N ALA B 264 -6.09 -50.98 29.09
CA ALA B 264 -7.54 -51.02 29.04
C ALA B 264 -8.23 -49.96 29.89
N HIS B 265 -7.59 -49.52 30.97
CA HIS B 265 -8.22 -48.58 31.89
C HIS B 265 -8.48 -47.21 31.27
N THR B 266 -7.91 -46.91 30.11
CA THR B 266 -8.12 -45.61 29.49
C THR B 266 -9.56 -45.47 29.00
N ALA B 267 -9.94 -44.21 28.76
CA ALA B 267 -11.28 -43.92 28.24
C ALA B 267 -11.32 -43.96 26.72
N THR B 268 -10.21 -43.63 26.06
CA THR B 268 -10.11 -43.66 24.61
C THR B 268 -9.44 -44.96 24.17
N ILE B 269 -9.96 -45.57 23.12
CA ILE B 269 -9.45 -46.83 22.59
C ILE B 269 -8.92 -46.59 21.19
N LYS B 270 -7.81 -47.26 20.86
CA LYS B 270 -7.23 -47.15 19.53
C LYS B 270 -8.16 -47.81 18.50
N TYR B 271 -8.14 -47.26 17.28
CA TYR B 271 -9.02 -47.77 16.24
C TYR B 271 -8.64 -49.19 15.82
N THR B 272 -7.36 -49.55 15.93
CA THR B 272 -6.97 -50.92 15.62
C THR B 272 -7.56 -51.91 16.60
N SER B 273 -7.58 -51.55 17.89
CA SER B 273 -8.15 -52.44 18.90
C SER B 273 -9.66 -52.58 18.70
N ALA B 274 -10.36 -51.47 18.48
CA ALA B 274 -11.78 -51.54 18.20
C ALA B 274 -12.07 -52.37 16.95
N LEU B 275 -11.23 -52.25 15.92
CA LEU B 275 -11.41 -53.04 14.72
C LEU B 275 -11.13 -54.52 14.98
N THR B 276 -10.23 -54.83 15.92
CA THR B 276 -10.01 -56.21 16.32
C THR B 276 -11.23 -56.77 17.02
N TYR B 277 -11.80 -56.00 17.94
CA TYR B 277 -13.04 -56.39 18.61
C TYR B 277 -14.14 -56.67 17.59
N ASP B 278 -14.36 -55.71 16.67
CA ASP B 278 -15.38 -55.89 15.64
C ASP B 278 -15.07 -57.08 14.73
N ALA B 279 -13.80 -57.39 14.51
CA ALA B 279 -13.46 -58.56 13.70
C ALA B 279 -13.80 -59.85 14.44
N VAL B 280 -13.58 -59.89 15.74
CA VAL B 280 -14.02 -61.04 16.54
C VAL B 280 -15.52 -61.19 16.45
N GLN B 281 -16.26 -60.08 16.54
CA GLN B 281 -17.71 -60.12 16.39
C GLN B 281 -18.10 -60.68 15.02
N VAL B 282 -17.44 -60.21 13.95
CA VAL B 282 -17.78 -60.66 12.61
C VAL B 282 -17.49 -62.14 12.44
N MET B 283 -16.40 -62.62 13.04
CA MET B 283 -16.10 -64.05 12.98
C MET B 283 -17.17 -64.87 13.70
N THR B 284 -17.56 -64.40 14.89
CA THR B 284 -18.61 -65.10 15.64
C THR B 284 -19.91 -65.16 14.85
N GLU B 285 -20.32 -64.03 14.27
CA GLU B 285 -21.55 -64.02 13.47
C GLU B 285 -21.42 -64.86 12.21
N ALA B 286 -20.22 -64.95 11.64
CA ALA B 286 -20.03 -65.77 10.46
C ALA B 286 -20.21 -67.24 10.79
N PHE B 287 -19.56 -67.72 11.85
CA PHE B 287 -19.75 -69.10 12.25
C PHE B 287 -21.18 -69.37 12.72
N ARG B 288 -21.85 -68.36 13.30
CA ARG B 288 -23.25 -68.53 13.64
C ARG B 288 -24.12 -68.70 12.40
N ASN B 289 -23.84 -67.94 11.34
CA ASN B 289 -24.57 -68.14 10.10
C ASN B 289 -24.23 -69.49 9.47
N LEU B 290 -22.99 -69.94 9.61
CA LEU B 290 -22.63 -71.28 9.15
C LEU B 290 -23.39 -72.36 9.91
N ARG B 291 -23.68 -72.14 11.19
CA ARG B 291 -24.50 -73.07 11.94
C ARG B 291 -25.97 -72.94 11.60
N LYS B 292 -26.41 -71.74 11.20
CA LYS B 292 -27.82 -71.53 10.89
C LYS B 292 -28.18 -72.13 9.53
N GLN B 293 -27.27 -72.05 8.56
CA GLN B 293 -27.49 -72.65 7.25
C GLN B 293 -27.13 -74.13 7.21
N ARG B 294 -26.83 -74.73 8.37
CA ARG B 294 -26.54 -76.16 8.47
C ARG B 294 -25.37 -76.57 7.56
N ILE B 295 -24.50 -75.62 7.26
CA ILE B 295 -23.29 -75.87 6.46
C ILE B 295 -22.21 -76.38 7.41
N GLU B 296 -21.95 -77.69 7.37
CA GLU B 296 -20.98 -78.28 8.28
C GLU B 296 -19.55 -77.95 7.87
N ILE B 297 -18.81 -77.34 8.78
CA ILE B 297 -17.38 -77.15 8.61
C ILE B 297 -16.68 -78.17 9.50
N SER B 298 -15.67 -78.84 8.96
CA SER B 298 -14.97 -79.85 9.73
C SER B 298 -13.63 -80.13 9.06
N ARG B 299 -12.62 -80.34 9.89
CA ARG B 299 -11.28 -80.65 9.39
C ARG B 299 -10.85 -82.08 9.68
N ARG B 300 -11.33 -82.67 10.78
CA ARG B 300 -10.99 -84.02 11.23
C ARG B 300 -9.55 -84.09 11.73
N GLY B 301 -8.68 -83.24 11.21
CA GLY B 301 -7.27 -83.25 11.58
C GLY B 301 -6.44 -82.28 10.79
N ASN B 302 -5.58 -82.78 9.90
CA ASN B 302 -4.80 -81.90 9.03
C ASN B 302 -4.52 -82.57 7.69
N ALA B 303 -4.55 -81.75 6.63
CA ALA B 303 -4.20 -82.28 5.32
C ALA B 303 -2.70 -82.45 5.16
N GLY B 304 -1.90 -81.64 5.86
CA GLY B 304 -0.46 -81.77 5.82
C GLY B 304 0.30 -80.45 5.74
N ASP B 305 1.41 -80.47 5.01
CA ASP B 305 2.28 -79.31 4.87
C ASP B 305 1.68 -78.30 3.90
N CYS B 306 1.81 -77.02 4.22
CA CYS B 306 1.37 -75.98 3.29
C CYS B 306 2.17 -76.08 1.99
N LEU B 307 3.46 -76.36 2.09
CA LEU B 307 4.28 -76.58 0.91
C LEU B 307 4.02 -77.98 0.37
N ALA B 308 3.67 -78.06 -0.91
CA ALA B 308 3.40 -79.35 -1.53
C ALA B 308 3.55 -79.20 -3.03
N ASN B 309 3.77 -80.34 -3.70
CA ASN B 309 3.91 -80.32 -5.15
C ASN B 309 2.51 -80.44 -5.76
N PRO B 310 1.65 -81.39 -5.31
CA PRO B 310 0.21 -81.24 -5.58
C PRO B 310 -0.42 -80.29 -4.58
N ALA B 311 -0.87 -79.14 -5.06
CA ALA B 311 -1.48 -78.13 -4.21
C ALA B 311 -2.85 -78.60 -3.75
N VAL B 312 -3.01 -78.83 -2.45
CA VAL B 312 -4.27 -79.33 -1.90
C VAL B 312 -4.95 -78.25 -1.06
N PRO B 313 -5.90 -77.51 -1.63
CA PRO B 313 -6.68 -76.55 -0.84
C PRO B 313 -8.04 -77.11 -0.44
N TRP B 314 -8.38 -77.08 0.84
CA TRP B 314 -9.68 -77.61 1.26
C TRP B 314 -10.80 -76.67 0.84
N GLY B 315 -11.90 -77.26 0.40
CA GLY B 315 -12.99 -76.52 -0.22
C GLY B 315 -13.89 -75.73 0.72
N GLN B 316 -14.17 -76.27 1.91
CA GLN B 316 -15.12 -75.64 2.81
C GLN B 316 -14.71 -74.24 3.22
N GLY B 317 -13.42 -73.91 3.13
CA GLY B 317 -12.96 -72.57 3.43
C GLY B 317 -13.65 -71.49 2.60
N VAL B 318 -13.97 -71.82 1.34
CA VAL B 318 -14.73 -70.88 0.50
C VAL B 318 -16.04 -70.51 1.16
N GLU B 319 -16.76 -71.50 1.69
CA GLU B 319 -18.01 -71.22 2.40
C GLU B 319 -17.77 -70.31 3.61
N ILE B 320 -16.68 -70.54 4.34
CA ILE B 320 -16.36 -69.69 5.49
C ILE B 320 -16.15 -68.25 5.04
N GLU B 321 -15.39 -68.07 3.95
CA GLU B 321 -15.17 -66.73 3.41
C GLU B 321 -16.48 -66.08 2.99
N ARG B 322 -17.35 -66.84 2.32
CA ARG B 322 -18.66 -66.32 1.93
C ARG B 322 -19.47 -65.89 3.14
N ALA B 323 -19.43 -66.69 4.21
CA ALA B 323 -20.17 -66.33 5.42
C ALA B 323 -19.56 -65.12 6.10
N LEU B 324 -18.25 -64.93 5.98
CA LEU B 324 -17.60 -63.77 6.57
C LEU B 324 -18.02 -62.51 5.82
N LYS B 325 -17.93 -62.56 4.48
CA LYS B 325 -18.27 -61.40 3.68
C LYS B 325 -19.76 -61.08 3.73
N GLN B 326 -20.62 -62.06 4.01
CA GLN B 326 -22.06 -61.83 4.05
C GLN B 326 -22.52 -61.20 5.36
N VAL B 327 -21.73 -61.27 6.42
CA VAL B 327 -22.16 -60.77 7.72
C VAL B 327 -22.26 -59.25 7.68
N GLN B 328 -23.38 -58.73 8.15
CA GLN B 328 -23.62 -57.30 8.28
C GLN B 328 -24.05 -57.01 9.71
N VAL B 329 -23.14 -56.45 10.52
CA VAL B 329 -23.38 -56.24 11.93
C VAL B 329 -23.03 -54.81 12.31
N GLU B 330 -23.39 -54.44 13.53
CA GLU B 330 -23.12 -53.12 14.09
C GLU B 330 -22.06 -53.25 15.19
N GLY B 331 -21.02 -52.45 15.11
CA GLY B 331 -19.95 -52.51 16.10
C GLY B 331 -19.36 -51.16 16.47
N LEU B 332 -18.17 -51.18 17.07
CA LEU B 332 -17.54 -49.93 17.49
C LEU B 332 -17.17 -49.04 16.32
N SER B 333 -16.81 -49.63 15.18
CA SER B 333 -16.47 -48.86 13.99
C SER B 333 -17.69 -48.41 13.21
N GLY B 334 -18.89 -48.64 13.71
CA GLY B 334 -20.10 -48.24 13.03
C GLY B 334 -20.71 -49.39 12.24
N ASN B 335 -21.11 -49.11 11.00
CA ASN B 335 -21.71 -50.13 10.15
C ASN B 335 -20.60 -50.96 9.51
N ILE B 336 -20.67 -52.28 9.71
CA ILE B 336 -19.65 -53.21 9.21
C ILE B 336 -20.33 -54.14 8.21
N LYS B 337 -19.94 -54.03 6.95
CA LYS B 337 -20.41 -54.92 5.90
C LYS B 337 -19.35 -55.00 4.82
N PHE B 338 -19.21 -56.17 4.22
CA PHE B 338 -18.16 -56.42 3.24
C PHE B 338 -18.76 -56.82 1.90
N ASP B 339 -17.98 -56.60 0.85
CA ASP B 339 -18.39 -56.90 -0.52
C ASP B 339 -17.72 -58.20 -0.98
N GLN B 340 -17.65 -58.40 -2.30
CA GLN B 340 -17.11 -59.65 -2.83
C GLN B 340 -15.60 -59.73 -2.62
N ASN B 341 -14.91 -58.60 -2.56
CA ASN B 341 -13.46 -58.59 -2.40
C ASN B 341 -13.03 -58.63 -0.95
N GLY B 342 -13.85 -58.15 -0.03
CA GLY B 342 -13.50 -58.08 1.37
C GLY B 342 -13.33 -56.69 1.93
N LYS B 343 -13.41 -55.66 1.10
CA LYS B 343 -13.28 -54.29 1.58
C LYS B 343 -14.52 -53.87 2.35
N ARG B 344 -14.40 -52.77 3.09
CA ARG B 344 -15.50 -52.25 3.89
C ARG B 344 -16.39 -51.37 3.02
N ILE B 345 -17.67 -51.73 2.91
CA ILE B 345 -18.63 -50.94 2.16
C ILE B 345 -19.70 -50.42 3.11
N ASN B 346 -20.22 -49.22 2.79
CA ASN B 346 -21.20 -48.53 3.63
C ASN B 346 -20.63 -48.36 5.04
N TYR B 347 -19.70 -47.42 5.20
CA TYR B 347 -19.11 -47.09 6.49
C TYR B 347 -19.28 -45.60 6.78
N THR B 348 -18.94 -45.22 8.01
CA THR B 348 -19.16 -43.87 8.51
C THR B 348 -17.87 -43.37 9.18
N ILE B 349 -17.13 -42.50 8.49
CA ILE B 349 -15.88 -41.96 9.00
C ILE B 349 -16.11 -40.50 9.40
N ASN B 350 -15.94 -40.19 10.67
CA ASN B 350 -16.25 -38.86 11.17
C ASN B 350 -15.05 -37.93 11.01
N ILE B 351 -15.31 -36.75 10.45
CA ILE B 351 -14.28 -35.72 10.29
C ILE B 351 -14.31 -34.81 11.51
N MET B 352 -13.20 -34.77 12.22
CA MET B 352 -13.06 -34.01 13.46
C MET B 352 -12.21 -32.77 13.22
N GLU B 353 -12.55 -31.69 13.91
CA GLU B 353 -11.79 -30.44 13.84
C GLU B 353 -11.45 -30.02 15.26
N LEU B 354 -10.15 -29.92 15.54
CA LEU B 354 -9.67 -29.61 16.89
C LEU B 354 -9.79 -28.11 17.12
N LYS B 355 -10.73 -27.73 17.97
CA LYS B 355 -10.92 -26.34 18.36
C LYS B 355 -10.21 -26.08 19.68
N THR B 356 -10.61 -25.01 20.38
CA THR B 356 -9.99 -24.70 21.67
C THR B 356 -10.49 -25.62 22.77
N ASN B 357 -11.78 -26.00 22.72
CA ASN B 357 -12.32 -26.87 23.75
C ASN B 357 -11.79 -28.30 23.63
N GLY B 358 -11.44 -28.73 22.42
CA GLY B 358 -10.93 -30.06 22.21
C GLY B 358 -11.33 -30.63 20.87
N PRO B 359 -11.48 -31.96 20.79
CA PRO B 359 -11.89 -32.60 19.54
C PRO B 359 -13.37 -32.40 19.30
N ARG B 360 -13.72 -31.79 18.18
CA ARG B 360 -15.09 -31.44 17.84
C ARG B 360 -15.49 -32.15 16.56
N LYS B 361 -16.61 -32.88 16.62
CA LYS B 361 -17.12 -33.61 15.45
C LYS B 361 -17.69 -32.63 14.43
N ILE B 362 -16.84 -32.13 13.53
CA ILE B 362 -17.31 -31.15 12.57
C ILE B 362 -18.11 -31.76 11.42
N GLY B 363 -18.00 -33.06 11.20
CA GLY B 363 -18.76 -33.66 10.10
C GLY B 363 -18.57 -35.15 10.04
N TYR B 364 -19.05 -35.74 8.95
CA TYR B 364 -18.90 -37.16 8.71
C TYR B 364 -18.97 -37.43 7.21
N TRP B 365 -18.32 -38.52 6.80
CA TRP B 365 -18.26 -38.95 5.43
C TRP B 365 -18.69 -40.41 5.32
N SER B 366 -19.14 -40.78 4.13
CA SER B 366 -19.52 -42.15 3.80
C SER B 366 -19.02 -42.46 2.39
N GLU B 367 -19.25 -43.69 1.96
CA GLU B 367 -18.82 -44.09 0.62
C GLU B 367 -19.63 -43.39 -0.47
N VAL B 368 -20.88 -43.02 -0.17
CA VAL B 368 -21.75 -42.41 -1.17
C VAL B 368 -21.84 -40.91 -0.97
N ASP B 369 -21.81 -40.45 0.28
CA ASP B 369 -21.99 -39.05 0.61
C ASP B 369 -20.67 -38.45 1.08
N LYS B 370 -20.33 -37.28 0.54
CA LYS B 370 -19.10 -36.57 0.85
C LYS B 370 -19.41 -35.34 1.69
N MET B 371 -18.88 -35.28 2.91
CA MET B 371 -19.00 -34.13 3.78
C MET B 371 -20.45 -33.73 4.00
N VAL B 372 -21.13 -34.42 4.93
CA VAL B 372 -22.57 -34.22 5.12
C VAL B 372 -22.86 -33.30 6.30
N LEU B 373 -22.50 -33.76 7.50
CA LEU B 373 -22.96 -33.12 8.74
C LEU B 373 -22.39 -31.72 8.88
N THR B 374 -23.27 -30.71 8.78
CA THR B 374 -22.93 -29.32 9.01
C THR B 374 -23.51 -28.90 10.36
N GLU B 375 -23.08 -29.56 11.43
CA GLU B 375 -23.69 -29.40 12.74
C GLU B 375 -22.97 -28.32 13.56
N ASP B 376 -23.65 -27.90 14.63
CA ASP B 376 -23.17 -26.90 15.58
C ASP B 376 -23.07 -25.53 14.91
N ASP B 377 -21.88 -24.94 14.89
CA ASP B 377 -21.70 -23.62 14.31
C ASP B 377 -21.57 -23.73 12.79
N THR B 378 -22.50 -23.09 12.08
CA THR B 378 -22.48 -23.05 10.62
C THR B 378 -21.91 -21.71 10.14
N SER B 379 -20.69 -21.45 10.59
CA SER B 379 -19.98 -20.18 10.31
C SER B 379 -20.71 -19.01 10.95
N GLY B 380 -20.95 -19.12 12.25
CA GLY B 380 -21.63 -18.07 13.00
C GLY B 380 -21.15 -17.91 14.42
N LEU B 381 -19.87 -17.54 14.59
CA LEU B 381 -19.31 -17.35 15.93
C LEU B 381 -18.91 -15.89 16.04
N GLU B 382 -17.64 -15.55 15.80
CA GLU B 382 -17.16 -14.16 15.85
C GLU B 382 -16.96 -13.67 14.42
N GLN B 383 -17.95 -12.95 13.91
CA GLN B 383 -17.89 -12.37 12.56
C GLN B 383 -17.80 -10.86 12.58
N LYS B 384 -18.67 -10.19 13.35
CA LYS B 384 -18.71 -8.74 13.46
C LYS B 384 -18.91 -8.08 12.11
N THR B 385 -20.14 -8.05 11.62
CA THR B 385 -20.49 -7.40 10.37
C THR B 385 -21.27 -6.13 10.68
N VAL B 386 -20.76 -4.99 10.20
CA VAL B 386 -21.37 -3.69 10.47
C VAL B 386 -22.32 -3.35 9.32
N VAL B 387 -23.58 -3.13 9.64
CA VAL B 387 -24.58 -2.78 8.63
C VAL B 387 -24.46 -1.28 8.33
N VAL B 388 -24.21 -0.95 7.07
CA VAL B 388 -24.05 0.43 6.63
C VAL B 388 -25.23 0.77 5.74
N THR B 389 -26.23 1.45 6.30
CA THR B 389 -27.40 1.87 5.55
C THR B 389 -27.11 3.19 4.84
N THR B 390 -27.46 3.26 3.56
CA THR B 390 -27.22 4.47 2.79
C THR B 390 -28.22 4.55 1.64
N ILE B 391 -28.43 5.78 1.16
CA ILE B 391 -29.36 6.05 0.07
C ILE B 391 -28.60 6.04 -1.25
N LEU B 392 -29.26 5.61 -2.31
CA LEU B 392 -28.70 5.59 -3.65
C LEU B 392 -28.91 6.95 -4.28
N GLU B 393 -27.91 7.83 -4.17
CA GLU B 393 -27.99 9.16 -4.74
C GLU B 393 -26.66 9.51 -5.40
N SER B 394 -26.74 10.25 -6.50
CA SER B 394 -25.56 10.62 -7.26
C SER B 394 -24.79 11.73 -6.56
N PRO B 395 -23.46 11.63 -6.47
CA PRO B 395 -22.69 10.45 -6.88
C PRO B 395 -22.23 9.63 -5.69
N TYR B 396 -22.83 9.87 -4.52
CA TYR B 396 -22.38 9.22 -3.30
C TYR B 396 -22.48 7.71 -3.39
N VAL B 397 -23.65 7.19 -3.78
CA VAL B 397 -23.86 5.76 -3.93
C VAL B 397 -24.63 5.54 -5.23
N MET B 398 -23.97 4.91 -6.21
CA MET B 398 -24.59 4.60 -7.49
C MET B 398 -24.33 3.15 -7.84
N MET B 399 -25.29 2.54 -8.53
CA MET B 399 -25.13 1.17 -8.99
C MET B 399 -24.30 1.13 -10.27
N LYS B 400 -23.38 0.16 -10.34
CA LYS B 400 -22.46 0.07 -11.45
C LYS B 400 -23.20 -0.32 -12.72
N ALA B 401 -22.45 -0.34 -13.84
CA ALA B 401 -23.05 -0.72 -15.12
C ALA B 401 -23.45 -2.19 -15.12
N ASN B 402 -22.65 -3.05 -14.48
CA ASN B 402 -22.96 -4.47 -14.37
C ASN B 402 -23.34 -4.81 -12.94
N HIS B 403 -24.33 -4.11 -12.40
CA HIS B 403 -24.77 -4.36 -11.02
C HIS B 403 -25.43 -5.73 -10.88
N ALA B 404 -26.08 -6.22 -11.93
CA ALA B 404 -26.71 -7.53 -11.88
C ALA B 404 -25.67 -8.64 -11.89
N ALA B 405 -24.57 -8.45 -12.63
CA ALA B 405 -23.53 -9.47 -12.68
C ALA B 405 -22.74 -9.52 -11.38
N LEU B 406 -22.25 -8.37 -10.92
CA LEU B 406 -21.51 -8.32 -9.67
C LEU B 406 -22.42 -8.65 -8.49
N ALA B 407 -21.81 -8.91 -7.33
CA ALA B 407 -22.56 -9.28 -6.14
C ALA B 407 -21.82 -8.81 -4.90
N GLY B 408 -22.58 -8.54 -3.85
CA GLY B 408 -22.00 -8.17 -2.57
C GLY B 408 -22.00 -6.67 -2.36
N ASN B 409 -20.81 -6.11 -2.16
CA ASN B 409 -20.63 -4.68 -2.02
C ASN B 409 -20.09 -4.01 -3.27
N GLU B 410 -19.58 -4.79 -4.23
CA GLU B 410 -19.04 -4.22 -5.46
C GLU B 410 -20.13 -3.71 -6.40
N ARG B 411 -21.39 -4.02 -6.14
CA ARG B 411 -22.47 -3.55 -7.01
C ARG B 411 -22.69 -2.04 -6.89
N TYR B 412 -22.05 -1.38 -5.92
CA TYR B 412 -22.22 0.05 -5.71
C TYR B 412 -20.85 0.73 -5.80
N GLU B 413 -20.86 1.96 -6.29
CA GLU B 413 -19.65 2.77 -6.41
C GLU B 413 -20.02 4.22 -6.18
N GLY B 414 -19.06 5.00 -5.72
CA GLY B 414 -19.27 6.42 -5.54
C GLY B 414 -18.44 6.96 -4.39
N TYR B 415 -18.83 8.14 -3.93
CA TYR B 415 -18.08 8.85 -2.89
C TYR B 415 -18.18 8.12 -1.55
N CYS B 416 -19.39 7.86 -1.08
CA CYS B 416 -19.56 7.27 0.25
C CYS B 416 -19.08 5.83 0.33
N VAL B 417 -18.92 5.14 -0.81
CA VAL B 417 -18.40 3.79 -0.78
C VAL B 417 -16.91 3.80 -0.49
N ASP B 418 -16.17 4.70 -1.15
CA ASP B 418 -14.74 4.85 -0.85
C ASP B 418 -14.54 5.37 0.57
N LEU B 419 -15.41 6.24 1.04
CA LEU B 419 -15.32 6.72 2.42
C LEU B 419 -15.57 5.58 3.42
N ALA B 420 -16.53 4.70 3.11
CA ALA B 420 -16.79 3.56 3.99
C ALA B 420 -15.61 2.60 4.00
N ALA B 421 -15.01 2.34 2.83
CA ALA B 421 -13.84 1.47 2.78
C ALA B 421 -12.66 2.09 3.50
N GLU B 422 -12.51 3.41 3.43
CA GLU B 422 -11.38 4.06 4.07
C GLU B 422 -11.54 4.10 5.59
N ILE B 423 -12.77 4.31 6.09
CA ILE B 423 -12.97 4.26 7.53
C ILE B 423 -12.82 2.83 8.03
N ALA B 424 -13.28 1.84 7.24
CA ALA B 424 -13.07 0.45 7.61
C ALA B 424 -11.59 0.07 7.57
N LYS B 425 -10.78 0.82 6.81
CA LYS B 425 -9.34 0.58 6.80
C LYS B 425 -8.67 1.21 8.01
N HIS B 426 -9.19 2.34 8.49
CA HIS B 426 -8.62 3.03 9.65
C HIS B 426 -9.33 2.68 10.95
N CYS B 427 -10.30 1.77 10.92
CA CYS B 427 -10.98 1.33 12.14
C CYS B 427 -10.95 -0.19 12.26
N GLY B 428 -11.02 -0.88 11.12
CA GLY B 428 -10.92 -2.33 11.11
C GLY B 428 -12.20 -3.05 11.47
N PHE B 429 -13.06 -3.29 10.48
CA PHE B 429 -14.31 -4.01 10.70
C PHE B 429 -14.89 -4.41 9.35
N LYS B 430 -15.59 -5.53 9.34
CA LYS B 430 -16.30 -5.98 8.14
C LYS B 430 -17.63 -5.23 8.02
N TYR B 431 -17.86 -4.62 6.87
CA TYR B 431 -19.04 -3.79 6.64
C TYR B 431 -19.83 -4.31 5.45
N LYS B 432 -21.15 -4.33 5.58
CA LYS B 432 -22.07 -4.72 4.53
C LYS B 432 -22.94 -3.53 4.16
N LEU B 433 -22.98 -3.21 2.88
CA LEU B 433 -23.68 -2.03 2.39
C LEU B 433 -25.14 -2.37 2.08
N THR B 434 -26.07 -1.65 2.71
CA THR B 434 -27.49 -1.85 2.54
C THR B 434 -28.16 -0.54 2.13
N ILE B 435 -29.22 -0.65 1.35
CA ILE B 435 -29.94 0.51 0.83
C ILE B 435 -31.07 0.86 1.78
N VAL B 436 -31.28 2.16 2.00
CA VAL B 436 -32.30 2.63 2.92
C VAL B 436 -33.69 2.29 2.37
N GLY B 437 -34.65 2.16 3.28
CA GLY B 437 -36.01 1.82 2.92
C GLY B 437 -36.71 2.86 2.07
N ASP B 438 -37.16 2.44 0.88
CA ASP B 438 -37.91 3.28 -0.06
C ASP B 438 -37.21 4.62 -0.33
N GLY B 439 -35.90 4.70 -0.10
CA GLY B 439 -35.16 5.91 -0.40
C GLY B 439 -35.57 7.08 0.46
N LYS B 440 -35.71 6.85 1.76
CA LYS B 440 -36.11 7.88 2.70
C LYS B 440 -34.91 8.41 3.47
N TYR B 441 -34.86 9.72 3.65
CA TYR B 441 -33.83 10.36 4.45
C TYR B 441 -34.25 10.40 5.91
N GLY B 442 -33.33 10.82 6.77
CA GLY B 442 -33.60 10.94 8.19
C GLY B 442 -34.68 11.96 8.48
N ALA B 443 -35.93 11.52 8.62
CA ALA B 443 -37.04 12.43 8.82
C ALA B 443 -38.02 11.86 9.83
N ARG B 444 -38.51 12.71 10.73
CA ARG B 444 -39.49 12.32 11.73
C ARG B 444 -40.89 12.63 11.20
N ASP B 445 -41.79 11.66 11.31
CA ASP B 445 -43.15 11.84 10.82
C ASP B 445 -43.88 12.89 11.65
N ALA B 446 -44.97 13.41 11.08
CA ALA B 446 -45.79 14.42 11.73
C ALA B 446 -47.01 13.84 12.41
N ASP B 447 -47.69 12.89 11.77
CA ASP B 447 -48.87 12.26 12.37
C ASP B 447 -48.46 11.19 13.38
N THR B 448 -47.84 10.11 12.90
CA THR B 448 -47.41 9.03 13.78
C THR B 448 -46.19 9.40 14.61
N LYS B 449 -45.43 10.42 14.21
CA LYS B 449 -44.22 10.84 14.92
C LYS B 449 -43.24 9.68 15.06
N ILE B 450 -43.05 8.96 13.96
CA ILE B 450 -42.12 7.83 13.88
C ILE B 450 -40.93 8.26 13.05
N TRP B 451 -39.73 7.94 13.53
CA TRP B 451 -38.52 8.25 12.78
C TRP B 451 -38.40 7.29 11.60
N ASN B 452 -38.32 7.84 10.39
CA ASN B 452 -38.17 7.06 9.18
C ASN B 452 -36.90 7.47 8.45
N GLY B 453 -36.32 6.54 7.72
CA GLY B 453 -35.09 6.76 7.00
C GLY B 453 -33.91 6.15 7.70
N MET B 454 -32.73 6.70 7.42
CA MET B 454 -31.51 6.20 8.03
C MET B 454 -31.49 6.49 9.53
N VAL B 455 -31.89 7.70 9.93
CA VAL B 455 -32.00 8.02 11.35
C VAL B 455 -32.99 7.10 12.04
N GLY B 456 -34.11 6.81 11.36
CA GLY B 456 -35.07 5.88 11.92
C GLY B 456 -34.49 4.48 12.10
N GLU B 457 -33.77 3.99 11.09
CA GLU B 457 -33.16 2.68 11.20
C GLU B 457 -32.10 2.63 12.29
N LEU B 458 -31.44 3.76 12.56
CA LEU B 458 -30.46 3.80 13.64
C LEU B 458 -31.14 3.87 15.00
N VAL B 459 -32.31 4.51 15.10
CA VAL B 459 -32.99 4.66 16.38
C VAL B 459 -33.52 3.30 16.85
N TYR B 460 -34.18 2.59 15.96
CA TYR B 460 -34.80 1.30 16.29
C TYR B 460 -33.83 0.13 16.14
N GLY B 461 -32.53 0.39 16.00
CA GLY B 461 -31.54 -0.66 15.97
C GLY B 461 -31.54 -1.53 14.73
N LYS B 462 -32.25 -1.14 13.67
CA LYS B 462 -32.25 -1.96 12.46
C LYS B 462 -30.91 -1.90 11.73
N ALA B 463 -30.16 -0.81 11.91
CA ALA B 463 -28.85 -0.66 11.29
C ALA B 463 -27.82 -0.28 12.34
N ASP B 464 -26.55 -0.46 11.99
CA ASP B 464 -25.45 -0.18 12.90
C ASP B 464 -24.77 1.16 12.64
N ILE B 465 -24.73 1.61 11.38
CA ILE B 465 -24.14 2.91 11.04
C ILE B 465 -24.78 3.39 9.74
N ALA B 466 -24.63 4.69 9.47
CA ALA B 466 -25.24 5.32 8.29
C ALA B 466 -24.22 6.26 7.64
N ILE B 467 -23.35 5.69 6.80
CA ILE B 467 -22.41 6.47 6.01
C ILE B 467 -23.11 6.99 4.76
N ALA B 468 -23.70 8.17 4.86
CA ALA B 468 -24.49 8.75 3.79
C ALA B 468 -24.44 10.27 3.93
N PRO B 469 -24.71 11.01 2.85
CA PRO B 469 -24.74 12.48 2.96
C PRO B 469 -25.94 12.97 3.74
N LEU B 470 -25.88 12.83 5.07
CA LEU B 470 -26.95 13.21 5.98
C LEU B 470 -26.58 14.50 6.68
N THR B 471 -27.43 15.52 6.55
CA THR B 471 -27.16 16.81 7.17
C THR B 471 -27.30 16.73 8.68
N ILE B 472 -26.35 17.34 9.38
CA ILE B 472 -26.37 17.35 10.84
C ILE B 472 -27.36 18.42 11.31
N THR B 473 -28.41 17.99 12.00
CA THR B 473 -29.42 18.89 12.54
C THR B 473 -29.68 18.53 14.00
N LEU B 474 -30.29 19.48 14.72
CA LEU B 474 -30.60 19.26 16.12
C LEU B 474 -31.63 18.16 16.30
N VAL B 475 -32.61 18.09 15.40
CA VAL B 475 -33.68 17.10 15.52
C VAL B 475 -33.12 15.69 15.39
N ARG B 476 -32.04 15.52 14.64
CA ARG B 476 -31.41 14.22 14.50
C ARG B 476 -30.30 14.02 15.53
N GLU B 477 -29.67 15.11 15.98
CA GLU B 477 -28.70 15.03 17.05
C GLU B 477 -29.33 14.59 18.37
N GLU B 478 -30.63 14.83 18.54
CA GLU B 478 -31.28 14.45 19.79
C GLU B 478 -31.41 12.93 19.93
N VAL B 479 -31.62 12.21 18.83
CA VAL B 479 -31.88 10.77 18.89
C VAL B 479 -30.61 9.96 18.66
N ILE B 480 -29.77 10.35 17.72
CA ILE B 480 -28.54 9.64 17.42
C ILE B 480 -27.40 10.64 17.27
N ASP B 481 -26.19 10.23 17.64
CA ASP B 481 -25.06 11.14 17.60
C ASP B 481 -24.48 11.23 16.19
N PHE B 482 -23.78 12.32 15.94
CA PHE B 482 -23.18 12.59 14.64
C PHE B 482 -21.67 12.77 14.78
N SER B 483 -20.94 12.31 13.79
CA SER B 483 -19.50 12.53 13.73
C SER B 483 -19.21 13.91 13.13
N LYS B 484 -17.95 14.30 13.20
CA LYS B 484 -17.54 15.60 12.66
C LYS B 484 -17.81 15.65 11.16
N PRO B 485 -18.14 16.83 10.64
CA PRO B 485 -18.54 16.92 9.23
C PRO B 485 -17.36 16.63 8.30
N PHE B 486 -17.59 15.73 7.35
CA PHE B 486 -16.59 15.41 6.34
C PHE B 486 -16.74 16.25 5.07
N MET B 487 -17.83 17.01 4.95
CA MET B 487 -18.06 17.85 3.77
C MET B 487 -19.02 18.96 4.14
N SER B 488 -18.63 20.20 3.83
CA SER B 488 -19.43 21.37 4.14
C SER B 488 -20.36 21.72 2.97
N LEU B 489 -21.49 22.33 3.29
CA LEU B 489 -22.50 22.64 2.31
C LEU B 489 -23.21 23.95 2.68
N GLY B 490 -24.03 24.40 1.74
CA GLY B 490 -24.78 25.64 1.90
C GLY B 490 -25.55 25.92 0.63
N ILE B 491 -26.65 26.67 0.79
CA ILE B 491 -27.53 26.96 -0.33
C ILE B 491 -26.90 27.99 -1.26
N SER B 492 -26.86 27.68 -2.56
CA SER B 492 -26.31 28.54 -3.60
C SER B 492 -27.33 28.66 -4.73
N ILE B 493 -27.02 29.54 -5.68
CA ILE B 493 -27.90 29.84 -6.81
C ILE B 493 -27.33 29.22 -8.08
N MET B 494 -28.22 28.64 -8.89
CA MET B 494 -27.87 28.03 -10.16
C MET B 494 -28.69 28.68 -11.26
N ILE B 495 -28.01 29.20 -12.28
CA ILE B 495 -28.69 29.82 -13.42
C ILE B 495 -28.10 29.32 -14.73
N LYS B 496 -28.90 29.49 -15.79
CA LYS B 496 -28.50 29.15 -17.15
C LYS B 496 -27.73 30.33 -17.76
N LYS B 497 -26.58 30.06 -18.36
CA LYS B 497 -25.85 31.12 -19.02
C LYS B 497 -26.69 31.67 -20.17
N PRO B 498 -26.87 32.98 -20.28
CA PRO B 498 -27.78 33.51 -21.31
C PRO B 498 -27.14 34.51 -22.28
N GLN B 499 -25.84 34.46 -22.51
CA GLN B 499 -25.20 35.42 -23.40
C GLN B 499 -24.70 34.75 -24.68
N LYS B 500 -25.44 33.75 -25.19
CA LYS B 500 -25.02 33.11 -26.43
C LYS B 500 -25.06 34.10 -27.58
N SER B 501 -26.02 35.01 -27.56
CA SER B 501 -26.19 36.05 -28.56
C SER B 501 -26.99 37.19 -27.93
N LYS B 502 -26.78 38.40 -28.43
CA LYS B 502 -27.51 39.56 -27.95
C LYS B 502 -28.24 40.22 -29.12
N PRO B 503 -29.55 40.47 -29.01
CA PRO B 503 -30.27 41.07 -30.13
C PRO B 503 -30.98 42.37 -29.78
N GLY B 504 -31.31 43.15 -30.79
CA GLY B 504 -31.97 44.43 -30.62
C GLY B 504 -31.04 45.59 -30.93
N VAL B 505 -31.65 46.73 -31.27
CA VAL B 505 -30.88 47.92 -31.62
C VAL B 505 -30.04 48.37 -30.43
N PHE B 506 -30.59 48.27 -29.21
CA PHE B 506 -29.88 48.70 -28.00
C PHE B 506 -28.45 48.17 -27.96
N SER B 507 -28.19 47.03 -28.62
CA SER B 507 -26.85 46.44 -28.63
C SER B 507 -25.89 47.26 -29.49
N PHE B 508 -26.40 47.79 -30.61
CA PHE B 508 -25.54 48.48 -31.58
C PHE B 508 -24.89 49.73 -30.98
N LEU B 509 -25.63 50.48 -30.17
CA LEU B 509 -25.07 51.71 -29.59
C LEU B 509 -23.91 51.43 -28.63
N ASP B 510 -23.91 50.30 -27.91
CA ASP B 510 -22.90 50.08 -26.88
C ASP B 510 -21.44 50.08 -27.33
N PRO B 511 -21.01 49.39 -28.46
CA PRO B 511 -19.59 49.42 -28.88
C PRO B 511 -18.74 50.63 -28.49
N LEU B 512 -19.36 51.81 -28.41
CA LEU B 512 -18.71 53.00 -27.90
C LEU B 512 -19.07 53.18 -26.43
N ALA B 513 -20.07 54.00 -26.16
CA ALA B 513 -20.55 54.25 -24.81
C ALA B 513 -21.90 54.94 -24.92
N TYR B 514 -22.64 54.92 -23.81
CA TYR B 514 -23.89 55.67 -23.74
C TYR B 514 -23.65 57.16 -23.90
N GLU B 515 -22.45 57.64 -23.53
CA GLU B 515 -22.10 59.05 -23.53
C GLU B 515 -21.48 59.52 -24.85
N ILE B 516 -20.67 58.70 -25.51
CA ILE B 516 -20.01 59.14 -26.73
C ILE B 516 -21.03 59.38 -27.84
N TRP B 517 -22.05 58.54 -27.92
CA TRP B 517 -23.08 58.75 -28.95
C TRP B 517 -23.87 60.03 -28.72
N MET B 518 -24.08 60.41 -27.45
CA MET B 518 -24.73 61.68 -27.15
C MET B 518 -23.77 62.86 -27.19
N CYS B 519 -22.46 62.62 -27.25
CA CYS B 519 -21.49 63.70 -27.39
C CYS B 519 -21.09 63.95 -28.83
N ILE B 520 -21.24 62.96 -29.71
CA ILE B 520 -20.91 63.18 -31.11
C ILE B 520 -21.89 64.17 -31.74
N VAL B 521 -23.15 64.17 -31.29
CA VAL B 521 -24.11 65.16 -31.78
C VAL B 521 -23.81 66.54 -31.22
N PHE B 522 -23.31 66.61 -29.97
CA PHE B 522 -22.90 67.92 -29.44
C PHE B 522 -21.70 68.45 -30.21
N ALA B 523 -20.79 67.58 -30.63
CA ALA B 523 -19.69 68.02 -31.48
C ALA B 523 -20.21 68.42 -32.86
N TYR B 524 -21.24 67.73 -33.34
CA TYR B 524 -21.85 68.03 -34.63
C TYR B 524 -22.45 69.42 -34.63
N ILE B 525 -23.21 69.76 -33.59
CA ILE B 525 -23.80 71.09 -33.52
C ILE B 525 -22.75 72.15 -33.19
N GLY B 526 -21.71 71.79 -32.42
CA GLY B 526 -20.63 72.74 -32.16
C GLY B 526 -19.83 73.07 -33.40
N VAL B 527 -19.77 72.15 -34.36
CA VAL B 527 -19.12 72.45 -35.62
C VAL B 527 -20.06 73.19 -36.55
N SER B 528 -21.34 72.82 -36.56
CA SER B 528 -22.30 73.50 -37.41
C SER B 528 -22.48 74.96 -37.01
N VAL B 529 -22.41 75.27 -35.72
CA VAL B 529 -22.60 76.65 -35.28
C VAL B 529 -21.36 77.52 -35.58
N VAL B 530 -20.16 76.93 -35.55
CA VAL B 530 -18.98 77.72 -35.90
C VAL B 530 -18.88 77.88 -37.42
N LEU B 531 -19.34 76.89 -38.19
CA LEU B 531 -19.34 77.03 -39.63
C LEU B 531 -20.30 78.13 -40.10
N PHE B 532 -21.31 78.44 -39.29
CA PHE B 532 -22.18 79.58 -39.60
C PHE B 532 -21.44 80.90 -39.53
N LEU B 533 -20.42 80.99 -38.68
CA LEU B 533 -19.69 82.24 -38.49
C LEU B 533 -18.50 82.38 -39.42
N VAL B 534 -17.83 81.28 -39.78
CA VAL B 534 -16.65 81.35 -40.64
C VAL B 534 -17.00 81.54 -42.11
N SER B 535 -18.29 81.61 -42.45
CA SER B 535 -18.73 81.77 -43.82
C SER B 535 -19.17 83.19 -44.11
N ARG B 536 -20.14 83.70 -43.35
CA ARG B 536 -20.63 85.07 -43.51
C ARG B 536 -20.91 85.71 -42.16
N ALA B 563 -30.14 82.27 -45.15
CA ALA B 563 -29.20 82.52 -44.08
C ALA B 563 -29.71 81.95 -42.76
N ILE B 564 -31.02 81.69 -42.69
CA ILE B 564 -31.63 81.15 -41.48
C ILE B 564 -31.76 79.64 -41.62
N PHE B 565 -32.46 79.18 -42.67
CA PHE B 565 -32.54 77.76 -42.97
C PHE B 565 -31.49 77.31 -43.96
N GLN B 566 -30.87 78.24 -44.68
CA GLN B 566 -29.88 77.86 -45.69
C GLN B 566 -28.66 77.19 -45.05
N SER B 567 -28.19 77.74 -43.93
CA SER B 567 -27.06 77.16 -43.22
C SER B 567 -27.46 75.97 -42.35
N ALA B 568 -28.74 75.62 -42.29
CA ALA B 568 -29.16 74.44 -41.53
C ALA B 568 -29.22 73.16 -42.37
N TRP B 569 -29.41 73.27 -43.69
CA TRP B 569 -29.32 72.08 -44.54
C TRP B 569 -27.97 71.99 -45.23
N PHE B 570 -27.32 73.12 -45.46
CA PHE B 570 -26.05 73.15 -46.14
C PHE B 570 -24.93 72.60 -45.25
N SER B 571 -25.03 72.80 -43.92
CA SER B 571 -23.96 72.39 -43.01
C SER B 571 -23.88 70.88 -42.85
N LEU B 572 -25.03 70.19 -42.76
CA LEU B 572 -24.98 68.74 -42.57
C LEU B 572 -24.66 67.99 -43.86
N GLY B 573 -24.87 68.64 -45.01
CA GLY B 573 -24.49 68.03 -46.28
C GLY B 573 -23.01 67.78 -46.42
N ALA B 574 -22.19 68.42 -45.58
CA ALA B 574 -20.75 68.18 -45.59
C ALA B 574 -20.38 66.97 -44.74
N PHE B 575 -21.17 66.67 -43.71
CA PHE B 575 -20.95 65.48 -42.87
C PHE B 575 -20.96 64.20 -43.69
N MET B 576 -21.71 64.17 -44.78
CA MET B 576 -21.84 62.96 -45.58
C MET B 576 -20.56 62.63 -46.34
N GLN B 577 -20.18 63.49 -47.29
CA GLN B 577 -19.01 63.24 -48.11
C GLN B 577 -17.72 63.12 -47.31
N GLN B 578 -17.23 64.24 -46.76
CA GLN B 578 -15.96 64.22 -46.03
C GLN B 578 -15.91 65.13 -44.82
N GLY B 579 -16.73 66.18 -44.72
CA GLY B 579 -16.62 67.13 -43.64
C GLY B 579 -16.61 68.55 -44.17
N ALA B 580 -16.19 69.47 -43.30
CA ALA B 580 -16.09 70.90 -43.62
C ALA B 580 -17.47 71.51 -43.84
N ASP B 581 -17.60 72.34 -44.87
CA ASP B 581 -18.85 73.04 -45.10
C ASP B 581 -19.24 73.14 -46.57
N ILE B 582 -18.44 72.59 -47.48
CA ILE B 582 -18.72 72.44 -48.92
C ILE B 582 -19.11 73.74 -49.61
N SER B 583 -18.50 74.87 -49.24
CA SER B 583 -18.84 76.12 -49.92
C SER B 583 -17.59 76.77 -50.52
N PRO B 584 -17.52 76.92 -51.86
CA PRO B 584 -16.37 77.58 -52.50
C PRO B 584 -15.02 77.26 -51.87
N ARG B 585 -14.27 78.31 -51.56
CA ARG B 585 -13.00 78.23 -50.87
C ARG B 585 -13.04 79.13 -49.65
N SER B 586 -12.76 78.54 -48.48
CA SER B 586 -12.71 79.28 -47.23
C SER B 586 -11.42 78.90 -46.54
N LEU B 587 -10.61 79.89 -46.16
CA LEU B 587 -9.38 79.58 -45.45
C LEU B 587 -9.68 78.95 -44.10
N SER B 588 -10.72 79.44 -43.42
CA SER B 588 -11.09 78.89 -42.13
C SER B 588 -11.80 77.55 -42.27
N GLY B 589 -12.70 77.44 -43.27
CA GLY B 589 -13.40 76.19 -43.48
C GLY B 589 -12.46 75.01 -43.69
N ARG B 590 -11.29 75.26 -44.28
CA ARG B 590 -10.35 74.18 -44.51
C ARG B 590 -9.84 73.60 -43.20
N ILE B 591 -9.48 74.45 -42.24
CA ILE B 591 -9.02 73.95 -40.95
C ILE B 591 -10.16 73.32 -40.17
N VAL B 592 -11.37 73.89 -40.28
CA VAL B 592 -12.52 73.28 -39.59
C VAL B 592 -12.76 71.87 -40.13
N GLY B 593 -12.86 71.71 -41.44
CA GLY B 593 -13.02 70.39 -42.00
C GLY B 593 -11.80 69.50 -41.91
N GLY B 594 -10.65 70.05 -41.54
CA GLY B 594 -9.47 69.23 -41.39
C GLY B 594 -9.47 68.61 -40.01
N VAL B 595 -9.72 69.44 -39.01
CA VAL B 595 -9.76 68.92 -37.65
C VAL B 595 -10.96 68.00 -37.51
N TRP B 596 -12.10 68.38 -38.11
CA TRP B 596 -13.28 67.55 -38.05
C TRP B 596 -13.07 66.22 -38.77
N TRP B 597 -12.45 66.25 -39.96
CA TRP B 597 -12.22 65.01 -40.69
C TRP B 597 -11.30 64.08 -39.91
N PHE B 598 -10.24 64.62 -39.32
CA PHE B 598 -9.35 63.78 -38.51
C PHE B 598 -10.10 63.22 -37.30
N PHE B 599 -10.92 64.04 -36.66
CA PHE B 599 -11.68 63.61 -35.48
C PHE B 599 -12.63 62.47 -35.82
N THR B 600 -13.47 62.66 -36.85
CA THR B 600 -14.39 61.60 -37.25
C THR B 600 -13.66 60.38 -37.78
N LEU B 601 -12.47 60.55 -38.35
CA LEU B 601 -11.67 59.41 -38.77
C LEU B 601 -11.24 58.57 -37.57
N ILE B 602 -10.73 59.24 -36.53
CA ILE B 602 -10.36 58.52 -35.32
C ILE B 602 -11.58 57.84 -34.71
N ILE B 603 -12.73 58.51 -34.75
CA ILE B 603 -13.94 57.95 -34.16
C ILE B 603 -14.36 56.67 -34.89
N ILE B 604 -14.38 56.71 -36.23
CA ILE B 604 -14.82 55.52 -36.97
C ILE B 604 -13.78 54.41 -36.85
N SER B 605 -12.49 54.76 -36.82
CA SER B 605 -11.44 53.77 -36.62
C SER B 605 -11.60 53.06 -35.29
N SER B 606 -11.85 53.83 -34.22
CA SER B 606 -12.06 53.23 -32.91
C SER B 606 -13.34 52.39 -32.87
N TYR B 607 -14.38 52.81 -33.60
CA TYR B 607 -15.59 52.00 -33.65
C TYR B 607 -15.31 50.65 -34.29
N THR B 608 -14.65 50.65 -35.46
CA THR B 608 -14.34 49.40 -36.13
C THR B 608 -13.42 48.52 -35.27
N ALA B 609 -12.42 49.14 -34.62
CA ALA B 609 -11.50 48.38 -33.79
C ALA B 609 -12.22 47.72 -32.62
N ASN B 610 -13.09 48.47 -31.95
CA ASN B 610 -13.83 47.90 -30.82
C ASN B 610 -14.83 46.84 -31.27
N LEU B 611 -15.42 47.03 -32.46
CA LEU B 611 -16.33 46.03 -32.98
C LEU B 611 -15.60 44.73 -33.29
N ALA B 612 -14.40 44.81 -33.86
CA ALA B 612 -13.59 43.61 -34.05
C ALA B 612 -13.18 43.01 -32.70
N ALA B 613 -12.94 43.88 -31.71
CA ALA B 613 -12.53 43.39 -30.39
C ALA B 613 -13.63 42.58 -29.71
N PHE B 614 -14.89 42.93 -29.94
CA PHE B 614 -15.98 42.15 -29.37
C PHE B 614 -16.56 41.11 -30.32
N LEU B 615 -16.16 41.09 -31.58
CA LEU B 615 -16.44 39.94 -32.41
C LEU B 615 -15.33 38.91 -32.35
N THR B 616 -14.20 39.24 -31.73
CA THR B 616 -13.11 38.30 -31.49
C THR B 616 -13.06 37.79 -30.05
N VAL B 617 -13.34 38.65 -29.07
CA VAL B 617 -13.26 38.30 -27.65
C VAL B 617 -14.69 37.97 -27.19
N GLU B 618 -15.00 36.67 -27.13
CA GLU B 618 -16.27 36.19 -26.60
C GLU B 618 -16.05 35.77 -25.14
N ARG B 619 -16.19 36.73 -24.23
CA ARG B 619 -16.05 36.47 -22.80
C ARG B 619 -17.43 36.46 -22.16
N MET B 620 -17.89 35.26 -21.79
CA MET B 620 -19.17 35.08 -21.10
C MET B 620 -19.30 35.95 -19.86
N VAL B 621 -20.21 36.92 -19.91
CA VAL B 621 -20.49 37.78 -18.76
C VAL B 621 -21.49 37.07 -17.85
N SER B 622 -21.17 37.01 -16.56
CA SER B 622 -22.05 36.36 -15.58
C SER B 622 -23.03 37.38 -15.03
N PRO B 623 -24.34 37.18 -15.19
CA PRO B 623 -25.30 38.16 -14.68
C PRO B 623 -25.85 37.90 -13.29
N ILE B 624 -25.76 38.92 -12.43
CA ILE B 624 -26.36 38.92 -11.08
C ILE B 624 -25.95 37.71 -10.26
N GLU B 625 -24.64 37.50 -10.08
CA GLU B 625 -24.18 36.39 -9.26
C GLU B 625 -24.65 36.53 -7.80
N SER B 626 -24.57 37.74 -7.25
CA SER B 626 -24.95 37.96 -5.85
C SER B 626 -26.44 37.71 -5.63
N ALA B 627 -26.77 37.23 -4.43
CA ALA B 627 -28.16 36.94 -4.09
C ALA B 627 -28.95 38.22 -3.82
N GLU B 628 -28.31 39.22 -3.19
CA GLU B 628 -29.01 40.46 -2.88
C GLU B 628 -29.43 41.20 -4.15
N ASP B 629 -28.55 41.24 -5.15
CA ASP B 629 -28.94 41.83 -6.43
C ASP B 629 -29.97 40.97 -7.15
N LEU B 630 -29.96 39.66 -6.89
CA LEU B 630 -31.00 38.79 -7.43
C LEU B 630 -32.35 39.11 -6.81
N SER B 631 -32.36 39.54 -5.55
CA SER B 631 -33.60 39.96 -4.91
C SER B 631 -34.01 41.38 -5.32
N LYS B 632 -33.04 42.21 -5.69
CA LYS B 632 -33.31 43.59 -6.05
C LYS B 632 -33.82 43.73 -7.48
N GLN B 633 -34.04 42.63 -8.19
CA GLN B 633 -34.59 42.66 -9.53
C GLN B 633 -35.72 41.64 -9.64
N THR B 634 -36.71 41.96 -10.46
CA THR B 634 -37.89 41.12 -10.63
C THR B 634 -38.02 40.53 -12.03
N GLU B 635 -37.09 40.84 -12.93
CA GLU B 635 -37.16 40.29 -14.28
C GLU B 635 -36.89 38.78 -14.26
N ILE B 636 -35.81 38.36 -13.61
CA ILE B 636 -35.44 36.96 -13.52
C ILE B 636 -36.02 36.38 -12.23
N ALA B 637 -37.04 35.55 -12.36
CA ALA B 637 -37.66 34.94 -11.19
C ALA B 637 -36.72 33.91 -10.58
N TYR B 638 -36.98 33.58 -9.31
CA TYR B 638 -36.20 32.58 -8.59
C TYR B 638 -37.10 31.90 -7.57
N GLY B 639 -36.94 30.58 -7.45
CA GLY B 639 -37.76 29.81 -6.54
C GLY B 639 -37.00 28.64 -5.96
N THR B 640 -37.65 27.96 -5.01
CA THR B 640 -37.05 26.82 -4.33
C THR B 640 -37.92 25.57 -4.49
N LEU B 641 -38.09 24.82 -3.40
CA LEU B 641 -38.86 23.58 -3.41
C LEU B 641 -40.13 23.76 -2.59
N ASP B 642 -41.16 22.98 -2.95
CA ASP B 642 -42.41 23.02 -2.21
C ASP B 642 -42.22 22.63 -0.77
N SER B 643 -41.43 21.58 -0.51
CA SER B 643 -41.18 21.09 0.83
C SER B 643 -39.72 20.69 0.97
N GLY B 644 -39.13 21.07 2.09
CA GLY B 644 -37.74 20.74 2.36
C GLY B 644 -37.10 21.79 3.25
N SER B 645 -35.85 21.50 3.64
CA SER B 645 -35.13 22.42 4.51
C SER B 645 -34.71 23.70 3.79
N THR B 646 -34.53 23.63 2.47
CA THR B 646 -34.14 24.83 1.71
C THR B 646 -35.22 25.91 1.82
N LYS B 647 -36.49 25.52 1.68
CA LYS B 647 -37.57 26.47 1.80
C LYS B 647 -37.74 26.94 3.24
N GLU B 648 -37.62 26.02 4.19
CA GLU B 648 -37.77 26.38 5.60
C GLU B 648 -36.70 27.36 6.05
N PHE B 649 -35.50 27.29 5.46
CA PHE B 649 -34.46 28.25 5.81
C PHE B 649 -34.86 29.66 5.41
N PHE B 650 -35.46 29.81 4.23
CA PHE B 650 -35.98 31.12 3.83
C PHE B 650 -37.19 31.52 4.65
N ARG B 651 -37.94 30.54 5.19
CA ARG B 651 -39.09 30.86 6.01
C ARG B 651 -38.67 31.53 7.31
N ARG B 652 -37.83 30.87 8.10
CA ARG B 652 -37.42 31.36 9.41
C ARG B 652 -36.12 32.13 9.38
N SER B 653 -35.91 32.98 8.37
CA SER B 653 -34.68 33.77 8.26
C SER B 653 -34.88 35.14 8.87
N LYS B 654 -33.85 35.62 9.57
CA LYS B 654 -33.86 36.92 10.21
C LYS B 654 -33.22 38.02 9.37
N ILE B 655 -32.45 37.67 8.36
CA ILE B 655 -31.80 38.66 7.51
C ILE B 655 -32.82 39.21 6.52
N ALA B 656 -32.78 40.53 6.32
CA ALA B 656 -33.78 41.19 5.47
C ALA B 656 -33.65 40.76 4.01
N VAL B 657 -32.47 40.32 3.59
CA VAL B 657 -32.30 39.88 2.21
C VAL B 657 -33.09 38.60 1.96
N PHE B 658 -32.87 37.58 2.79
CA PHE B 658 -33.61 36.34 2.65
C PHE B 658 -35.09 36.54 2.94
N ASP B 659 -35.45 37.54 3.75
CA ASP B 659 -36.86 37.81 3.99
C ASP B 659 -37.52 38.43 2.75
N LYS B 660 -36.80 39.31 2.06
CA LYS B 660 -37.30 39.86 0.80
C LYS B 660 -37.44 38.76 -0.24
N MET B 661 -36.44 37.89 -0.34
CA MET B 661 -36.52 36.76 -1.27
C MET B 661 -37.69 35.85 -0.94
N TRP B 662 -37.93 35.62 0.36
CA TRP B 662 -39.01 34.73 0.77
C TRP B 662 -40.37 35.34 0.49
N THR B 663 -40.52 36.65 0.69
CA THR B 663 -41.79 37.29 0.35
C THR B 663 -42.01 37.31 -1.16
N TYR B 664 -40.94 37.51 -1.94
CA TYR B 664 -41.07 37.46 -3.39
C TYR B 664 -41.50 36.08 -3.86
N MET B 665 -40.92 35.03 -3.28
CA MET B 665 -41.29 33.67 -3.68
C MET B 665 -42.67 33.30 -3.18
N ARG B 666 -43.08 33.86 -2.04
CA ARG B 666 -44.40 33.58 -1.48
C ARG B 666 -45.51 34.23 -2.31
N SER B 667 -45.27 35.45 -2.79
CA SER B 667 -46.24 36.15 -3.62
C SER B 667 -45.84 36.06 -5.09
N ALA B 668 -45.73 34.83 -5.57
CA ALA B 668 -45.28 34.53 -6.92
C ALA B 668 -46.45 34.02 -7.75
N GLU B 669 -46.68 34.65 -8.90
CA GLU B 669 -47.69 34.22 -9.86
C GLU B 669 -47.09 34.26 -11.26
N PRO B 670 -46.85 33.10 -11.90
CA PRO B 670 -47.15 31.74 -11.43
C PRO B 670 -46.27 31.28 -10.27
N SER B 671 -46.66 30.17 -9.63
CA SER B 671 -45.94 29.67 -8.48
C SER B 671 -44.52 29.23 -8.88
N VAL B 672 -43.53 29.77 -8.18
CA VAL B 672 -42.14 29.46 -8.48
C VAL B 672 -41.70 28.13 -7.89
N PHE B 673 -42.44 27.60 -6.92
CA PHE B 673 -42.07 26.33 -6.31
C PHE B 673 -42.34 25.16 -7.26
N VAL B 674 -41.49 24.14 -7.17
CA VAL B 674 -41.62 22.95 -8.00
C VAL B 674 -41.71 21.73 -7.08
N ARG B 675 -42.17 20.63 -7.67
CA ARG B 675 -42.34 19.39 -6.91
C ARG B 675 -41.02 18.68 -6.68
N THR B 676 -40.28 18.41 -7.75
CA THR B 676 -39.01 17.68 -7.68
C THR B 676 -37.87 18.58 -8.16
N THR B 677 -36.64 18.09 -7.93
CA THR B 677 -35.46 18.84 -8.36
C THR B 677 -35.35 18.85 -9.88
N ALA B 678 -35.74 17.76 -10.53
CA ALA B 678 -35.70 17.72 -11.99
C ALA B 678 -36.60 18.77 -12.61
N GLU B 679 -37.72 19.09 -11.93
CA GLU B 679 -38.59 20.14 -12.45
C GLU B 679 -37.92 21.50 -12.38
N GLY B 680 -37.15 21.74 -11.31
CA GLY B 680 -36.42 23.00 -11.22
C GLY B 680 -35.30 23.10 -12.24
N VAL B 681 -34.56 22.00 -12.44
CA VAL B 681 -33.51 22.00 -13.44
C VAL B 681 -34.09 22.23 -14.83
N ALA B 682 -35.22 21.58 -15.14
CA ALA B 682 -35.85 21.78 -16.44
C ALA B 682 -36.39 23.19 -16.60
N ARG B 683 -36.91 23.78 -15.52
CA ARG B 683 -37.41 25.15 -15.59
C ARG B 683 -36.26 26.13 -15.82
N VAL B 684 -35.10 25.88 -15.21
CA VAL B 684 -33.93 26.72 -15.45
C VAL B 684 -33.44 26.54 -16.89
N ARG B 685 -33.46 25.31 -17.40
CA ARG B 685 -32.93 25.05 -18.73
C ARG B 685 -33.84 25.54 -19.85
N LYS B 686 -35.12 25.78 -19.57
CA LYS B 686 -36.05 26.21 -20.61
C LYS B 686 -36.29 27.72 -20.64
N SER B 687 -36.07 28.42 -19.52
CA SER B 687 -36.28 29.86 -19.48
C SER B 687 -35.22 30.67 -20.21
N LYS B 688 -34.17 30.02 -20.72
CA LYS B 688 -33.10 30.68 -21.46
C LYS B 688 -32.42 31.77 -20.62
N GLY B 689 -32.17 31.46 -19.34
CA GLY B 689 -31.49 32.37 -18.47
C GLY B 689 -32.37 33.32 -17.68
N LYS B 690 -33.69 33.12 -17.72
CA LYS B 690 -34.63 34.01 -17.05
C LYS B 690 -35.19 33.41 -15.76
N TYR B 691 -34.62 32.30 -15.29
CA TYR B 691 -35.05 31.66 -14.06
C TYR B 691 -33.83 31.19 -13.28
N ALA B 692 -33.92 31.28 -11.96
CA ALA B 692 -32.84 30.88 -11.06
C ALA B 692 -33.35 29.85 -10.07
N TYR B 693 -32.48 28.91 -9.70
CA TYR B 693 -32.87 27.82 -8.81
C TYR B 693 -31.92 27.78 -7.63
N LEU B 694 -32.47 27.86 -6.43
CA LEU B 694 -31.69 27.84 -5.20
C LEU B 694 -31.62 26.40 -4.69
N LEU B 695 -30.41 25.89 -4.52
CA LEU B 695 -30.24 24.53 -4.04
C LEU B 695 -28.85 24.38 -3.42
N GLU B 696 -28.66 23.26 -2.71
CA GLU B 696 -27.40 23.01 -2.03
C GLU B 696 -26.24 22.96 -3.03
N SER B 697 -25.07 23.38 -2.55
CA SER B 697 -23.91 23.56 -3.43
C SER B 697 -23.36 22.24 -3.97
N THR B 698 -23.53 21.13 -3.25
CA THR B 698 -23.01 19.87 -3.77
C THR B 698 -23.73 19.47 -5.06
N MET B 699 -25.05 19.65 -5.11
CA MET B 699 -25.79 19.33 -6.32
C MET B 699 -25.61 20.41 -7.37
N ASN B 700 -25.43 21.66 -6.94
CA ASN B 700 -25.17 22.73 -7.90
C ASN B 700 -23.86 22.47 -8.64
N GLU B 701 -22.82 22.07 -7.91
CA GLU B 701 -21.54 21.76 -8.52
C GLU B 701 -21.60 20.49 -9.37
N TYR B 702 -22.35 19.48 -8.91
CA TYR B 702 -22.40 18.24 -9.69
C TYR B 702 -23.20 18.41 -10.99
N ILE B 703 -24.31 19.16 -10.94
CA ILE B 703 -25.05 19.45 -12.16
C ILE B 703 -24.22 20.29 -13.11
N GLU B 704 -23.40 21.20 -12.57
CA GLU B 704 -22.53 22.01 -13.41
C GLU B 704 -21.45 21.17 -14.08
N GLN B 705 -21.07 20.05 -13.46
CA GLN B 705 -20.04 19.17 -14.00
C GLN B 705 -20.64 18.02 -14.80
N ARG B 706 -21.86 18.17 -15.29
CA ARG B 706 -22.52 17.16 -16.12
C ARG B 706 -23.15 17.82 -17.33
N LYS B 707 -23.36 17.02 -18.37
CA LYS B 707 -23.91 17.50 -19.62
C LYS B 707 -25.30 18.09 -19.38
N PRO B 708 -25.72 19.09 -20.19
CA PRO B 708 -25.00 19.70 -21.31
C PRO B 708 -24.13 20.90 -20.94
N CYS B 709 -23.66 20.94 -19.69
CA CYS B 709 -22.76 22.00 -19.22
C CYS B 709 -23.36 23.39 -19.37
N ASP B 710 -24.69 23.50 -19.37
CA ASP B 710 -25.36 24.79 -19.51
C ASP B 710 -25.76 25.41 -18.18
N THR B 711 -25.57 24.73 -17.07
CA THR B 711 -25.86 25.29 -15.75
C THR B 711 -24.61 25.91 -15.14
N MET B 712 -24.83 26.91 -14.27
CA MET B 712 -23.73 27.62 -13.65
C MET B 712 -24.11 27.96 -12.21
N LYS B 713 -23.16 27.74 -11.31
CA LYS B 713 -23.31 28.09 -9.90
C LYS B 713 -22.78 29.51 -9.70
N VAL B 714 -23.67 30.45 -9.41
CA VAL B 714 -23.32 31.86 -9.26
C VAL B 714 -23.28 32.20 -7.78
N GLY B 715 -22.30 33.02 -7.40
CA GLY B 715 -22.21 33.47 -6.02
C GLY B 715 -21.67 32.38 -5.10
N GLY B 716 -21.86 32.62 -3.80
CA GLY B 716 -21.43 31.70 -2.77
C GLY B 716 -22.61 31.17 -1.97
N ASN B 717 -22.28 30.32 -1.00
CA ASN B 717 -23.30 29.71 -0.17
C ASN B 717 -23.95 30.76 0.74
N LEU B 718 -25.08 30.40 1.32
CA LEU B 718 -25.83 31.29 2.20
C LEU B 718 -25.89 30.82 3.64
N ASP B 719 -25.80 29.51 3.88
CA ASP B 719 -25.82 28.95 5.23
C ASP B 719 -24.66 27.98 5.40
N SER B 720 -24.46 27.55 6.63
CA SER B 720 -23.34 26.70 7.02
C SER B 720 -23.88 25.37 7.55
N LYS B 721 -23.89 24.34 6.70
CA LYS B 721 -24.30 23.01 7.12
C LYS B 721 -23.25 22.01 6.68
N GLY B 722 -23.36 20.77 7.17
CA GLY B 722 -22.36 19.77 6.84
C GLY B 722 -22.91 18.36 6.92
N TYR B 723 -22.30 17.47 6.15
CA TYR B 723 -22.64 16.05 6.18
C TYR B 723 -21.75 15.31 7.17
N GLY B 724 -22.34 14.39 7.91
CA GLY B 724 -21.59 13.59 8.87
C GLY B 724 -22.13 12.18 8.96
N ILE B 725 -21.27 11.27 9.38
CA ILE B 725 -21.66 9.87 9.56
C ILE B 725 -22.47 9.75 10.84
N ALA B 726 -23.72 9.33 10.71
CA ALA B 726 -24.64 9.21 11.84
C ALA B 726 -24.46 7.87 12.53
N THR B 727 -24.25 7.90 13.84
CA THR B 727 -24.08 6.70 14.65
C THR B 727 -25.14 6.65 15.75
N PRO B 728 -25.58 5.45 16.13
CA PRO B 728 -26.57 5.34 17.21
C PRO B 728 -25.97 5.73 18.55
N LYS B 729 -26.82 6.26 19.41
CA LYS B 729 -26.37 6.76 20.71
C LYS B 729 -25.88 5.61 21.56
N GLY B 730 -24.63 5.69 22.01
CA GLY B 730 -24.04 4.63 22.81
C GLY B 730 -23.43 3.50 22.02
N SER B 731 -23.05 3.73 20.77
CA SER B 731 -22.47 2.69 19.92
C SER B 731 -20.95 2.73 20.01
N SER B 732 -20.35 1.56 19.79
CA SER B 732 -18.88 1.44 19.90
C SER B 732 -18.16 2.17 18.79
N LEU B 733 -18.80 2.36 17.64
CA LEU B 733 -18.16 2.94 16.48
C LEU B 733 -18.19 4.47 16.46
N GLY B 734 -18.92 5.10 17.37
CA GLY B 734 -19.05 6.54 17.38
C GLY B 734 -17.74 7.28 17.42
N THR B 735 -16.99 7.14 18.51
CA THR B 735 -15.70 7.82 18.63
C THR B 735 -14.68 7.35 17.60
N PRO B 736 -14.50 6.05 17.33
CA PRO B 736 -13.51 5.68 16.29
C PRO B 736 -13.83 6.24 14.92
N VAL B 737 -15.11 6.30 14.54
CA VAL B 737 -15.47 6.91 13.26
C VAL B 737 -15.27 8.42 13.32
N ASN B 738 -15.60 9.05 14.45
CA ASN B 738 -15.36 10.47 14.61
C ASN B 738 -13.89 10.82 14.44
N LEU B 739 -13.00 9.94 14.90
CA LEU B 739 -11.57 10.20 14.72
C LEU B 739 -11.10 9.85 13.31
N ALA B 740 -11.65 8.78 12.72
CA ALA B 740 -11.23 8.39 11.38
C ALA B 740 -11.63 9.43 10.34
N VAL B 741 -12.78 10.08 10.53
CA VAL B 741 -13.19 11.14 9.62
C VAL B 741 -12.18 12.28 9.64
N LEU B 742 -11.79 12.73 10.84
CA LEU B 742 -10.79 13.78 10.96
C LEU B 742 -9.46 13.34 10.37
N LYS B 743 -9.08 12.08 10.57
CA LYS B 743 -7.83 11.58 10.00
C LYS B 743 -7.86 11.61 8.48
N LEU B 744 -9.00 11.25 7.88
CA LEU B 744 -9.10 11.27 6.43
C LEU B 744 -9.18 12.69 5.88
N SER B 745 -9.77 13.61 6.64
CA SER B 745 -9.86 14.99 6.19
C SER B 745 -8.50 15.68 6.27
N GLU B 746 -7.72 15.41 7.32
CA GLU B 746 -6.42 16.03 7.45
C GLU B 746 -5.40 15.42 6.50
N GLN B 747 -5.55 14.13 6.17
CA GLN B 747 -4.66 13.51 5.19
C GLN B 747 -4.92 14.04 3.78
N GLY B 748 -6.15 14.48 3.50
CA GLY B 748 -6.52 14.94 2.18
C GLY B 748 -7.26 13.94 1.33
N LEU B 749 -7.60 12.77 1.89
CA LEU B 749 -8.27 11.75 1.09
C LEU B 749 -9.71 12.12 0.79
N LEU B 750 -10.37 12.87 1.68
CA LEU B 750 -11.76 13.25 1.45
C LEU B 750 -11.87 14.22 0.29
N ASP B 751 -11.04 15.27 0.29
CA ASP B 751 -11.04 16.20 -0.83
C ASP B 751 -10.57 15.53 -2.12
N LYS B 752 -9.63 14.59 -2.02
CA LYS B 752 -9.20 13.85 -3.20
C LYS B 752 -10.34 13.04 -3.79
N LEU B 753 -11.18 12.43 -2.93
CA LEU B 753 -12.34 11.71 -3.42
C LEU B 753 -13.38 12.65 -4.00
N LYS B 754 -13.53 13.82 -3.39
CA LYS B 754 -14.42 14.85 -3.94
C LYS B 754 -14.03 15.22 -5.35
N ASN B 755 -12.74 15.56 -5.55
CA ASN B 755 -12.24 15.87 -6.88
C ASN B 755 -12.33 14.67 -7.82
N LYS B 756 -12.23 13.46 -7.28
CA LYS B 756 -12.26 12.25 -8.11
C LYS B 756 -13.65 12.03 -8.68
N TRP B 757 -14.68 12.13 -7.84
CA TRP B 757 -16.04 11.81 -8.26
C TRP B 757 -16.84 13.02 -8.73
N TRP B 758 -16.31 14.24 -8.59
CA TRP B 758 -17.01 15.42 -9.09
C TRP B 758 -16.42 15.94 -10.40
N TYR B 759 -15.11 16.12 -10.46
CA TYR B 759 -14.46 16.73 -11.63
C TYR B 759 -13.74 15.72 -12.53
N ASP B 760 -13.07 14.73 -11.95
CA ASP B 760 -12.36 13.74 -12.78
C ASP B 760 -13.33 12.92 -13.62
N LYS B 761 -14.38 12.39 -12.99
CA LYS B 761 -15.41 11.64 -13.70
C LYS B 761 -16.52 12.53 -14.27
N GLY B 762 -16.40 13.84 -14.12
CA GLY B 762 -17.41 14.74 -14.67
C GLY B 762 -17.35 14.78 -16.18
N GLU B 763 -18.52 14.81 -16.81
CA GLU B 763 -18.59 14.83 -18.26
C GLU B 763 -18.03 16.12 -18.85
N CYS B 764 -18.21 17.26 -18.16
CA CYS B 764 -17.71 18.54 -18.65
C CYS B 764 -16.27 18.70 -18.15
N GLY B 765 -15.35 18.08 -18.88
CA GLY B 765 -13.97 18.02 -18.45
C GLY B 765 -13.18 19.30 -18.62
N ALA B 766 -13.28 19.93 -19.79
CA ALA B 766 -12.47 21.12 -20.06
C ALA B 766 -13.17 22.24 -20.81
N LYS B 767 -14.39 22.05 -21.33
CA LYS B 767 -15.04 23.11 -22.09
C LYS B 767 -15.24 24.36 -21.25
N ASP B 768 -15.70 24.19 -20.01
CA ASP B 768 -15.95 25.31 -19.13
C ASP B 768 -14.67 25.79 -18.46
N SER B 769 -13.83 24.85 -18.01
CA SER B 769 -12.63 25.21 -17.27
C SER B 769 -11.65 26.03 -18.12
N GLY B 770 -11.46 25.67 -19.38
CA GLY B 770 -10.50 26.42 -20.17
C GLY B 770 -10.62 26.25 -21.66
N SER B 771 -9.80 27.05 -22.36
CA SER B 771 -9.62 27.10 -23.80
C SER B 771 -10.71 27.87 -24.53
N LYS B 772 -10.56 27.99 -25.85
CA LYS B 772 -11.49 28.67 -26.73
C LYS B 772 -11.68 27.83 -27.99
N GLU B 773 -12.79 28.06 -28.68
CA GLU B 773 -13.10 27.30 -29.89
C GLU B 773 -13.47 28.24 -31.03
N LYS B 774 -13.25 27.77 -32.26
CA LYS B 774 -13.52 28.56 -33.44
C LYS B 774 -14.99 28.46 -33.82
N THR B 775 -15.53 29.58 -34.31
CA THR B 775 -16.92 29.80 -34.73
C THR B 775 -17.01 31.21 -35.30
N SER B 776 -17.86 32.07 -34.70
CA SER B 776 -18.11 33.46 -35.05
C SER B 776 -19.22 33.54 -36.09
N ALA B 777 -19.90 34.68 -36.17
CA ALA B 777 -20.97 34.90 -37.14
C ALA B 777 -21.53 36.31 -36.99
N LEU B 778 -22.66 36.58 -37.66
CA LEU B 778 -23.29 37.89 -37.61
C LEU B 778 -24.70 37.84 -38.18
N SER B 779 -25.70 37.90 -37.30
CA SER B 779 -27.10 37.86 -37.71
C SER B 779 -27.59 39.26 -38.06
N LEU B 780 -28.70 39.30 -38.79
CA LEU B 780 -29.26 40.57 -39.23
C LEU B 780 -29.97 41.32 -38.12
N SER B 781 -30.42 40.62 -37.07
CA SER B 781 -31.17 41.25 -35.99
C SER B 781 -30.46 42.48 -35.42
N ASN B 782 -29.13 42.46 -35.40
CA ASN B 782 -28.36 43.58 -34.87
C ASN B 782 -28.25 44.74 -35.85
N VAL B 783 -28.49 44.48 -37.13
CA VAL B 783 -28.43 45.53 -38.15
C VAL B 783 -29.82 46.06 -38.47
N ALA B 784 -30.87 45.33 -38.08
CA ALA B 784 -32.23 45.81 -38.28
C ALA B 784 -32.44 47.18 -37.62
N GLY B 785 -31.71 47.48 -36.55
CA GLY B 785 -31.79 48.80 -35.94
C GLY B 785 -31.26 49.89 -36.85
N VAL B 786 -30.11 49.66 -37.48
CA VAL B 786 -29.58 50.60 -38.46
C VAL B 786 -30.55 50.75 -39.63
N PHE B 787 -31.14 49.64 -40.08
CA PHE B 787 -32.15 49.72 -41.13
C PHE B 787 -33.37 50.53 -40.67
N TYR B 788 -33.72 50.43 -39.38
CA TYR B 788 -34.86 51.20 -38.88
C TYR B 788 -34.54 52.69 -38.82
N ILE B 789 -33.30 53.04 -38.45
CA ILE B 789 -32.94 54.46 -38.44
C ILE B 789 -32.83 54.98 -39.86
N LEU B 790 -32.51 54.09 -40.82
CA LEU B 790 -32.49 54.49 -42.22
C LEU B 790 -33.90 54.77 -42.72
N VAL B 791 -34.82 53.85 -42.46
CA VAL B 791 -36.21 54.04 -42.86
C VAL B 791 -36.81 55.28 -42.20
N GLY B 792 -36.52 55.48 -40.91
CA GLY B 792 -36.99 56.67 -40.24
C GLY B 792 -36.42 57.95 -40.83
N GLY B 793 -35.14 57.92 -41.23
CA GLY B 793 -34.57 59.07 -41.90
C GLY B 793 -35.22 59.32 -43.25
N LEU B 794 -35.50 58.26 -43.99
CA LEU B 794 -36.15 58.41 -45.29
C LEU B 794 -37.55 58.99 -45.13
N GLY B 795 -38.30 58.51 -44.13
CA GLY B 795 -39.63 59.05 -43.88
C GLY B 795 -39.60 60.51 -43.46
N LEU B 796 -38.69 60.84 -42.52
CA LEU B 796 -38.56 62.24 -42.11
C LEU B 796 -38.15 63.13 -43.27
N ALA B 797 -37.26 62.65 -44.13
CA ALA B 797 -36.85 63.42 -45.31
C ALA B 797 -37.98 63.55 -46.31
N MET B 798 -38.86 62.55 -46.43
CA MET B 798 -40.01 62.68 -47.30
C MET B 798 -40.99 63.70 -46.74
N LEU B 799 -41.18 63.72 -45.42
CA LEU B 799 -42.01 64.74 -44.81
C LEU B 799 -41.46 66.13 -45.04
N VAL B 800 -40.15 66.29 -44.81
CA VAL B 800 -39.49 67.58 -45.03
C VAL B 800 -39.61 68.02 -46.48
N ALA B 801 -39.40 67.10 -47.43
CA ALA B 801 -39.57 67.43 -48.84
C ALA B 801 -41.00 67.81 -49.17
N LEU B 802 -41.97 67.16 -48.51
CA LEU B 802 -43.37 67.49 -48.77
C LEU B 802 -43.73 68.87 -48.25
N ILE B 803 -43.21 69.26 -47.08
CA ILE B 803 -43.50 70.59 -46.58
C ILE B 803 -42.68 71.68 -47.28
N GLU B 804 -41.54 71.30 -47.88
CA GLU B 804 -40.69 72.25 -48.58
C GLU B 804 -41.15 72.50 -50.02
N PHE B 805 -41.54 71.45 -50.74
CA PHE B 805 -41.97 71.64 -52.11
C PHE B 805 -43.29 72.38 -52.20
N CYS B 806 -44.12 72.29 -51.15
CA CYS B 806 -45.37 73.05 -51.12
C CYS B 806 -45.09 74.53 -50.91
N TYR B 807 -44.25 74.85 -49.92
CA TYR B 807 -43.80 76.20 -49.58
C TYR B 807 -43.69 77.14 -50.78
N ASN C 1 39.03 -26.05 67.63
CA ASN C 1 39.04 -26.59 66.27
C ASN C 1 37.63 -26.83 65.75
N SER C 2 36.88 -27.68 66.45
CA SER C 2 35.52 -28.01 66.05
C SER C 2 34.63 -26.79 66.27
N ILE C 3 34.23 -26.15 65.18
CA ILE C 3 33.41 -24.94 65.23
C ILE C 3 31.97 -25.34 64.92
N GLN C 4 31.11 -25.26 65.93
CA GLN C 4 29.70 -25.59 65.75
C GLN C 4 29.01 -24.51 64.94
N ILE C 5 28.49 -24.88 63.76
CA ILE C 5 27.77 -23.93 62.90
C ILE C 5 26.43 -24.52 62.52
N GLY C 6 25.43 -23.65 62.39
CA GLY C 6 24.09 -24.07 62.03
C GLY C 6 23.88 -24.20 60.54
N GLY C 7 23.02 -25.14 60.15
CA GLY C 7 22.74 -25.36 58.74
C GLY C 7 21.27 -25.61 58.47
N LEU C 8 20.49 -24.54 58.36
CA LEU C 8 19.05 -24.64 58.10
C LEU C 8 18.81 -24.73 56.61
N PHE C 9 18.19 -25.82 56.17
CA PHE C 9 17.92 -26.03 54.76
C PHE C 9 16.44 -26.31 54.55
N PRO C 10 15.90 -25.90 53.41
CA PRO C 10 14.53 -26.30 53.06
C PRO C 10 14.46 -27.78 52.72
N ARG C 11 13.28 -28.37 52.94
CA ARG C 11 13.12 -29.80 52.70
C ARG C 11 13.30 -30.14 51.23
N GLY C 12 13.06 -29.19 50.34
CA GLY C 12 13.25 -29.38 48.92
C GLY C 12 14.61 -29.03 48.38
N ALA C 13 15.57 -28.72 49.26
CA ALA C 13 16.92 -28.35 48.85
C ALA C 13 17.77 -29.60 48.73
N ASP C 14 18.20 -29.94 47.51
CA ASP C 14 19.02 -31.11 47.28
C ASP C 14 20.39 -30.75 46.73
N GLN C 15 20.46 -30.13 45.55
CA GLN C 15 21.76 -29.77 44.98
C GLN C 15 22.46 -28.72 45.83
N GLU C 16 21.71 -27.86 46.53
CA GLU C 16 22.33 -26.89 47.42
C GLU C 16 23.03 -27.57 48.58
N TYR C 17 22.38 -28.56 49.20
CA TYR C 17 23.01 -29.31 50.27
C TYR C 17 24.18 -30.15 49.75
N SER C 18 24.07 -30.66 48.52
CA SER C 18 25.18 -31.40 47.93
C SER C 18 26.40 -30.51 47.76
N ALA C 19 26.20 -29.30 47.21
CA ALA C 19 27.30 -28.36 47.09
C ALA C 19 27.81 -27.92 48.46
N PHE C 20 26.93 -27.87 49.46
CA PHE C 20 27.37 -27.57 50.82
C PHE C 20 28.31 -28.65 51.34
N ARG C 21 28.02 -29.91 51.01
CA ARG C 21 28.89 -31.00 51.44
C ARG C 21 30.21 -30.98 50.67
N VAL C 22 30.15 -30.70 49.36
CA VAL C 22 31.38 -30.63 48.56
C VAL C 22 32.28 -29.50 49.06
N GLY C 23 31.68 -28.35 49.40
CA GLY C 23 32.47 -27.28 49.99
C GLY C 23 32.99 -27.62 51.38
N MET C 24 32.21 -28.40 52.15
CA MET C 24 32.68 -28.83 53.46
C MET C 24 33.90 -29.74 53.33
N VAL C 25 33.93 -30.58 52.28
CA VAL C 25 35.07 -31.47 52.08
C VAL C 25 36.26 -30.72 51.48
N GLN C 26 36.00 -29.79 50.56
CA GLN C 26 37.10 -29.10 49.88
C GLN C 26 37.85 -28.18 50.82
N PHE C 27 37.17 -27.59 51.80
CA PHE C 27 37.82 -26.64 52.71
C PHE C 27 37.75 -27.13 54.14
N SER C 28 38.20 -28.35 54.39
CA SER C 28 38.28 -28.92 55.73
C SER C 28 39.75 -29.05 56.11
N THR C 29 40.36 -27.91 56.44
CA THR C 29 41.77 -27.89 56.77
C THR C 29 42.02 -28.54 58.12
N SER C 30 43.28 -28.92 58.35
CA SER C 30 43.67 -29.52 59.62
C SER C 30 43.72 -28.51 60.76
N GLU C 31 43.78 -27.21 60.44
CA GLU C 31 43.82 -26.20 61.49
C GLU C 31 42.55 -26.19 62.31
N PHE C 32 41.39 -26.36 61.67
CA PHE C 32 40.11 -26.37 62.36
C PHE C 32 39.07 -26.98 61.42
N ARG C 33 38.09 -27.64 62.01
CA ARG C 33 37.01 -28.28 61.26
C ARG C 33 35.67 -27.68 61.66
N LEU C 34 34.84 -27.42 60.66
CA LEU C 34 33.51 -26.85 60.88
C LEU C 34 32.51 -27.99 61.01
N THR C 35 31.89 -28.11 62.18
CA THR C 35 30.88 -29.13 62.41
C THR C 35 29.50 -28.52 62.20
N PRO C 36 28.74 -28.98 61.20
CA PRO C 36 27.42 -28.39 60.95
C PRO C 36 26.29 -29.18 61.60
N HIS C 37 25.34 -28.47 62.20
CA HIS C 37 24.11 -29.07 62.72
C HIS C 37 22.99 -28.76 61.73
N ILE C 38 22.55 -29.78 61.01
CA ILE C 38 21.57 -29.62 59.94
C ILE C 38 20.16 -29.78 60.50
N ASP C 39 19.29 -28.84 60.15
CA ASP C 39 17.87 -28.88 60.53
C ASP C 39 17.05 -28.63 59.28
N ASN C 40 16.40 -29.67 58.77
CA ASN C 40 15.55 -29.57 57.59
C ASN C 40 14.12 -29.28 58.01
N LEU C 41 13.62 -28.10 57.63
CA LEU C 41 12.27 -27.67 57.99
C LEU C 41 11.71 -26.83 56.85
N GLU C 42 10.44 -26.45 56.99
CA GLU C 42 9.77 -25.65 55.98
C GLU C 42 10.26 -24.20 56.06
N VAL C 43 10.84 -23.70 54.98
CA VAL C 43 11.43 -22.36 54.98
C VAL C 43 10.36 -21.28 55.01
N ALA C 44 9.16 -21.58 54.53
CA ALA C 44 8.11 -20.56 54.47
C ALA C 44 7.53 -20.28 55.85
N ASN C 45 7.26 -21.33 56.62
CA ASN C 45 6.67 -21.17 57.95
C ASN C 45 7.67 -20.50 58.88
N SER C 46 7.37 -19.29 59.32
CA SER C 46 8.28 -18.56 60.18
C SER C 46 8.28 -19.08 61.61
N PHE C 47 7.24 -19.80 62.03
CA PHE C 47 7.25 -20.39 63.37
C PHE C 47 8.27 -21.52 63.47
N ALA C 48 8.31 -22.39 62.46
CA ALA C 48 9.33 -23.43 62.44
C ALA C 48 10.73 -22.82 62.28
N VAL C 49 10.84 -21.72 61.55
CA VAL C 49 12.12 -21.03 61.43
C VAL C 49 12.57 -20.49 62.78
N THR C 50 11.63 -19.93 63.55
CA THR C 50 11.95 -19.45 64.89
C THR C 50 12.34 -20.60 65.80
N ASN C 51 11.63 -21.73 65.70
CA ASN C 51 11.94 -22.87 66.54
C ASN C 51 13.33 -23.41 66.24
N ALA C 52 13.68 -23.53 64.96
CA ALA C 52 15.01 -24.03 64.59
C ALA C 52 16.09 -23.04 64.96
N PHE C 53 15.83 -21.74 64.80
CA PHE C 53 16.82 -20.73 65.17
C PHE C 53 17.08 -20.75 66.67
N CYS C 54 16.02 -20.89 67.47
CA CYS C 54 16.21 -20.93 68.92
C CYS C 54 16.83 -22.25 69.36
N SER C 55 16.61 -23.33 68.60
CA SER C 55 17.29 -24.59 68.91
C SER C 55 18.78 -24.48 68.64
N GLN C 56 19.16 -23.88 67.51
CA GLN C 56 20.57 -23.68 67.22
C GLN C 56 21.21 -22.72 68.21
N PHE C 57 20.49 -21.67 68.61
CA PHE C 57 21.03 -20.72 69.58
C PHE C 57 21.23 -21.38 70.94
N SER C 58 20.31 -22.27 71.34
CA SER C 58 20.49 -23.00 72.59
C SER C 58 21.60 -24.03 72.48
N ARG C 59 21.85 -24.55 71.27
CA ARG C 59 22.95 -25.50 71.08
C ARG C 59 24.30 -24.81 71.18
N GLY C 60 24.40 -23.56 70.73
CA GLY C 60 25.63 -22.81 70.83
C GLY C 60 26.36 -22.62 69.52
N VAL C 61 25.63 -22.35 68.46
CA VAL C 61 26.22 -22.11 67.15
C VAL C 61 26.80 -20.70 67.10
N TYR C 62 27.85 -20.54 66.30
CA TYR C 62 28.48 -19.22 66.12
C TYR C 62 27.90 -18.47 64.94
N ALA C 63 27.62 -19.16 63.85
CA ALA C 63 27.04 -18.54 62.66
C ALA C 63 26.13 -19.55 61.97
N ILE C 64 24.89 -19.14 61.70
CA ILE C 64 23.91 -20.00 61.07
C ILE C 64 23.90 -19.71 59.57
N PHE C 65 23.98 -20.77 58.77
CA PHE C 65 23.86 -20.67 57.32
C PHE C 65 22.54 -21.29 56.90
N GLY C 66 21.68 -20.49 56.28
CA GLY C 66 20.36 -20.97 55.90
C GLY C 66 19.75 -20.22 54.74
N PHE C 67 18.45 -20.38 54.57
CA PHE C 67 17.69 -19.70 53.53
C PHE C 67 16.45 -19.08 54.16
N TYR C 68 15.79 -18.21 53.40
CA TYR C 68 14.57 -17.59 53.88
C TYR C 68 13.66 -17.24 52.71
N ASP C 69 12.38 -17.07 53.04
CA ASP C 69 11.35 -16.63 52.12
C ASP C 69 10.84 -15.27 52.58
N LYS C 70 9.95 -14.68 51.78
CA LYS C 70 9.36 -13.39 52.14
C LYS C 70 8.71 -13.43 53.52
N LYS C 71 8.31 -14.61 54.00
CA LYS C 71 7.71 -14.71 55.32
C LYS C 71 8.75 -14.77 56.42
N SER C 72 9.83 -15.51 56.20
CA SER C 72 10.84 -15.73 57.23
C SER C 72 11.92 -14.67 57.25
N VAL C 73 11.99 -13.82 56.22
CA VAL C 73 13.06 -12.82 56.14
C VAL C 73 13.01 -11.88 57.34
N ASN C 74 11.82 -11.41 57.71
CA ASN C 74 11.72 -10.47 58.83
C ASN C 74 12.05 -11.15 60.14
N THR C 75 11.69 -12.43 60.30
CA THR C 75 12.00 -13.14 61.54
C THR C 75 13.50 -13.38 61.67
N ILE C 76 14.16 -13.72 60.56
CA ILE C 76 15.59 -13.97 60.61
C ILE C 76 16.35 -12.68 60.85
N THR C 77 15.97 -11.61 60.15
CA THR C 77 16.67 -10.34 60.33
C THR C 77 16.47 -9.79 61.74
N SER C 78 15.23 -9.86 62.26
CA SER C 78 14.97 -9.32 63.59
C SER C 78 15.51 -10.20 64.70
N PHE C 79 15.77 -11.49 64.43
CA PHE C 79 16.37 -12.33 65.44
C PHE C 79 17.89 -12.19 65.44
N CYS C 80 18.50 -12.11 64.26
CA CYS C 80 19.95 -11.93 64.18
C CYS C 80 20.37 -10.53 64.60
N GLY C 81 19.52 -9.52 64.40
CA GLY C 81 19.90 -8.17 64.79
C GLY C 81 19.93 -7.98 66.30
N THR C 82 19.00 -8.62 67.02
CA THR C 82 18.93 -8.46 68.47
C THR C 82 19.86 -9.42 69.19
N LEU C 83 19.95 -10.67 68.73
CA LEU C 83 20.81 -11.66 69.35
C LEU C 83 22.23 -11.64 68.81
N HIS C 84 22.53 -10.77 67.84
CA HIS C 84 23.89 -10.56 67.36
C HIS C 84 24.51 -11.86 66.82
N VAL C 85 23.70 -12.66 66.13
CA VAL C 85 24.15 -13.90 65.52
C VAL C 85 24.38 -13.67 64.04
N SER C 86 25.51 -14.15 63.54
CA SER C 86 25.85 -13.98 62.14
C SER C 86 25.02 -14.91 61.26
N PHE C 87 24.54 -14.38 60.13
CA PHE C 87 23.71 -15.14 59.21
C PHE C 87 24.29 -15.03 57.80
N ILE C 88 24.35 -16.17 57.11
CA ILE C 88 24.83 -16.25 55.74
C ILE C 88 23.76 -16.93 54.90
N THR C 89 23.41 -16.32 53.77
CA THR C 89 22.36 -16.85 52.92
C THR C 89 22.62 -16.55 51.45
N PRO C 90 22.41 -17.52 50.56
CA PRO C 90 22.49 -17.25 49.12
C PRO C 90 21.19 -16.75 48.49
N SER C 91 20.15 -16.53 49.29
CA SER C 91 18.85 -16.12 48.76
C SER C 91 18.90 -14.66 48.32
N PHE C 92 17.72 -14.10 48.05
CA PHE C 92 17.64 -12.73 47.56
C PHE C 92 18.06 -11.74 48.64
N PRO C 93 18.70 -10.64 48.27
CA PRO C 93 19.15 -9.67 49.26
C PRO C 93 17.97 -8.92 49.88
N THR C 94 18.15 -8.55 51.15
CA THR C 94 17.10 -7.83 51.87
C THR C 94 16.96 -6.41 51.34
N ASP C 95 15.72 -5.90 51.38
CA ASP C 95 15.44 -4.55 50.91
C ASP C 95 15.95 -3.54 51.92
N GLY C 96 16.99 -2.80 51.56
CA GLY C 96 17.55 -1.79 52.43
C GLY C 96 18.85 -2.20 53.08
N THR C 97 19.07 -1.73 54.31
CA THR C 97 20.28 -2.05 55.07
C THR C 97 19.89 -2.89 56.27
N HIS C 98 20.48 -4.08 56.37
CA HIS C 98 20.21 -5.00 57.47
C HIS C 98 21.52 -5.60 57.93
N PRO C 99 21.82 -5.56 59.22
CA PRO C 99 23.10 -6.08 59.73
C PRO C 99 23.00 -7.56 60.07
N PHE C 100 24.18 -8.16 60.31
CA PHE C 100 24.32 -9.55 60.69
C PHE C 100 23.77 -10.51 59.65
N VAL C 101 23.68 -10.07 58.40
CA VAL C 101 23.20 -10.89 57.29
C VAL C 101 24.18 -10.75 56.13
N ILE C 102 24.62 -11.89 55.60
CA ILE C 102 25.56 -11.92 54.48
C ILE C 102 24.83 -12.55 53.30
N GLN C 103 24.38 -11.72 52.36
CA GLN C 103 23.65 -12.19 51.20
C GLN C 103 24.64 -12.53 50.09
N MET C 104 24.76 -13.82 49.77
CA MET C 104 25.70 -14.24 48.74
C MET C 104 25.24 -13.82 47.35
N ARG C 105 23.94 -13.65 47.16
CA ARG C 105 23.42 -13.28 45.84
C ARG C 105 23.70 -11.80 45.57
N PRO C 106 24.20 -11.45 44.39
CA PRO C 106 24.48 -10.04 44.08
C PRO C 106 23.21 -9.31 43.67
N ASP C 107 23.36 -8.00 43.47
CA ASP C 107 22.26 -7.14 43.09
C ASP C 107 22.09 -7.15 41.57
N LEU C 108 20.91 -7.54 41.11
CA LEU C 108 20.64 -7.70 39.68
C LEU C 108 19.83 -6.55 39.09
N LYS C 109 19.33 -5.63 39.91
CA LYS C 109 18.49 -4.55 39.40
C LYS C 109 19.24 -3.70 38.38
N GLY C 110 20.46 -3.29 38.71
CA GLY C 110 21.24 -2.51 37.76
C GLY C 110 21.60 -3.29 36.52
N ALA C 111 21.73 -4.61 36.62
CA ALA C 111 22.00 -5.43 35.44
C ALA C 111 20.82 -5.43 34.49
N LEU C 112 19.61 -5.66 35.01
CA LEU C 112 18.42 -5.63 34.17
C LEU C 112 18.19 -4.24 33.58
N LEU C 113 18.45 -3.20 34.38
CA LEU C 113 18.26 -1.83 33.88
C LEU C 113 19.23 -1.52 32.75
N SER C 114 20.51 -1.87 32.93
CA SER C 114 21.48 -1.64 31.87
C SER C 114 21.20 -2.50 30.65
N LEU C 115 20.60 -3.68 30.83
CA LEU C 115 20.26 -4.49 29.67
C LEU C 115 19.07 -3.91 28.91
N ILE C 116 18.11 -3.34 29.63
CA ILE C 116 17.01 -2.63 28.98
C ILE C 116 17.54 -1.42 28.23
N GLU C 117 18.53 -0.73 28.81
CA GLU C 117 19.17 0.39 28.12
C GLU C 117 19.89 -0.08 26.86
N TYR C 118 20.53 -1.25 26.92
CA TYR C 118 21.30 -1.74 25.79
C TYR C 118 20.39 -2.20 24.65
N TYR C 119 19.29 -2.88 24.97
CA TYR C 119 18.36 -3.34 23.97
C TYR C 119 17.46 -2.23 23.42
N GLN C 120 17.43 -1.08 24.09
CA GLN C 120 16.61 0.06 23.69
C GLN C 120 15.12 -0.32 23.63
N TRP C 121 14.58 -0.66 24.80
CA TRP C 121 13.18 -1.00 24.95
C TRP C 121 12.42 0.20 25.52
N ASP C 122 11.23 0.45 24.95
CA ASP C 122 10.38 1.55 25.40
C ASP C 122 9.04 1.10 25.95
N LYS C 123 8.53 -0.07 25.55
CA LYS C 123 7.24 -0.57 26.00
C LYS C 123 7.34 -2.08 26.13
N PHE C 124 7.16 -2.59 27.35
CA PHE C 124 7.29 -4.03 27.57
C PHE C 124 6.44 -4.45 28.78
N ALA C 125 6.46 -5.76 29.04
CA ALA C 125 5.73 -6.37 30.14
C ALA C 125 6.71 -6.91 31.17
N TYR C 126 6.25 -6.98 32.42
CA TYR C 126 7.09 -7.40 33.54
C TYR C 126 6.25 -8.34 34.40
N LEU C 127 6.47 -9.64 34.26
CA LEU C 127 5.79 -10.65 35.07
C LEU C 127 6.64 -10.93 36.30
N TYR C 128 6.20 -10.44 37.46
CA TYR C 128 7.00 -10.49 38.68
C TYR C 128 6.40 -11.48 39.68
N ASP C 129 7.25 -11.92 40.60
CA ASP C 129 6.88 -12.84 41.65
C ASP C 129 6.82 -12.12 42.98
N SER C 130 5.82 -12.48 43.80
CA SER C 130 5.66 -11.85 45.10
C SER C 130 6.62 -12.41 46.15
N ASP C 131 6.93 -13.70 46.06
CA ASP C 131 7.83 -14.31 47.06
C ASP C 131 9.28 -13.88 46.85
N ARG C 132 9.64 -13.50 45.62
CA ARG C 132 11.01 -13.11 45.31
C ARG C 132 11.35 -11.69 45.79
N GLY C 133 10.40 -10.98 46.39
CA GLY C 133 10.68 -9.64 46.88
C GLY C 133 10.39 -8.58 45.85
N LEU C 134 9.72 -7.50 46.27
CA LEU C 134 9.37 -6.41 45.37
C LEU C 134 10.50 -5.39 45.23
N SER C 135 11.73 -5.76 45.59
CA SER C 135 12.85 -4.83 45.48
C SER C 135 13.13 -4.48 44.02
N THR C 136 13.25 -5.50 43.17
CA THR C 136 13.51 -5.26 41.76
C THR C 136 12.35 -4.54 41.09
N LEU C 137 11.12 -4.88 41.46
CA LEU C 137 9.94 -4.23 40.87
C LEU C 137 9.89 -2.74 41.20
N GLN C 138 10.28 -2.37 42.43
CA GLN C 138 10.28 -0.96 42.80
C GLN C 138 11.33 -0.17 42.02
N ALA C 139 12.50 -0.79 41.78
CA ALA C 139 13.55 -0.09 41.03
C ALA C 139 13.11 0.20 39.60
N VAL C 140 12.49 -0.77 38.94
CA VAL C 140 12.06 -0.54 37.56
C VAL C 140 10.83 0.35 37.52
N LEU C 141 10.00 0.32 38.58
CA LEU C 141 8.86 1.24 38.62
C LEU C 141 9.32 2.68 38.77
N ASP C 142 10.34 2.92 39.60
CA ASP C 142 10.89 4.26 39.73
C ASP C 142 11.65 4.68 38.48
N SER C 143 12.31 3.73 37.79
CA SER C 143 12.99 4.07 36.56
C SER C 143 12.03 4.28 35.39
N ALA C 144 10.81 3.77 35.48
CA ALA C 144 9.81 3.98 34.43
C ALA C 144 9.33 5.42 34.34
N ALA C 145 9.76 6.29 35.25
CA ALA C 145 9.46 7.72 35.18
C ALA C 145 10.66 8.58 34.84
N GLU C 146 11.87 8.19 35.27
CA GLU C 146 13.05 8.96 34.93
C GLU C 146 13.33 8.93 33.43
N LYS C 147 13.17 7.78 32.80
CA LYS C 147 13.37 7.65 31.35
C LYS C 147 12.09 7.37 30.60
N LYS C 148 10.95 7.32 31.29
CA LYS C 148 9.63 7.20 30.66
C LYS C 148 9.50 5.93 29.83
N TRP C 149 9.14 4.83 30.49
CA TRP C 149 8.85 3.57 29.83
C TRP C 149 7.40 3.18 30.11
N GLN C 150 6.83 2.39 29.21
CA GLN C 150 5.49 1.84 29.40
C GLN C 150 5.65 0.36 29.77
N VAL C 151 5.66 0.09 31.06
CA VAL C 151 5.82 -1.25 31.60
C VAL C 151 4.47 -1.76 32.08
N THR C 152 4.16 -3.01 31.77
CA THR C 152 2.92 -3.65 32.17
C THR C 152 3.28 -4.73 33.18
N ALA C 153 3.21 -4.40 34.47
CA ALA C 153 3.61 -5.32 35.53
C ALA C 153 2.43 -6.18 35.97
N ILE C 154 2.64 -7.50 35.94
CA ILE C 154 1.62 -8.46 36.36
C ILE C 154 2.19 -9.35 37.45
N ASN C 155 1.38 -9.57 38.50
CA ASN C 155 1.73 -10.41 39.63
C ASN C 155 1.32 -11.85 39.30
N VAL C 156 2.22 -12.59 38.66
CA VAL C 156 1.97 -13.99 38.33
C VAL C 156 2.23 -14.92 39.50
N GLY C 157 2.73 -14.39 40.63
CA GLY C 157 3.09 -15.25 41.74
C GLY C 157 1.88 -15.90 42.41
N ASN C 158 0.78 -15.16 42.53
CA ASN C 158 -0.41 -15.64 43.24
C ASN C 158 -1.35 -16.31 42.23
N ILE C 159 -1.01 -17.56 41.89
CA ILE C 159 -1.85 -18.39 41.02
C ILE C 159 -1.93 -19.79 41.62
N ASN C 160 -3.07 -20.43 41.40
CA ASN C 160 -3.30 -21.78 41.89
C ASN C 160 -2.96 -22.80 40.80
N ASN C 161 -2.41 -23.94 41.22
CA ASN C 161 -1.96 -24.96 40.27
C ASN C 161 -3.11 -25.65 39.56
N ASP C 162 -4.33 -25.62 40.11
CA ASP C 162 -5.45 -26.26 39.45
C ASP C 162 -5.92 -25.46 38.24
N LYS C 163 -6.11 -24.16 38.41
CA LYS C 163 -6.47 -23.25 37.33
C LYS C 163 -5.25 -22.65 36.65
N LYS C 164 -4.10 -23.31 36.74
CA LYS C 164 -2.84 -22.75 36.25
C LYS C 164 -2.89 -22.54 34.74
N ASP C 165 -3.28 -23.56 33.98
CA ASP C 165 -3.29 -23.45 32.53
C ASP C 165 -4.28 -22.37 32.08
N GLU C 166 -5.43 -22.29 32.75
CA GLU C 166 -6.43 -21.29 32.39
C GLU C 166 -5.94 -19.89 32.74
N THR C 167 -5.33 -19.73 33.92
CA THR C 167 -4.85 -18.42 34.33
C THR C 167 -3.74 -17.92 33.41
N TYR C 168 -2.84 -18.82 33.00
CA TYR C 168 -1.76 -18.42 32.10
C TYR C 168 -2.29 -18.06 30.72
N ARG C 169 -3.20 -18.87 30.17
CA ARG C 169 -3.74 -18.56 28.86
C ARG C 169 -4.54 -17.26 28.90
N SER C 170 -5.31 -17.03 29.96
CA SER C 170 -6.02 -15.76 30.10
C SER C 170 -5.06 -14.59 30.27
N LEU C 171 -3.93 -14.80 30.94
CA LEU C 171 -2.96 -13.73 31.12
C LEU C 171 -2.35 -13.34 29.78
N PHE C 172 -1.97 -14.32 28.96
CA PHE C 172 -1.36 -13.97 27.68
C PHE C 172 -2.39 -13.47 26.67
N GLN C 173 -3.63 -13.96 26.74
CA GLN C 173 -4.68 -13.36 25.91
C GLN C 173 -4.98 -11.92 26.31
N ASP C 174 -4.87 -11.60 27.61
CA ASP C 174 -5.01 -10.21 28.04
C ASP C 174 -3.78 -9.38 27.68
N LEU C 175 -2.61 -10.02 27.57
CA LEU C 175 -1.41 -9.31 27.18
C LEU C 175 -1.33 -9.10 25.68
N GLU C 176 -2.12 -9.84 24.91
CA GLU C 176 -2.18 -9.61 23.47
C GLU C 176 -3.10 -8.46 23.11
N LEU C 177 -3.79 -7.87 24.09
CA LEU C 177 -4.56 -6.65 23.84
C LEU C 177 -3.63 -5.51 23.43
N LYS C 178 -2.51 -5.36 24.13
CA LYS C 178 -1.48 -4.40 23.76
C LYS C 178 -0.53 -4.95 22.71
N LYS C 179 -0.71 -6.22 22.32
CA LYS C 179 0.19 -6.88 21.37
C LYS C 179 1.64 -6.84 21.86
N GLU C 180 1.82 -7.12 23.15
CA GLU C 180 3.15 -7.05 23.75
C GLU C 180 4.03 -8.17 23.22
N ARG C 181 5.22 -7.81 22.74
CA ARG C 181 6.20 -8.78 22.29
C ARG C 181 7.42 -8.88 23.18
N ARG C 182 7.69 -7.88 24.01
CA ARG C 182 8.85 -7.87 24.90
C ARG C 182 8.36 -8.12 26.32
N VAL C 183 8.79 -9.23 26.92
CA VAL C 183 8.38 -9.63 28.25
C VAL C 183 9.63 -9.94 29.08
N ILE C 184 9.62 -9.50 30.34
CA ILE C 184 10.67 -9.80 31.29
C ILE C 184 10.06 -10.60 32.44
N LEU C 185 10.69 -11.73 32.76
CA LEU C 185 10.18 -12.65 33.78
C LEU C 185 11.08 -12.58 35.00
N ASP C 186 10.57 -12.01 36.10
CA ASP C 186 11.32 -11.91 37.34
C ASP C 186 10.80 -12.99 38.28
N CYS C 187 11.26 -14.23 38.04
CA CYS C 187 10.85 -15.37 38.83
C CYS C 187 12.03 -16.34 38.93
N GLU C 188 11.90 -17.30 39.83
CA GLU C 188 12.92 -18.33 39.96
C GLU C 188 12.82 -19.32 38.80
N ARG C 189 13.95 -19.97 38.50
CA ARG C 189 14.04 -20.88 37.36
C ARG C 189 12.92 -21.91 37.35
N ASP C 190 12.53 -22.42 38.54
CA ASP C 190 11.51 -23.45 38.61
C ASP C 190 10.19 -22.96 38.04
N LYS C 191 9.83 -21.70 38.29
CA LYS C 191 8.62 -21.14 37.71
C LYS C 191 8.82 -20.64 36.30
N VAL C 192 10.02 -20.12 35.99
CA VAL C 192 10.31 -19.65 34.64
C VAL C 192 10.20 -20.78 33.63
N ASN C 193 10.58 -22.00 34.02
CA ASN C 193 10.42 -23.14 33.12
C ASN C 193 8.95 -23.39 32.80
N ASP C 194 8.07 -23.24 33.79
CA ASP C 194 6.64 -23.41 33.55
C ASP C 194 6.12 -22.30 32.64
N ILE C 195 6.50 -21.05 32.91
CA ILE C 195 6.09 -19.95 32.03
C ILE C 195 6.54 -20.20 30.60
N VAL C 196 7.76 -20.72 30.42
CA VAL C 196 8.26 -21.03 29.08
C VAL C 196 7.43 -22.14 28.44
N ASP C 197 7.06 -23.15 29.24
CA ASP C 197 6.19 -24.21 28.72
C ASP C 197 4.86 -23.63 28.25
N GLN C 198 4.29 -22.69 29.02
CA GLN C 198 3.02 -22.10 28.64
C GLN C 198 3.16 -21.23 27.38
N VAL C 199 4.26 -20.49 27.27
CA VAL C 199 4.52 -19.71 26.07
C VAL C 199 4.64 -20.62 24.85
N ILE C 200 5.27 -21.79 25.02
CA ILE C 200 5.36 -22.76 23.94
C ILE C 200 3.98 -23.29 23.56
N THR C 201 3.14 -23.58 24.57
CA THR C 201 1.82 -24.13 24.30
C THR C 201 0.98 -23.16 23.47
N ILE C 202 1.05 -21.86 23.78
CA ILE C 202 0.28 -20.86 23.05
C ILE C 202 1.00 -20.38 21.79
N GLY C 203 2.24 -20.79 21.57
CA GLY C 203 2.96 -20.42 20.36
C GLY C 203 3.40 -18.97 20.31
N LYS C 204 3.61 -18.35 21.47
CA LYS C 204 4.11 -16.99 21.53
C LYS C 204 5.63 -16.92 21.68
N HIS C 205 6.34 -17.98 21.30
CA HIS C 205 7.80 -18.01 21.34
C HIS C 205 8.41 -17.97 19.95
N VAL C 206 7.68 -17.46 18.97
CA VAL C 206 8.16 -17.44 17.59
C VAL C 206 8.96 -16.17 17.35
N LYS C 207 9.24 -15.87 16.07
CA LYS C 207 10.00 -14.68 15.74
C LYS C 207 9.21 -13.42 16.08
N GLY C 208 9.91 -12.43 16.64
CA GLY C 208 9.27 -11.18 17.02
C GLY C 208 9.26 -10.99 18.52
N TYR C 209 8.93 -12.04 19.26
CA TYR C 209 8.90 -11.96 20.71
C TYR C 209 10.32 -11.90 21.28
N HIS C 210 10.45 -11.22 22.42
CA HIS C 210 11.73 -11.09 23.10
C HIS C 210 11.51 -11.32 24.59
N TYR C 211 12.16 -12.34 25.13
CA TYR C 211 11.99 -12.72 26.53
C TYR C 211 13.31 -12.53 27.28
N ILE C 212 13.26 -11.82 28.40
CA ILE C 212 14.42 -11.59 29.26
C ILE C 212 14.15 -12.26 30.60
N ILE C 213 15.01 -13.19 30.98
CA ILE C 213 14.88 -13.90 32.25
C ILE C 213 15.63 -13.10 33.32
N ALA C 214 14.88 -12.57 34.29
CA ALA C 214 15.43 -11.68 35.30
C ALA C 214 15.82 -12.47 36.56
N ASN C 215 16.81 -13.34 36.38
CA ASN C 215 17.36 -14.10 37.50
C ASN C 215 18.74 -14.61 37.12
N LEU C 216 19.52 -14.96 38.14
CA LEU C 216 20.87 -15.48 37.95
C LEU C 216 20.91 -16.96 37.61
N GLY C 217 19.79 -17.53 37.18
CA GLY C 217 19.75 -18.93 36.80
C GLY C 217 19.36 -19.15 35.36
N PHE C 218 20.15 -18.61 34.43
CA PHE C 218 19.82 -18.74 33.01
C PHE C 218 20.21 -20.11 32.46
N THR C 219 21.47 -20.51 32.64
CA THR C 219 21.95 -21.75 32.04
C THR C 219 21.61 -23.00 32.83
N ASP C 220 21.19 -22.89 34.09
CA ASP C 220 20.87 -24.11 34.84
C ASP C 220 19.57 -24.74 34.35
N GLY C 221 18.60 -23.92 33.94
CA GLY C 221 17.36 -24.44 33.40
C GLY C 221 17.46 -24.75 31.92
N ASP C 222 16.73 -25.78 31.50
CA ASP C 222 16.77 -26.22 30.10
C ASP C 222 16.18 -25.15 29.19
N LEU C 223 16.99 -24.68 28.24
CA LEU C 223 16.59 -23.67 27.28
C LEU C 223 16.36 -24.23 25.89
N LEU C 224 16.57 -25.53 25.68
CA LEU C 224 16.45 -26.12 24.36
C LEU C 224 15.01 -26.10 23.82
N LYS C 225 14.01 -26.00 24.70
CA LYS C 225 12.64 -26.00 24.22
C LYS C 225 12.28 -24.71 23.49
N ILE C 226 12.86 -23.58 23.90
CA ILE C 226 12.68 -22.32 23.19
C ILE C 226 13.91 -21.94 22.37
N GLN C 227 14.89 -22.85 22.26
CA GLN C 227 16.11 -22.53 21.52
C GLN C 227 15.83 -22.38 20.03
N PHE C 228 14.81 -23.06 19.51
CA PHE C 228 14.51 -23.05 18.08
C PHE C 228 13.17 -22.37 17.78
N GLY C 229 12.52 -21.78 18.77
CA GLY C 229 11.25 -21.11 18.53
C GLY C 229 11.38 -19.89 17.65
N GLY C 230 12.38 -19.06 17.90
CA GLY C 230 12.57 -17.86 17.11
C GLY C 230 12.67 -16.61 17.95
N ALA C 231 12.06 -16.64 19.14
CA ALA C 231 12.09 -15.50 20.04
C ALA C 231 13.48 -15.36 20.66
N GLU C 232 14.01 -14.13 20.63
CA GLU C 232 15.34 -13.85 21.16
C GLU C 232 15.27 -13.81 22.69
N VAL C 233 15.89 -14.80 23.33
CA VAL C 233 15.90 -14.92 24.79
C VAL C 233 17.23 -14.39 25.31
N SER C 234 17.18 -13.65 26.42
CA SER C 234 18.38 -13.12 27.05
C SER C 234 18.26 -13.29 28.56
N GLY C 235 19.39 -13.49 29.21
CA GLY C 235 19.39 -13.67 30.64
C GLY C 235 20.71 -13.32 31.28
N PHE C 236 20.84 -13.71 32.55
CA PHE C 236 21.99 -13.39 33.37
C PHE C 236 22.52 -14.65 34.04
N GLN C 237 23.84 -14.73 34.17
CA GLN C 237 24.48 -15.89 34.78
C GLN C 237 25.64 -15.43 35.66
N ILE C 238 25.64 -15.89 36.91
CA ILE C 238 26.73 -15.58 37.81
C ILE C 238 27.78 -16.70 37.83
N VAL C 239 27.37 -17.95 37.67
CA VAL C 239 28.28 -19.10 37.69
C VAL C 239 28.77 -19.30 36.26
N ASP C 240 29.87 -18.64 35.91
CA ASP C 240 30.48 -18.80 34.59
C ASP C 240 31.25 -20.11 34.58
N TYR C 241 30.78 -21.07 33.77
CA TYR C 241 31.43 -22.39 33.71
C TYR C 241 32.76 -22.34 32.98
N ASP C 242 33.05 -21.28 32.23
CA ASP C 242 34.32 -21.17 31.53
C ASP C 242 35.50 -20.86 32.45
N ASP C 243 35.26 -20.47 33.70
CA ASP C 243 36.36 -20.18 34.61
C ASP C 243 37.18 -21.43 34.87
N SER C 244 38.50 -21.24 34.99
CA SER C 244 39.38 -22.37 35.29
C SER C 244 39.08 -22.97 36.66
N LEU C 245 38.77 -22.11 37.64
CA LEU C 245 38.36 -22.61 38.95
C LEU C 245 37.06 -23.39 38.84
N VAL C 246 36.08 -22.82 38.13
CA VAL C 246 34.79 -23.48 37.98
C VAL C 246 34.94 -24.75 37.16
N SER C 247 35.83 -24.74 36.15
CA SER C 247 36.07 -25.94 35.37
C SER C 247 36.68 -27.04 36.21
N LYS C 248 37.69 -26.70 37.01
CA LYS C 248 38.31 -27.69 37.90
C LYS C 248 37.32 -28.20 38.93
N PHE C 249 36.37 -27.36 39.35
CA PHE C 249 35.34 -27.83 40.28
C PHE C 249 34.36 -28.76 39.58
N ILE C 250 33.99 -28.45 38.34
CA ILE C 250 33.04 -29.28 37.61
C ILE C 250 33.66 -30.62 37.27
N GLU C 251 34.98 -30.66 37.10
CA GLU C 251 35.66 -31.93 36.84
C GLU C 251 35.41 -32.92 37.98
N ARG C 252 35.49 -32.46 39.22
CA ARG C 252 35.16 -33.31 40.37
C ARG C 252 33.67 -33.45 40.57
N TRP C 253 32.90 -32.42 40.23
CA TRP C 253 31.45 -32.44 40.41
C TRP C 253 30.79 -33.53 39.58
N SER C 254 31.20 -33.64 38.31
CA SER C 254 30.59 -34.62 37.42
C SER C 254 30.93 -36.05 37.84
N THR C 255 32.13 -36.27 38.39
CA THR C 255 32.55 -37.60 38.77
C THR C 255 31.90 -38.09 40.05
N LEU C 256 31.22 -37.22 40.80
CA LEU C 256 30.58 -37.63 42.03
C LEU C 256 29.39 -38.53 41.75
N GLU C 257 29.16 -39.47 42.67
CA GLU C 257 28.06 -40.42 42.53
C GLU C 257 26.71 -39.72 42.75
N GLU C 258 25.73 -40.07 41.92
CA GLU C 258 24.40 -39.49 42.03
C GLU C 258 23.60 -40.09 43.18
N LYS C 259 24.00 -41.24 43.71
CA LYS C 259 23.26 -41.87 44.80
C LYS C 259 23.48 -41.16 46.13
N GLU C 260 24.75 -40.91 46.48
CA GLU C 260 25.07 -40.27 47.74
C GLU C 260 24.76 -38.78 47.72
N TYR C 261 25.16 -38.09 46.64
CA TYR C 261 24.93 -36.65 46.52
C TYR C 261 23.87 -36.38 45.47
N PRO C 262 22.67 -35.97 45.85
CA PRO C 262 21.60 -35.78 44.86
C PRO C 262 21.90 -34.63 43.92
N GLY C 263 21.64 -34.85 42.64
CA GLY C 263 21.82 -33.81 41.64
C GLY C 263 23.25 -33.39 41.44
N ALA C 264 24.20 -34.33 41.55
CA ALA C 264 25.62 -34.02 41.40
C ALA C 264 26.21 -34.48 40.08
N HIS C 265 25.67 -35.55 39.48
CA HIS C 265 26.24 -36.10 38.26
C HIS C 265 26.13 -35.16 37.05
N THR C 266 25.30 -34.13 37.14
CA THR C 266 25.14 -33.20 36.03
C THR C 266 26.40 -32.36 35.84
N ALA C 267 26.51 -31.76 34.65
CA ALA C 267 27.64 -30.88 34.34
C ALA C 267 27.38 -29.45 34.75
N THR C 268 26.13 -29.00 34.74
CA THR C 268 25.76 -27.65 35.13
C THR C 268 25.26 -27.64 36.57
N ILE C 269 25.65 -26.61 37.32
CA ILE C 269 25.29 -26.47 38.73
C ILE C 269 24.44 -25.23 38.88
N LYS C 270 23.44 -25.31 39.77
CA LYS C 270 22.57 -24.18 40.05
C LYS C 270 23.35 -23.07 40.76
N TYR C 271 22.95 -21.82 40.50
CA TYR C 271 23.66 -20.69 41.08
C TYR C 271 23.52 -20.65 42.59
N THR C 272 22.40 -21.14 43.13
CA THR C 272 22.25 -21.21 44.58
C THR C 272 23.23 -22.19 45.19
N SER C 273 23.43 -23.34 44.54
CA SER C 273 24.38 -24.33 45.04
C SER C 273 25.81 -23.80 44.97
N ALA C 274 26.19 -23.20 43.85
CA ALA C 274 27.52 -22.59 43.73
C ALA C 274 27.71 -21.50 44.77
N LEU C 275 26.67 -20.71 45.04
CA LEU C 275 26.80 -19.67 46.06
C LEU C 275 26.88 -20.27 47.45
N THR C 276 26.27 -21.44 47.68
CA THR C 276 26.44 -22.14 48.96
C THR C 276 27.86 -22.63 49.13
N TYR C 277 28.42 -23.23 48.08
CA TYR C 277 29.82 -23.65 48.10
C TYR C 277 30.73 -22.46 48.42
N ASP C 278 30.54 -21.36 47.68
CA ASP C 278 31.35 -20.16 47.92
C ASP C 278 31.12 -19.59 49.32
N ALA C 279 29.91 -19.77 49.88
CA ALA C 279 29.66 -19.31 51.23
C ALA C 279 30.41 -20.14 52.25
N VAL C 280 30.48 -21.46 52.03
CA VAL C 280 31.31 -22.30 52.88
C VAL C 280 32.77 -21.87 52.80
N GLN C 281 33.24 -21.56 51.59
CA GLN C 281 34.61 -21.05 51.43
C GLN C 281 34.81 -19.76 52.22
N VAL C 282 33.85 -18.84 52.13
CA VAL C 282 33.97 -17.55 52.82
C VAL C 282 33.95 -17.75 54.33
N MET C 283 33.14 -18.67 54.82
CA MET C 283 33.10 -18.95 56.25
C MET C 283 34.44 -19.53 56.73
N THR C 284 34.98 -20.49 55.97
CA THR C 284 36.27 -21.07 56.33
C THR C 284 37.36 -20.00 56.36
N GLU C 285 37.42 -19.15 55.33
CA GLU C 285 38.42 -18.09 55.31
C GLU C 285 38.19 -17.06 56.41
N ALA C 286 36.93 -16.83 56.80
CA ALA C 286 36.63 -15.89 57.88
C ALA C 286 37.14 -16.41 59.21
N PHE C 287 36.83 -17.66 59.53
CA PHE C 287 37.36 -18.24 60.77
C PHE C 287 38.88 -18.38 60.73
N ARG C 288 39.45 -18.60 59.55
CA ARG C 288 40.91 -18.62 59.43
C ARG C 288 41.51 -17.25 59.74
N ASN C 289 40.88 -16.18 59.25
CA ASN C 289 41.33 -14.84 59.58
C ASN C 289 41.12 -14.54 61.06
N LEU C 290 40.04 -15.06 61.65
CA LEU C 290 39.85 -14.93 63.09
C LEU C 290 40.95 -15.62 63.87
N ARG C 291 41.47 -16.74 63.36
CA ARG C 291 42.60 -17.39 64.00
C ARG C 291 43.91 -16.65 63.74
N LYS C 292 44.00 -15.93 62.61
CA LYS C 292 45.23 -15.24 62.27
C LYS C 292 45.40 -14.00 63.13
N GLN C 293 44.30 -13.28 63.41
CA GLN C 293 44.33 -12.11 64.28
C GLN C 293 44.26 -12.46 65.75
N ARG C 294 44.38 -13.75 66.10
CA ARG C 294 44.40 -14.22 67.48
C ARG C 294 43.14 -13.84 68.25
N ILE C 295 42.02 -13.66 67.54
CA ILE C 295 40.75 -13.38 68.21
C ILE C 295 40.14 -14.73 68.59
N GLU C 296 40.23 -15.08 69.87
CA GLU C 296 39.68 -16.34 70.36
C GLU C 296 38.17 -16.23 70.48
N ILE C 297 37.44 -17.12 69.82
CA ILE C 297 36.00 -17.22 69.97
C ILE C 297 35.65 -18.42 70.84
N SER C 298 34.75 -18.22 71.80
CA SER C 298 34.32 -19.27 72.71
C SER C 298 33.05 -18.82 73.39
N ARG C 299 32.16 -19.78 73.66
CA ARG C 299 30.92 -19.51 74.35
C ARG C 299 31.01 -20.03 75.78
N ARG C 300 30.29 -19.37 76.69
CA ARG C 300 30.33 -19.76 78.09
C ARG C 300 29.94 -21.21 78.30
N GLY C 301 29.01 -21.71 77.48
CA GLY C 301 28.49 -23.05 77.60
C GLY C 301 27.26 -23.15 76.73
N ASN C 302 26.10 -22.98 77.36
CA ASN C 302 24.82 -22.95 76.67
C ASN C 302 24.14 -21.64 77.03
N ALA C 303 23.65 -20.93 76.01
CA ALA C 303 22.97 -19.66 76.25
C ALA C 303 21.59 -19.87 76.85
N GLY C 304 20.88 -20.90 76.38
CA GLY C 304 19.54 -21.16 76.88
C GLY C 304 18.48 -20.69 75.91
N ASP C 305 17.37 -20.18 76.43
CA ASP C 305 16.28 -19.74 75.58
C ASP C 305 16.60 -18.41 74.92
N CYS C 306 16.33 -18.32 73.61
CA CYS C 306 16.48 -17.05 72.91
C CYS C 306 15.49 -16.00 73.42
N LEU C 307 14.26 -16.42 73.66
CA LEU C 307 13.23 -15.52 74.19
C LEU C 307 13.46 -15.37 75.69
N ALA C 308 14.33 -14.43 76.05
CA ALA C 308 14.63 -14.11 77.43
C ALA C 308 14.13 -12.70 77.75
N ASN C 309 13.83 -12.47 79.03
CA ASN C 309 13.34 -11.14 79.41
C ASN C 309 14.46 -10.12 79.42
N PRO C 310 15.61 -10.34 80.10
CA PRO C 310 16.77 -9.49 79.85
C PRO C 310 17.48 -9.94 78.58
N ALA C 311 17.48 -9.07 77.57
CA ALA C 311 18.10 -9.40 76.29
C ALA C 311 19.61 -9.43 76.46
N VAL C 312 20.20 -10.61 76.33
CA VAL C 312 21.64 -10.80 76.51
C VAL C 312 22.29 -11.15 75.19
N PRO C 313 22.87 -10.19 74.48
CA PRO C 313 23.59 -10.52 73.24
C PRO C 313 25.09 -10.65 73.50
N TRP C 314 25.66 -11.81 73.17
CA TRP C 314 27.07 -12.02 73.37
C TRP C 314 27.89 -11.28 72.30
N GLY C 315 28.98 -10.65 72.74
CA GLY C 315 29.71 -9.71 71.93
C GLY C 315 30.64 -10.23 70.85
N GLN C 316 31.35 -11.33 71.11
CA GLN C 316 32.36 -11.79 70.15
C GLN C 316 31.73 -12.14 68.80
N GLY C 317 30.44 -12.47 68.78
CA GLY C 317 29.79 -12.74 67.50
C GLY C 317 29.88 -11.56 66.55
N VAL C 318 29.83 -10.34 67.09
CA VAL C 318 30.01 -9.14 66.26
C VAL C 318 31.33 -9.24 65.52
N GLU C 319 32.41 -9.61 66.22
CA GLU C 319 33.70 -9.78 65.57
C GLU C 319 33.59 -10.80 64.44
N ILE C 320 32.85 -11.89 64.67
CA ILE C 320 32.66 -12.89 63.62
C ILE C 320 32.04 -12.25 62.40
N GLU C 321 31.01 -11.42 62.61
CA GLU C 321 30.40 -10.71 61.50
C GLU C 321 31.44 -9.84 60.80
N ARG C 322 32.27 -9.14 61.58
CA ARG C 322 33.34 -8.33 61.02
C ARG C 322 34.27 -9.19 60.18
N ALA C 323 34.53 -10.42 60.64
CA ALA C 323 35.40 -11.31 59.88
C ALA C 323 34.72 -11.79 58.60
N LEU C 324 33.40 -11.92 58.60
CA LEU C 324 32.72 -12.44 57.41
C LEU C 324 32.72 -11.43 56.28
N LYS C 325 32.34 -10.19 56.57
CA LYS C 325 32.23 -9.18 55.52
C LYS C 325 33.57 -8.78 54.92
N GLN C 326 34.68 -8.97 55.65
CA GLN C 326 35.98 -8.55 55.15
C GLN C 326 36.60 -9.55 54.19
N VAL C 327 36.13 -10.79 54.15
CA VAL C 327 36.75 -11.82 53.33
C VAL C 327 36.53 -11.52 51.85
N GLN C 328 37.62 -11.58 51.07
CA GLN C 328 37.59 -11.40 49.62
C GLN C 328 38.29 -12.60 49.00
N VAL C 329 37.51 -13.51 48.40
CA VAL C 329 38.05 -14.77 47.89
C VAL C 329 37.57 -15.00 46.47
N GLU C 330 38.12 -16.03 45.84
CA GLU C 330 37.73 -16.44 44.50
C GLU C 330 36.99 -17.78 44.60
N GLY C 331 35.80 -17.83 44.01
CA GLY C 331 35.00 -19.03 44.04
C GLY C 331 34.22 -19.26 42.76
N LEU C 332 33.20 -20.12 42.82
CA LEU C 332 32.41 -20.42 41.63
C LEU C 332 31.66 -19.20 41.12
N SER C 333 31.23 -18.32 42.04
CA SER C 333 30.56 -17.10 41.63
C SER C 333 31.54 -16.01 41.21
N GLY C 334 32.83 -16.31 41.18
CA GLY C 334 33.83 -15.34 40.77
C GLY C 334 34.46 -14.66 41.97
N ASN C 335 34.58 -13.33 41.91
CA ASN C 335 35.14 -12.56 43.00
C ASN C 335 34.08 -12.34 44.08
N ILE C 336 34.38 -12.74 45.31
CA ILE C 336 33.46 -12.65 46.42
C ILE C 336 34.03 -11.66 47.42
N LYS C 337 33.33 -10.54 47.59
CA LYS C 337 33.69 -9.52 48.56
C LYS C 337 32.42 -8.79 48.99
N PHE C 338 32.35 -8.43 50.27
CA PHE C 338 31.16 -7.84 50.85
C PHE C 338 31.48 -6.46 51.41
N ASP C 339 30.43 -5.66 51.56
CA ASP C 339 30.55 -4.30 52.04
C ASP C 339 30.13 -4.24 53.52
N GLN C 340 29.81 -3.04 54.00
CA GLN C 340 29.46 -2.87 55.41
C GLN C 340 28.09 -3.47 55.73
N ASN C 341 27.19 -3.53 54.76
CA ASN C 341 25.85 -4.05 55.00
C ASN C 341 25.77 -5.56 54.82
N GLY C 342 26.65 -6.15 54.01
CA GLY C 342 26.62 -7.58 53.74
C GLY C 342 26.27 -7.95 52.32
N LYS C 343 25.93 -6.99 51.46
CA LYS C 343 25.64 -7.30 50.08
C LYS C 343 26.94 -7.60 49.32
N ARG C 344 26.79 -8.17 48.13
CA ARG C 344 27.94 -8.53 47.31
C ARG C 344 28.40 -7.31 46.51
N ILE C 345 29.65 -6.92 46.69
CA ILE C 345 30.25 -5.81 45.97
C ILE C 345 31.38 -6.35 45.11
N ASN C 346 31.61 -5.69 43.97
CA ASN C 346 32.60 -6.10 42.98
C ASN C 346 32.34 -7.53 42.51
N TYR C 347 31.30 -7.66 41.70
CA TYR C 347 30.92 -8.93 41.11
C TYR C 347 30.86 -8.82 39.59
N THR C 348 30.72 -9.96 38.94
CA THR C 348 30.75 -10.07 37.48
C THR C 348 29.57 -10.94 37.04
N ILE C 349 28.52 -10.33 36.52
CA ILE C 349 27.32 -11.05 36.07
C ILE C 349 27.31 -11.05 34.55
N ASN C 350 27.36 -12.23 33.94
CA ASN C 350 27.47 -12.33 32.49
C ASN C 350 26.09 -12.29 31.85
N ILE C 351 25.94 -11.46 30.83
CA ILE C 351 24.70 -11.37 30.07
C ILE C 351 24.77 -12.33 28.90
N MET C 352 23.87 -13.30 28.88
CA MET C 352 23.83 -14.35 27.87
C MET C 352 22.67 -14.11 26.92
N GLU C 353 22.87 -14.47 25.65
CA GLU C 353 21.86 -14.36 24.61
C GLU C 353 21.72 -15.71 23.92
N LEU C 354 20.53 -16.30 24.02
CA LEU C 354 20.28 -17.63 23.48
C LEU C 354 20.06 -17.53 21.98
N LYS C 355 21.01 -18.03 21.20
CA LYS C 355 20.91 -18.07 19.74
C LYS C 355 20.43 -19.46 19.32
N THR C 356 20.67 -19.81 18.05
CA THR C 356 20.27 -21.14 17.57
C THR C 356 21.24 -22.22 18.04
N ASN C 357 22.52 -21.90 18.11
CA ASN C 357 23.51 -22.90 18.54
C ASN C 357 23.39 -23.21 20.03
N GLY C 358 22.95 -22.24 20.83
CA GLY C 358 22.81 -22.44 22.25
C GLY C 358 23.08 -21.17 23.05
N PRO C 359 23.58 -21.35 24.28
CA PRO C 359 23.87 -20.19 25.13
C PRO C 359 25.18 -19.52 24.73
N ARG C 360 25.11 -18.24 24.38
CA ARG C 360 26.26 -17.47 23.93
C ARG C 360 26.46 -16.29 24.86
N LYS C 361 27.68 -16.15 25.39
CA LYS C 361 28.02 -15.05 26.28
C LYS C 361 28.12 -13.73 25.51
N ILE C 362 26.99 -13.02 25.39
CA ILE C 362 27.01 -11.78 24.61
C ILE C 362 27.66 -10.62 25.36
N GLY C 363 27.81 -10.70 26.67
CA GLY C 363 28.43 -9.60 27.38
C GLY C 363 28.58 -9.91 28.86
N TYR C 364 28.94 -8.87 29.60
CA TYR C 364 29.06 -8.98 31.05
C TYR C 364 28.87 -7.60 31.67
N TRP C 365 28.39 -7.59 32.91
CA TRP C 365 28.16 -6.39 33.68
C TRP C 365 28.84 -6.49 35.03
N SER C 366 29.13 -5.32 35.61
CA SER C 366 29.72 -5.22 36.94
C SER C 366 29.06 -4.06 37.68
N GLU C 367 29.44 -3.88 38.94
CA GLU C 367 28.88 -2.78 39.73
C GLU C 367 29.39 -1.42 39.25
N VAL C 368 30.59 -1.38 38.68
CA VAL C 368 31.18 -0.11 38.25
C VAL C 368 31.08 0.08 36.74
N ASP C 369 31.22 -1.01 35.98
CA ASP C 369 31.19 -0.97 34.53
C ASP C 369 29.90 -1.61 34.04
N LYS C 370 29.26 -1.00 33.06
CA LYS C 370 28.01 -1.52 32.51
C LYS C 370 28.20 -2.06 31.09
N MET C 371 28.06 -3.37 30.94
CA MET C 371 28.01 -4.04 29.64
C MET C 371 29.16 -3.65 28.71
N VAL C 372 30.38 -3.76 29.22
CA VAL C 372 31.55 -3.32 28.45
C VAL C 372 31.67 -4.12 27.17
N LEU C 373 31.67 -5.45 27.29
CA LEU C 373 31.82 -6.32 26.12
C LEU C 373 30.61 -6.15 25.20
N THR C 374 30.70 -5.23 24.25
CA THR C 374 29.61 -5.05 23.30
C THR C 374 29.50 -6.24 22.36
N GLU C 375 30.62 -6.63 21.75
CA GLU C 375 30.64 -7.74 20.81
C GLU C 375 31.89 -8.58 21.09
N ASP C 376 31.72 -9.90 21.05
CA ASP C 376 32.84 -10.80 21.30
C ASP C 376 33.67 -11.01 20.04
N ASP C 377 33.04 -11.42 18.93
CA ASP C 377 33.77 -11.70 17.71
C ASP C 377 34.33 -10.42 17.09
N THR C 378 33.56 -9.33 17.13
CA THR C 378 33.97 -8.04 16.60
C THR C 378 34.23 -8.13 15.09
N SER C 379 33.23 -8.65 14.37
CA SER C 379 33.35 -8.82 12.93
C SER C 379 33.16 -7.51 12.18
N GLY C 380 32.45 -6.56 12.77
CA GLY C 380 32.21 -5.27 12.15
C GLY C 380 31.24 -5.28 10.99
N LEU C 381 30.57 -6.40 10.74
CA LEU C 381 29.59 -6.56 9.66
C LEU C 381 30.02 -5.87 8.37
N GLU C 382 31.02 -6.42 7.68
CA GLU C 382 31.53 -5.87 6.43
C GLU C 382 31.06 -6.75 5.28
N GLN C 383 30.35 -6.14 4.33
CA GLN C 383 29.86 -6.81 3.14
C GLN C 383 30.62 -6.28 1.92
N LYS C 384 30.30 -6.83 0.75
CA LYS C 384 30.96 -6.44 -0.50
C LYS C 384 30.21 -5.27 -1.12
N THR C 385 30.95 -4.25 -1.54
CA THR C 385 30.39 -3.05 -2.14
C THR C 385 30.61 -3.07 -3.65
N VAL C 386 29.54 -2.84 -4.40
CA VAL C 386 29.58 -2.89 -5.86
C VAL C 386 29.99 -1.52 -6.38
N VAL C 387 31.07 -1.48 -7.15
CA VAL C 387 31.60 -0.25 -7.71
C VAL C 387 30.78 0.13 -8.94
N VAL C 388 30.22 1.33 -8.92
CA VAL C 388 29.40 1.85 -10.01
C VAL C 388 30.19 3.00 -10.63
N THR C 389 30.86 2.73 -11.74
CA THR C 389 31.65 3.73 -12.44
C THR C 389 30.79 4.53 -13.40
N THR C 390 30.95 5.85 -13.37
CA THR C 390 30.18 6.73 -14.24
C THR C 390 30.98 8.00 -14.50
N ILE C 391 30.65 8.66 -15.61
CA ILE C 391 31.33 9.88 -16.03
C ILE C 391 30.57 11.10 -15.52
N LEU C 392 31.31 12.14 -15.15
CA LEU C 392 30.72 13.39 -14.68
C LEU C 392 30.43 14.29 -15.88
N GLU C 393 29.19 14.24 -16.37
CA GLU C 393 28.77 15.07 -17.48
C GLU C 393 27.38 15.62 -17.20
N SER C 394 27.13 16.84 -17.68
CA SER C 394 25.86 17.50 -17.44
C SER C 394 24.78 16.90 -18.32
N PRO C 395 23.58 16.64 -17.77
CA PRO C 395 23.22 16.75 -16.36
C PRO C 395 23.10 15.38 -15.70
N TYR C 396 23.65 14.37 -16.37
CA TYR C 396 23.48 12.98 -15.94
C TYR C 396 24.04 12.77 -14.53
N VAL C 397 25.28 13.20 -14.31
CA VAL C 397 25.95 13.08 -13.01
C VAL C 397 26.63 14.41 -12.74
N MET C 398 26.17 15.13 -11.71
CA MET C 398 26.73 16.42 -11.35
C MET C 398 27.01 16.45 -9.85
N MET C 399 28.06 17.18 -9.48
CA MET C 399 28.42 17.35 -8.08
C MET C 399 27.57 18.45 -7.45
N LYS C 400 27.12 18.21 -6.22
CA LYS C 400 26.22 19.13 -5.54
C LYS C 400 26.93 20.44 -5.22
N ALA C 401 26.17 21.39 -4.67
CA ALA C 401 26.73 22.68 -4.30
C ALA C 401 27.73 22.55 -3.15
N ASN C 402 27.47 21.65 -2.21
CA ASN C 402 28.37 21.40 -1.10
C ASN C 402 29.07 20.07 -1.25
N HIS C 403 29.77 19.88 -2.38
CA HIS C 403 30.47 18.63 -2.65
C HIS C 403 31.60 18.38 -1.66
N ALA C 404 32.22 19.44 -1.15
CA ALA C 404 33.29 19.25 -0.17
C ALA C 404 32.74 18.77 1.16
N ALA C 405 31.56 19.24 1.54
CA ALA C 405 30.91 18.79 2.77
C ALA C 405 30.37 17.38 2.56
N LEU C 406 30.50 16.55 3.61
CA LEU C 406 30.04 15.17 3.60
C LEU C 406 30.85 14.31 2.63
N ALA C 407 30.68 12.99 2.69
CA ALA C 407 31.47 12.08 1.89
C ALA C 407 30.64 10.85 1.55
N GLY C 408 31.06 10.15 0.50
CA GLY C 408 30.39 8.93 0.07
C GLY C 408 29.54 9.05 -1.17
N ASN C 409 28.25 8.77 -1.06
CA ASN C 409 27.36 8.82 -2.21
C ASN C 409 26.53 10.10 -2.30
N GLU C 410 26.44 10.87 -1.21
CA GLU C 410 25.68 12.11 -1.26
C GLU C 410 26.37 13.21 -2.05
N ARG C 411 27.65 13.02 -2.42
CA ARG C 411 28.40 14.02 -3.16
C ARG C 411 27.94 14.17 -4.61
N TYR C 412 27.11 13.27 -5.12
CA TYR C 412 26.68 13.32 -6.51
C TYR C 412 25.15 13.35 -6.60
N GLU C 413 24.66 14.03 -7.63
CA GLU C 413 23.23 14.11 -7.90
C GLU C 413 23.02 14.15 -9.41
N GLY C 414 21.87 13.67 -9.85
CA GLY C 414 21.51 13.72 -11.25
C GLY C 414 20.64 12.53 -11.62
N TYR C 415 20.56 12.28 -12.92
CA TYR C 415 19.71 11.21 -13.43
C TYR C 415 20.27 9.84 -13.04
N CYS C 416 21.55 9.61 -13.35
CA CYS C 416 22.13 8.30 -13.10
C CYS C 416 22.29 8.00 -11.62
N VAL C 417 22.27 9.02 -10.76
CA VAL C 417 22.34 8.77 -9.32
C VAL C 417 21.00 8.22 -8.82
N ASP C 418 19.90 8.83 -9.27
CA ASP C 418 18.58 8.29 -8.93
C ASP C 418 18.38 6.93 -9.56
N LEU C 419 18.91 6.71 -10.77
CA LEU C 419 18.80 5.40 -11.39
C LEU C 419 19.59 4.34 -10.62
N ALA C 420 20.77 4.72 -10.11
CA ALA C 420 21.56 3.78 -9.31
C ALA C 420 20.86 3.49 -7.98
N ALA C 421 20.27 4.50 -7.35
CA ALA C 421 19.54 4.28 -6.11
C ALA C 421 18.32 3.40 -6.33
N GLU C 422 17.64 3.55 -7.47
CA GLU C 422 16.49 2.72 -7.77
C GLU C 422 16.90 1.30 -8.13
N ILE C 423 18.04 1.12 -8.78
CA ILE C 423 18.53 -0.21 -9.09
C ILE C 423 18.91 -0.96 -7.81
N ALA C 424 19.52 -0.25 -6.85
CA ALA C 424 19.82 -0.87 -5.56
C ALA C 424 18.57 -1.18 -4.77
N LYS C 425 17.46 -0.49 -5.04
CA LYS C 425 16.21 -0.80 -4.35
C LYS C 425 15.50 -2.00 -4.96
N HIS C 426 15.60 -2.19 -6.27
CA HIS C 426 14.95 -3.30 -6.96
C HIS C 426 15.87 -4.49 -7.16
N CYS C 427 17.11 -4.43 -6.68
CA CYS C 427 18.02 -5.57 -6.78
C CYS C 427 18.61 -5.92 -5.43
N GLY C 428 18.84 -4.92 -4.59
CA GLY C 428 19.34 -5.15 -3.25
C GLY C 428 20.84 -5.40 -3.19
N PHE C 429 21.62 -4.33 -3.11
CA PHE C 429 23.07 -4.42 -3.01
C PHE C 429 23.62 -3.07 -2.58
N LYS C 430 24.75 -3.10 -1.87
CA LYS C 430 25.44 -1.89 -1.51
C LYS C 430 26.29 -1.40 -2.68
N TYR C 431 26.09 -0.14 -3.06
CA TYR C 431 26.76 0.43 -4.23
C TYR C 431 27.56 1.66 -3.84
N LYS C 432 28.76 1.76 -4.40
CA LYS C 432 29.64 2.91 -4.21
C LYS C 432 29.85 3.59 -5.55
N LEU C 433 29.60 4.90 -5.61
CA LEU C 433 29.66 5.66 -6.85
C LEU C 433 31.08 6.14 -7.08
N THR C 434 31.67 5.78 -8.22
CA THR C 434 33.02 6.15 -8.58
C THR C 434 33.02 6.81 -9.95
N ILE C 435 33.95 7.74 -10.13
CA ILE C 435 34.07 8.50 -11.37
C ILE C 435 35.07 7.81 -12.29
N VAL C 436 34.75 7.78 -13.59
CA VAL C 436 35.62 7.13 -14.55
C VAL C 436 36.94 7.89 -14.66
N GLY C 437 37.99 7.18 -15.07
CA GLY C 437 39.31 7.77 -15.19
C GLY C 437 39.38 8.88 -16.21
N ASP C 438 39.76 10.08 -15.75
CA ASP C 438 39.98 11.28 -16.59
C ASP C 438 38.84 11.54 -17.56
N GLY C 439 37.64 11.03 -17.27
CA GLY C 439 36.47 11.31 -18.09
C GLY C 439 36.51 10.69 -19.47
N LYS C 440 36.84 9.40 -19.55
CA LYS C 440 36.89 8.68 -20.81
C LYS C 440 35.63 7.84 -21.00
N TYR C 441 35.10 7.86 -22.22
CA TYR C 441 33.97 7.02 -22.57
C TYR C 441 34.44 5.66 -23.07
N GLY C 442 33.49 4.75 -23.25
CA GLY C 442 33.80 3.42 -23.74
C GLY C 442 34.36 3.41 -25.15
N ALA C 443 35.69 3.42 -25.26
CA ALA C 443 36.35 3.44 -26.56
C ALA C 443 37.59 2.56 -26.51
N ARG C 444 37.77 1.77 -27.56
CA ARG C 444 38.94 0.90 -27.70
C ARG C 444 39.99 1.59 -28.54
N ASP C 445 41.24 1.57 -28.07
CA ASP C 445 42.31 2.23 -28.78
C ASP C 445 42.62 1.50 -30.09
N ALA C 446 43.32 2.20 -30.99
CA ALA C 446 43.67 1.66 -32.29
C ALA C 446 45.11 1.16 -32.35
N ASP C 447 46.06 1.89 -31.76
CA ASP C 447 47.46 1.44 -31.78
C ASP C 447 47.72 0.38 -30.71
N THR C 448 47.62 0.77 -29.44
CA THR C 448 47.84 -0.18 -28.35
C THR C 448 46.69 -1.16 -28.19
N LYS C 449 45.51 -0.83 -28.71
CA LYS C 449 44.32 -1.69 -28.61
C LYS C 449 43.99 -2.01 -27.15
N ILE C 450 44.01 -0.98 -26.32
CA ILE C 450 43.71 -1.09 -24.90
C ILE C 450 42.35 -0.45 -24.63
N TRP C 451 41.50 -1.15 -23.91
CA TRP C 451 40.19 -0.61 -23.54
C TRP C 451 40.35 0.44 -22.45
N ASN C 452 39.86 1.65 -22.72
CA ASN C 452 39.90 2.74 -21.76
C ASN C 452 38.49 3.24 -21.49
N GLY C 453 38.27 3.76 -20.29
CA GLY C 453 36.96 4.24 -19.89
C GLY C 453 36.24 3.28 -18.98
N MET C 454 34.91 3.39 -19.01
CA MET C 454 34.06 2.54 -18.18
C MET C 454 34.13 1.08 -18.64
N VAL C 455 34.11 0.85 -19.94
CA VAL C 455 34.24 -0.51 -20.46
C VAL C 455 35.56 -1.13 -20.04
N GLY C 456 36.64 -0.34 -20.03
CA GLY C 456 37.92 -0.84 -19.57
C GLY C 456 37.90 -1.25 -18.12
N GLU C 457 37.27 -0.44 -17.26
CA GLU C 457 37.23 -0.75 -15.84
C GLU C 457 36.45 -2.04 -15.57
N LEU C 458 35.46 -2.36 -16.40
CA LEU C 458 34.73 -3.61 -16.23
C LEU C 458 35.51 -4.81 -16.75
N VAL C 459 36.32 -4.63 -17.80
CA VAL C 459 37.05 -5.74 -18.39
C VAL C 459 38.14 -6.23 -17.44
N TYR C 460 38.91 -5.31 -16.87
CA TYR C 460 40.02 -5.67 -15.99
C TYR C 460 39.59 -5.85 -14.54
N GLY C 461 38.28 -5.95 -14.28
CA GLY C 461 37.80 -6.20 -12.94
C GLY C 461 37.96 -5.05 -11.97
N LYS C 462 38.30 -3.86 -12.46
CA LYS C 462 38.45 -2.72 -11.56
C LYS C 462 37.10 -2.25 -11.02
N ALA C 463 36.03 -2.49 -11.76
CA ALA C 463 34.68 -2.12 -11.34
C ALA C 463 33.77 -3.34 -11.48
N ASP C 464 32.63 -3.27 -10.78
CA ASP C 464 31.66 -4.34 -10.78
C ASP C 464 30.47 -4.08 -11.71
N ILE C 465 30.09 -2.82 -11.89
CA ILE C 465 28.99 -2.46 -12.77
C ILE C 465 29.20 -1.02 -13.24
N ALA C 466 28.50 -0.63 -14.31
CA ALA C 466 28.63 0.70 -14.90
C ALA C 466 27.24 1.23 -15.25
N ILE C 467 26.56 1.80 -14.25
CA ILE C 467 25.28 2.47 -14.49
C ILE C 467 25.58 3.87 -15.00
N ALA C 468 25.69 4.02 -16.31
CA ALA C 468 26.09 5.28 -16.92
C ALA C 468 25.50 5.35 -18.31
N PRO C 469 25.35 6.56 -18.87
CA PRO C 469 24.83 6.68 -20.24
C PRO C 469 25.83 6.22 -21.29
N LEU C 470 25.98 4.91 -21.43
CA LEU C 470 26.91 4.32 -22.38
C LEU C 470 26.14 3.78 -23.58
N THR C 471 26.50 4.23 -24.78
CA THR C 471 25.79 3.82 -25.98
C THR C 471 26.07 2.36 -26.29
N ILE C 472 25.01 1.63 -26.62
CA ILE C 472 25.12 0.21 -26.96
C ILE C 472 25.63 0.08 -28.39
N THR C 473 26.83 -0.48 -28.55
CA THR C 473 27.43 -0.70 -29.85
C THR C 473 27.93 -2.13 -29.95
N LEU C 474 28.15 -2.58 -31.19
CA LEU C 474 28.63 -3.93 -31.41
C LEU C 474 30.03 -4.12 -30.84
N VAL C 475 30.88 -3.10 -30.93
CA VAL C 475 32.26 -3.21 -30.45
C VAL C 475 32.32 -3.39 -28.94
N ARG C 476 31.32 -2.90 -28.21
CA ARG C 476 31.30 -3.02 -26.76
C ARG C 476 30.53 -4.24 -26.27
N GLU C 477 29.56 -4.73 -27.05
CA GLU C 477 28.85 -5.95 -26.68
C GLU C 477 29.75 -7.17 -26.66
N GLU C 478 30.85 -7.15 -27.42
CA GLU C 478 31.74 -8.31 -27.47
C GLU C 478 32.49 -8.51 -26.16
N VAL C 479 32.85 -7.43 -25.48
CA VAL C 479 33.69 -7.50 -24.29
C VAL C 479 32.87 -7.52 -23.01
N ILE C 480 31.81 -6.72 -22.94
CA ILE C 480 30.98 -6.62 -21.75
C ILE C 480 29.51 -6.69 -22.14
N ASP C 481 28.70 -7.23 -21.22
CA ASP C 481 27.28 -7.38 -21.48
C ASP C 481 26.54 -6.07 -21.28
N PHE C 482 25.41 -5.93 -21.95
CA PHE C 482 24.59 -4.73 -21.88
C PHE C 482 23.18 -5.08 -21.43
N SER C 483 22.59 -4.19 -20.63
CA SER C 483 21.20 -4.30 -20.26
C SER C 483 20.33 -3.65 -21.35
N LYS C 484 19.01 -3.85 -21.23
CA LYS C 484 18.10 -3.25 -22.19
C LYS C 484 18.19 -1.73 -22.12
N PRO C 485 17.99 -1.04 -23.24
CA PRO C 485 18.20 0.42 -23.25
C PRO C 485 17.17 1.12 -22.39
N PHE C 486 17.65 2.00 -21.51
CA PHE C 486 16.76 2.78 -20.66
C PHE C 486 16.38 4.13 -21.27
N MET C 487 17.01 4.54 -22.37
CA MET C 487 16.67 5.81 -23.01
C MET C 487 17.13 5.77 -24.46
N SER C 488 16.22 6.08 -25.37
CA SER C 488 16.53 6.10 -26.79
C SER C 488 16.94 7.50 -27.21
N LEU C 489 17.77 7.58 -28.25
CA LEU C 489 18.30 8.86 -28.70
C LEU C 489 18.62 8.75 -30.19
N GLY C 490 19.10 9.87 -30.74
CA GLY C 490 19.44 9.92 -32.14
C GLY C 490 19.94 11.31 -32.48
N ILE C 491 20.69 11.39 -33.57
CA ILE C 491 21.29 12.66 -33.95
C ILE C 491 20.22 13.60 -34.48
N SER C 492 20.16 14.80 -33.93
CA SER C 492 19.18 15.82 -34.27
C SER C 492 19.91 17.13 -34.54
N ILE C 493 19.14 18.11 -35.01
CA ILE C 493 19.66 19.40 -35.41
C ILE C 493 19.29 20.44 -34.35
N MET C 494 20.23 21.32 -34.04
CA MET C 494 20.05 22.40 -33.08
C MET C 494 20.27 23.72 -33.81
N ILE C 495 19.28 24.62 -33.73
CA ILE C 495 19.36 25.93 -34.35
C ILE C 495 18.93 26.99 -33.34
N LYS C 496 19.29 28.24 -33.62
CA LYS C 496 18.87 29.34 -32.76
C LYS C 496 17.40 29.64 -32.98
N LYS C 497 16.72 30.03 -31.90
CA LYS C 497 15.30 30.33 -31.97
C LYS C 497 15.06 31.55 -32.86
N PRO C 498 14.15 31.47 -33.82
CA PRO C 498 13.96 32.59 -34.75
C PRO C 498 13.21 33.76 -34.12
N GLN C 499 13.63 34.96 -34.49
CA GLN C 499 12.96 36.17 -34.03
C GLN C 499 11.71 36.44 -34.86
N LYS C 500 10.70 37.03 -34.21
CA LYS C 500 9.45 37.32 -34.88
C LYS C 500 9.42 38.72 -35.48
N SER C 501 10.02 39.70 -34.81
CA SER C 501 10.01 41.08 -35.33
C SER C 501 10.78 41.14 -36.64
N LYS C 502 10.11 41.61 -37.69
CA LYS C 502 10.70 41.73 -39.02
C LYS C 502 10.24 43.03 -39.66
N PRO C 503 10.82 44.16 -39.28
CA PRO C 503 10.47 45.43 -39.91
C PRO C 503 11.25 45.65 -41.19
N GLY C 504 10.62 46.31 -42.15
CA GLY C 504 11.28 46.54 -43.41
C GLY C 504 10.30 46.77 -44.54
N VAL C 505 10.85 47.27 -45.65
CA VAL C 505 10.08 47.54 -46.85
C VAL C 505 9.56 46.26 -47.49
N PHE C 506 10.19 45.12 -47.23
CA PHE C 506 9.78 43.86 -47.82
C PHE C 506 8.55 43.27 -47.14
N SER C 507 8.14 43.78 -45.98
CA SER C 507 7.02 43.20 -45.25
C SER C 507 5.71 43.99 -45.37
N PHE C 508 5.72 45.19 -45.95
CA PHE C 508 4.47 45.95 -46.04
C PHE C 508 3.50 45.31 -47.03
N LEU C 509 4.03 44.74 -48.11
CA LEU C 509 3.23 44.05 -49.12
C LEU C 509 2.84 42.63 -48.71
N ASP C 510 3.46 42.08 -47.67
CA ASP C 510 3.16 40.70 -47.27
C ASP C 510 1.72 40.45 -46.86
N PRO C 511 1.01 41.38 -46.19
CA PRO C 511 -0.38 41.07 -45.79
C PRO C 511 -1.31 40.63 -46.92
N LEU C 512 -1.06 41.03 -48.16
CA LEU C 512 -1.86 40.52 -49.27
C LEU C 512 -1.20 39.32 -49.94
N ALA C 513 -0.52 39.53 -51.07
CA ALA C 513 0.15 38.44 -51.76
C ALA C 513 1.08 39.03 -52.81
N TYR C 514 2.01 38.18 -53.27
CA TYR C 514 2.86 38.57 -54.39
C TYR C 514 2.04 38.79 -55.66
N GLU C 515 0.90 38.10 -55.78
CA GLU C 515 0.08 38.14 -56.97
C GLU C 515 -1.04 39.17 -56.89
N ILE C 516 -1.66 39.33 -55.71
CA ILE C 516 -2.78 40.27 -55.61
C ILE C 516 -2.30 41.70 -55.81
N TRP C 517 -1.10 42.04 -55.32
CA TRP C 517 -0.59 43.38 -55.53
C TRP C 517 -0.30 43.62 -57.01
N MET C 518 0.11 42.58 -57.74
CA MET C 518 0.31 42.69 -59.18
C MET C 518 -0.99 42.54 -59.96
N CYS C 519 -2.08 42.13 -59.31
CA CYS C 519 -3.39 42.05 -59.95
C CYS C 519 -4.24 43.28 -59.71
N ILE C 520 -3.98 44.03 -58.63
CA ILE C 520 -4.76 45.24 -58.38
C ILE C 520 -4.44 46.30 -59.43
N VAL C 521 -3.20 46.33 -59.91
CA VAL C 521 -2.86 47.27 -60.99
C VAL C 521 -3.45 46.80 -62.31
N PHE C 522 -3.52 45.48 -62.53
CA PHE C 522 -4.18 44.97 -63.72
C PHE C 522 -5.67 45.28 -63.70
N ALA C 523 -6.29 45.24 -62.52
CA ALA C 523 -7.70 45.64 -62.41
C ALA C 523 -7.85 47.15 -62.61
N TYR C 524 -6.87 47.92 -62.14
CA TYR C 524 -6.92 49.37 -62.33
C TYR C 524 -6.82 49.72 -63.82
N ILE C 525 -5.91 49.08 -64.55
CA ILE C 525 -5.81 49.37 -65.98
C ILE C 525 -7.01 48.79 -66.74
N GLY C 526 -7.56 47.66 -66.27
CA GLY C 526 -8.78 47.14 -66.87
C GLY C 526 -9.97 48.05 -66.65
N VAL C 527 -9.95 48.84 -65.59
CA VAL C 527 -10.99 49.85 -65.38
C VAL C 527 -10.69 51.08 -66.22
N SER C 528 -9.42 51.45 -66.34
CA SER C 528 -9.06 52.61 -67.15
C SER C 528 -9.38 52.38 -68.62
N VAL C 529 -9.24 51.15 -69.11
CA VAL C 529 -9.53 50.87 -70.52
C VAL C 529 -11.03 50.91 -70.75
N VAL C 530 -11.83 50.58 -69.72
CA VAL C 530 -13.28 50.70 -69.86
C VAL C 530 -13.69 52.16 -69.76
N LEU C 531 -12.97 52.95 -68.95
CA LEU C 531 -13.22 54.38 -68.90
C LEU C 531 -12.85 55.05 -70.20
N PHE C 532 -11.94 54.43 -70.97
CA PHE C 532 -11.63 54.91 -72.31
C PHE C 532 -12.86 54.82 -73.21
N LEU C 533 -13.68 53.79 -73.02
CA LEU C 533 -14.86 53.58 -73.85
C LEU C 533 -16.15 54.14 -73.25
N VAL C 534 -16.30 54.12 -71.92
CA VAL C 534 -17.54 54.57 -71.30
C VAL C 534 -17.63 56.08 -71.22
N SER C 535 -16.68 56.81 -71.77
CA SER C 535 -16.66 58.27 -71.70
C SER C 535 -17.29 58.74 -73.01
N ARG C 536 -18.60 58.63 -73.06
CA ARG C 536 -19.41 59.04 -74.20
C ARG C 536 -20.55 59.93 -73.71
N PHE C 537 -20.48 61.20 -74.06
CA PHE C 537 -21.47 62.19 -73.67
C PHE C 537 -22.29 62.55 -74.91
N SER C 538 -23.40 63.26 -74.67
CA SER C 538 -24.43 63.56 -75.67
C SER C 538 -24.10 64.71 -76.63
N PRO C 539 -23.85 64.41 -77.91
CA PRO C 539 -23.65 65.48 -78.90
C PRO C 539 -24.61 65.34 -80.08
N TYR C 540 -25.18 66.44 -80.56
CA TYR C 540 -26.09 66.32 -81.69
C TYR C 540 -25.33 65.72 -82.88
N GLU C 541 -25.91 64.69 -83.49
CA GLU C 541 -25.29 64.01 -84.62
C GLU C 541 -25.93 64.44 -85.94
N THR C 559 -16.39 58.45 -86.33
CA THR C 559 -17.30 59.59 -86.36
C THR C 559 -17.58 60.11 -84.96
N ASN C 560 -16.57 60.70 -84.34
CA ASN C 560 -16.69 61.25 -82.99
C ASN C 560 -15.55 62.25 -82.79
N GLU C 561 -15.62 62.97 -81.67
CA GLU C 561 -14.51 63.88 -81.34
C GLU C 561 -13.24 63.09 -81.03
N PHE C 562 -13.39 61.87 -80.51
CA PHE C 562 -12.32 60.91 -80.23
C PHE C 562 -11.68 61.21 -78.88
N ALA C 563 -11.04 60.21 -78.30
CA ALA C 563 -10.37 60.38 -77.00
C ALA C 563 -8.92 59.93 -77.12
N ILE C 564 -8.00 60.89 -77.03
CA ILE C 564 -6.57 60.63 -77.05
C ILE C 564 -5.98 61.50 -75.96
N PHE C 565 -4.93 61.02 -75.30
CA PHE C 565 -4.26 61.77 -74.25
C PHE C 565 -5.22 62.10 -73.10
N GLN C 566 -6.33 62.76 -73.42
CA GLN C 566 -7.28 63.21 -72.41
C GLN C 566 -7.87 62.05 -71.62
N SER C 567 -8.17 60.95 -72.32
CA SER C 567 -8.79 59.80 -71.65
C SER C 567 -7.89 59.20 -70.58
N ALA C 568 -6.59 59.06 -70.87
CA ALA C 568 -5.69 58.52 -69.87
C ALA C 568 -5.57 59.45 -68.68
N TRP C 569 -5.61 60.77 -68.93
CA TRP C 569 -5.61 61.73 -67.83
C TRP C 569 -6.77 61.47 -66.86
N PHE C 570 -7.99 61.35 -67.41
CA PHE C 570 -9.15 61.07 -66.59
C PHE C 570 -9.04 59.70 -65.92
N SER C 571 -8.47 58.72 -66.64
CA SER C 571 -8.39 57.36 -66.11
C SER C 571 -7.46 57.29 -64.91
N LEU C 572 -6.33 58.01 -64.94
CA LEU C 572 -5.38 57.98 -63.84
C LEU C 572 -6.01 58.45 -62.53
N GLY C 573 -7.01 59.32 -62.62
CA GLY C 573 -7.69 59.83 -61.44
C GLY C 573 -8.37 58.78 -60.58
N ALA C 574 -8.80 57.67 -61.18
CA ALA C 574 -9.49 56.66 -60.39
C ALA C 574 -8.58 55.95 -59.38
N PHE C 575 -7.29 55.78 -59.69
CA PHE C 575 -6.40 55.16 -58.71
C PHE C 575 -6.22 56.04 -57.46
N MET C 576 -6.20 57.37 -57.62
CA MET C 576 -6.02 58.22 -56.44
C MET C 576 -7.30 58.34 -55.64
N GLN C 577 -8.34 58.93 -56.25
CA GLN C 577 -9.62 59.11 -55.60
C GLN C 577 -10.31 57.77 -55.43
N GLN C 578 -11.45 57.79 -54.73
CA GLN C 578 -12.16 56.55 -54.43
C GLN C 578 -12.44 55.75 -55.70
N GLY C 579 -12.47 56.40 -56.85
CA GLY C 579 -12.77 55.75 -58.11
C GLY C 579 -13.65 56.61 -58.98
N ALA C 580 -14.20 55.96 -60.01
CA ALA C 580 -15.13 56.55 -60.96
C ALA C 580 -14.58 57.76 -61.71
N ASP C 581 -14.50 58.91 -61.03
CA ASP C 581 -14.09 60.17 -61.63
C ASP C 581 -15.15 60.54 -62.65
N ILE C 582 -15.16 59.82 -63.77
CA ILE C 582 -16.16 59.82 -64.84
C ILE C 582 -16.34 61.21 -65.42
N SER C 583 -17.51 61.43 -66.01
CA SER C 583 -17.98 62.68 -66.56
C SER C 583 -19.35 62.97 -65.94
N PRO C 584 -19.72 64.24 -65.80
CA PRO C 584 -21.02 64.55 -65.22
C PRO C 584 -22.13 64.07 -66.13
N ARG C 585 -23.26 63.67 -65.52
CA ARG C 585 -24.44 63.21 -66.23
C ARG C 585 -24.08 62.06 -67.18
N SER C 586 -23.39 61.06 -66.64
CA SER C 586 -22.97 59.88 -67.39
C SER C 586 -23.69 58.66 -66.84
N LEU C 587 -24.28 57.86 -67.73
CA LEU C 587 -25.01 56.66 -67.34
C LEU C 587 -24.12 55.43 -67.15
N SER C 588 -23.09 55.25 -67.96
CA SER C 588 -22.26 54.05 -67.87
C SER C 588 -21.08 54.21 -66.90
N GLY C 589 -20.56 55.42 -66.76
CA GLY C 589 -19.49 55.62 -65.80
C GLY C 589 -19.99 55.51 -64.37
N ARG C 590 -21.29 55.77 -64.17
CA ARG C 590 -21.85 55.69 -62.84
C ARG C 590 -21.67 54.27 -62.30
N ILE C 591 -21.90 53.28 -63.17
CA ILE C 591 -21.74 51.88 -62.79
C ILE C 591 -20.30 51.40 -62.92
N VAL C 592 -19.47 52.02 -63.77
CA VAL C 592 -18.05 51.67 -63.77
C VAL C 592 -17.45 51.96 -62.41
N GLY C 593 -17.58 53.21 -61.96
CA GLY C 593 -17.12 53.52 -60.62
C GLY C 593 -17.93 52.85 -59.53
N GLY C 594 -19.16 52.43 -59.83
CA GLY C 594 -19.95 51.73 -58.82
C GLY C 594 -19.37 50.37 -58.50
N VAL C 595 -18.93 49.63 -59.52
CA VAL C 595 -18.31 48.34 -59.24
C VAL C 595 -16.86 48.52 -58.79
N TRP C 596 -16.17 49.55 -59.29
CA TRP C 596 -14.78 49.78 -58.89
C TRP C 596 -14.69 50.12 -57.40
N TRP C 597 -15.58 51.00 -56.92
CA TRP C 597 -15.54 51.42 -55.52
C TRP C 597 -15.80 50.23 -54.60
N PHE C 598 -16.75 49.37 -54.94
CA PHE C 598 -17.02 48.19 -54.13
C PHE C 598 -15.83 47.24 -54.14
N PHE C 599 -15.19 47.06 -55.31
CA PHE C 599 -14.03 46.18 -55.40
C PHE C 599 -12.89 46.68 -54.51
N THR C 600 -12.50 47.95 -54.68
CA THR C 600 -11.43 48.49 -53.85
C THR C 600 -11.83 48.55 -52.37
N LEU C 601 -13.12 48.68 -52.07
CA LEU C 601 -13.57 48.64 -50.68
C LEU C 601 -13.32 47.27 -50.07
N ILE C 602 -13.70 46.20 -50.78
CA ILE C 602 -13.42 44.86 -50.28
C ILE C 602 -11.93 44.65 -50.11
N ILE C 603 -11.13 45.16 -51.07
CA ILE C 603 -9.68 44.97 -51.00
C ILE C 603 -9.10 45.64 -49.76
N ILE C 604 -9.48 46.90 -49.51
CA ILE C 604 -8.90 47.61 -48.36
C ILE C 604 -9.43 47.04 -47.05
N SER C 605 -10.69 46.60 -47.03
CA SER C 605 -11.23 45.97 -45.84
C SER C 605 -10.47 44.69 -45.50
N SER C 606 -10.20 43.86 -46.52
CA SER C 606 -9.43 42.64 -46.27
C SER C 606 -8.01 42.95 -45.86
N TYR C 607 -7.43 44.02 -46.40
CA TYR C 607 -6.07 44.39 -46.01
C TYR C 607 -6.02 44.77 -44.53
N THR C 608 -6.92 45.66 -44.10
CA THR C 608 -6.92 46.07 -42.69
C THR C 608 -7.25 44.89 -41.77
N ALA C 609 -8.21 44.06 -42.16
CA ALA C 609 -8.58 42.92 -41.33
C ALA C 609 -7.43 41.94 -41.17
N ASN C 610 -6.75 41.61 -42.27
CA ASN C 610 -5.63 40.68 -42.17
C ASN C 610 -4.46 41.31 -41.41
N LEU C 611 -4.26 42.62 -41.53
CA LEU C 611 -3.19 43.27 -40.79
C LEU C 611 -3.45 43.19 -39.29
N ALA C 612 -4.70 43.38 -38.88
CA ALA C 612 -5.06 43.19 -37.48
C ALA C 612 -4.86 41.75 -37.02
N ALA C 613 -5.09 40.78 -37.92
CA ALA C 613 -4.97 39.36 -37.55
C ALA C 613 -3.55 38.96 -37.19
N PHE C 614 -2.54 39.59 -37.80
CA PHE C 614 -1.14 39.27 -37.51
C PHE C 614 -0.48 40.20 -36.52
N LEU C 615 -1.16 41.26 -36.07
CA LEU C 615 -0.64 41.98 -34.92
C LEU C 615 -1.13 41.40 -33.61
N THR C 616 -2.10 40.48 -33.63
CA THR C 616 -2.52 39.76 -32.43
C THR C 616 -1.92 38.36 -32.36
N VAL C 617 -1.89 37.65 -33.49
CA VAL C 617 -1.34 36.30 -33.55
C VAL C 617 0.00 36.37 -34.27
N GLU C 618 1.08 36.50 -33.50
CA GLU C 618 2.42 36.42 -34.08
C GLU C 618 3.01 35.05 -33.79
N ARG C 619 3.09 34.21 -34.82
CA ARG C 619 3.64 32.87 -34.74
C ARG C 619 4.99 32.83 -35.45
N MET C 620 4.99 33.08 -36.77
CA MET C 620 6.19 33.23 -37.58
C MET C 620 7.19 32.09 -37.36
N VAL C 621 6.72 30.88 -37.66
CA VAL C 621 7.57 29.69 -37.62
C VAL C 621 8.16 29.56 -39.01
N SER C 622 9.44 29.89 -39.15
CA SER C 622 10.09 29.86 -40.45
C SER C 622 11.10 28.73 -40.71
N PRO C 623 11.47 27.87 -39.74
CA PRO C 623 12.40 26.79 -40.09
C PRO C 623 11.70 25.71 -40.90
N ILE C 624 12.45 25.14 -41.85
CA ILE C 624 11.93 24.08 -42.73
C ILE C 624 11.54 22.85 -41.93
N GLU C 625 12.28 22.54 -40.87
CA GLU C 625 12.04 21.38 -40.00
C GLU C 625 12.26 20.04 -40.69
N SER C 626 13.04 20.02 -41.77
CA SER C 626 13.33 18.78 -42.48
C SER C 626 14.80 18.74 -42.84
N ALA C 627 15.42 17.57 -42.66
CA ALA C 627 16.84 17.43 -42.98
C ALA C 627 17.09 17.49 -44.48
N GLU C 628 16.17 16.95 -45.28
CA GLU C 628 16.38 16.92 -46.72
C GLU C 628 16.38 18.32 -47.32
N ASP C 629 15.45 19.18 -46.87
CA ASP C 629 15.49 20.57 -47.30
C ASP C 629 16.65 21.32 -46.67
N LEU C 630 17.12 20.88 -45.50
CA LEU C 630 18.32 21.48 -44.91
C LEU C 630 19.55 21.21 -45.78
N SER C 631 19.58 20.06 -46.45
CA SER C 631 20.67 19.80 -47.38
C SER C 631 20.47 20.54 -48.71
N LYS C 632 19.23 20.84 -49.06
CA LYS C 632 18.90 21.51 -50.31
C LYS C 632 19.10 23.02 -50.25
N GLN C 633 19.60 23.55 -49.14
CA GLN C 633 19.88 24.98 -49.01
C GLN C 633 21.26 25.18 -48.41
N THR C 634 21.93 26.25 -48.83
CA THR C 634 23.29 26.57 -48.39
C THR C 634 23.36 27.86 -47.59
N GLU C 635 22.25 28.56 -47.41
CA GLU C 635 22.28 29.80 -46.63
C GLU C 635 22.57 29.52 -45.16
N ILE C 636 21.83 28.60 -44.56
CA ILE C 636 22.02 28.22 -43.17
C ILE C 636 22.95 27.00 -43.14
N ALA C 637 24.19 27.20 -42.70
CA ALA C 637 25.15 26.11 -42.65
C ALA C 637 24.78 25.12 -41.54
N TYR C 638 25.34 23.93 -41.64
CA TYR C 638 25.13 22.88 -40.66
C TYR C 638 26.37 22.01 -40.59
N GLY C 639 26.77 21.65 -39.37
CA GLY C 639 27.96 20.87 -39.16
C GLY C 639 27.83 19.95 -37.96
N THR C 640 28.85 19.12 -37.77
CA THR C 640 28.87 18.16 -36.67
C THR C 640 30.09 18.39 -35.78
N LEU C 641 30.73 17.31 -35.37
CA LEU C 641 31.90 17.37 -34.50
C LEU C 641 33.14 17.00 -35.31
N ASP C 642 34.31 17.40 -34.81
CA ASP C 642 35.56 17.09 -35.50
C ASP C 642 35.76 15.58 -35.54
N SER C 643 35.53 14.90 -34.42
CA SER C 643 35.66 13.46 -34.33
C SER C 643 34.57 12.92 -33.43
N GLY C 644 34.08 11.73 -33.76
CA GLY C 644 33.05 11.10 -32.96
C GLY C 644 32.12 10.27 -33.83
N SER C 645 31.19 9.60 -33.16
CA SER C 645 30.24 8.75 -33.85
C SER C 645 29.25 9.56 -34.67
N THR C 646 28.98 10.81 -34.27
CA THR C 646 28.07 11.64 -35.03
C THR C 646 28.60 11.92 -36.43
N LYS C 647 29.90 12.23 -36.53
CA LYS C 647 30.52 12.47 -37.82
C LYS C 647 30.68 11.18 -38.61
N GLU C 648 31.09 10.11 -37.94
CA GLU C 648 31.27 8.82 -38.60
C GLU C 648 29.95 8.29 -39.15
N PHE C 649 28.83 8.59 -38.50
CA PHE C 649 27.53 8.15 -39.00
C PHE C 649 27.21 8.79 -40.34
N PHE C 650 27.52 10.09 -40.49
CA PHE C 650 27.36 10.72 -41.80
C PHE C 650 28.42 10.23 -42.78
N ARG C 651 29.56 9.77 -42.27
CA ARG C 651 30.60 9.24 -43.16
C ARG C 651 30.15 7.94 -43.81
N ARG C 652 29.81 6.94 -43.00
CA ARG C 652 29.43 5.61 -43.49
C ARG C 652 27.93 5.44 -43.66
N SER C 653 27.23 6.45 -44.18
CA SER C 653 25.79 6.40 -44.37
C SER C 653 25.46 5.94 -45.79
N LYS C 654 24.42 5.12 -45.90
CA LYS C 654 23.98 4.61 -47.20
C LYS C 654 22.84 5.43 -47.81
N ILE C 655 22.14 6.25 -47.02
CA ILE C 655 21.06 7.06 -47.54
C ILE C 655 21.63 8.29 -48.23
N ALA C 656 21.06 8.64 -49.38
CA ALA C 656 21.59 9.74 -50.19
C ALA C 656 21.46 11.08 -49.49
N VAL C 657 20.51 11.24 -48.57
CA VAL C 657 20.36 12.50 -47.85
C VAL C 657 21.57 12.76 -46.96
N PHE C 658 21.90 11.78 -46.11
CA PHE C 658 23.07 11.93 -45.25
C PHE C 658 24.36 11.98 -46.05
N ASP C 659 24.39 11.39 -47.25
CA ASP C 659 25.58 11.50 -48.08
C ASP C 659 25.72 12.90 -48.66
N LYS C 660 24.60 13.52 -49.04
CA LYS C 660 24.64 14.90 -49.49
C LYS C 660 25.07 15.82 -48.35
N MET C 661 24.53 15.61 -47.15
CA MET C 661 24.94 16.40 -45.99
C MET C 661 26.43 16.20 -45.69
N TRP C 662 26.92 14.97 -45.85
CA TRP C 662 28.32 14.68 -45.54
C TRP C 662 29.25 15.32 -46.55
N THR C 663 28.86 15.31 -47.84
CA THR C 663 29.66 16.00 -48.84
C THR C 663 29.63 17.51 -48.63
N TYR C 664 28.48 18.05 -48.21
CA TYR C 664 28.40 19.47 -47.91
C TYR C 664 29.31 19.84 -46.75
N MET C 665 29.35 19.01 -45.70
CA MET C 665 30.20 19.32 -44.56
C MET C 665 31.67 19.10 -44.87
N ARG C 666 31.98 18.13 -45.74
CA ARG C 666 33.37 17.88 -46.11
C ARG C 666 33.92 19.00 -46.98
N SER C 667 33.10 19.51 -47.91
CA SER C 667 33.51 20.61 -48.76
C SER C 667 32.87 21.91 -48.27
N ALA C 668 33.17 22.24 -47.02
CA ALA C 668 32.61 23.40 -46.34
C ALA C 668 33.69 24.46 -46.15
N GLU C 669 33.40 25.68 -46.59
CA GLU C 669 34.30 26.81 -46.40
C GLU C 669 33.47 28.00 -45.91
N PRO C 670 33.63 28.42 -44.64
CA PRO C 670 34.56 27.87 -43.64
C PRO C 670 34.17 26.48 -43.14
N SER C 671 35.09 25.82 -42.45
CA SER C 671 34.84 24.46 -41.98
C SER C 671 33.70 24.45 -40.96
N VAL C 672 32.68 23.63 -41.23
CA VAL C 672 31.53 23.56 -40.34
C VAL C 672 31.79 22.71 -39.11
N PHE C 673 32.83 21.87 -39.14
CA PHE C 673 33.13 21.04 -37.98
C PHE C 673 33.75 21.88 -36.87
N VAL C 674 33.46 21.50 -35.63
CA VAL C 674 33.99 22.17 -34.45
C VAL C 674 34.69 21.13 -33.59
N ARG C 675 35.53 21.62 -32.68
CA ARG C 675 36.28 20.73 -31.82
C ARG C 675 35.42 20.19 -30.68
N THR C 676 34.76 21.07 -29.95
CA THR C 676 33.94 20.69 -28.81
C THR C 676 32.48 21.05 -29.08
N THR C 677 31.60 20.53 -28.22
CA THR C 677 30.18 20.81 -28.36
C THR C 677 29.87 22.26 -28.03
N ALA C 678 30.58 22.83 -27.05
CA ALA C 678 30.36 24.22 -26.68
C ALA C 678 30.66 25.15 -27.84
N GLU C 679 31.60 24.79 -28.71
CA GLU C 679 31.89 25.63 -29.87
C GLU C 679 30.73 25.62 -30.85
N GLY C 680 30.08 24.46 -31.01
CA GLY C 680 28.93 24.39 -31.89
C GLY C 680 27.74 25.15 -31.32
N VAL C 681 27.51 25.01 -30.00
CA VAL C 681 26.43 25.77 -29.37
C VAL C 681 26.67 27.26 -29.48
N ALA C 682 27.92 27.70 -29.27
CA ALA C 682 28.22 29.12 -29.38
C ALA C 682 28.07 29.61 -30.82
N ARG C 683 28.45 28.80 -31.80
CA ARG C 683 28.28 29.20 -33.20
C ARG C 683 26.80 29.30 -33.57
N VAL C 684 25.98 28.39 -33.03
CA VAL C 684 24.54 28.46 -33.26
C VAL C 684 23.96 29.70 -32.60
N ARG C 685 24.43 30.04 -31.41
CA ARG C 685 23.89 31.18 -30.68
C ARG C 685 24.38 32.51 -31.24
N LYS C 686 25.51 32.52 -31.96
CA LYS C 686 26.05 33.76 -32.50
C LYS C 686 25.70 33.99 -33.96
N SER C 687 25.40 32.93 -34.72
CA SER C 687 25.07 33.10 -36.13
C SER C 687 23.70 33.71 -36.36
N LYS C 688 22.91 33.92 -35.31
CA LYS C 688 21.59 34.53 -35.40
C LYS C 688 20.67 33.73 -36.33
N GLY C 689 20.73 32.41 -36.21
CA GLY C 689 19.88 31.54 -37.00
C GLY C 689 20.46 31.07 -38.31
N LYS C 690 21.74 31.34 -38.57
CA LYS C 690 22.38 30.98 -39.83
C LYS C 690 23.30 29.77 -39.70
N TYR C 691 23.28 29.09 -38.56
CA TYR C 691 24.12 27.91 -38.35
C TYR C 691 23.32 26.85 -37.61
N ALA C 692 23.57 25.59 -37.98
CA ALA C 692 22.91 24.44 -37.38
C ALA C 692 23.97 23.46 -36.90
N TYR C 693 23.68 22.79 -35.79
CA TYR C 693 24.65 21.87 -35.18
C TYR C 693 23.98 20.51 -34.97
N LEU C 694 24.58 19.46 -35.52
CA LEU C 694 24.05 18.11 -35.40
C LEU C 694 24.69 17.42 -34.21
N LEU C 695 23.85 16.96 -33.27
CA LEU C 695 24.35 16.28 -32.08
C LEU C 695 23.23 15.41 -31.52
N GLU C 696 23.59 14.53 -30.59
CA GLU C 696 22.61 13.61 -30.03
C GLU C 696 21.48 14.36 -29.35
N SER C 697 20.29 13.77 -29.39
CA SER C 697 19.08 14.45 -28.91
C SER C 697 19.10 14.65 -27.40
N THR C 698 19.78 13.77 -26.66
CA THR C 698 19.82 13.89 -25.21
C THR C 698 20.46 15.20 -24.76
N MET C 699 21.55 15.58 -25.42
CA MET C 699 22.19 16.86 -25.10
C MET C 699 21.48 18.03 -25.76
N ASN C 700 20.89 17.81 -26.94
CA ASN C 700 20.16 18.87 -27.61
C ASN C 700 18.98 19.35 -26.79
N GLU C 701 18.23 18.42 -26.20
CA GLU C 701 17.07 18.81 -25.39
C GLU C 701 17.51 19.53 -24.12
N TYR C 702 18.62 19.11 -23.52
CA TYR C 702 19.08 19.76 -22.30
C TYR C 702 19.60 21.16 -22.58
N ILE C 703 20.30 21.35 -23.70
CA ILE C 703 20.73 22.69 -24.08
C ILE C 703 19.52 23.55 -24.40
N GLU C 704 18.48 22.97 -25.00
CA GLU C 704 17.26 23.72 -25.25
C GLU C 704 16.55 24.10 -23.95
N GLN C 705 16.74 23.31 -22.91
CA GLN C 705 16.11 23.58 -21.61
C GLN C 705 17.00 24.35 -20.66
N ARG C 706 18.00 25.08 -21.17
CA ARG C 706 18.89 25.87 -20.34
C ARG C 706 19.05 27.27 -20.92
N LYS C 707 19.42 28.21 -20.05
CA LYS C 707 19.57 29.60 -20.44
C LYS C 707 20.63 29.74 -21.54
N PRO C 708 20.50 30.75 -22.41
CA PRO C 708 19.45 31.77 -22.43
C PRO C 708 18.22 31.35 -23.24
N CYS C 709 18.01 30.04 -23.35
CA CYS C 709 16.85 29.47 -24.04
C CYS C 709 16.75 29.92 -25.49
N ASP C 710 17.89 30.25 -26.10
CA ASP C 710 17.91 30.64 -27.50
C ASP C 710 18.21 29.48 -28.43
N THR C 711 18.52 28.31 -27.89
CA THR C 711 18.74 27.11 -28.69
C THR C 711 17.44 26.30 -28.79
N MET C 712 17.30 25.58 -29.89
CA MET C 712 16.11 24.78 -30.14
C MET C 712 16.49 23.52 -30.89
N LYS C 713 15.91 22.40 -30.47
CA LYS C 713 16.09 21.12 -31.14
C LYS C 713 15.01 20.98 -32.20
N VAL C 714 15.41 21.02 -33.47
CA VAL C 714 14.49 20.99 -34.59
C VAL C 714 14.49 19.60 -35.21
N GLY C 715 13.31 19.13 -35.63
CA GLY C 715 13.18 17.86 -36.28
C GLY C 715 13.27 16.69 -35.32
N GLY C 716 13.46 15.50 -35.90
CA GLY C 716 13.56 14.27 -35.14
C GLY C 716 14.92 13.60 -35.31
N ASN C 717 15.06 12.46 -34.65
CA ASN C 717 16.30 11.71 -34.70
C ASN C 717 16.52 11.11 -36.09
N LEU C 718 17.76 10.68 -36.32
CA LEU C 718 18.13 10.10 -37.61
C LEU C 718 18.53 8.63 -37.52
N ASP C 719 19.04 8.18 -36.39
CA ASP C 719 19.42 6.79 -36.19
C ASP C 719 18.81 6.29 -34.89
N SER C 720 18.90 4.97 -34.67
CA SER C 720 18.28 4.33 -33.51
C SER C 720 19.36 3.69 -32.65
N LYS C 721 19.79 4.42 -31.62
CA LYS C 721 20.73 3.91 -30.62
C LYS C 721 20.21 4.28 -29.23
N GLY C 722 20.77 3.64 -28.21
CA GLY C 722 20.30 3.82 -26.85
C GLY C 722 21.36 3.56 -25.81
N TYR C 723 21.15 4.15 -24.64
CA TYR C 723 22.03 3.94 -23.49
C TYR C 723 21.55 2.75 -22.67
N GLY C 724 22.51 1.96 -22.20
CA GLY C 724 22.20 0.80 -21.37
C GLY C 724 23.27 0.61 -20.31
N ILE C 725 22.88 -0.07 -19.24
CA ILE C 725 23.80 -0.35 -18.14
C ILE C 725 24.74 -1.48 -18.55
N ALA C 726 26.04 -1.20 -18.56
CA ALA C 726 27.05 -2.16 -18.95
C ALA C 726 27.45 -3.05 -17.78
N THR C 727 27.40 -4.36 -18.00
CA THR C 727 27.76 -5.34 -16.98
C THR C 727 28.90 -6.22 -17.47
N PRO C 728 29.78 -6.66 -16.56
CA PRO C 728 30.89 -7.53 -16.98
C PRO C 728 30.38 -8.90 -17.40
N LYS C 729 31.11 -9.51 -18.34
CA LYS C 729 30.72 -10.81 -18.87
C LYS C 729 30.86 -11.88 -17.80
N GLY C 730 29.77 -12.57 -17.49
CA GLY C 730 29.78 -13.59 -16.47
C GLY C 730 29.60 -13.08 -15.06
N SER C 731 29.01 -11.91 -14.88
CA SER C 731 28.80 -11.33 -13.56
C SER C 731 27.42 -11.68 -13.03
N SER C 732 27.31 -11.71 -11.70
CA SER C 732 26.05 -12.07 -11.07
C SER C 732 25.00 -10.98 -11.25
N LEU C 733 25.41 -9.74 -11.43
CA LEU C 733 24.50 -8.62 -11.50
C LEU C 733 23.91 -8.38 -12.88
N GLY C 734 24.40 -9.06 -13.91
CA GLY C 734 23.94 -8.84 -15.28
C GLY C 734 22.45 -9.01 -15.47
N THR C 735 21.96 -10.23 -15.28
CA THR C 735 20.53 -10.49 -15.47
C THR C 735 19.62 -9.73 -14.51
N PRO C 736 19.91 -9.63 -13.20
CA PRO C 736 19.00 -8.86 -12.33
C PRO C 736 18.88 -7.40 -12.74
N VAL C 737 19.97 -6.77 -13.17
CA VAL C 737 19.90 -5.40 -13.64
C VAL C 737 19.18 -5.33 -14.98
N ASN C 738 19.43 -6.31 -15.87
CA ASN C 738 18.73 -6.36 -17.14
C ASN C 738 17.22 -6.42 -16.94
N LEU C 739 16.77 -7.13 -15.90
CA LEU C 739 15.34 -7.19 -15.62
C LEU C 739 14.85 -5.93 -14.89
N ALA C 740 15.68 -5.38 -14.00
CA ALA C 740 15.29 -4.19 -13.25
C ALA C 740 15.11 -2.98 -14.16
N VAL C 741 15.90 -2.90 -15.23
CA VAL C 741 15.73 -1.80 -16.19
C VAL C 741 14.34 -1.85 -16.81
N LEU C 742 13.93 -3.04 -17.28
CA LEU C 742 12.60 -3.20 -17.83
C LEU C 742 11.52 -2.92 -16.79
N LYS C 743 11.75 -3.35 -15.54
CA LYS C 743 10.78 -3.11 -14.49
C LYS C 743 10.61 -1.61 -14.23
N LEU C 744 11.70 -0.86 -14.26
CA LEU C 744 11.62 0.59 -14.05
C LEU C 744 11.00 1.29 -15.25
N SER C 745 11.22 0.76 -16.46
CA SER C 745 10.64 1.38 -17.64
C SER C 745 9.14 1.15 -17.72
N GLU C 746 8.69 -0.05 -17.34
CA GLU C 746 7.25 -0.33 -17.40
C GLU C 746 6.48 0.36 -16.29
N GLN C 747 7.11 0.57 -15.13
CA GLN C 747 6.44 1.31 -14.06
C GLN C 747 6.31 2.79 -14.39
N GLY C 748 7.22 3.33 -15.20
CA GLY C 748 7.21 4.74 -15.53
C GLY C 748 8.19 5.59 -14.74
N LEU C 749 9.04 4.98 -13.91
CA LEU C 749 9.97 5.77 -13.11
C LEU C 749 11.08 6.38 -13.96
N LEU C 750 11.45 5.72 -15.06
CA LEU C 750 12.49 6.26 -15.92
C LEU C 750 12.02 7.53 -16.61
N ASP C 751 10.82 7.50 -17.20
CA ASP C 751 10.26 8.70 -17.80
C ASP C 751 9.99 9.77 -16.76
N LYS C 752 9.59 9.38 -15.55
CA LYS C 752 9.39 10.34 -14.47
C LYS C 752 10.70 11.05 -14.12
N LEU C 753 11.80 10.31 -14.08
CA LEU C 753 13.10 10.93 -13.81
C LEU C 753 13.54 11.80 -14.98
N LYS C 754 13.24 11.37 -16.21
CA LYS C 754 13.54 12.19 -17.39
C LYS C 754 12.84 13.53 -17.30
N ASN C 755 11.53 13.52 -17.03
CA ASN C 755 10.79 14.77 -16.85
C ASN C 755 11.29 15.55 -15.64
N LYS C 756 11.79 14.85 -14.62
CA LYS C 756 12.24 15.52 -13.40
C LYS C 756 13.52 16.32 -13.64
N TRP C 757 14.50 15.71 -14.31
CA TRP C 757 15.82 16.32 -14.45
C TRP C 757 16.00 17.11 -15.75
N TRP C 758 15.05 17.05 -16.68
CA TRP C 758 15.14 17.83 -17.91
C TRP C 758 14.25 19.07 -17.91
N TYR C 759 12.97 18.92 -17.57
CA TYR C 759 12.01 20.02 -17.66
C TYR C 759 11.67 20.63 -16.31
N ASP C 760 11.55 19.83 -15.25
CA ASP C 760 11.21 20.37 -13.95
C ASP C 760 12.32 21.27 -13.40
N LYS C 761 13.57 20.78 -13.44
CA LYS C 761 14.72 21.56 -13.00
C LYS C 761 15.32 22.43 -14.11
N GLY C 762 14.72 22.43 -15.29
CA GLY C 762 15.24 23.26 -16.37
C GLY C 762 15.05 24.74 -16.11
N GLU C 763 16.07 25.53 -16.46
CA GLU C 763 16.01 26.97 -16.23
C GLU C 763 14.93 27.63 -17.09
N CYS C 764 14.67 27.08 -18.28
CA CYS C 764 13.71 27.66 -19.21
C CYS C 764 12.32 27.13 -18.90
N GLY C 765 11.60 27.86 -18.07
CA GLY C 765 10.26 27.48 -17.69
C GLY C 765 9.29 27.75 -18.83
N ALA C 766 8.03 27.36 -18.58
CA ALA C 766 7.00 27.51 -19.59
C ALA C 766 6.77 28.98 -19.94
N LYS C 767 6.89 29.87 -18.94
CA LYS C 767 6.66 31.31 -19.02
C LYS C 767 5.19 31.58 -18.81
N ASP C 768 4.89 32.78 -18.30
CA ASP C 768 3.57 33.10 -17.81
C ASP C 768 2.49 32.89 -18.87
N SER C 769 1.40 32.26 -18.45
CA SER C 769 0.29 31.98 -19.37
C SER C 769 -0.30 33.27 -19.88
N GLY C 770 -0.73 33.27 -21.14
CA GLY C 770 -1.30 34.48 -21.69
C GLY C 770 -0.24 35.58 -21.75
N SER C 771 -0.53 36.67 -21.04
CA SER C 771 0.32 37.85 -20.89
C SER C 771 0.18 38.76 -22.10
N LYS C 772 0.74 39.96 -22.02
CA LYS C 772 0.73 40.89 -23.14
C LYS C 772 2.16 41.34 -23.44
N GLU C 773 2.68 40.88 -24.58
CA GLU C 773 4.02 41.23 -25.04
C GLU C 773 3.98 41.66 -26.50
N LYS C 774 2.81 42.09 -26.98
CA LYS C 774 2.64 42.39 -28.40
C LYS C 774 2.44 43.88 -28.68
N THR C 775 2.94 44.76 -27.81
CA THR C 775 2.67 46.18 -28.00
C THR C 775 3.14 46.61 -29.38
N SER C 776 4.37 46.23 -29.75
CA SER C 776 4.90 46.40 -31.10
C SER C 776 4.53 47.77 -31.68
N ALA C 777 4.87 48.82 -30.93
CA ALA C 777 4.54 50.22 -31.21
C ALA C 777 4.26 50.63 -32.66
N LEU C 778 4.40 49.70 -33.61
CA LEU C 778 4.20 49.87 -35.05
C LEU C 778 5.47 50.41 -35.67
N SER C 779 6.59 49.72 -35.44
CA SER C 779 7.94 50.05 -35.91
C SER C 779 7.95 50.90 -37.17
N LEU C 780 8.83 51.91 -37.20
CA LEU C 780 8.90 52.82 -38.33
C LEU C 780 9.68 52.21 -39.50
N SER C 781 10.53 51.22 -39.24
CA SER C 781 11.22 50.55 -40.34
C SER C 781 10.23 49.83 -41.25
N ASN C 782 9.06 49.43 -40.72
CA ASN C 782 8.06 48.73 -41.50
C ASN C 782 7.18 49.68 -42.33
N VAL C 783 7.08 50.94 -41.93
CA VAL C 783 6.31 51.93 -42.67
C VAL C 783 7.21 52.78 -43.56
N ALA C 784 8.53 52.75 -43.33
CA ALA C 784 9.47 53.47 -44.17
C ALA C 784 9.31 53.09 -45.63
N GLY C 785 8.86 51.86 -45.91
CA GLY C 785 8.64 51.48 -47.30
C GLY C 785 7.52 52.27 -47.95
N VAL C 786 6.40 52.43 -47.25
CA VAL C 786 5.32 53.27 -47.75
C VAL C 786 5.79 54.72 -47.88
N PHE C 787 6.57 55.19 -46.91
CA PHE C 787 7.13 56.54 -47.03
C PHE C 787 8.05 56.66 -48.25
N TYR C 788 8.80 55.60 -48.56
CA TYR C 788 9.68 55.62 -49.72
C TYR C 788 8.90 55.62 -51.02
N ILE C 789 7.79 54.87 -51.07
CA ILE C 789 6.99 54.90 -52.29
C ILE C 789 6.29 56.24 -52.43
N LEU C 790 6.04 56.93 -51.32
CA LEU C 790 5.48 58.27 -51.37
C LEU C 790 6.50 59.25 -51.95
N VAL C 791 7.73 59.24 -51.41
CA VAL C 791 8.77 60.12 -51.91
C VAL C 791 9.06 59.83 -53.37
N GLY C 792 9.11 58.55 -53.75
CA GLY C 792 9.32 58.21 -55.15
C GLY C 792 8.19 58.69 -56.05
N GLY C 793 6.95 58.63 -55.56
CA GLY C 793 5.85 59.18 -56.33
C GLY C 793 5.95 60.68 -56.51
N LEU C 794 6.36 61.39 -55.45
CA LEU C 794 6.53 62.83 -55.57
C LEU C 794 7.63 63.18 -56.56
N GLY C 795 8.74 62.44 -56.52
CA GLY C 795 9.80 62.65 -57.48
C GLY C 795 9.37 62.37 -58.90
N LEU C 796 8.66 61.27 -59.12
CA LEU C 796 8.14 60.94 -60.45
C LEU C 796 7.18 62.02 -60.95
N ALA C 797 6.35 62.56 -60.06
CA ALA C 797 5.43 63.63 -60.47
C ALA C 797 6.17 64.91 -60.81
N MET C 798 7.28 65.20 -60.12
CA MET C 798 8.08 66.36 -60.50
C MET C 798 8.75 66.13 -61.85
N LEU C 799 9.19 64.89 -62.09
CA LEU C 799 9.78 64.53 -63.38
C LEU C 799 8.75 64.71 -64.50
N VAL C 800 7.53 64.23 -64.29
CA VAL C 800 6.47 64.38 -65.29
C VAL C 800 6.17 65.87 -65.54
N ALA C 801 6.12 66.68 -64.48
CA ALA C 801 5.91 68.11 -64.69
C ALA C 801 7.04 68.72 -65.54
N LEU C 802 8.27 68.24 -65.33
CA LEU C 802 9.36 68.70 -66.18
C LEU C 802 9.18 68.19 -67.60
N ILE C 803 8.63 66.98 -67.74
CA ILE C 803 8.41 66.41 -69.07
C ILE C 803 7.38 67.26 -69.80
N GLU C 804 6.45 67.84 -69.05
CA GLU C 804 5.46 68.71 -69.66
C GLU C 804 6.10 70.00 -70.15
N PHE C 805 6.97 70.60 -69.34
CA PHE C 805 7.61 71.84 -69.78
C PHE C 805 8.61 71.65 -70.92
N CYS C 806 9.34 70.53 -70.98
CA CYS C 806 10.31 70.38 -72.07
C CYS C 806 9.61 70.22 -73.42
N TYR C 807 8.51 69.47 -73.46
CA TYR C 807 7.74 69.19 -74.68
C TYR C 807 8.63 68.42 -75.65
N LYS C 808 8.71 68.80 -76.93
CA LYS C 808 9.49 68.05 -77.90
C LYS C 808 10.60 68.89 -78.52
N SER C 809 11.00 69.99 -77.87
CA SER C 809 12.06 70.84 -78.39
C SER C 809 13.38 70.09 -78.55
N ARG C 810 13.49 68.87 -78.03
CA ARG C 810 14.71 68.07 -78.08
C ARG C 810 14.34 66.61 -77.93
N ALA C 811 15.01 65.74 -78.69
CA ALA C 811 14.75 64.30 -78.68
C ALA C 811 16.08 63.57 -78.49
N GLU C 812 16.54 63.53 -77.24
CA GLU C 812 17.76 62.83 -76.88
C GLU C 812 17.43 61.74 -75.87
N ALA C 813 18.13 60.61 -75.98
CA ALA C 813 17.92 59.49 -75.06
C ALA C 813 19.16 58.62 -74.97
N ASN D 1 -15.49 -16.95 85.05
CA ASN D 1 -15.96 -15.60 84.78
C ASN D 1 -14.83 -14.73 84.23
N SER D 2 -13.77 -14.57 85.02
CA SER D 2 -12.62 -13.76 84.62
C SER D 2 -11.88 -14.46 83.48
N ILE D 3 -11.99 -13.91 82.28
CA ILE D 3 -11.38 -14.48 81.08
C ILE D 3 -10.11 -13.70 80.80
N GLN D 4 -8.96 -14.35 80.99
CA GLN D 4 -7.67 -13.71 80.72
C GLN D 4 -7.46 -13.57 79.22
N ILE D 5 -7.33 -12.33 78.74
CA ILE D 5 -7.07 -12.08 77.33
C ILE D 5 -5.86 -11.17 77.18
N GLY D 6 -5.11 -11.40 76.11
CA GLY D 6 -3.90 -10.63 75.85
C GLY D 6 -4.18 -9.32 75.13
N GLY D 7 -3.35 -8.32 75.40
CA GLY D 7 -3.51 -7.01 74.80
C GLY D 7 -2.18 -6.41 74.39
N LEU D 8 -1.68 -6.79 73.22
CA LEU D 8 -0.40 -6.30 72.71
C LEU D 8 -0.65 -4.98 71.98
N PHE D 9 -0.02 -3.91 72.46
CA PHE D 9 -0.23 -2.61 71.85
C PHE D 9 1.10 -1.98 71.46
N PRO D 10 1.11 -1.18 70.40
CA PRO D 10 2.31 -0.41 70.07
C PRO D 10 2.54 0.72 71.07
N ARG D 11 3.81 1.11 71.23
CA ARG D 11 4.15 2.15 72.17
C ARG D 11 3.57 3.50 71.78
N GLY D 12 3.29 3.72 70.51
CA GLY D 12 2.69 4.95 70.02
C GLY D 12 1.17 4.96 70.00
N ALA D 13 0.53 3.93 70.53
CA ALA D 13 -0.93 3.83 70.53
C ALA D 13 -1.48 4.50 71.79
N ASP D 14 -2.22 5.59 71.59
CA ASP D 14 -2.83 6.32 72.70
C ASP D 14 -4.34 6.29 72.63
N GLN D 15 -4.95 6.84 71.58
CA GLN D 15 -6.40 6.82 71.44
C GLN D 15 -6.93 5.39 71.29
N GLU D 16 -6.12 4.50 70.74
CA GLU D 16 -6.54 3.10 70.58
C GLU D 16 -6.72 2.43 71.94
N TYR D 17 -5.78 2.63 72.86
CA TYR D 17 -5.95 2.05 74.20
C TYR D 17 -7.10 2.70 74.95
N SER D 18 -7.34 4.00 74.71
CA SER D 18 -8.48 4.66 75.33
C SER D 18 -9.80 4.04 74.85
N ALA D 19 -9.93 3.83 73.54
CA ALA D 19 -11.11 3.17 73.02
C ALA D 19 -11.20 1.72 73.49
N PHE D 20 -10.06 1.06 73.71
CA PHE D 20 -10.09 -0.29 74.26
C PHE D 20 -10.63 -0.29 75.68
N ARG D 21 -10.29 0.74 76.45
CA ARG D 21 -10.80 0.84 77.82
C ARG D 21 -12.29 1.17 77.82
N VAL D 22 -12.72 2.06 76.92
CA VAL D 22 -14.13 2.41 76.82
C VAL D 22 -14.95 1.19 76.42
N GLY D 23 -14.43 0.39 75.48
CA GLY D 23 -15.11 -0.86 75.14
C GLY D 23 -15.09 -1.89 76.25
N MET D 24 -14.01 -1.92 77.03
CA MET D 24 -13.96 -2.81 78.18
C MET D 24 -15.01 -2.44 79.23
N VAL D 25 -15.25 -1.14 79.38
CA VAL D 25 -16.26 -0.69 80.36
C VAL D 25 -17.67 -0.90 79.82
N GLN D 26 -17.88 -0.65 78.53
CA GLN D 26 -19.22 -0.73 77.96
C GLN D 26 -19.75 -2.17 77.92
N PHE D 27 -18.87 -3.16 77.73
CA PHE D 27 -19.32 -4.53 77.61
C PHE D 27 -18.75 -5.42 78.71
N SER D 28 -18.96 -5.04 79.97
CA SER D 28 -18.53 -5.82 81.12
C SER D 28 -19.80 -6.35 81.80
N THR D 29 -20.40 -7.37 81.19
CA THR D 29 -21.63 -7.94 81.70
C THR D 29 -21.37 -8.72 82.99
N SER D 30 -22.45 -8.97 83.74
CA SER D 30 -22.34 -9.71 84.99
C SER D 30 -22.11 -11.20 84.75
N GLU D 31 -22.39 -11.71 83.55
CA GLU D 31 -22.14 -13.12 83.26
C GLU D 31 -20.66 -13.45 83.31
N PHE D 32 -19.81 -12.57 82.78
CA PHE D 32 -18.38 -12.79 82.74
C PHE D 32 -17.66 -11.47 82.49
N ARG D 33 -16.47 -11.35 83.05
CA ARG D 33 -15.63 -10.17 82.89
C ARG D 33 -14.32 -10.55 82.21
N LEU D 34 -13.90 -9.73 81.25
CA LEU D 34 -12.67 -9.96 80.51
C LEU D 34 -11.53 -9.21 81.18
N THR D 35 -10.54 -9.96 81.67
CA THR D 35 -9.36 -9.36 82.30
C THR D 35 -8.25 -9.25 81.28
N PRO D 36 -7.82 -8.04 80.93
CA PRO D 36 -6.78 -7.90 79.90
C PRO D 36 -5.38 -7.75 80.50
N HIS D 37 -4.42 -8.42 79.89
CA HIS D 37 -3.01 -8.27 80.23
C HIS D 37 -2.37 -7.40 79.14
N ILE D 38 -2.05 -6.16 79.49
CA ILE D 38 -1.57 -5.18 78.52
C ILE D 38 -0.06 -5.28 78.42
N ASP D 39 0.44 -5.33 77.18
CA ASP D 39 1.87 -5.37 76.92
C ASP D 39 2.18 -4.36 75.83
N ASN D 40 2.84 -3.25 76.21
CA ASN D 40 3.25 -2.22 75.27
C ASN D 40 4.68 -2.49 74.80
N LEU D 41 4.84 -2.77 73.50
CA LEU D 41 6.15 -3.08 72.93
C LEU D 41 6.20 -2.55 71.50
N GLU D 42 7.37 -2.69 70.88
CA GLU D 42 7.59 -2.20 69.52
C GLU D 42 6.92 -3.15 68.51
N VAL D 43 5.99 -2.59 67.73
CA VAL D 43 5.22 -3.41 66.78
C VAL D 43 6.09 -3.81 65.59
N ALA D 44 7.12 -3.04 65.27
CA ALA D 44 7.92 -3.33 64.09
C ALA D 44 8.84 -4.52 64.30
N ASN D 45 9.52 -4.58 65.44
CA ASN D 45 10.46 -5.65 65.74
C ASN D 45 9.71 -6.96 65.91
N SER D 46 9.91 -7.90 64.98
CA SER D 46 9.22 -9.18 65.07
C SER D 46 9.80 -10.08 66.16
N PHE D 47 11.05 -9.84 66.59
CA PHE D 47 11.60 -10.61 67.69
C PHE D 47 10.90 -10.25 69.01
N ALA D 48 10.69 -8.95 69.25
CA ALA D 48 9.93 -8.54 70.42
C ALA D 48 8.47 -9.00 70.33
N VAL D 49 7.92 -9.03 69.11
CA VAL D 49 6.57 -9.54 68.94
C VAL D 49 6.51 -11.02 69.29
N THR D 50 7.52 -11.80 68.89
CA THR D 50 7.57 -13.21 69.25
C THR D 50 7.71 -13.39 70.75
N ASN D 51 8.55 -12.55 71.38
CA ASN D 51 8.73 -12.65 72.82
C ASN D 51 7.44 -12.34 73.56
N ALA D 52 6.72 -11.30 73.13
CA ALA D 52 5.46 -10.95 73.79
C ALA D 52 4.40 -12.00 73.55
N PHE D 53 4.34 -12.57 72.35
CA PHE D 53 3.35 -13.62 72.07
C PHE D 53 3.61 -14.85 72.92
N CYS D 54 4.88 -15.25 73.05
CA CYS D 54 5.20 -16.41 73.86
C CYS D 54 5.06 -16.13 75.35
N SER D 55 5.20 -14.86 75.76
CA SER D 55 4.92 -14.51 77.15
C SER D 55 3.43 -14.60 77.45
N GLN D 56 2.60 -14.07 76.54
CA GLN D 56 1.15 -14.19 76.72
C GLN D 56 0.69 -15.64 76.59
N PHE D 57 1.29 -16.38 75.66
CA PHE D 57 0.92 -17.79 75.49
C PHE D 57 1.29 -18.60 76.72
N SER D 58 2.41 -18.28 77.36
CA SER D 58 2.79 -18.99 78.58
C SER D 58 1.91 -18.60 79.76
N ARG D 59 1.35 -17.39 79.73
CA ARG D 59 0.44 -16.97 80.80
C ARG D 59 -0.88 -17.71 80.74
N GLY D 60 -1.36 -18.04 79.54
CA GLY D 60 -2.58 -18.78 79.38
C GLY D 60 -3.75 -17.94 78.89
N VAL D 61 -3.47 -17.05 77.94
CA VAL D 61 -4.51 -16.21 77.36
C VAL D 61 -5.33 -17.04 76.38
N TYR D 62 -6.60 -16.68 76.22
CA TYR D 62 -7.48 -17.39 75.31
C TYR D 62 -7.49 -16.78 73.92
N ALA D 63 -7.46 -15.45 73.83
CA ALA D 63 -7.44 -14.75 72.55
C ALA D 63 -6.62 -13.48 72.69
N ILE D 64 -5.64 -13.30 71.82
CA ILE D 64 -4.75 -12.15 71.83
C ILE D 64 -5.27 -11.12 70.85
N PHE D 65 -5.40 -9.87 71.30
CA PHE D 65 -5.77 -8.75 70.45
C PHE D 65 -4.57 -7.82 70.32
N GLY D 66 -4.11 -7.63 69.09
CA GLY D 66 -2.93 -6.81 68.86
C GLY D 66 -2.87 -6.18 67.50
N PHE D 67 -1.68 -5.70 67.12
CA PHE D 67 -1.43 -5.08 65.83
C PHE D 67 -0.19 -5.69 65.21
N TYR D 68 0.04 -5.37 63.94
CA TYR D 68 1.22 -5.87 63.24
C TYR D 68 1.66 -4.91 62.15
N ASP D 69 2.93 -5.02 61.79
CA ASP D 69 3.57 -4.27 60.71
C ASP D 69 4.01 -5.24 59.62
N LYS D 70 4.56 -4.69 58.53
CA LYS D 70 5.01 -5.49 57.39
C LYS D 70 5.99 -6.59 57.79
N LYS D 71 6.70 -6.41 58.90
CA LYS D 71 7.64 -7.43 59.35
C LYS D 71 6.96 -8.52 60.17
N SER D 72 5.99 -8.14 60.99
CA SER D 72 5.36 -9.04 61.96
C SER D 72 4.20 -9.83 61.38
N VAL D 73 3.75 -9.53 60.16
CA VAL D 73 2.58 -10.20 59.60
C VAL D 73 2.80 -11.70 59.56
N ASN D 74 3.95 -12.11 59.02
CA ASN D 74 4.24 -13.53 58.86
C ASN D 74 4.50 -14.21 60.20
N THR D 75 5.12 -13.50 61.14
CA THR D 75 5.40 -14.12 62.44
C THR D 75 4.10 -14.34 63.22
N ILE D 76 3.18 -13.38 63.16
CA ILE D 76 1.93 -13.52 63.89
C ILE D 76 1.06 -14.59 63.23
N THR D 77 0.96 -14.57 61.89
CA THR D 77 0.14 -15.57 61.23
C THR D 77 0.69 -16.98 61.44
N SER D 78 2.01 -17.15 61.32
CA SER D 78 2.61 -18.47 61.47
C SER D 78 2.64 -18.94 62.92
N PHE D 79 2.56 -18.02 63.89
CA PHE D 79 2.51 -18.47 65.27
C PHE D 79 1.08 -18.81 65.68
N CYS D 80 0.10 -18.00 65.25
CA CYS D 80 -1.29 -18.29 65.57
C CYS D 80 -1.82 -19.50 64.82
N GLY D 81 -1.30 -19.77 63.61
CA GLY D 81 -1.77 -20.92 62.86
C GLY D 81 -1.34 -22.25 63.44
N THR D 82 -0.13 -22.31 64.00
CA THR D 82 0.38 -23.56 64.54
C THR D 82 -0.08 -23.80 65.97
N LEU D 83 -0.12 -22.76 66.80
CA LEU D 83 -0.53 -22.91 68.19
C LEU D 83 -2.04 -22.76 68.38
N HIS D 84 -2.79 -22.52 67.30
CA HIS D 84 -4.25 -22.50 67.34
C HIS D 84 -4.79 -21.48 68.33
N VAL D 85 -4.14 -20.32 68.39
CA VAL D 85 -4.55 -19.22 69.26
C VAL D 85 -5.29 -18.20 68.43
N SER D 86 -6.42 -17.73 68.94
CA SER D 86 -7.23 -16.75 68.21
C SER D 86 -6.57 -15.37 68.24
N PHE D 87 -6.58 -14.70 67.10
CA PHE D 87 -5.97 -13.39 66.95
C PHE D 87 -6.98 -12.44 66.32
N ILE D 88 -7.07 -11.23 66.87
CA ILE D 88 -7.96 -10.19 66.38
C ILE D 88 -7.12 -8.94 66.13
N THR D 89 -7.28 -8.33 64.96
CA THR D 89 -6.49 -7.17 64.60
C THR D 89 -7.28 -6.19 63.75
N PRO D 90 -7.20 -4.90 64.03
CA PRO D 90 -7.81 -3.88 63.16
C PRO D 90 -6.92 -3.40 62.03
N SER D 91 -5.73 -3.96 61.85
CA SER D 91 -4.80 -3.49 60.84
C SER D 91 -5.27 -3.93 59.45
N PHE D 92 -4.41 -3.74 58.45
CA PHE D 92 -4.78 -4.08 57.08
C PHE D 92 -4.95 -5.58 56.93
N PRO D 93 -5.90 -6.03 56.11
CA PRO D 93 -6.12 -7.47 55.96
C PRO D 93 -4.97 -8.16 55.24
N THR D 94 -4.75 -9.41 55.60
CA THR D 94 -3.67 -10.19 55.00
C THR D 94 -3.99 -10.51 53.54
N ASP D 95 -2.95 -10.56 52.72
CA ASP D 95 -3.10 -10.87 51.31
C ASP D 95 -3.36 -12.36 51.15
N GLY D 96 -4.58 -12.71 50.73
CA GLY D 96 -4.93 -14.10 50.52
C GLY D 96 -5.82 -14.66 51.61
N THR D 97 -5.67 -15.94 51.92
CA THR D 97 -6.45 -16.62 52.94
C THR D 97 -5.53 -17.01 54.09
N HIS D 98 -5.87 -16.55 55.30
CA HIS D 98 -5.08 -16.85 56.49
C HIS D 98 -6.04 -17.18 57.63
N PRO D 99 -5.86 -18.31 58.30
CA PRO D 99 -6.77 -18.71 59.37
C PRO D 99 -6.33 -18.18 60.73
N PHE D 100 -7.24 -18.31 61.70
CA PHE D 100 -7.03 -17.90 63.08
C PHE D 100 -6.72 -16.42 63.21
N VAL D 101 -7.09 -15.61 62.22
CA VAL D 101 -6.87 -14.17 62.25
C VAL D 101 -8.17 -13.49 61.85
N ILE D 102 -8.61 -12.51 62.64
CA ILE D 102 -9.83 -11.76 62.40
C ILE D 102 -9.42 -10.33 62.12
N GLN D 103 -9.43 -9.93 60.85
CA GLN D 103 -9.05 -8.58 60.45
C GLN D 103 -10.29 -7.70 60.52
N MET D 104 -10.31 -6.77 61.48
CA MET D 104 -11.45 -5.89 61.63
C MET D 104 -11.55 -4.88 60.48
N ARG D 105 -10.43 -4.54 59.86
CA ARG D 105 -10.45 -3.55 58.78
C ARG D 105 -11.00 -4.20 57.51
N PRO D 106 -11.90 -3.54 56.79
CA PRO D 106 -12.43 -4.10 55.55
C PRO D 106 -11.46 -3.90 54.40
N ASP D 107 -11.82 -4.47 53.25
CA ASP D 107 -10.99 -4.41 52.05
C ASP D 107 -11.32 -3.14 51.28
N LEU D 108 -10.30 -2.30 51.05
CA LEU D 108 -10.47 -1.02 50.40
C LEU D 108 -10.02 -1.03 48.95
N LYS D 109 -9.39 -2.11 48.48
CA LYS D 109 -8.89 -2.16 47.12
C LYS D 109 -10.02 -1.99 46.11
N GLY D 110 -11.12 -2.75 46.28
CA GLY D 110 -12.25 -2.59 45.39
C GLY D 110 -12.90 -1.23 45.51
N ALA D 111 -12.81 -0.60 46.68
CA ALA D 111 -13.35 0.74 46.84
C ALA D 111 -12.55 1.75 46.02
N LEU D 112 -11.22 1.70 46.12
CA LEU D 112 -10.39 2.59 45.34
C LEU D 112 -10.55 2.33 43.84
N LEU D 113 -10.67 1.05 43.46
CA LEU D 113 -10.84 0.74 42.04
C LEU D 113 -12.15 1.27 41.50
N SER D 114 -13.24 1.07 42.25
CA SER D 114 -14.54 1.59 41.82
C SER D 114 -14.56 3.12 41.82
N LEU D 115 -13.79 3.76 42.71
CA LEU D 115 -13.74 5.22 42.68
C LEU D 115 -12.96 5.73 41.47
N ILE D 116 -11.88 5.01 41.10
CA ILE D 116 -11.16 5.35 39.87
C ILE D 116 -12.08 5.15 38.66
N GLU D 117 -12.91 4.10 38.69
CA GLU D 117 -13.88 3.90 37.62
C GLU D 117 -14.90 5.04 37.59
N TYR D 118 -15.30 5.53 38.76
CA TYR D 118 -16.32 6.57 38.82
C TYR D 118 -15.79 7.91 38.32
N TYR D 119 -14.56 8.26 38.69
CA TYR D 119 -13.99 9.52 38.24
C TYR D 119 -13.48 9.48 36.80
N GLN D 120 -13.37 8.28 36.21
CA GLN D 120 -12.90 8.11 34.82
C GLN D 120 -11.51 8.72 34.63
N TRP D 121 -10.56 8.13 35.33
CA TRP D 121 -9.16 8.54 35.25
C TRP D 121 -8.40 7.58 34.34
N ASP D 122 -7.54 8.14 33.49
CA ASP D 122 -6.71 7.36 32.57
C ASP D 122 -5.21 7.51 32.82
N LYS D 123 -4.77 8.61 33.41
CA LYS D 123 -3.36 8.86 33.69
C LYS D 123 -3.25 9.60 35.00
N PHE D 124 -2.61 8.99 35.99
CA PHE D 124 -2.52 9.61 37.32
C PHE D 124 -1.27 9.09 38.05
N ALA D 125 -1.07 9.64 39.25
CA ALA D 125 0.05 9.30 40.11
C ALA D 125 -0.45 8.58 41.35
N TYR D 126 0.41 7.75 41.93
CA TYR D 126 0.06 6.93 43.08
C TYR D 126 1.24 6.96 44.06
N LEU D 127 1.12 7.78 45.10
CA LEU D 127 2.15 7.85 46.13
C LEU D 127 1.81 6.86 47.23
N TYR D 128 2.56 5.76 47.28
CA TYR D 128 2.25 4.66 48.18
C TYR D 128 3.28 4.56 49.30
N ASP D 129 2.88 3.90 50.38
CA ASP D 129 3.73 3.66 51.54
C ASP D 129 4.14 2.20 51.57
N SER D 130 5.40 1.95 51.95
CA SER D 130 5.89 0.58 52.00
C SER D 130 5.43 -0.15 53.25
N ASP D 131 5.32 0.56 54.38
CA ASP D 131 4.91 -0.08 55.62
C ASP D 131 3.42 -0.40 55.63
N ARG D 132 2.62 0.33 54.85
CA ARG D 132 1.18 0.14 54.83
C ARG D 132 0.76 -1.07 54.00
N GLY D 133 1.71 -1.78 53.39
CA GLY D 133 1.38 -2.95 52.60
C GLY D 133 1.14 -2.62 51.14
N LEU D 134 1.74 -3.42 50.25
CA LEU D 134 1.61 -3.22 48.81
C LEU D 134 0.36 -3.89 48.23
N SER D 135 -0.63 -4.21 49.06
CA SER D 135 -1.82 -4.90 48.58
C SER D 135 -2.60 -4.03 47.60
N THR D 136 -2.90 -2.79 47.99
CA THR D 136 -3.63 -1.90 47.11
C THR D 136 -2.82 -1.55 45.86
N LEU D 137 -1.51 -1.35 46.03
CA LEU D 137 -0.66 -1.04 44.88
C LEU D 137 -0.61 -2.21 43.90
N GLN D 138 -0.53 -3.44 44.42
CA GLN D 138 -0.54 -4.60 43.54
C GLN D 138 -1.90 -4.77 42.86
N ALA D 139 -2.98 -4.48 43.57
CA ALA D 139 -4.30 -4.61 42.96
C ALA D 139 -4.48 -3.61 41.83
N VAL D 140 -4.04 -2.36 42.04
CA VAL D 140 -4.20 -1.37 40.98
C VAL D 140 -3.20 -1.61 39.85
N LEU D 141 -2.05 -2.22 40.15
CA LEU D 141 -1.11 -2.57 39.10
C LEU D 141 -1.67 -3.68 38.22
N ASP D 142 -2.33 -4.67 38.83
CA ASP D 142 -2.96 -5.73 38.05
C ASP D 142 -4.16 -5.21 37.27
N SER D 143 -4.90 -4.25 37.82
CA SER D 143 -6.01 -3.66 37.09
C SER D 143 -5.57 -2.68 36.01
N ALA D 144 -4.33 -2.20 36.08
CA ALA D 144 -3.79 -1.29 35.07
C ALA D 144 -3.56 -1.94 33.72
N ALA D 145 -3.76 -3.25 33.60
CA ALA D 145 -3.68 -3.94 32.32
C ALA D 145 -5.03 -4.39 31.79
N GLU D 146 -5.96 -4.76 32.67
CA GLU D 146 -7.30 -5.12 32.23
C GLU D 146 -8.04 -3.91 31.68
N LYS D 147 -7.90 -2.75 32.34
CA LYS D 147 -8.57 -1.53 31.92
C LYS D 147 -7.61 -0.48 31.40
N LYS D 148 -6.31 -0.77 31.37
CA LYS D 148 -5.30 0.08 30.72
C LYS D 148 -5.25 1.49 31.30
N TRP D 149 -4.49 1.67 32.38
CA TRP D 149 -4.24 2.98 32.96
C TRP D 149 -2.75 3.28 32.94
N GLN D 150 -2.43 4.58 32.95
CA GLN D 150 -1.06 5.05 33.07
C GLN D 150 -0.86 5.58 34.49
N VAL D 151 -0.36 4.72 35.37
CA VAL D 151 -0.15 5.06 36.77
C VAL D 151 1.34 5.29 37.01
N THR D 152 1.66 6.33 37.76
CA THR D 152 3.04 6.68 38.12
C THR D 152 3.16 6.45 39.63
N ALA D 153 3.62 5.27 40.01
CA ALA D 153 3.72 4.90 41.42
C ALA D 153 5.06 5.32 42.00
N ILE D 154 5.02 6.06 43.10
CA ILE D 154 6.22 6.51 43.80
C ILE D 154 6.15 6.05 45.25
N ASN D 155 7.28 5.53 45.75
CA ASN D 155 7.40 5.05 47.12
C ASN D 155 7.83 6.23 48.00
N VAL D 156 6.84 6.96 48.51
CA VAL D 156 7.11 8.08 49.41
C VAL D 156 7.36 7.63 50.84
N GLY D 157 7.25 6.33 51.12
CA GLY D 157 7.38 5.87 52.50
C GLY D 157 8.78 6.02 53.05
N ASN D 158 9.80 5.79 52.22
CA ASN D 158 11.19 5.83 52.67
C ASN D 158 11.74 7.24 52.47
N ILE D 159 11.37 8.12 53.41
CA ILE D 159 11.86 9.50 53.43
C ILE D 159 12.26 9.85 54.86
N ASN D 160 13.27 10.69 54.98
CA ASN D 160 13.77 11.14 56.27
C ASN D 160 13.12 12.46 56.67
N ASN D 161 12.88 12.62 57.97
CA ASN D 161 12.21 13.83 58.46
C ASN D 161 13.07 15.07 58.33
N ASP D 162 14.39 14.92 58.21
CA ASP D 162 15.26 16.08 58.05
C ASP D 162 15.15 16.66 56.65
N LYS D 163 15.23 15.80 55.63
CA LYS D 163 15.09 16.21 54.24
C LYS D 163 13.65 16.13 53.75
N LYS D 164 12.67 16.22 54.66
CA LYS D 164 11.27 16.07 54.27
C LYS D 164 10.85 17.17 53.31
N ASP D 165 11.08 18.42 53.70
CA ASP D 165 10.66 19.55 52.88
C ASP D 165 11.36 19.54 51.52
N GLU D 166 12.59 19.04 51.46
CA GLU D 166 13.30 18.98 50.19
C GLU D 166 12.85 17.78 49.36
N THR D 167 12.68 16.62 50.00
CA THR D 167 12.31 15.41 49.26
C THR D 167 10.92 15.53 48.66
N TYR D 168 9.96 16.10 49.40
CA TYR D 168 8.62 16.24 48.86
C TYR D 168 8.58 17.22 47.69
N ARG D 169 9.27 18.36 47.82
CA ARG D 169 9.31 19.32 46.73
C ARG D 169 9.99 18.73 45.50
N SER D 170 11.06 17.97 45.70
CA SER D 170 11.69 17.30 44.56
C SER D 170 10.78 16.25 43.94
N LEU D 171 9.97 15.57 44.77
CA LEU D 171 9.05 14.57 44.25
C LEU D 171 7.98 15.22 43.37
N PHE D 172 7.42 16.34 43.84
CA PHE D 172 6.39 17.00 43.03
C PHE D 172 6.98 17.73 41.83
N GLN D 173 8.22 18.21 41.93
CA GLN D 173 8.89 18.74 40.75
C GLN D 173 9.17 17.66 39.72
N ASP D 174 9.44 16.43 40.16
CA ASP D 174 9.58 15.32 39.21
C ASP D 174 8.23 14.88 38.67
N LEU D 175 7.17 15.06 39.45
CA LEU D 175 5.82 14.71 38.98
C LEU D 175 5.24 15.77 38.06
N GLU D 176 5.82 16.97 38.05
CA GLU D 176 5.40 18.01 37.12
C GLU D 176 5.98 17.83 35.73
N LEU D 177 6.86 16.85 35.53
CA LEU D 177 7.33 16.53 34.19
C LEU D 177 6.19 16.05 33.31
N LYS D 178 5.35 15.16 33.84
CA LYS D 178 4.16 14.72 33.14
C LYS D 178 2.97 15.66 33.33
N LYS D 179 3.15 16.73 34.10
CA LYS D 179 2.07 17.66 34.43
C LYS D 179 0.88 16.93 35.05
N GLU D 180 1.18 16.02 35.98
CA GLU D 180 0.14 15.22 36.62
C GLU D 180 -0.71 16.08 37.53
N ARG D 181 -2.03 15.99 37.36
CA ARG D 181 -2.98 16.68 38.23
C ARG D 181 -3.77 15.74 39.13
N ARG D 182 -3.85 14.45 38.79
CA ARG D 182 -4.60 13.47 39.55
C ARG D 182 -3.64 12.60 40.34
N VAL D 183 -3.72 12.67 41.67
CA VAL D 183 -2.82 11.94 42.56
C VAL D 183 -3.65 11.17 43.58
N ILE D 184 -3.23 9.95 43.88
CA ILE D 184 -3.82 9.13 44.93
C ILE D 184 -2.76 8.86 45.99
N LEU D 185 -3.10 9.12 47.25
CA LEU D 185 -2.17 9.00 48.37
C LEU D 185 -2.58 7.80 49.22
N ASP D 186 -1.77 6.74 49.19
CA ASP D 186 -2.03 5.55 50.00
C ASP D 186 -1.08 5.57 51.19
N CYS D 187 -1.44 6.38 52.19
CA CYS D 187 -0.64 6.53 53.39
C CYS D 187 -1.56 6.73 54.58
N GLU D 188 -0.99 6.61 55.78
CA GLU D 188 -1.74 6.86 57.00
C GLU D 188 -1.98 8.36 57.18
N ARG D 189 -3.06 8.69 57.89
CA ARG D 189 -3.46 10.10 58.07
C ARG D 189 -2.30 10.94 58.59
N ASP D 190 -1.47 10.40 59.49
CA ASP D 190 -0.37 11.16 60.04
C ASP D 190 0.62 11.59 58.95
N LYS D 191 0.86 10.72 57.97
CA LYS D 191 1.73 11.07 56.86
C LYS D 191 0.98 11.86 55.78
N VAL D 192 -0.32 11.56 55.60
CA VAL D 192 -1.12 12.32 54.65
C VAL D 192 -1.17 13.78 55.04
N ASN D 193 -1.17 14.08 56.35
CA ASN D 193 -1.13 15.46 56.80
C ASN D 193 0.16 16.14 56.37
N ASP D 194 1.29 15.42 56.42
CA ASP D 194 2.56 15.97 55.95
C ASP D 194 2.51 16.23 54.45
N ILE D 195 2.00 15.25 53.69
CA ILE D 195 1.87 15.45 52.24
C ILE D 195 1.00 16.65 51.92
N VAL D 196 -0.10 16.82 52.67
CA VAL D 196 -0.99 17.96 52.46
C VAL D 196 -0.28 19.27 52.81
N ASP D 197 0.50 19.27 53.89
CA ASP D 197 1.27 20.47 54.24
C ASP D 197 2.24 20.83 53.12
N GLN D 198 2.92 19.84 52.55
CA GLN D 198 3.86 20.13 51.47
C GLN D 198 3.14 20.60 50.21
N VAL D 199 1.99 19.99 49.89
CA VAL D 199 1.21 20.44 48.73
C VAL D 199 0.76 21.89 48.92
N ILE D 200 0.38 22.25 50.15
CA ILE D 200 0.00 23.63 50.43
C ILE D 200 1.20 24.55 50.28
N THR D 201 2.36 24.12 50.77
CA THR D 201 3.57 24.95 50.68
C THR D 201 3.96 25.20 49.23
N ILE D 202 3.84 24.18 48.37
CA ILE D 202 4.21 24.33 46.96
C ILE D 202 3.08 24.90 46.12
N GLY D 203 1.88 25.03 46.66
CA GLY D 203 0.77 25.63 45.93
C GLY D 203 0.19 24.77 44.83
N LYS D 204 0.31 23.44 44.94
CA LYS D 204 -0.26 22.52 43.97
C LYS D 204 -1.64 22.02 44.37
N HIS D 205 -2.36 22.76 45.23
CA HIS D 205 -3.70 22.39 45.66
C HIS D 205 -4.76 23.31 45.08
N VAL D 206 -4.48 23.96 43.94
CA VAL D 206 -5.42 24.91 43.35
C VAL D 206 -6.40 24.16 42.43
N LYS D 207 -7.13 24.92 41.62
CA LYS D 207 -8.09 24.32 40.71
C LYS D 207 -7.40 23.47 39.65
N GLY D 208 -7.98 22.32 39.36
CA GLY D 208 -7.42 21.41 38.38
C GLY D 208 -6.92 20.12 38.97
N TYR D 209 -6.23 20.22 40.11
CA TYR D 209 -5.70 19.04 40.77
C TYR D 209 -6.82 18.22 41.40
N HIS D 210 -6.60 16.91 41.48
CA HIS D 210 -7.58 15.99 42.06
C HIS D 210 -6.82 15.00 42.95
N TYR D 211 -7.13 15.01 44.24
CA TYR D 211 -6.44 14.18 45.22
C TYR D 211 -7.41 13.19 45.84
N ILE D 212 -7.03 11.92 45.85
CA ILE D 212 -7.82 10.84 46.44
C ILE D 212 -7.02 10.27 47.60
N ILE D 213 -7.60 10.31 48.80
CA ILE D 213 -6.96 9.79 50.01
C ILE D 213 -7.35 8.31 50.12
N ALA D 214 -6.36 7.43 50.00
CA ALA D 214 -6.60 5.99 49.97
C ALA D 214 -6.47 5.39 51.36
N ASN D 215 -7.38 5.80 52.24
CA ASN D 215 -7.46 5.25 53.58
C ASN D 215 -8.83 5.53 54.16
N LEU D 216 -9.19 4.77 55.20
CA LEU D 216 -10.47 4.92 55.87
C LEU D 216 -10.46 6.04 56.91
N GLY D 217 -9.48 6.93 56.86
CA GLY D 217 -9.42 8.05 57.78
C GLY D 217 -9.45 9.38 57.07
N PHE D 218 -10.53 9.64 56.32
CA PHE D 218 -10.61 10.88 55.56
C PHE D 218 -10.93 12.06 56.46
N THR D 219 -11.99 11.95 57.26
CA THR D 219 -12.40 13.04 58.14
C THR D 219 -11.56 13.12 59.41
N ASP D 220 -10.75 12.09 59.70
CA ASP D 220 -9.93 12.11 60.91
C ASP D 220 -8.82 13.14 60.79
N GLY D 221 -8.26 13.30 59.59
CA GLY D 221 -7.24 14.31 59.35
C GLY D 221 -7.85 15.65 59.00
N ASP D 222 -7.16 16.72 59.38
CA ASP D 222 -7.63 18.06 59.12
C ASP D 222 -7.69 18.32 57.62
N LEU D 223 -8.89 18.59 57.11
CA LEU D 223 -9.10 18.88 55.70
C LEU D 223 -9.42 20.34 55.44
N LEU D 224 -9.56 21.16 56.48
CA LEU D 224 -9.95 22.56 56.29
C LEU D 224 -8.86 23.37 55.61
N LYS D 225 -7.59 22.93 55.68
CA LYS D 225 -6.52 23.67 55.05
C LYS D 225 -6.56 23.56 53.53
N ILE D 226 -7.02 22.41 53.01
CA ILE D 226 -7.21 22.22 51.57
C ILE D 226 -8.67 22.34 51.17
N GLN D 227 -9.55 22.72 52.10
CA GLN D 227 -10.98 22.81 51.81
C GLN D 227 -11.29 23.92 50.81
N PHE D 228 -10.48 24.98 50.79
CA PHE D 228 -10.73 26.14 49.95
C PHE D 228 -9.68 26.30 48.85
N GLY D 229 -8.77 25.34 48.70
CA GLY D 229 -7.74 25.47 47.67
C GLY D 229 -8.31 25.41 46.27
N GLY D 230 -9.25 24.49 46.03
CA GLY D 230 -9.85 24.35 44.71
C GLY D 230 -9.77 22.93 44.19
N ALA D 231 -8.78 22.18 44.64
CA ALA D 231 -8.62 20.80 44.22
C ALA D 231 -9.69 19.93 44.88
N GLU D 232 -10.35 19.11 44.06
CA GLU D 232 -11.42 18.24 44.55
C GLU D 232 -10.79 17.06 45.28
N VAL D 233 -10.98 17.01 46.59
CA VAL D 233 -10.43 15.94 47.43
C VAL D 233 -11.53 14.92 47.71
N SER D 234 -11.17 13.64 47.65
CA SER D 234 -12.10 12.56 47.94
C SER D 234 -11.40 11.50 48.78
N GLY D 235 -12.17 10.85 49.65
CA GLY D 235 -11.61 9.85 50.52
C GLY D 235 -12.66 8.86 50.99
N PHE D 236 -12.28 8.08 52.00
CA PHE D 236 -13.12 7.02 52.52
C PHE D 236 -13.23 7.13 54.03
N GLN D 237 -14.40 6.79 54.56
CA GLN D 237 -14.68 6.84 55.99
C GLN D 237 -15.53 5.63 56.36
N ILE D 238 -15.07 4.85 57.33
CA ILE D 238 -15.87 3.72 57.78
C ILE D 238 -16.73 4.10 58.99
N VAL D 239 -16.25 5.02 59.83
CA VAL D 239 -16.99 5.46 61.02
C VAL D 239 -17.88 6.61 60.56
N ASP D 240 -19.11 6.29 60.18
CA ASP D 240 -20.08 7.29 59.75
C ASP D 240 -20.62 8.01 60.97
N TYR D 241 -20.30 9.30 61.10
CA TYR D 241 -20.74 10.07 62.25
C TYR D 241 -22.23 10.37 62.21
N ASP D 242 -22.87 10.22 61.05
CA ASP D 242 -24.31 10.43 60.94
C ASP D 242 -25.12 9.29 61.52
N ASP D 243 -24.51 8.13 61.79
CA ASP D 243 -25.24 7.02 62.37
C ASP D 243 -25.69 7.36 63.78
N SER D 244 -26.89 6.89 64.14
CA SER D 244 -27.40 7.13 65.49
C SER D 244 -26.52 6.44 66.54
N LEU D 245 -26.04 5.23 66.24
CA LEU D 245 -25.14 4.55 67.16
C LEU D 245 -23.84 5.33 67.33
N VAL D 246 -23.25 5.78 66.22
CA VAL D 246 -21.99 6.51 66.30
C VAL D 246 -22.21 7.87 66.97
N SER D 247 -23.36 8.50 66.74
CA SER D 247 -23.65 9.76 67.40
C SER D 247 -23.78 9.57 68.91
N LYS D 248 -24.52 8.56 69.34
CA LYS D 248 -24.67 8.28 70.76
C LYS D 248 -23.34 7.89 71.40
N PHE D 249 -22.45 7.25 70.63
CA PHE D 249 -21.12 6.93 71.16
C PHE D 249 -20.26 8.17 71.29
N ILE D 250 -20.34 9.09 70.30
CA ILE D 250 -19.54 10.30 70.34
C ILE D 250 -20.03 11.23 71.46
N GLU D 251 -21.32 11.16 71.79
CA GLU D 251 -21.83 11.97 72.89
C GLU D 251 -21.11 11.67 74.20
N ARG D 252 -20.88 10.38 74.48
CA ARG D 252 -20.11 9.99 75.65
C ARG D 252 -18.61 10.16 75.42
N TRP D 253 -18.15 10.01 74.18
CA TRP D 253 -16.73 10.10 73.87
C TRP D 253 -16.18 11.48 74.21
N SER D 254 -16.90 12.53 73.82
CA SER D 254 -16.42 13.89 74.05
C SER D 254 -16.39 14.25 75.54
N THR D 255 -17.33 13.71 76.31
CA THR D 255 -17.43 14.03 77.73
C THR D 255 -16.39 13.34 78.60
N LEU D 256 -15.67 12.34 78.06
CA LEU D 256 -14.67 11.64 78.86
C LEU D 256 -13.49 12.55 79.18
N GLU D 257 -12.90 12.32 80.35
CA GLU D 257 -11.78 13.12 80.79
C GLU D 257 -10.52 12.82 79.98
N GLU D 258 -9.79 13.88 79.62
CA GLU D 258 -8.55 13.74 78.85
C GLU D 258 -7.38 13.30 79.72
N LYS D 259 -7.49 13.39 81.04
CA LYS D 259 -6.38 13.03 81.92
C LYS D 259 -6.23 11.51 81.99
N GLU D 260 -7.33 10.80 82.26
CA GLU D 260 -7.25 9.35 82.36
C GLU D 260 -7.14 8.69 81.00
N TYR D 261 -7.95 9.14 80.03
CA TYR D 261 -7.93 8.59 78.68
C TYR D 261 -7.37 9.60 77.71
N PRO D 262 -6.14 9.42 77.22
CA PRO D 262 -5.54 10.42 76.33
C PRO D 262 -6.24 10.50 74.98
N GLY D 263 -6.43 11.73 74.51
CA GLY D 263 -7.00 11.96 73.19
C GLY D 263 -8.44 11.52 73.00
N ALA D 264 -9.27 11.66 74.03
CA ALA D 264 -10.67 11.24 73.96
C ALA D 264 -11.64 12.40 73.82
N HIS D 265 -11.28 13.59 74.33
CA HIS D 265 -12.19 14.73 74.33
C HIS D 265 -12.53 15.25 72.93
N THR D 266 -11.82 14.81 71.89
CA THR D 266 -12.10 15.29 70.56
C THR D 266 -13.44 14.75 70.06
N ALA D 267 -13.97 15.40 69.02
CA ALA D 267 -15.23 14.99 68.42
C ALA D 267 -15.05 13.94 67.34
N THR D 268 -13.93 13.94 66.63
CA THR D 268 -13.66 12.96 65.59
C THR D 268 -12.78 11.86 66.15
N ILE D 269 -13.09 10.61 65.79
CA ILE D 269 -12.37 9.44 66.27
C ILE D 269 -11.72 8.75 65.08
N LYS D 270 -10.51 8.22 65.30
CA LYS D 270 -9.83 7.48 64.27
C LYS D 270 -10.54 6.15 64.01
N TYR D 271 -10.47 5.69 62.76
CA TYR D 271 -11.16 4.46 62.41
C TYR D 271 -10.55 3.24 63.09
N THR D 272 -9.25 3.29 63.38
CA THR D 272 -8.61 2.19 64.10
C THR D 272 -9.17 2.05 65.52
N SER D 273 -9.40 3.18 66.19
CA SER D 273 -9.95 3.12 67.54
C SER D 273 -11.37 2.57 67.54
N ALA D 274 -12.20 3.05 66.61
CA ALA D 274 -13.55 2.51 66.47
C ALA D 274 -13.53 1.01 66.15
N LEU D 275 -12.58 0.58 65.31
CA LEU D 275 -12.47 -0.84 65.02
C LEU D 275 -11.99 -1.63 66.22
N THR D 276 -11.19 -1.01 67.10
CA THR D 276 -10.82 -1.67 68.35
C THR D 276 -12.02 -1.83 69.26
N TYR D 277 -12.83 -0.79 69.37
CA TYR D 277 -14.09 -0.87 70.12
C TYR D 277 -14.97 -1.99 69.58
N ASP D 278 -15.17 -2.01 68.26
CA ASP D 278 -15.97 -3.07 67.65
C ASP D 278 -15.36 -4.45 67.84
N ALA D 279 -14.03 -4.54 67.93
CA ALA D 279 -13.40 -5.83 68.19
C ALA D 279 -13.67 -6.29 69.62
N VAL D 280 -13.64 -5.35 70.58
CA VAL D 280 -14.02 -5.68 71.94
C VAL D 280 -15.46 -6.17 71.99
N GLN D 281 -16.35 -5.49 71.26
CA GLN D 281 -17.74 -5.92 71.18
C GLN D 281 -17.85 -7.33 70.60
N VAL D 282 -17.11 -7.62 69.53
CA VAL D 282 -17.18 -8.93 68.89
C VAL D 282 -16.65 -10.01 69.83
N MET D 283 -15.59 -9.72 70.58
CA MET D 283 -15.06 -10.68 71.55
C MET D 283 -16.08 -10.95 72.65
N THR D 284 -16.70 -9.89 73.18
CA THR D 284 -17.70 -10.06 74.23
C THR D 284 -18.87 -10.91 73.73
N GLU D 285 -19.37 -10.60 72.53
CA GLU D 285 -20.48 -11.38 71.97
C GLU D 285 -20.05 -12.81 71.66
N ALA D 286 -18.78 -13.02 71.30
CA ALA D 286 -18.30 -14.36 71.03
C ALA D 286 -18.30 -15.20 72.30
N PHE D 287 -17.75 -14.66 73.38
CA PHE D 287 -17.77 -15.39 74.65
C PHE D 287 -19.20 -15.55 75.18
N ARG D 288 -20.09 -14.59 74.90
CA ARG D 288 -21.49 -14.74 75.28
C ARG D 288 -22.16 -15.87 74.53
N ASN D 289 -21.88 -16.01 73.22
CA ASN D 289 -22.41 -17.13 72.46
C ASN D 289 -21.80 -18.44 72.94
N LEU D 290 -20.52 -18.42 73.31
CA LEU D 290 -19.89 -19.60 73.90
C LEU D 290 -20.56 -20.01 75.20
N ARG D 291 -21.06 -19.04 75.97
CA ARG D 291 -21.82 -19.37 77.17
C ARG D 291 -23.23 -19.85 76.85
N LYS D 292 -23.78 -19.43 75.71
CA LYS D 292 -25.16 -19.81 75.38
C LYS D 292 -25.24 -21.27 74.96
N GLN D 293 -24.26 -21.76 74.21
CA GLN D 293 -24.23 -23.17 73.83
C GLN D 293 -23.58 -24.05 74.90
N ARG D 294 -23.34 -23.50 76.09
CA ARG D 294 -22.82 -24.24 77.24
C ARG D 294 -21.48 -24.91 76.95
N ILE D 295 -20.70 -24.35 76.03
CA ILE D 295 -19.36 -24.86 75.72
C ILE D 295 -18.38 -24.24 76.71
N GLU D 296 -18.00 -25.01 77.72
CA GLU D 296 -17.06 -24.57 78.74
C GLU D 296 -15.63 -24.63 78.20
N ILE D 297 -14.92 -23.51 78.27
CA ILE D 297 -13.50 -23.46 77.93
C ILE D 297 -12.67 -23.41 79.21
N SER D 298 -11.59 -24.19 79.23
CA SER D 298 -10.75 -24.30 80.41
C SER D 298 -9.41 -24.91 80.01
N ARG D 299 -8.36 -24.53 80.73
CA ARG D 299 -7.01 -25.02 80.48
C ARG D 299 -6.65 -26.11 81.47
N ARG D 300 -5.87 -27.09 80.99
CA ARG D 300 -5.45 -28.22 81.81
C ARG D 300 -4.71 -27.77 83.07
N GLY D 301 -4.04 -26.63 83.02
CA GLY D 301 -3.20 -26.20 84.13
C GLY D 301 -2.43 -24.93 83.83
N ASN D 302 -1.15 -25.07 83.51
CA ASN D 302 -0.29 -23.95 83.16
C ASN D 302 0.41 -24.24 81.84
N ALA D 303 0.48 -23.22 80.99
CA ALA D 303 1.15 -23.34 79.71
C ALA D 303 2.66 -23.24 79.87
N GLY D 304 3.37 -23.72 78.85
CA GLY D 304 4.82 -23.70 78.86
C GLY D 304 5.41 -22.89 77.73
N ASP D 305 6.53 -23.35 77.18
CA ASP D 305 7.21 -22.63 76.12
C ASP D 305 6.48 -22.79 74.79
N CYS D 306 6.36 -21.69 74.05
CA CYS D 306 5.76 -21.74 72.73
C CYS D 306 6.58 -22.60 71.79
N LEU D 307 7.91 -22.46 71.82
CA LEU D 307 8.81 -23.26 70.99
C LEU D 307 9.02 -24.62 71.66
N ALA D 308 8.09 -25.52 71.40
CA ALA D 308 8.14 -26.88 71.92
C ALA D 308 8.43 -27.85 70.78
N ASN D 309 9.32 -28.80 71.03
CA ASN D 309 9.66 -29.79 70.00
C ASN D 309 8.42 -30.56 69.55
N PRO D 310 7.63 -31.18 70.42
CA PRO D 310 6.33 -31.70 69.98
C PRO D 310 5.36 -30.54 69.79
N ALA D 311 4.77 -30.46 68.60
CA ALA D 311 3.82 -29.38 68.32
C ALA D 311 2.47 -29.81 68.85
N VAL D 312 2.09 -29.28 70.01
CA VAL D 312 0.83 -29.62 70.65
C VAL D 312 -0.11 -28.42 70.55
N PRO D 313 -1.08 -28.45 69.64
CA PRO D 313 -2.05 -27.35 69.56
C PRO D 313 -3.34 -27.68 70.28
N TRP D 314 -3.73 -26.84 71.23
CA TRP D 314 -4.96 -27.08 71.97
C TRP D 314 -6.17 -26.74 71.10
N GLY D 315 -7.18 -27.60 71.17
CA GLY D 315 -8.31 -27.58 70.25
C GLY D 315 -9.40 -26.56 70.45
N GLN D 316 -9.77 -26.28 71.71
CA GLN D 316 -10.91 -25.41 71.96
C GLN D 316 -10.73 -24.01 71.38
N GLY D 317 -9.48 -23.57 71.19
CA GLY D 317 -9.26 -22.27 70.56
C GLY D 317 -9.88 -22.19 69.18
N VAL D 318 -9.85 -23.30 68.44
CA VAL D 318 -10.52 -23.36 67.14
C VAL D 318 -11.99 -23.00 67.30
N GLU D 319 -12.64 -23.58 68.31
CA GLU D 319 -14.03 -23.24 68.58
C GLU D 319 -14.19 -21.75 68.80
N ILE D 320 -13.26 -21.14 69.53
CA ILE D 320 -13.30 -19.69 69.75
C ILE D 320 -13.30 -18.97 68.41
N GLU D 321 -12.43 -19.40 67.49
CA GLU D 321 -12.42 -18.81 66.16
C GLU D 321 -13.78 -18.97 65.50
N ARG D 322 -14.39 -20.15 65.61
CA ARG D 322 -15.72 -20.36 65.07
C ARG D 322 -16.71 -19.38 65.69
N ALA D 323 -16.56 -19.12 66.99
CA ALA D 323 -17.44 -18.16 67.64
C ALA D 323 -17.15 -16.74 67.19
N LEU D 324 -15.89 -16.44 66.86
CA LEU D 324 -15.53 -15.09 66.45
C LEU D 324 -16.08 -14.76 65.06
N LYS D 325 -15.84 -15.64 64.09
CA LYS D 325 -16.26 -15.39 62.72
C LYS D 325 -17.78 -15.40 62.55
N GLN D 326 -18.51 -16.07 63.45
CA GLN D 326 -19.96 -16.16 63.31
C GLN D 326 -20.68 -14.91 63.82
N VAL D 327 -20.02 -14.09 64.64
CA VAL D 327 -20.69 -12.93 65.22
C VAL D 327 -21.01 -11.91 64.14
N GLN D 328 -22.26 -11.45 64.12
CA GLN D 328 -22.72 -10.41 63.22
C GLN D 328 -23.40 -9.34 64.06
N VAL D 329 -22.72 -8.20 64.23
CA VAL D 329 -23.19 -7.16 65.14
C VAL D 329 -23.17 -5.80 64.43
N GLU D 330 -23.75 -4.81 65.10
CA GLU D 330 -23.75 -3.43 64.62
C GLU D 330 -22.85 -2.61 65.51
N GLY D 331 -21.92 -1.87 64.89
CA GLY D 331 -20.99 -1.06 65.64
C GLY D 331 -20.65 0.25 64.94
N LEU D 332 -19.57 0.90 65.38
CA LEU D 332 -19.17 2.17 64.79
C LEU D 332 -18.80 2.01 63.32
N SER D 333 -18.23 0.86 62.95
CA SER D 333 -17.90 0.58 61.57
C SER D 333 -19.10 0.12 60.75
N GLY D 334 -20.29 0.08 61.34
CA GLY D 334 -21.48 -0.36 60.63
C GLY D 334 -21.76 -1.84 60.90
N ASN D 335 -22.07 -2.58 59.84
CA ASN D 335 -22.35 -4.01 59.96
C ASN D 335 -21.02 -4.77 60.04
N ILE D 336 -20.85 -5.57 61.09
CA ILE D 336 -19.63 -6.33 61.32
C ILE D 336 -19.99 -7.81 61.23
N LYS D 337 -19.46 -8.48 60.22
CA LYS D 337 -19.63 -9.92 60.02
C LYS D 337 -18.42 -10.44 59.27
N PHE D 338 -18.01 -11.66 59.60
CA PHE D 338 -16.80 -12.25 59.03
C PHE D 338 -17.15 -13.54 58.30
N ASP D 339 -16.27 -13.91 57.37
CA ASP D 339 -16.47 -15.07 56.53
C ASP D 339 -15.61 -16.24 57.04
N GLN D 340 -15.37 -17.23 56.18
CA GLN D 340 -14.64 -18.43 56.59
C GLN D 340 -13.16 -18.13 56.85
N ASN D 341 -12.61 -17.12 56.17
CA ASN D 341 -11.21 -16.78 56.34
C ASN D 341 -10.97 -15.81 57.50
N GLY D 342 -11.97 -15.01 57.84
CA GLY D 342 -11.85 -14.02 58.89
C GLY D 342 -11.89 -12.58 58.40
N LYS D 343 -11.95 -12.36 57.09
CA LYS D 343 -12.01 -11.01 56.56
C LYS D 343 -13.40 -10.43 56.80
N ARG D 344 -13.51 -9.12 56.61
CA ARG D 344 -14.78 -8.43 56.83
C ARG D 344 -15.64 -8.54 55.57
N ILE D 345 -16.82 -9.12 55.73
CA ILE D 345 -17.79 -9.25 54.64
C ILE D 345 -19.03 -8.47 55.02
N ASN D 346 -19.71 -7.91 54.01
CA ASN D 346 -20.88 -7.07 54.19
C ASN D 346 -20.57 -5.89 55.12
N TYR D 347 -19.84 -4.93 54.56
CA TYR D 347 -19.47 -3.72 55.27
C TYR D 347 -19.92 -2.50 54.47
N THR D 348 -19.82 -1.34 55.10
CA THR D 348 -20.33 -0.08 54.53
C THR D 348 -19.24 0.97 54.64
N ILE D 349 -18.56 1.26 53.54
CA ILE D 349 -17.49 2.26 53.51
C ILE D 349 -18.01 3.47 52.76
N ASN D 350 -18.09 4.62 53.43
CA ASN D 350 -18.67 5.81 52.86
C ASN D 350 -17.61 6.57 52.08
N ILE D 351 -17.93 6.95 50.84
CA ILE D 351 -17.06 7.76 50.02
C ILE D 351 -17.40 9.22 50.26
N MET D 352 -16.43 9.98 50.75
CA MET D 352 -16.63 11.38 51.10
C MET D 352 -15.94 12.26 50.07
N GLU D 353 -16.55 13.40 49.79
CA GLU D 353 -16.00 14.38 48.86
C GLU D 353 -15.96 15.73 49.55
N LEU D 354 -14.76 16.29 49.71
CA LEU D 354 -14.59 17.55 50.42
C LEU D 354 -14.97 18.70 49.49
N LYS D 355 -16.08 19.35 49.79
CA LYS D 355 -16.55 20.51 49.06
C LYS D 355 -16.13 21.77 49.81
N THR D 356 -16.82 22.89 49.55
CA THR D 356 -16.49 24.13 50.23
C THR D 356 -17.02 24.15 51.66
N ASN D 357 -18.20 23.56 51.90
CA ASN D 357 -18.75 23.55 53.24
C ASN D 357 -17.99 22.62 54.17
N GLY D 358 -17.41 21.55 53.64
CA GLY D 358 -16.64 20.62 54.44
C GLY D 358 -16.74 19.18 53.98
N PRO D 359 -16.57 18.23 54.90
CA PRO D 359 -16.65 16.81 54.54
C PRO D 359 -18.11 16.38 54.43
N ARG D 360 -18.50 15.95 53.23
CA ARG D 360 -19.87 15.54 52.95
C ARG D 360 -19.90 14.12 52.42
N LYS D 361 -20.79 13.29 52.98
CA LYS D 361 -20.93 11.90 52.56
C LYS D 361 -21.49 11.87 51.15
N ILE D 362 -20.59 11.87 50.15
CA ILE D 362 -21.04 11.92 48.77
C ILE D 362 -21.57 10.58 48.29
N GLY D 363 -21.27 9.50 49.00
CA GLY D 363 -21.77 8.20 48.60
C GLY D 363 -21.34 7.14 49.58
N TYR D 364 -21.58 5.88 49.21
CA TYR D 364 -21.15 4.75 50.03
C TYR D 364 -21.05 3.52 49.15
N TRP D 365 -20.21 2.58 49.60
CA TRP D 365 -19.97 1.33 48.90
C TRP D 365 -20.05 0.16 49.86
N SER D 366 -20.29 -1.02 49.29
CA SER D 366 -20.31 -2.28 50.00
C SER D 366 -19.61 -3.33 49.14
N GLU D 367 -19.53 -4.56 49.65
CA GLU D 367 -18.88 -5.60 48.88
C GLU D 367 -19.70 -5.99 47.65
N VAL D 368 -21.02 -5.81 47.70
CA VAL D 368 -21.89 -6.20 46.60
C VAL D 368 -22.34 -5.02 45.76
N ASP D 369 -22.56 -3.85 46.39
CA ASP D 369 -23.10 -2.68 45.70
C ASP D 369 -22.04 -1.60 45.56
N LYS D 370 -21.89 -1.07 44.35
CA LYS D 370 -20.92 -0.03 44.05
C LYS D 370 -21.63 1.29 43.75
N MET D 371 -21.28 2.33 44.51
CA MET D 371 -21.77 3.70 44.32
C MET D 371 -23.29 3.81 44.37
N VAL D 372 -23.83 3.91 45.59
CA VAL D 372 -25.28 3.91 45.82
C VAL D 372 -25.79 5.32 46.13
N LEU D 373 -25.29 5.92 47.22
CA LEU D 373 -25.88 7.10 47.83
C LEU D 373 -25.88 8.29 46.88
N THR D 374 -27.08 8.82 46.61
CA THR D 374 -27.29 9.96 45.74
C THR D 374 -26.92 11.29 46.40
N GLU D 375 -26.44 12.22 45.58
CA GLU D 375 -25.96 13.53 46.00
C GLU D 375 -27.11 14.54 45.88
N ASP D 376 -26.78 15.84 45.93
CA ASP D 376 -27.60 17.05 45.82
C ASP D 376 -28.25 17.46 47.14
N ASP D 377 -28.21 16.64 48.19
CA ASP D 377 -28.77 17.06 49.46
C ASP D 377 -27.94 18.17 50.10
N THR D 378 -26.60 18.02 50.09
CA THR D 378 -25.72 19.02 50.68
C THR D 378 -25.79 20.36 49.95
N SER D 379 -25.87 20.34 48.63
CA SER D 379 -25.85 21.59 47.86
C SER D 379 -27.03 22.48 48.21
N GLY D 380 -26.73 23.75 48.49
CA GLY D 380 -27.77 24.70 48.81
C GLY D 380 -27.83 25.91 47.90
N LEU D 381 -26.74 26.69 47.84
CA LEU D 381 -26.74 27.87 47.00
C LEU D 381 -26.81 27.48 45.52
N GLU D 382 -26.13 26.39 45.15
CA GLU D 382 -26.14 25.85 43.79
C GLU D 382 -25.59 26.85 42.76
N GLN D 383 -24.48 27.51 43.10
CA GLN D 383 -23.84 28.46 42.20
C GLN D 383 -22.50 27.91 41.72
N LYS D 384 -22.33 27.86 40.41
CA LYS D 384 -21.09 27.39 39.80
C LYS D 384 -20.68 28.41 38.74
N THR D 385 -19.38 28.63 38.60
CA THR D 385 -18.84 29.58 37.64
C THR D 385 -18.09 28.82 36.56
N VAL D 386 -18.41 29.10 35.31
CA VAL D 386 -17.79 28.44 34.17
C VAL D 386 -16.67 29.32 33.63
N VAL D 387 -15.45 28.79 33.62
CA VAL D 387 -14.31 29.52 33.09
C VAL D 387 -14.30 29.36 31.57
N VAL D 388 -14.34 30.48 30.85
CA VAL D 388 -14.35 30.49 29.40
C VAL D 388 -13.03 31.07 28.95
N THR D 389 -12.08 30.21 28.58
CA THR D 389 -10.78 30.65 28.11
C THR D 389 -10.85 30.94 26.62
N THR D 390 -10.30 32.10 26.22
CA THR D 390 -10.32 32.50 24.82
C THR D 390 -9.16 33.44 24.55
N ILE D 391 -8.76 33.51 23.29
CA ILE D 391 -7.66 34.36 22.84
C ILE D 391 -8.22 35.68 22.37
N LEU D 392 -7.47 36.76 22.58
CA LEU D 392 -7.85 38.10 22.14
C LEU D 392 -7.40 38.28 20.70
N GLU D 393 -8.31 38.02 19.76
CA GLU D 393 -8.03 38.19 18.34
C GLU D 393 -9.22 38.81 17.65
N SER D 394 -8.95 39.64 16.65
CA SER D 394 -10.00 40.35 15.92
C SER D 394 -10.69 39.40 14.95
N PRO D 395 -12.03 39.45 14.86
CA PRO D 395 -12.88 40.27 15.73
C PRO D 395 -13.64 39.43 16.77
N TYR D 396 -13.21 38.19 16.98
CA TYR D 396 -13.93 37.30 17.88
C TYR D 396 -13.96 37.86 19.30
N VAL D 397 -12.80 38.25 19.84
CA VAL D 397 -12.70 38.80 21.18
C VAL D 397 -11.77 40.00 21.12
N MET D 398 -12.31 41.19 21.36
CA MET D 398 -11.54 42.42 21.35
C MET D 398 -11.82 43.22 22.62
N MET D 399 -10.81 43.94 23.09
CA MET D 399 -10.97 44.80 24.25
C MET D 399 -11.61 46.12 23.86
N LYS D 400 -12.55 46.58 24.69
CA LYS D 400 -13.29 47.80 24.39
C LYS D 400 -12.38 49.02 24.49
N ALA D 401 -12.94 50.19 24.16
CA ALA D 401 -12.17 51.42 24.25
C ALA D 401 -11.83 51.78 25.68
N ASN D 402 -12.74 51.51 26.62
CA ASN D 402 -12.50 51.79 28.02
C ASN D 402 -12.33 50.50 28.82
N HIS D 403 -11.39 49.64 28.39
CA HIS D 403 -11.17 48.39 29.09
C HIS D 403 -10.60 48.61 30.49
N ALA D 404 -9.82 49.67 30.68
CA ALA D 404 -9.27 49.96 32.00
C ALA D 404 -10.36 50.47 32.94
N ALA D 405 -11.32 51.24 32.43
CA ALA D 405 -12.39 51.75 33.27
C ALA D 405 -13.36 50.64 33.66
N LEU D 406 -13.62 49.71 32.75
CA LEU D 406 -14.54 48.62 33.02
C LEU D 406 -13.80 47.45 33.68
N ALA D 407 -14.57 46.51 34.23
CA ALA D 407 -14.01 45.34 34.89
C ALA D 407 -14.98 44.18 34.74
N GLY D 408 -14.43 42.97 34.76
CA GLY D 408 -15.25 41.77 34.70
C GLY D 408 -15.34 41.17 33.31
N ASN D 409 -16.56 41.05 32.79
CA ASN D 409 -16.78 40.53 31.45
C ASN D 409 -17.06 41.62 30.42
N GLU D 410 -17.39 42.83 30.86
CA GLU D 410 -17.66 43.93 29.93
C GLU D 410 -16.39 44.46 29.28
N ARG D 411 -15.21 44.05 29.75
CA ARG D 411 -13.97 44.53 29.18
C ARG D 411 -13.72 44.01 27.76
N TYR D 412 -14.49 43.03 27.31
CA TYR D 412 -14.29 42.42 26.00
C TYR D 412 -15.57 42.50 25.17
N GLU D 413 -15.40 42.63 23.86
CA GLU D 413 -16.50 42.65 22.92
C GLU D 413 -16.06 41.97 21.63
N GLY D 414 -17.01 41.42 20.91
CA GLY D 414 -16.73 40.80 19.64
C GLY D 414 -17.66 39.64 19.37
N TYR D 415 -17.23 38.80 18.43
CA TYR D 415 -18.06 37.66 18.01
C TYR D 415 -18.16 36.62 19.13
N CYS D 416 -17.03 36.17 19.66
CA CYS D 416 -17.06 35.10 20.65
C CYS D 416 -17.64 35.55 21.98
N VAL D 417 -17.69 36.85 22.24
CA VAL D 417 -18.32 37.31 23.48
C VAL D 417 -19.84 37.19 23.38
N ASP D 418 -20.40 37.61 22.26
CA ASP D 418 -21.83 37.43 22.03
C ASP D 418 -22.18 35.95 21.92
N LEU D 419 -21.30 35.15 21.31
CA LEU D 419 -21.54 33.71 21.24
C LEU D 419 -21.51 33.06 22.62
N ALA D 420 -20.60 33.51 23.49
CA ALA D 420 -20.57 32.99 24.85
C ALA D 420 -21.79 33.40 25.63
N ALA D 421 -22.25 34.65 25.46
CA ALA D 421 -23.47 35.08 26.14
C ALA D 421 -24.68 34.31 25.62
N GLU D 422 -24.71 34.00 24.33
CA GLU D 422 -25.84 33.23 23.79
C GLU D 422 -25.79 31.78 24.25
N ILE D 423 -24.59 31.23 24.42
CA ILE D 423 -24.47 29.88 24.97
C ILE D 423 -24.91 29.85 26.42
N ALA D 424 -24.55 30.88 27.19
CA ALA D 424 -25.02 30.98 28.57
C ALA D 424 -26.52 31.23 28.64
N LYS D 425 -27.10 31.83 27.60
CA LYS D 425 -28.54 32.04 27.58
C LYS D 425 -29.31 30.79 27.16
N HIS D 426 -28.73 29.98 26.28
CA HIS D 426 -29.38 28.77 25.79
C HIS D 426 -28.95 27.52 26.55
N CYS D 427 -28.11 27.67 27.58
CA CYS D 427 -27.69 26.54 28.40
C CYS D 427 -27.93 26.85 29.87
N GLY D 428 -27.79 28.12 30.24
CA GLY D 428 -28.07 28.58 31.58
C GLY D 428 -26.93 28.34 32.56
N PHE D 429 -25.99 29.28 32.59
CA PHE D 429 -24.86 29.26 33.52
C PHE D 429 -24.20 30.62 33.47
N LYS D 430 -23.66 31.05 34.60
CA LYS D 430 -22.85 32.27 34.65
C LYS D 430 -21.42 31.94 34.27
N TYR D 431 -20.86 32.75 33.37
CA TYR D 431 -19.55 32.48 32.78
C TYR D 431 -18.61 33.65 33.04
N LYS D 432 -17.34 33.33 33.25
CA LYS D 432 -16.29 34.32 33.43
C LYS D 432 -15.30 34.17 32.29
N LEU D 433 -15.03 35.28 31.60
CA LEU D 433 -14.17 35.27 30.42
C LEU D 433 -12.73 35.48 30.84
N THR D 434 -11.86 34.54 30.48
CA THR D 434 -10.45 34.58 30.82
C THR D 434 -9.62 34.43 29.54
N ILE D 435 -8.45 35.05 29.54
CA ILE D 435 -7.56 35.04 28.39
C ILE D 435 -6.57 33.90 28.55
N VAL D 436 -6.27 33.22 27.44
CA VAL D 436 -5.36 32.08 27.48
C VAL D 436 -3.96 32.55 27.87
N GLY D 437 -3.18 31.63 28.44
CA GLY D 437 -1.84 31.94 28.88
C GLY D 437 -0.89 32.35 27.77
N ASP D 438 -0.35 33.56 27.87
CA ASP D 438 0.64 34.13 26.96
C ASP D 438 0.24 33.98 25.48
N GLY D 439 -1.06 33.83 25.21
CA GLY D 439 -1.55 33.78 23.85
C GLY D 439 -1.14 32.55 23.07
N LYS D 440 -1.30 31.37 23.67
CA LYS D 440 -0.96 30.11 23.01
C LYS D 440 -2.22 29.43 22.49
N TYR D 441 -2.14 28.89 21.28
CA TYR D 441 -3.21 28.10 20.71
C TYR D 441 -3.07 26.64 21.11
N GLY D 442 -4.09 25.85 20.78
CA GLY D 442 -4.05 24.44 21.09
C GLY D 442 -2.96 23.70 20.36
N ALA D 443 -1.80 23.57 21.01
CA ALA D 443 -0.65 22.91 20.40
C ALA D 443 0.07 22.08 21.46
N ARG D 444 0.46 20.87 21.09
CA ARG D 444 1.20 19.97 21.96
C ARG D 444 2.68 20.08 21.65
N ASP D 445 3.50 20.20 22.69
CA ASP D 445 4.94 20.34 22.50
C ASP D 445 5.53 19.05 21.95
N ALA D 446 6.74 19.16 21.40
CA ALA D 446 7.44 18.02 20.80
C ALA D 446 8.48 17.42 21.73
N ASP D 447 9.25 18.24 22.44
CA ASP D 447 10.27 17.70 23.35
C ASP D 447 9.63 17.26 24.66
N THR D 448 9.11 18.21 25.45
CA THR D 448 8.48 17.88 26.72
C THR D 448 7.12 17.21 26.54
N LYS D 449 6.50 17.35 25.37
CA LYS D 449 5.19 16.77 25.09
C LYS D 449 4.16 17.24 26.11
N ILE D 450 4.16 18.54 26.38
CA ILE D 450 3.22 19.17 27.31
C ILE D 450 2.22 19.98 26.51
N TRP D 451 0.94 19.80 26.82
CA TRP D 451 -0.11 20.56 26.16
C TRP D 451 -0.14 22.00 26.67
N ASN D 452 0.01 22.95 25.76
CA ASN D 452 -0.05 24.36 26.10
C ASN D 452 -1.15 25.05 25.30
N GLY D 453 -1.70 26.11 25.87
CA GLY D 453 -2.79 26.83 25.25
C GLY D 453 -4.13 26.51 25.86
N MET D 454 -5.18 26.72 25.05
CA MET D 454 -6.53 26.44 25.51
C MET D 454 -6.74 24.94 25.71
N VAL D 455 -6.26 24.13 24.76
CA VAL D 455 -6.35 22.68 24.91
C VAL D 455 -5.60 22.22 26.15
N GLY D 456 -4.43 22.82 26.42
CA GLY D 456 -3.70 22.49 27.62
C GLY D 456 -4.45 22.85 28.89
N GLU D 457 -5.05 24.05 28.91
CA GLU D 457 -5.82 24.47 30.08
C GLU D 457 -7.04 23.60 30.29
N LEU D 458 -7.60 23.05 29.21
CA LEU D 458 -8.73 22.14 29.33
C LEU D 458 -8.29 20.76 29.79
N VAL D 459 -7.09 20.32 29.41
CA VAL D 459 -6.62 18.99 29.76
C VAL D 459 -6.32 18.91 31.25
N TYR D 460 -5.61 19.90 31.78
CA TYR D 460 -5.21 19.91 33.19
C TYR D 460 -6.28 20.51 34.10
N GLY D 461 -7.50 20.69 33.61
CA GLY D 461 -8.58 21.17 34.46
C GLY D 461 -8.48 22.62 34.87
N LYS D 462 -7.57 23.39 34.27
CA LYS D 462 -7.44 24.80 34.64
C LYS D 462 -8.63 25.62 34.17
N ALA D 463 -9.31 25.18 33.11
CA ALA D 463 -10.48 25.86 32.59
C ALA D 463 -11.63 24.86 32.45
N ASP D 464 -12.84 25.40 32.35
CA ASP D 464 -14.04 24.58 32.23
C ASP D 464 -14.56 24.45 30.81
N ILE D 465 -14.37 25.49 29.99
CA ILE D 465 -14.80 25.45 28.60
C ILE D 465 -13.94 26.43 27.81
N ALA D 466 -13.95 26.31 26.48
CA ALA D 466 -13.14 27.16 25.62
C ALA D 466 -13.99 27.59 24.41
N ILE D 467 -14.78 28.65 24.61
CA ILE D 467 -15.53 29.25 23.52
C ILE D 467 -14.60 30.20 22.77
N ALA D 468 -13.91 29.67 21.76
CA ALA D 468 -12.89 30.42 21.04
C ALA D 468 -12.77 29.83 19.64
N PRO D 469 -12.25 30.60 18.68
CA PRO D 469 -12.07 30.04 17.32
C PRO D 469 -10.94 29.02 17.26
N LEU D 470 -11.20 27.81 17.75
CA LEU D 470 -10.21 26.73 17.77
C LEU D 470 -10.56 25.72 16.69
N THR D 471 -9.60 25.46 15.80
CA THR D 471 -9.82 24.53 14.70
C THR D 471 -9.91 23.10 15.21
N ILE D 472 -10.89 22.36 14.70
CA ILE D 472 -11.09 20.96 15.08
C ILE D 472 -10.10 20.11 14.31
N THR D 473 -9.19 19.45 15.04
CA THR D 473 -8.20 18.57 14.45
C THR D 473 -8.20 17.23 15.17
N LEU D 474 -7.61 16.22 14.53
CA LEU D 474 -7.54 14.89 15.12
C LEU D 474 -6.68 14.89 16.37
N VAL D 475 -5.59 15.67 16.37
CA VAL D 475 -4.69 15.69 17.52
C VAL D 475 -5.38 16.25 18.76
N ARG D 476 -6.36 17.12 18.57
CA ARG D 476 -7.08 17.71 19.70
C ARG D 476 -8.34 16.95 20.07
N GLU D 477 -8.95 16.24 19.10
CA GLU D 477 -10.09 15.40 19.41
C GLU D 477 -9.72 14.25 20.33
N GLU D 478 -8.45 13.83 20.34
CA GLU D 478 -8.03 12.74 21.20
C GLU D 478 -8.04 13.13 22.66
N VAL D 479 -7.71 14.38 22.97
CA VAL D 479 -7.56 14.84 24.34
C VAL D 479 -8.84 15.50 24.86
N ILE D 480 -9.50 16.31 24.04
CA ILE D 480 -10.70 17.03 24.44
C ILE D 480 -11.75 16.91 23.35
N ASP D 481 -13.02 16.92 23.75
CA ASP D 481 -14.11 16.79 22.80
C ASP D 481 -14.39 18.13 22.11
N PHE D 482 -14.97 18.05 20.93
CA PHE D 482 -15.29 19.22 20.14
C PHE D 482 -16.79 19.25 19.85
N SER D 483 -17.36 20.45 19.86
CA SER D 483 -18.74 20.64 19.45
C SER D 483 -18.83 20.76 17.93
N LYS D 484 -20.05 20.74 17.42
CA LYS D 484 -20.25 20.87 15.99
C LYS D 484 -19.74 22.24 15.52
N PRO D 485 -19.21 22.32 14.29
CA PRO D 485 -18.60 23.58 13.83
C PRO D 485 -19.64 24.68 13.68
N PHE D 486 -19.34 25.82 14.29
CA PHE D 486 -20.20 27.00 14.16
C PHE D 486 -19.81 27.91 13.01
N MET D 487 -18.68 27.65 12.36
CA MET D 487 -18.22 28.48 11.25
C MET D 487 -17.27 27.67 10.39
N SER D 488 -17.51 27.65 9.08
CA SER D 488 -16.69 26.91 8.14
C SER D 488 -15.58 27.81 7.61
N LEU D 489 -14.49 27.18 7.16
CA LEU D 489 -13.31 27.92 6.74
C LEU D 489 -12.58 27.15 5.65
N GLY D 490 -11.53 27.78 5.12
CA GLY D 490 -10.66 27.22 4.11
C GLY D 490 -9.64 28.24 3.65
N ILE D 491 -8.50 27.77 3.16
CA ILE D 491 -7.45 28.68 2.71
C ILE D 491 -7.83 29.29 1.38
N SER D 492 -7.74 30.61 1.27
CA SER D 492 -8.09 31.36 0.09
C SER D 492 -6.96 32.30 -0.28
N ILE D 493 -7.10 32.94 -1.43
CA ILE D 493 -6.08 33.83 -1.99
C ILE D 493 -6.52 35.27 -1.83
N MET D 494 -5.58 36.13 -1.47
CA MET D 494 -5.81 37.56 -1.29
C MET D 494 -4.91 38.31 -2.25
N ILE D 495 -5.51 39.19 -3.06
CA ILE D 495 -4.79 40.00 -4.03
C ILE D 495 -5.27 41.44 -3.93
N LYS D 496 -4.50 42.33 -4.56
CA LYS D 496 -4.90 43.73 -4.61
C LYS D 496 -6.19 43.88 -5.40
N LYS D 497 -7.02 44.83 -4.97
CA LYS D 497 -8.33 45.01 -5.59
C LYS D 497 -8.20 45.45 -7.05
N PRO D 498 -8.92 44.82 -7.97
CA PRO D 498 -8.82 45.16 -9.39
C PRO D 498 -9.66 46.36 -9.79
N GLN D 499 -9.86 46.49 -11.10
CA GLN D 499 -10.69 47.54 -11.72
C GLN D 499 -10.13 48.94 -11.47
N LYS D 500 -8.82 49.07 -11.54
CA LYS D 500 -8.15 50.36 -11.43
C LYS D 500 -7.59 50.71 -12.81
N SER D 501 -7.98 51.86 -13.34
CA SER D 501 -7.50 52.27 -14.64
C SER D 501 -7.18 53.76 -14.63
N LYS D 502 -6.25 54.14 -15.49
CA LYS D 502 -5.78 55.50 -15.69
C LYS D 502 -6.41 56.05 -16.96
N PRO D 503 -7.06 57.21 -16.90
CA PRO D 503 -7.68 57.75 -18.12
C PRO D 503 -6.62 58.00 -19.17
N GLY D 504 -6.94 57.63 -20.41
CA GLY D 504 -5.99 57.79 -21.48
C GLY D 504 -6.00 59.14 -22.15
N VAL D 505 -5.53 60.16 -21.42
CA VAL D 505 -5.44 61.50 -21.97
C VAL D 505 -4.51 61.53 -23.17
N PHE D 506 -3.47 60.67 -23.17
CA PHE D 506 -2.47 60.62 -24.24
C PHE D 506 -2.20 59.17 -24.62
N SER D 507 -3.11 58.60 -25.42
CA SER D 507 -2.83 57.30 -26.02
C SER D 507 -3.36 57.21 -27.44
N PHE D 508 -3.77 58.33 -28.03
CA PHE D 508 -4.27 58.33 -29.41
C PHE D 508 -3.13 58.10 -30.40
N LEU D 509 -1.96 58.68 -30.12
CA LEU D 509 -0.82 58.62 -31.02
C LEU D 509 0.18 57.53 -30.67
N ASP D 510 0.09 56.91 -29.50
CA ASP D 510 1.04 55.86 -29.16
C ASP D 510 0.95 54.64 -30.08
N PRO D 511 -0.23 54.16 -30.52
CA PRO D 511 -0.26 52.94 -31.34
C PRO D 511 0.55 53.03 -32.63
N LEU D 512 0.52 54.16 -33.33
CA LEU D 512 1.36 54.29 -34.52
C LEU D 512 2.84 54.29 -34.18
N ALA D 513 3.23 55.01 -33.11
CA ALA D 513 4.58 55.18 -32.55
C ALA D 513 4.91 56.65 -32.36
N TYR D 514 5.94 56.92 -31.57
CA TYR D 514 6.47 58.28 -31.42
C TYR D 514 7.06 58.82 -32.72
N GLU D 515 7.50 57.94 -33.63
CA GLU D 515 8.19 58.38 -34.83
C GLU D 515 7.26 58.60 -36.02
N ILE D 516 6.27 57.74 -36.23
CA ILE D 516 5.40 57.91 -37.40
C ILE D 516 4.55 59.17 -37.27
N TRP D 517 4.10 59.50 -36.05
CA TRP D 517 3.33 60.72 -35.88
C TRP D 517 4.16 61.97 -36.15
N MET D 518 5.45 61.95 -35.83
CA MET D 518 6.32 63.07 -36.18
C MET D 518 6.81 63.00 -37.62
N CYS D 519 6.60 61.87 -38.30
CA CYS D 519 6.96 61.74 -39.72
C CYS D 519 5.78 62.00 -40.65
N ILE D 520 4.55 61.85 -40.18
CA ILE D 520 3.39 62.11 -41.03
C ILE D 520 3.28 63.59 -41.34
N VAL D 521 3.67 64.47 -40.41
CA VAL D 521 3.67 65.90 -40.70
C VAL D 521 4.79 66.25 -41.66
N PHE D 522 5.93 65.55 -41.55
CA PHE D 522 7.00 65.74 -42.54
C PHE D 522 6.57 65.25 -43.92
N ALA D 523 5.77 64.20 -43.98
CA ALA D 523 5.23 63.76 -45.27
C ALA D 523 4.20 64.76 -45.79
N TYR D 524 3.43 65.38 -44.89
CA TYR D 524 2.46 66.38 -45.29
C TYR D 524 3.16 67.60 -45.89
N ILE D 525 4.22 68.08 -45.25
CA ILE D 525 4.93 69.22 -45.80
C ILE D 525 5.74 68.84 -47.04
N GLY D 526 6.22 67.58 -47.12
CA GLY D 526 6.87 67.13 -48.34
C GLY D 526 5.93 67.02 -49.52
N VAL D 527 4.65 66.78 -49.26
CA VAL D 527 3.66 66.79 -50.33
C VAL D 527 3.24 68.20 -50.65
N SER D 528 3.13 69.04 -49.61
CA SER D 528 2.74 70.44 -49.79
C SER D 528 3.78 71.21 -50.59
N VAL D 529 5.06 70.88 -50.43
CA VAL D 529 6.12 71.60 -51.14
C VAL D 529 6.18 71.20 -52.60
N VAL D 530 5.79 69.98 -52.94
CA VAL D 530 5.84 69.56 -54.34
C VAL D 530 4.70 70.20 -55.14
N LEU D 531 3.53 70.33 -54.54
CA LEU D 531 2.43 71.02 -55.22
C LEU D 531 2.69 72.52 -55.33
N PHE D 532 3.54 73.07 -54.46
CA PHE D 532 3.92 74.47 -54.56
C PHE D 532 4.65 74.76 -55.86
N LEU D 533 5.39 73.77 -56.37
CA LEU D 533 6.18 73.95 -57.59
C LEU D 533 5.40 73.61 -58.84
N VAL D 534 4.46 72.66 -58.77
CA VAL D 534 3.71 72.23 -59.94
C VAL D 534 2.61 73.21 -60.32
N SER D 535 2.45 74.31 -59.59
CA SER D 535 1.40 75.27 -59.88
C SER D 535 1.97 76.48 -60.60
N ARG D 536 1.32 77.63 -60.48
CA ARG D 536 1.79 78.86 -61.10
C ARG D 536 2.95 79.40 -60.28
N PHE D 537 4.17 79.36 -60.85
CA PHE D 537 5.37 79.76 -60.14
C PHE D 537 6.24 80.69 -60.98
N SER D 538 5.69 81.27 -62.04
CA SER D 538 6.46 82.13 -62.94
C SER D 538 7.06 83.30 -62.18
N PRO D 539 8.39 83.41 -62.08
CA PRO D 539 9.05 84.49 -61.35
C PRO D 539 9.36 85.70 -62.23
N ALA D 563 6.47 86.72 -51.61
CA ALA D 563 5.82 85.54 -51.06
C ALA D 563 4.58 85.18 -51.88
N ILE D 564 4.44 83.91 -52.22
CA ILE D 564 3.32 83.41 -53.01
C ILE D 564 2.30 82.83 -52.05
N PHE D 565 1.07 83.35 -52.10
CA PHE D 565 -0.01 82.86 -51.26
C PHE D 565 -0.86 81.79 -51.94
N GLN D 566 -0.81 81.70 -53.28
CA GLN D 566 -1.68 80.77 -53.99
C GLN D 566 -1.30 79.32 -53.71
N SER D 567 -0.02 78.98 -53.82
CA SER D 567 0.41 77.61 -53.58
C SER D 567 0.62 77.28 -52.10
N ALA D 568 0.43 78.25 -51.21
CA ALA D 568 0.53 78.01 -49.78
C ALA D 568 -0.80 77.67 -49.12
N TRP D 569 -1.92 78.03 -49.75
CA TRP D 569 -3.24 77.71 -49.23
C TRP D 569 -3.85 76.43 -49.80
N PHE D 570 -3.47 76.06 -51.03
CA PHE D 570 -3.98 74.83 -51.65
C PHE D 570 -3.45 73.55 -51.00
N SER D 571 -2.30 73.62 -50.31
CA SER D 571 -1.61 72.41 -49.89
C SER D 571 -2.38 71.59 -48.86
N LEU D 572 -3.08 72.25 -47.93
CA LEU D 572 -3.72 71.50 -46.84
C LEU D 572 -5.01 70.79 -47.24
N GLY D 573 -5.71 71.25 -48.28
CA GLY D 573 -6.93 70.57 -48.70
C GLY D 573 -6.74 69.17 -49.26
N ALA D 574 -5.55 68.85 -49.77
CA ALA D 574 -5.32 67.49 -50.24
C ALA D 574 -4.90 66.55 -49.10
N PHE D 575 -4.24 67.09 -48.07
CA PHE D 575 -3.87 66.28 -46.91
C PHE D 575 -5.09 65.69 -46.20
N MET D 576 -6.19 66.45 -46.13
CA MET D 576 -7.38 65.97 -45.43
C MET D 576 -8.25 65.05 -46.28
N GLN D 577 -8.84 65.60 -47.34
CA GLN D 577 -9.75 64.85 -48.19
C GLN D 577 -8.99 63.75 -48.96
N GLN D 578 -9.75 62.96 -49.71
CA GLN D 578 -9.21 61.85 -50.48
C GLN D 578 -9.15 62.27 -51.94
N GLY D 579 -7.94 62.50 -52.44
CA GLY D 579 -7.68 62.96 -53.78
C GLY D 579 -6.76 64.16 -53.75
N ALA D 580 -6.59 64.79 -54.92
CA ALA D 580 -5.76 65.97 -55.06
C ALA D 580 -6.35 66.93 -56.08
N ASP D 581 -7.67 67.12 -56.04
CA ASP D 581 -8.36 67.94 -57.04
C ASP D 581 -8.75 69.27 -56.42
N ILE D 582 -8.16 70.35 -56.94
CA ILE D 582 -8.49 71.72 -56.56
C ILE D 582 -8.95 72.44 -57.83
N SER D 583 -8.68 73.75 -57.94
CA SER D 583 -9.07 74.43 -59.17
C SER D 583 -8.30 73.92 -60.38
N PRO D 584 -6.96 73.82 -60.37
CA PRO D 584 -6.28 73.21 -61.52
C PRO D 584 -6.50 71.71 -61.52
N ARG D 585 -6.52 71.13 -62.71
CA ARG D 585 -6.71 69.69 -62.89
C ARG D 585 -5.60 69.20 -63.82
N SER D 586 -4.43 69.00 -63.24
CA SER D 586 -3.21 68.60 -63.93
C SER D 586 -2.84 67.17 -63.57
N LEU D 587 -2.40 66.41 -64.58
CA LEU D 587 -2.01 65.02 -64.36
C LEU D 587 -0.88 64.90 -63.34
N SER D 588 0.11 65.79 -63.42
CA SER D 588 1.18 65.78 -62.43
C SER D 588 0.63 65.93 -61.02
N GLY D 589 -0.45 66.71 -60.86
CA GLY D 589 -1.08 66.78 -59.56
C GLY D 589 -1.79 65.48 -59.22
N ARG D 590 -2.27 64.76 -60.22
CA ARG D 590 -2.88 63.47 -59.99
C ARG D 590 -1.86 62.48 -59.45
N ILE D 591 -0.65 62.47 -60.01
CA ILE D 591 0.35 61.53 -59.51
C ILE D 591 0.95 62.00 -58.20
N VAL D 592 0.89 63.30 -57.88
CA VAL D 592 1.22 63.73 -56.53
C VAL D 592 0.20 63.14 -55.55
N GLY D 593 -1.08 63.44 -55.77
CA GLY D 593 -2.16 62.87 -54.97
C GLY D 593 -2.38 61.39 -55.15
N GLY D 594 -1.86 60.79 -56.23
CA GLY D 594 -2.05 59.36 -56.43
C GLY D 594 -1.33 58.50 -55.42
N VAL D 595 -0.08 58.84 -55.12
CA VAL D 595 0.67 58.08 -54.13
C VAL D 595 0.27 58.49 -52.72
N TRP D 596 -0.14 59.74 -52.53
CA TRP D 596 -0.53 60.22 -51.21
C TRP D 596 -1.74 59.46 -50.67
N TRP D 597 -2.76 59.25 -51.51
CA TRP D 597 -3.95 58.57 -51.03
C TRP D 597 -3.64 57.14 -50.61
N PHE D 598 -2.82 56.44 -51.40
CA PHE D 598 -2.42 55.08 -51.04
C PHE D 598 -1.59 55.06 -49.76
N PHE D 599 -0.68 56.03 -49.63
CA PHE D 599 0.17 56.10 -48.44
C PHE D 599 -0.67 56.31 -47.18
N THR D 600 -1.51 57.34 -47.18
CA THR D 600 -2.37 57.59 -46.03
C THR D 600 -3.37 56.45 -45.80
N LEU D 601 -3.76 55.74 -46.87
CA LEU D 601 -4.62 54.57 -46.71
C LEU D 601 -3.90 53.48 -45.93
N ILE D 602 -2.65 53.19 -46.30
CA ILE D 602 -1.88 52.20 -45.55
C ILE D 602 -1.70 52.66 -44.10
N ILE D 603 -1.48 53.95 -43.90
CA ILE D 603 -1.25 54.47 -42.55
C ILE D 603 -2.50 54.27 -41.69
N ILE D 604 -3.67 54.64 -42.21
CA ILE D 604 -4.89 54.53 -41.41
C ILE D 604 -5.26 53.06 -41.23
N SER D 605 -5.03 52.24 -42.25
CA SER D 605 -5.29 50.80 -42.12
C SER D 605 -4.44 50.18 -41.02
N SER D 606 -3.15 50.51 -40.99
CA SER D 606 -2.29 49.97 -39.94
C SER D 606 -2.66 50.52 -38.57
N TYR D 607 -3.09 51.79 -38.51
CA TYR D 607 -3.52 52.36 -37.23
C TYR D 607 -4.74 51.63 -36.70
N THR D 608 -5.77 51.46 -37.55
CA THR D 608 -6.98 50.77 -37.13
C THR D 608 -6.68 49.31 -36.76
N ALA D 609 -5.83 48.65 -37.54
CA ALA D 609 -5.49 47.25 -37.26
C ALA D 609 -4.78 47.12 -35.91
N ASN D 610 -3.81 47.99 -35.64
CA ASN D 610 -3.12 47.92 -34.35
C ASN D 610 -4.05 48.31 -33.22
N LEU D 611 -4.99 49.23 -33.47
CA LEU D 611 -5.95 49.59 -32.44
C LEU D 611 -6.84 48.40 -32.10
N ALA D 612 -7.26 47.64 -33.12
CA ALA D 612 -7.95 46.39 -32.85
C ALA D 612 -7.06 45.42 -32.11
N ALA D 613 -5.76 45.43 -32.41
CA ALA D 613 -4.85 44.52 -31.71
C ALA D 613 -4.76 44.85 -30.23
N PHE D 614 -4.92 46.14 -29.87
CA PHE D 614 -4.88 46.51 -28.46
C PHE D 614 -6.25 46.54 -27.82
N LEU D 615 -7.32 46.44 -28.60
CA LEU D 615 -8.62 46.19 -28.01
C LEU D 615 -8.93 44.70 -27.93
N THR D 616 -8.09 43.87 -28.54
CA THR D 616 -8.17 42.41 -28.45
C THR D 616 -7.22 41.83 -27.42
N VAL D 617 -6.04 42.44 -27.22
CA VAL D 617 -5.08 41.92 -26.26
C VAL D 617 -5.27 42.56 -24.89
N GLU D 618 -6.28 43.43 -24.73
CA GLU D 618 -6.63 44.04 -23.46
C GLU D 618 -7.77 43.30 -22.77
N ARG D 619 -8.68 42.73 -23.54
CA ARG D 619 -9.81 41.97 -23.01
C ARG D 619 -9.60 40.47 -23.10
N MET D 620 -8.37 40.04 -23.41
CA MET D 620 -8.02 38.63 -23.41
C MET D 620 -7.16 38.28 -22.20
N VAL D 621 -6.94 39.24 -21.30
CA VAL D 621 -6.23 38.97 -20.06
C VAL D 621 -7.14 38.16 -19.15
N SER D 622 -6.52 37.35 -18.28
CA SER D 622 -7.29 36.51 -17.39
C SER D 622 -7.18 36.99 -15.94
N PRO D 623 -8.30 37.36 -15.32
CA PRO D 623 -8.24 37.80 -13.91
C PRO D 623 -7.87 36.69 -12.96
N ILE D 624 -8.35 35.46 -13.24
CA ILE D 624 -8.06 34.27 -12.46
C ILE D 624 -8.62 34.31 -11.05
N GLU D 625 -9.74 33.62 -10.86
CA GLU D 625 -10.37 33.41 -9.56
C GLU D 625 -10.10 32.00 -9.05
N SER D 626 -9.40 31.19 -9.83
CA SER D 626 -9.11 29.80 -9.52
C SER D 626 -7.64 29.66 -9.15
N ALA D 627 -7.36 28.92 -8.08
CA ALA D 627 -5.99 28.75 -7.62
C ALA D 627 -5.14 28.02 -8.66
N GLU D 628 -5.70 27.01 -9.32
CA GLU D 628 -4.96 26.27 -10.33
C GLU D 628 -4.34 27.19 -11.38
N ASP D 629 -5.10 28.19 -11.84
CA ASP D 629 -4.53 29.17 -12.76
C ASP D 629 -3.57 30.13 -12.07
N LEU D 630 -3.75 30.36 -10.76
CA LEU D 630 -2.80 31.18 -10.02
C LEU D 630 -1.43 30.51 -9.94
N SER D 631 -1.40 29.18 -9.94
CA SER D 631 -0.14 28.44 -9.94
C SER D 631 0.50 28.41 -11.31
N LYS D 632 -0.28 28.56 -12.37
CA LYS D 632 0.20 28.51 -13.74
C LYS D 632 0.83 29.82 -14.20
N GLN D 633 0.97 30.81 -13.31
CA GLN D 633 1.63 32.07 -13.66
C GLN D 633 2.65 32.45 -12.60
N THR D 634 3.74 33.08 -13.04
CA THR D 634 4.83 33.44 -12.14
C THR D 634 5.10 34.94 -11.96
N GLU D 635 4.43 35.84 -12.67
CA GLU D 635 4.65 37.26 -12.40
C GLU D 635 4.07 37.65 -11.05
N ILE D 636 2.85 37.24 -10.77
CA ILE D 636 2.22 37.53 -9.49
C ILE D 636 2.56 36.38 -8.56
N ALA D 637 3.46 36.63 -7.63
CA ALA D 637 3.89 35.61 -6.69
C ALA D 637 2.79 35.29 -5.70
N TYR D 638 2.92 34.14 -5.05
CA TYR D 638 1.98 33.73 -4.02
C TYR D 638 2.73 32.91 -3.00
N GLY D 639 2.46 33.17 -1.72
CA GLY D 639 3.14 32.50 -0.64
C GLY D 639 2.24 32.37 0.56
N THR D 640 2.76 31.67 1.57
CA THR D 640 2.01 31.45 2.81
C THR D 640 2.81 31.98 3.99
N LEU D 641 2.85 31.23 5.07
CA LEU D 641 3.56 31.61 6.29
C LEU D 641 4.74 30.68 6.50
N ASP D 642 5.78 31.21 7.16
CA ASP D 642 6.96 30.41 7.46
C ASP D 642 6.60 29.16 8.25
N SER D 643 5.69 29.28 9.20
CA SER D 643 5.27 28.16 10.04
C SER D 643 3.76 28.24 10.27
N GLY D 644 3.10 27.10 10.18
CA GLY D 644 1.66 27.06 10.35
C GLY D 644 1.06 25.91 9.59
N SER D 645 -0.26 25.74 9.76
CA SER D 645 -0.96 24.63 9.13
C SER D 645 -1.09 24.81 7.62
N THR D 646 -1.09 26.04 7.12
CA THR D 646 -1.21 26.25 5.68
C THR D 646 -0.01 25.66 4.93
N LYS D 647 1.19 25.87 5.47
CA LYS D 647 2.38 25.35 4.79
C LYS D 647 2.42 23.83 4.86
N GLU D 648 2.10 23.25 6.01
CA GLU D 648 2.07 21.80 6.10
C GLU D 648 0.99 21.21 5.20
N PHE D 649 -0.12 21.93 5.03
CA PHE D 649 -1.17 21.48 4.11
C PHE D 649 -0.68 21.44 2.69
N PHE D 650 0.09 22.46 2.27
CA PHE D 650 0.70 22.39 0.95
C PHE D 650 1.80 21.33 0.89
N ARG D 651 2.40 21.00 2.03
CA ARG D 651 3.42 19.96 2.07
C ARG D 651 2.83 18.59 1.79
N ARG D 652 1.86 18.16 2.59
CA ARG D 652 1.29 16.81 2.48
C ARG D 652 0.04 16.74 1.61
N SER D 653 0.03 17.44 0.48
CA SER D 653 -1.13 17.42 -0.40
C SER D 653 -0.96 16.37 -1.49
N LYS D 654 -2.06 15.67 -1.80
CA LYS D 654 -2.04 14.65 -2.83
C LYS D 654 -2.48 15.15 -4.20
N ILE D 655 -3.15 16.30 -4.26
CA ILE D 655 -3.59 16.87 -5.53
C ILE D 655 -2.41 17.57 -6.20
N ALA D 656 -2.28 17.38 -7.51
CA ALA D 656 -1.13 17.91 -8.24
C ALA D 656 -1.11 19.44 -8.26
N VAL D 657 -2.26 20.08 -8.08
CA VAL D 657 -2.31 21.55 -8.07
C VAL D 657 -1.56 22.09 -6.85
N PHE D 658 -1.94 21.64 -5.66
CA PHE D 658 -1.26 22.08 -4.46
C PHE D 658 0.19 21.61 -4.42
N ASP D 659 0.51 20.50 -5.10
CA ASP D 659 1.91 20.07 -5.15
C ASP D 659 2.72 20.99 -6.05
N LYS D 660 2.14 21.45 -7.15
CA LYS D 660 2.82 22.44 -8.00
C LYS D 660 3.00 23.75 -7.24
N MET D 661 1.97 24.19 -6.51
CA MET D 661 2.08 25.40 -5.71
C MET D 661 3.17 25.25 -4.64
N TRP D 662 3.27 24.05 -4.06
CA TRP D 662 4.26 23.83 -3.01
C TRP D 662 5.67 23.81 -3.58
N THR D 663 5.85 23.22 -4.76
CA THR D 663 7.18 23.26 -5.39
C THR D 663 7.54 24.68 -5.80
N TYR D 664 6.56 25.46 -6.27
CA TYR D 664 6.83 26.86 -6.63
C TYR D 664 7.26 27.65 -5.40
N MET D 665 6.59 27.45 -4.26
CA MET D 665 6.95 28.19 -3.06
C MET D 665 8.26 27.69 -2.46
N ARG D 666 8.56 26.40 -2.61
CA ARG D 666 9.80 25.85 -2.08
C ARG D 666 11.00 26.32 -2.87
N SER D 667 10.88 26.41 -4.19
CA SER D 667 11.97 26.89 -5.04
C SER D 667 11.70 28.33 -5.47
N ALA D 668 11.56 29.20 -4.47
CA ALA D 668 11.22 30.60 -4.69
C ALA D 668 12.42 31.47 -4.36
N GLU D 669 12.80 32.34 -5.30
CA GLU D 669 13.86 33.32 -5.09
C GLU D 669 13.42 34.68 -5.62
N PRO D 670 13.16 35.67 -4.76
CA PRO D 670 13.28 35.65 -3.30
C PRO D 670 12.24 34.78 -2.60
N SER D 671 12.44 34.51 -1.31
CA SER D 671 11.54 33.66 -0.56
C SER D 671 10.16 34.30 -0.44
N VAL D 672 9.14 33.56 -0.85
CA VAL D 672 7.77 34.07 -0.82
C VAL D 672 7.16 33.98 0.58
N PHE D 673 7.73 33.16 1.46
CA PHE D 673 7.19 33.04 2.81
C PHE D 673 7.51 34.27 3.63
N VAL D 674 6.60 34.61 4.55
CA VAL D 674 6.75 35.77 5.41
C VAL D 674 6.65 35.32 6.87
N ARG D 675 7.11 36.19 7.76
CA ARG D 675 7.09 35.88 9.19
C ARG D 675 5.71 36.05 9.79
N THR D 676 5.09 37.21 9.58
CA THR D 676 3.79 37.52 10.13
C THR D 676 2.78 37.73 8.99
N THR D 677 1.50 37.75 9.36
CA THR D 677 0.45 37.95 8.37
C THR D 677 0.41 39.40 7.88
N ALA D 678 0.64 40.36 8.78
CA ALA D 678 0.57 41.76 8.39
C ALA D 678 1.63 42.13 7.35
N GLU D 679 2.81 41.52 7.41
CA GLU D 679 3.82 41.81 6.40
C GLU D 679 3.43 41.22 5.05
N GLY D 680 2.76 40.07 5.04
CA GLY D 680 2.29 39.52 3.78
C GLY D 680 1.19 40.37 3.17
N VAL D 681 0.27 40.85 4.00
CA VAL D 681 -0.76 41.77 3.51
C VAL D 681 -0.13 43.05 2.98
N ALA D 682 0.89 43.56 3.67
CA ALA D 682 1.58 44.76 3.20
C ALA D 682 2.31 44.50 1.88
N ARG D 683 2.86 43.29 1.70
CA ARG D 683 3.48 42.94 0.44
C ARG D 683 2.45 42.86 -0.68
N VAL D 684 1.24 42.39 -0.36
CA VAL D 684 0.16 42.39 -1.34
C VAL D 684 -0.21 43.82 -1.70
N ARG D 685 -0.23 44.72 -0.72
CA ARG D 685 -0.62 46.11 -0.97
C ARG D 685 0.49 46.91 -1.66
N LYS D 686 1.74 46.46 -1.57
CA LYS D 686 2.88 47.21 -2.10
C LYS D 686 3.35 46.74 -3.46
N SER D 687 3.09 45.48 -3.83
CA SER D 687 3.57 44.96 -5.11
C SER D 687 2.78 45.50 -6.30
N LYS D 688 1.71 46.28 -6.05
CA LYS D 688 0.90 46.86 -7.12
C LYS D 688 0.32 45.78 -8.03
N GLY D 689 -0.17 44.70 -7.42
CA GLY D 689 -0.80 43.63 -8.17
C GLY D 689 0.11 42.49 -8.55
N LYS D 690 1.34 42.48 -8.06
CA LYS D 690 2.32 41.45 -8.42
C LYS D 690 2.54 40.43 -7.30
N TYR D 691 1.72 40.45 -6.25
CA TYR D 691 1.89 39.50 -5.15
C TYR D 691 0.52 39.04 -4.65
N ALA D 692 0.44 37.76 -4.29
CA ALA D 692 -0.77 37.15 -3.76
C ALA D 692 -0.41 36.46 -2.44
N TYR D 693 -1.36 36.45 -1.50
CA TYR D 693 -1.10 35.88 -0.19
C TYR D 693 -2.19 34.87 0.14
N LEU D 694 -1.79 33.64 0.45
CA LEU D 694 -2.73 32.57 0.78
C LEU D 694 -2.89 32.50 2.29
N LEU D 695 -4.14 32.62 2.75
CA LEU D 695 -4.43 32.56 4.18
C LEU D 695 -5.89 32.17 4.37
N GLU D 696 -6.24 31.84 5.61
CA GLU D 696 -7.59 31.39 5.91
C GLU D 696 -8.61 32.47 5.56
N SER D 697 -9.81 32.01 5.20
CA SER D 697 -10.82 32.90 4.64
C SER D 697 -11.37 33.90 5.64
N THR D 698 -11.37 33.57 6.94
CA THR D 698 -11.91 34.51 7.92
C THR D 698 -11.09 35.80 7.95
N MET D 699 -9.75 35.67 7.94
CA MET D 699 -8.92 36.87 7.96
C MET D 699 -8.89 37.55 6.61
N ASN D 700 -9.01 36.78 5.52
CA ASN D 700 -9.08 37.38 4.19
C ASN D 700 -10.33 38.25 4.07
N GLU D 701 -11.47 37.76 4.57
CA GLU D 701 -12.70 38.53 4.54
C GLU D 701 -12.64 39.72 5.49
N TYR D 702 -12.01 39.55 6.65
CA TYR D 702 -11.97 40.65 7.61
C TYR D 702 -11.06 41.78 7.12
N ILE D 703 -9.93 41.44 6.50
CA ILE D 703 -9.07 42.48 5.93
C ILE D 703 -9.75 43.17 4.76
N GLU D 704 -10.54 42.43 3.98
CA GLU D 704 -11.25 43.03 2.86
C GLU D 704 -12.33 44.01 3.33
N GLN D 705 -12.87 43.81 4.53
CA GLN D 705 -13.90 44.68 5.07
C GLN D 705 -13.33 45.75 6.00
N ARG D 706 -12.04 46.07 5.85
CA ARG D 706 -11.39 47.10 6.64
C ARG D 706 -10.57 48.00 5.72
N LYS D 707 -10.30 49.21 6.19
CA LYS D 707 -9.57 50.18 5.39
C LYS D 707 -8.18 49.63 5.04
N PRO D 708 -7.62 50.02 3.88
CA PRO D 708 -8.24 50.93 2.90
C PRO D 708 -9.07 50.21 1.84
N CYS D 709 -9.59 49.03 2.18
CA CYS D 709 -10.47 48.25 1.31
C CYS D 709 -9.82 47.96 -0.05
N ASP D 710 -8.48 47.89 -0.09
CA ASP D 710 -7.76 47.58 -1.32
C ASP D 710 -7.42 46.11 -1.46
N THR D 711 -7.73 45.28 -0.47
CA THR D 711 -7.53 43.84 -0.57
C THR D 711 -8.80 43.15 -1.03
N MET D 712 -8.64 42.01 -1.71
CA MET D 712 -9.77 41.26 -2.23
C MET D 712 -9.50 39.77 -2.14
N LYS D 713 -10.51 39.03 -1.67
CA LYS D 713 -10.48 37.57 -1.62
C LYS D 713 -11.11 37.05 -2.92
N VAL D 714 -10.30 36.43 -3.75
CA VAL D 714 -10.75 35.94 -5.05
C VAL D 714 -10.97 34.43 -4.95
N GLY D 715 -12.02 33.96 -5.60
CA GLY D 715 -12.30 32.54 -5.63
C GLY D 715 -12.87 32.02 -4.31
N GLY D 716 -12.82 30.69 -4.17
CA GLY D 716 -13.32 30.02 -3.00
C GLY D 716 -12.23 29.29 -2.24
N ASN D 717 -12.64 28.65 -1.16
CA ASN D 717 -11.71 27.94 -0.29
C ASN D 717 -11.15 26.70 -0.99
N LEU D 718 -10.09 26.15 -0.41
CA LEU D 718 -9.42 24.97 -0.95
C LEU D 718 -9.53 23.74 -0.07
N ASP D 719 -9.70 23.91 1.23
CA ASP D 719 -9.85 22.80 2.16
C ASP D 719 -11.08 23.03 3.02
N SER D 720 -11.48 21.99 3.76
CA SER D 720 -12.70 22.00 4.56
C SER D 720 -12.35 21.84 6.03
N LYS D 721 -12.28 22.95 6.76
CA LYS D 721 -12.08 22.95 8.20
C LYS D 721 -13.08 23.91 8.84
N GLY D 722 -13.23 23.80 10.16
CA GLY D 722 -14.20 24.61 10.86
C GLY D 722 -13.83 24.83 12.31
N TYR D 723 -14.34 25.92 12.86
CA TYR D 723 -14.16 26.25 14.28
C TYR D 723 -15.30 25.68 15.10
N GLY D 724 -14.95 25.16 16.29
CA GLY D 724 -15.93 24.62 17.20
C GLY D 724 -15.53 24.89 18.63
N ILE D 725 -16.51 24.87 19.52
CA ILE D 725 -16.28 25.11 20.94
C ILE D 725 -15.66 23.85 21.54
N ALA D 726 -14.45 23.98 22.07
CA ALA D 726 -13.72 22.86 22.65
C ALA D 726 -14.12 22.66 24.11
N THR D 727 -14.51 21.43 24.44
CA THR D 727 -14.93 21.08 25.80
C THR D 727 -14.03 19.97 26.33
N PRO D 728 -13.78 19.93 27.63
CA PRO D 728 -12.96 18.86 28.19
C PRO D 728 -13.69 17.53 28.13
N LYS D 729 -12.91 16.46 27.99
CA LYS D 729 -13.49 15.12 27.89
C LYS D 729 -14.15 14.74 29.20
N GLY D 730 -15.45 14.43 29.14
CA GLY D 730 -16.19 14.09 30.34
C GLY D 730 -16.73 15.27 31.11
N SER D 731 -16.91 16.42 30.47
CA SER D 731 -17.42 17.61 31.12
C SER D 731 -18.93 17.70 30.95
N SER D 732 -19.58 18.38 31.89
CA SER D 732 -21.04 18.48 31.87
C SER D 732 -21.52 19.35 30.73
N LEU D 733 -20.70 20.29 30.26
CA LEU D 733 -21.10 21.24 29.23
C LEU D 733 -20.91 20.73 27.80
N GLY D 734 -20.25 19.59 27.62
CA GLY D 734 -19.96 19.08 26.29
C GLY D 734 -21.18 18.91 25.41
N THR D 735 -22.08 18.01 25.79
CA THR D 735 -23.29 17.78 24.99
C THR D 735 -24.22 18.99 24.95
N PRO D 736 -24.50 19.69 26.06
CA PRO D 736 -25.39 20.87 25.94
C PRO D 736 -24.85 21.94 25.01
N VAL D 737 -23.52 22.18 25.00
CA VAL D 737 -22.95 23.13 24.07
C VAL D 737 -23.00 22.59 22.64
N ASN D 738 -22.74 21.28 22.48
CA ASN D 738 -22.84 20.66 21.17
C ASN D 738 -24.23 20.85 20.57
N LEU D 739 -25.27 20.80 21.41
CA LEU D 739 -26.62 21.02 20.92
C LEU D 739 -26.92 22.50 20.74
N ALA D 740 -26.41 23.35 21.64
CA ALA D 740 -26.67 24.78 21.55
C ALA D 740 -26.05 25.41 20.32
N VAL D 741 -24.89 24.91 19.88
CA VAL D 741 -24.28 25.42 18.65
C VAL D 741 -25.21 25.19 17.46
N LEU D 742 -25.72 23.96 17.34
CA LEU D 742 -26.67 23.66 16.27
C LEU D 742 -27.94 24.49 16.41
N LYS D 743 -28.40 24.71 17.65
CA LYS D 743 -29.59 25.52 17.87
C LYS D 743 -29.38 26.95 17.40
N LEU D 744 -28.19 27.51 17.65
CA LEU D 744 -27.90 28.87 17.23
C LEU D 744 -27.68 28.96 15.72
N SER D 745 -27.15 27.90 15.12
CA SER D 745 -26.93 27.91 13.67
C SER D 745 -28.26 27.78 12.92
N GLU D 746 -29.16 26.93 13.41
CA GLU D 746 -30.45 26.75 12.73
C GLU D 746 -31.35 27.94 12.95
N GLN D 747 -31.24 28.63 14.10
CA GLN D 747 -32.02 29.83 14.32
C GLN D 747 -31.55 30.98 13.46
N GLY D 748 -30.28 30.99 13.08
CA GLY D 748 -29.70 32.08 12.32
C GLY D 748 -28.92 33.09 13.14
N LEU D 749 -28.77 32.86 14.45
CA LEU D 749 -28.06 33.81 15.29
C LEU D 749 -26.57 33.82 15.00
N LEU D 750 -26.01 32.67 14.60
CA LEU D 750 -24.58 32.62 14.30
C LEU D 750 -24.26 33.44 13.05
N ASP D 751 -25.03 33.23 11.98
CA ASP D 751 -24.85 34.04 10.77
C ASP D 751 -25.19 35.51 11.03
N LYS D 752 -26.18 35.78 11.88
CA LYS D 752 -26.50 37.16 12.22
C LYS D 752 -25.33 37.83 12.94
N LEU D 753 -24.66 37.12 13.84
CA LEU D 753 -23.50 37.69 14.52
C LEU D 753 -22.33 37.83 13.56
N LYS D 754 -22.18 36.88 12.64
CA LYS D 754 -21.15 36.97 11.61
C LYS D 754 -21.32 38.25 10.79
N ASN D 755 -22.53 38.47 10.26
CA ASN D 755 -22.79 39.69 9.51
C ASN D 755 -22.67 40.93 10.38
N LYS D 756 -22.98 40.81 11.67
CA LYS D 756 -22.94 41.97 12.57
C LYS D 756 -21.51 42.43 12.78
N TRP D 757 -20.60 41.49 13.03
CA TRP D 757 -19.23 41.85 13.36
C TRP D 757 -18.31 41.89 12.15
N TRP D 758 -18.78 41.45 10.98
CA TRP D 758 -17.99 41.54 9.75
C TRP D 758 -18.45 42.66 8.83
N TYR D 759 -19.75 42.74 8.53
CA TYR D 759 -20.25 43.70 7.56
C TYR D 759 -20.92 44.91 8.18
N ASP D 760 -21.67 44.73 9.27
CA ASP D 760 -22.32 45.86 9.91
C ASP D 760 -21.30 46.83 10.49
N LYS D 761 -20.32 46.31 11.22
CA LYS D 761 -19.24 47.12 11.78
C LYS D 761 -18.07 47.27 10.81
N GLY D 762 -18.18 46.74 9.60
CA GLY D 762 -17.10 46.88 8.63
C GLY D 762 -16.98 48.30 8.11
N GLU D 763 -15.73 48.75 7.97
CA GLU D 763 -15.49 50.11 7.48
C GLU D 763 -15.89 50.27 6.03
N CYS D 764 -15.75 49.22 5.22
CA CYS D 764 -16.05 49.30 3.79
C CYS D 764 -17.53 48.98 3.61
N GLY D 765 -18.36 50.02 3.75
CA GLY D 765 -19.80 49.83 3.74
C GLY D 765 -20.35 49.54 2.35
N ALA D 766 -19.82 50.23 1.33
CA ALA D 766 -20.33 50.11 -0.04
C ALA D 766 -20.47 48.66 -0.50
N LYS D 767 -19.62 47.75 0.00
CA LYS D 767 -19.59 46.33 -0.34
C LYS D 767 -19.89 46.08 -1.82
N ASP D 768 -20.68 45.05 -2.13
CA ASP D 768 -20.97 44.72 -3.52
C ASP D 768 -22.29 45.28 -4.00
N SER D 769 -23.14 45.79 -3.10
CA SER D 769 -24.42 46.35 -3.51
C SER D 769 -24.27 47.69 -4.23
N GLY D 770 -23.16 48.40 -4.04
CA GLY D 770 -22.95 49.66 -4.70
C GLY D 770 -21.75 49.72 -5.64
N SER D 771 -21.11 48.57 -5.88
CA SER D 771 -19.95 48.54 -6.76
C SER D 771 -20.33 48.87 -8.20
N LYS D 772 -21.58 48.62 -8.59
CA LYS D 772 -22.23 48.89 -9.88
C LYS D 772 -22.03 47.75 -10.87
N GLU D 773 -21.23 46.73 -10.54
CA GLU D 773 -20.98 45.57 -11.40
C GLU D 773 -20.61 45.99 -12.82
N LYS D 774 -19.46 46.67 -12.92
CA LYS D 774 -19.00 47.18 -14.21
C LYS D 774 -18.95 46.06 -15.25
N THR D 775 -19.54 46.32 -16.41
CA THR D 775 -19.67 45.30 -17.45
C THR D 775 -19.78 45.98 -18.80
N SER D 776 -19.60 45.17 -19.85
CA SER D 776 -19.77 45.58 -21.25
C SER D 776 -18.59 46.39 -21.75
N ALA D 777 -18.69 46.87 -22.99
CA ALA D 777 -17.62 47.65 -23.60
C ALA D 777 -17.38 48.94 -22.83
N LEU D 778 -16.12 49.19 -22.51
CA LEU D 778 -15.72 50.38 -21.76
C LEU D 778 -14.87 51.26 -22.66
N SER D 779 -15.31 52.51 -22.86
CA SER D 779 -14.56 53.49 -23.63
C SER D 779 -14.93 54.89 -23.18
N LEU D 780 -15.15 55.06 -21.87
CA LEU D 780 -15.58 56.32 -21.30
C LEU D 780 -14.38 57.07 -20.76
N SER D 781 -14.29 58.37 -21.09
CA SER D 781 -13.25 59.30 -20.65
C SER D 781 -12.01 59.17 -21.53
N ASN D 782 -11.84 58.00 -22.15
CA ASN D 782 -10.67 57.74 -22.98
C ASN D 782 -10.78 58.33 -24.38
N VAL D 783 -12.00 58.63 -24.84
CA VAL D 783 -12.18 59.23 -26.16
C VAL D 783 -12.42 60.74 -26.10
N ALA D 784 -12.79 61.28 -24.93
CA ALA D 784 -13.03 62.70 -24.80
C ALA D 784 -11.83 63.53 -25.24
N GLY D 785 -10.63 62.96 -25.15
CA GLY D 785 -9.44 63.69 -25.58
C GLY D 785 -9.49 64.06 -27.04
N VAL D 786 -9.97 63.15 -27.89
CA VAL D 786 -10.14 63.50 -29.30
C VAL D 786 -11.10 64.67 -29.43
N PHE D 787 -12.18 64.66 -28.64
CA PHE D 787 -13.09 65.80 -28.66
C PHE D 787 -12.36 67.09 -28.27
N TYR D 788 -11.39 66.98 -27.37
CA TYR D 788 -10.64 68.17 -26.96
C TYR D 788 -9.84 68.73 -28.11
N ILE D 789 -9.30 67.86 -28.98
CA ILE D 789 -8.58 68.39 -30.13
C ILE D 789 -9.53 69.02 -31.14
N LEU D 790 -10.80 68.60 -31.14
CA LEU D 790 -11.76 69.24 -32.05
C LEU D 790 -12.10 70.65 -31.59
N VAL D 791 -12.55 70.80 -30.34
CA VAL D 791 -12.92 72.11 -29.83
C VAL D 791 -11.74 73.06 -29.86
N GLY D 792 -10.57 72.59 -29.43
CA GLY D 792 -9.38 73.43 -29.51
C GLY D 792 -9.07 73.85 -30.93
N GLY D 793 -9.31 72.96 -31.89
CA GLY D 793 -9.18 73.34 -33.28
C GLY D 793 -10.23 74.35 -33.69
N LEU D 794 -11.48 74.14 -33.25
CA LEU D 794 -12.57 75.03 -33.64
C LEU D 794 -12.31 76.45 -33.16
N GLY D 795 -11.83 76.59 -31.93
CA GLY D 795 -11.46 77.91 -31.44
C GLY D 795 -10.40 78.54 -32.32
N LEU D 796 -9.39 77.76 -32.69
CA LEU D 796 -8.38 78.27 -33.61
C LEU D 796 -9.01 78.68 -34.93
N ALA D 797 -10.01 77.91 -35.38
CA ALA D 797 -10.70 78.25 -36.61
C ALA D 797 -11.44 79.57 -36.47
N MET D 798 -11.91 79.87 -35.25
CA MET D 798 -12.52 81.19 -35.03
C MET D 798 -11.45 82.28 -35.04
N LEU D 799 -10.28 82.01 -34.47
CA LEU D 799 -9.23 83.01 -34.43
C LEU D 799 -8.81 83.43 -35.83
N VAL D 800 -8.56 82.45 -36.71
CA VAL D 800 -8.25 82.77 -38.10
C VAL D 800 -9.42 83.52 -38.73
N ALA D 801 -10.65 83.10 -38.41
CA ALA D 801 -11.82 83.81 -38.92
C ALA D 801 -11.82 85.26 -38.50
N LEU D 802 -11.30 85.55 -37.30
CA LEU D 802 -11.23 86.93 -36.86
C LEU D 802 -10.21 87.72 -37.67
N ILE D 803 -9.06 87.12 -38.00
CA ILE D 803 -8.08 87.85 -38.79
C ILE D 803 -8.38 87.83 -40.28
N GLU D 804 -9.19 86.89 -40.75
CA GLU D 804 -9.51 86.83 -42.18
C GLU D 804 -10.52 87.91 -42.57
N PHE D 805 -11.59 88.06 -41.78
CA PHE D 805 -12.62 89.05 -42.10
C PHE D 805 -12.15 90.48 -41.93
N CYS D 806 -11.14 90.73 -41.09
CA CYS D 806 -10.66 92.08 -40.88
C CYS D 806 -9.88 92.61 -42.09
N TYR D 807 -8.60 92.24 -42.20
CA TYR D 807 -7.77 92.69 -43.30
C TYR D 807 -6.60 91.74 -43.45
N LYS D 808 -6.43 91.20 -44.66
CA LYS D 808 -5.35 90.25 -44.93
C LYS D 808 -4.04 90.98 -45.16
N SER D 809 -3.81 91.40 -46.41
CA SER D 809 -2.57 92.10 -46.75
C SER D 809 -2.87 93.35 -47.58
#